data_2KXH
#
_entry.id   2KXH
#
loop_
_entity.id
_entity.type
_entity.pdbx_description
1 polymer 'Poly(U)-binding-splicing factor PUF60'
2 polymer 'peptide of Far upstream element-binding protein 1'
#
loop_
_entity_poly.entity_id
_entity_poly.type
_entity_poly.pdbx_seq_one_letter_code
_entity_poly.pdbx_strand_id
1 'polypeptide(L)'
;GAMAQRQRALAIMCRVYVGSIYYELGEDTIRQAFAPFGPIKSIDMSWDSVTMKHKGFAFVEYEVPEAAQLALEQMNSVML
GGRNIKVGRPSNIGQAQPIIDQLAEEARAFNRIYVASVHQDLSDDDIKSVFEAFGKIKSCTLARDPTTGKHKGYGFIEYE
KAQSSQDAVSSMNLFDLGGQYLRVGKAVTPPMPLLTPAT
;
A
2 'polypeptide(L)' GAMGYVNDAFKDALQRARQIAAKIGGDAGTS B
#
# COMPACT_ATOMS: atom_id res chain seq x y z
N GLY A 1 -16.62 -6.33 25.98
CA GLY A 1 -15.70 -5.19 25.69
C GLY A 1 -16.23 -4.31 24.59
N ALA A 2 -16.77 -3.16 24.98
CA ALA A 2 -17.36 -2.23 24.02
C ALA A 2 -16.29 -1.30 23.46
N MET A 3 -16.55 -0.74 22.28
CA MET A 3 -15.62 0.16 21.60
C MET A 3 -14.36 -0.60 21.21
N ALA A 4 -14.46 -1.37 20.13
CA ALA A 4 -13.33 -2.16 19.65
C ALA A 4 -12.33 -1.28 18.89
N GLN A 5 -11.37 -0.76 19.63
CA GLN A 5 -10.32 0.08 19.06
C GLN A 5 -9.10 -0.78 18.76
N ARG A 6 -8.91 -1.83 19.57
CA ARG A 6 -7.81 -2.78 19.38
C ARG A 6 -6.47 -2.06 19.21
N GLN A 7 -5.96 -1.54 20.32
CA GLN A 7 -4.77 -0.70 20.33
C GLN A 7 -5.01 0.58 19.53
N ARG A 8 -5.38 1.63 20.25
CA ARG A 8 -5.78 2.91 19.66
C ARG A 8 -4.68 3.44 18.71
N ALA A 9 -3.44 3.13 19.04
CA ALA A 9 -2.30 3.52 18.20
C ALA A 9 -2.46 3.00 16.78
N LEU A 10 -2.78 1.71 16.65
CA LEU A 10 -2.92 1.10 15.34
C LEU A 10 -4.18 1.59 14.64
N ALA A 11 -5.24 1.80 15.43
CA ALA A 11 -6.50 2.28 14.89
C ALA A 11 -6.33 3.61 14.16
N ILE A 12 -5.56 4.51 14.75
CA ILE A 12 -5.32 5.80 14.13
C ILE A 12 -4.29 5.71 13.02
N MET A 13 -3.30 4.83 13.18
CA MET A 13 -2.27 4.63 12.16
C MET A 13 -2.86 4.14 10.85
N CYS A 14 -4.00 3.46 10.92
CA CYS A 14 -4.66 2.94 9.72
C CYS A 14 -5.53 4.01 9.07
N ARG A 15 -5.60 5.19 9.68
CA ARG A 15 -6.48 6.25 9.20
C ARG A 15 -5.71 7.55 9.04
N VAL A 16 -5.49 7.96 7.81
CA VAL A 16 -4.69 9.15 7.53
C VAL A 16 -5.55 10.40 7.43
N TYR A 17 -5.02 11.49 7.95
CA TYR A 17 -5.68 12.78 7.88
C TYR A 17 -5.30 13.47 6.58
N VAL A 18 -6.30 13.97 5.86
CA VAL A 18 -6.08 14.69 4.62
C VAL A 18 -6.44 16.16 4.81
N GLY A 19 -5.42 17.01 4.78
CA GLY A 19 -5.63 18.43 4.90
C GLY A 19 -5.16 19.18 3.67
N SER A 20 -5.74 20.37 3.45
CA SER A 20 -5.39 21.21 2.31
C SER A 20 -5.88 20.57 1.01
N ILE A 21 -7.14 20.17 1.01
CA ILE A 21 -7.77 19.55 -0.14
C ILE A 21 -7.78 20.51 -1.33
N TYR A 22 -7.26 20.04 -2.47
CA TYR A 22 -7.06 20.88 -3.66
C TYR A 22 -8.27 21.76 -3.97
N TYR A 23 -9.27 21.21 -4.65
CA TYR A 23 -10.47 21.97 -5.00
C TYR A 23 -11.47 21.09 -5.74
N GLU A 24 -11.10 20.62 -6.93
CA GLU A 24 -12.01 19.84 -7.77
C GLU A 24 -11.97 18.36 -7.42
N LEU A 25 -11.47 18.04 -6.24
CA LEU A 25 -11.46 16.66 -5.78
C LEU A 25 -12.04 16.57 -4.38
N GLY A 26 -12.80 15.50 -4.15
CA GLY A 26 -13.40 15.29 -2.84
C GLY A 26 -13.31 13.83 -2.43
N GLU A 27 -14.26 13.36 -1.61
CA GLU A 27 -14.26 11.97 -1.17
C GLU A 27 -14.35 11.03 -2.36
N ASP A 28 -15.03 11.50 -3.39
CA ASP A 28 -15.18 10.76 -4.65
C ASP A 28 -13.83 10.52 -5.30
N THR A 29 -12.99 11.55 -5.31
CA THR A 29 -11.70 11.48 -5.98
C THR A 29 -10.64 10.86 -5.08
N ILE A 30 -10.63 11.27 -3.82
CA ILE A 30 -9.65 10.80 -2.85
C ILE A 30 -9.73 9.29 -2.67
N ARG A 31 -10.95 8.76 -2.72
CA ARG A 31 -11.18 7.33 -2.62
C ARG A 31 -10.40 6.58 -3.70
N GLN A 32 -10.42 7.11 -4.92
CA GLN A 32 -9.76 6.46 -6.05
C GLN A 32 -8.26 6.69 -6.02
N ALA A 33 -7.86 7.87 -5.57
CA ALA A 33 -6.44 8.23 -5.52
C ALA A 33 -5.66 7.33 -4.57
N PHE A 34 -6.32 6.91 -3.50
CA PHE A 34 -5.69 6.06 -2.50
C PHE A 34 -6.22 4.63 -2.57
N ALA A 35 -6.96 4.34 -3.65
CA ALA A 35 -7.55 3.02 -3.84
C ALA A 35 -6.48 1.96 -4.07
N PRO A 36 -5.46 2.24 -4.93
CA PRO A 36 -4.34 1.32 -5.12
C PRO A 36 -3.54 1.08 -3.85
N PHE A 37 -3.72 1.95 -2.86
CA PHE A 37 -3.00 1.81 -1.61
C PHE A 37 -3.68 0.77 -0.74
N GLY A 38 -4.86 1.11 -0.24
CA GLY A 38 -5.64 0.19 0.53
C GLY A 38 -7.13 0.48 0.38
N PRO A 39 -7.99 -0.53 0.57
CA PRO A 39 -9.44 -0.36 0.45
C PRO A 39 -9.98 0.59 1.50
N ILE A 40 -10.80 1.53 1.06
CA ILE A 40 -11.38 2.54 1.93
C ILE A 40 -12.33 1.88 2.91
N LYS A 41 -11.94 1.86 4.17
CA LYS A 41 -12.73 1.22 5.21
C LYS A 41 -13.81 2.18 5.71
N SER A 42 -13.40 3.41 5.98
CA SER A 42 -14.30 4.44 6.46
C SER A 42 -13.70 5.83 6.21
N ILE A 43 -14.55 6.84 6.09
CA ILE A 43 -14.09 8.21 5.86
C ILE A 43 -14.78 9.18 6.81
N ASP A 44 -13.99 9.91 7.57
CA ASP A 44 -14.52 11.00 8.38
C ASP A 44 -14.47 12.27 7.56
N MET A 45 -15.59 12.62 6.94
CA MET A 45 -15.60 13.71 5.98
C MET A 45 -16.27 14.96 6.57
N SER A 46 -15.81 16.12 6.14
CA SER A 46 -16.40 17.38 6.56
C SER A 46 -16.96 18.14 5.36
N TRP A 47 -18.18 17.82 4.97
CA TRP A 47 -18.86 18.56 3.93
C TRP A 47 -19.45 19.84 4.50
N ASP A 48 -18.96 20.96 4.02
CA ASP A 48 -19.45 22.26 4.47
C ASP A 48 -20.52 22.78 3.52
N SER A 49 -21.72 22.94 4.05
CA SER A 49 -22.86 23.50 3.29
C SER A 49 -23.33 22.54 2.19
N VAL A 50 -24.54 22.79 1.70
CA VAL A 50 -25.12 22.02 0.61
C VAL A 50 -24.28 22.20 -0.67
N THR A 51 -23.54 23.29 -0.72
CA THR A 51 -22.75 23.65 -1.89
C THR A 51 -21.70 22.57 -2.22
N MET A 52 -21.29 21.80 -1.19
CA MET A 52 -20.36 20.69 -1.36
C MET A 52 -18.98 21.17 -1.80
N LYS A 53 -18.50 22.25 -1.21
CA LYS A 53 -17.18 22.78 -1.55
C LYS A 53 -16.12 22.22 -0.62
N HIS A 54 -16.51 21.17 0.12
CA HIS A 54 -15.64 20.45 1.07
C HIS A 54 -14.74 21.37 1.89
N LYS A 55 -15.32 22.45 2.39
CA LYS A 55 -14.61 23.36 3.27
C LYS A 55 -14.37 22.71 4.62
N GLY A 56 -13.17 22.15 4.80
CA GLY A 56 -12.84 21.49 6.04
C GLY A 56 -11.70 20.49 5.86
N PHE A 57 -11.91 19.28 6.35
CA PHE A 57 -10.88 18.25 6.31
C PHE A 57 -11.53 16.87 6.16
N ALA A 58 -10.69 15.85 5.92
CA ALA A 58 -11.19 14.49 5.74
C ALA A 58 -10.22 13.47 6.34
N PHE A 59 -10.74 12.33 6.74
CA PHE A 59 -9.92 11.24 7.25
C PHE A 59 -10.17 9.98 6.43
N VAL A 60 -9.09 9.41 5.90
CA VAL A 60 -9.19 8.20 5.09
C VAL A 60 -8.69 7.00 5.87
N GLU A 61 -9.59 6.11 6.23
CA GLU A 61 -9.23 4.91 6.98
C GLU A 61 -9.11 3.71 6.04
N TYR A 62 -8.02 2.98 6.15
CA TYR A 62 -7.79 1.80 5.34
C TYR A 62 -7.99 0.54 6.17
N GLU A 63 -7.93 -0.60 5.51
CA GLU A 63 -7.98 -1.88 6.22
C GLU A 63 -6.60 -2.28 6.70
N VAL A 64 -5.58 -1.63 6.13
CA VAL A 64 -4.19 -1.90 6.50
C VAL A 64 -3.43 -0.60 6.67
N PRO A 65 -2.63 -0.50 7.74
CA PRO A 65 -1.82 0.70 8.02
C PRO A 65 -0.68 0.87 7.03
N GLU A 66 -0.34 -0.20 6.34
CA GLU A 66 0.70 -0.15 5.31
C GLU A 66 0.31 0.81 4.18
N ALA A 67 -0.97 0.77 3.80
CA ALA A 67 -1.50 1.69 2.81
C ALA A 67 -1.42 3.12 3.33
N ALA A 68 -1.67 3.27 4.62
CA ALA A 68 -1.61 4.57 5.27
C ALA A 68 -0.18 5.09 5.28
N GLN A 69 0.77 4.18 5.49
CA GLN A 69 2.18 4.52 5.46
C GLN A 69 2.59 5.04 4.09
N LEU A 70 2.17 4.33 3.04
CA LEU A 70 2.51 4.74 1.68
C LEU A 70 1.82 6.06 1.33
N ALA A 71 0.63 6.25 1.88
CA ALA A 71 -0.12 7.48 1.68
C ALA A 71 0.63 8.66 2.31
N LEU A 72 1.31 8.39 3.42
CA LEU A 72 2.12 9.40 4.08
C LEU A 72 3.44 9.61 3.33
N GLU A 73 4.18 8.53 3.13
CA GLU A 73 5.52 8.61 2.57
C GLU A 73 5.54 9.13 1.14
N GLN A 74 4.68 8.59 0.28
CA GLN A 74 4.71 8.94 -1.14
C GLN A 74 3.81 10.13 -1.48
N MET A 75 2.56 10.09 -1.04
CA MET A 75 1.56 11.08 -1.48
C MET A 75 1.87 12.49 -0.97
N ASN A 76 2.49 12.58 0.19
CA ASN A 76 2.83 13.90 0.74
C ASN A 76 4.13 14.42 0.13
N SER A 77 4.93 13.53 -0.42
CA SER A 77 6.21 13.90 -1.00
C SER A 77 6.05 14.20 -2.49
N VAL A 78 5.02 13.64 -3.11
CA VAL A 78 4.78 13.83 -4.54
C VAL A 78 3.47 14.58 -4.74
N MET A 79 3.54 15.74 -5.37
CA MET A 79 2.34 16.55 -5.62
C MET A 79 1.42 15.86 -6.62
N LEU A 80 0.29 15.37 -6.13
CA LEU A 80 -0.70 14.70 -6.96
C LEU A 80 -1.58 15.72 -7.67
N GLY A 81 -1.21 16.98 -7.56
CA GLY A 81 -1.94 18.05 -8.20
C GLY A 81 -1.29 19.39 -7.96
N GLY A 82 -1.98 20.46 -8.26
CA GLY A 82 -1.43 21.79 -8.05
C GLY A 82 -1.52 22.23 -6.59
N ARG A 83 -1.56 21.27 -5.69
CA ARG A 83 -1.59 21.54 -4.27
C ARG A 83 -1.10 20.31 -3.50
N ASN A 84 -0.22 20.53 -2.55
CA ASN A 84 0.29 19.43 -1.74
C ASN A 84 -0.57 19.25 -0.50
N ILE A 85 -0.99 18.02 -0.25
CA ILE A 85 -1.85 17.71 0.88
C ILE A 85 -1.00 17.32 2.09
N LYS A 86 -1.53 17.57 3.27
CA LYS A 86 -0.84 17.18 4.49
C LYS A 86 -1.46 15.90 5.04
N VAL A 87 -0.66 14.85 5.08
CA VAL A 87 -1.13 13.54 5.50
C VAL A 87 -0.67 13.23 6.92
N GLY A 88 -1.63 12.97 7.79
CA GLY A 88 -1.29 12.60 9.16
C GLY A 88 -1.56 13.71 10.14
N ARG A 89 -1.42 13.41 11.43
CA ARG A 89 -1.68 14.39 12.47
C ARG A 89 -0.50 14.44 13.44
N PRO A 90 0.47 15.34 13.20
CA PRO A 90 1.63 15.50 14.07
C PRO A 90 1.23 16.10 15.42
N SER A 91 0.73 15.26 16.31
CA SER A 91 0.30 15.70 17.64
C SER A 91 0.63 14.63 18.67
N ASN A 92 0.14 13.41 18.43
CA ASN A 92 0.35 12.30 19.35
C ASN A 92 1.63 11.54 19.01
N ILE A 93 2.38 12.06 18.05
CA ILE A 93 3.67 11.50 17.70
C ILE A 93 4.65 11.71 18.84
N GLY A 94 5.64 10.85 18.95
CA GLY A 94 6.53 10.89 20.10
C GLY A 94 5.99 10.03 21.24
N GLN A 95 4.73 10.27 21.59
CA GLN A 95 4.05 9.45 22.59
C GLN A 95 3.85 8.03 22.06
N ALA A 96 3.36 7.95 20.83
CA ALA A 96 3.10 6.67 20.19
C ALA A 96 4.32 6.22 19.37
N GLN A 97 5.38 7.02 19.42
CA GLN A 97 6.59 6.73 18.64
C GLN A 97 7.21 5.38 19.02
N PRO A 98 7.42 5.09 20.32
CA PRO A 98 7.97 3.80 20.77
C PRO A 98 7.15 2.62 20.26
N ILE A 99 5.86 2.87 20.04
CA ILE A 99 4.96 1.84 19.53
C ILE A 99 5.18 1.64 18.03
N ILE A 100 5.30 2.76 17.33
CA ILE A 100 5.54 2.73 15.89
C ILE A 100 6.85 2.00 15.58
N ASP A 101 7.91 2.39 16.27
CA ASP A 101 9.22 1.77 16.08
C ASP A 101 9.21 0.31 16.51
N GLN A 102 8.37 -0.01 17.49
CA GLN A 102 8.21 -1.40 17.92
C GLN A 102 7.55 -2.22 16.82
N LEU A 103 6.44 -1.70 16.31
CA LEU A 103 5.69 -2.39 15.26
C LEU A 103 6.57 -2.66 14.04
N ALA A 104 7.27 -1.62 13.58
CA ALA A 104 8.13 -1.73 12.41
C ALA A 104 9.21 -2.78 12.63
N GLU A 105 9.83 -2.76 13.80
CA GLU A 105 10.89 -3.71 14.13
C GLU A 105 10.31 -5.11 14.31
N GLU A 106 9.08 -5.17 14.82
CA GLU A 106 8.42 -6.44 15.09
C GLU A 106 8.01 -7.11 13.78
N ALA A 107 7.43 -6.33 12.87
CA ALA A 107 7.05 -6.84 11.56
C ALA A 107 8.28 -7.16 10.71
N ARG A 108 9.38 -6.49 11.04
CA ARG A 108 10.66 -6.73 10.37
C ARG A 108 11.11 -8.18 10.56
N ALA A 109 10.64 -8.81 11.64
CA ALA A 109 11.02 -10.19 11.93
C ALA A 109 10.44 -11.14 10.87
N PHE A 110 9.48 -10.66 10.10
CA PHE A 110 8.86 -11.44 9.05
C PHE A 110 9.37 -10.97 7.68
N ASN A 111 10.17 -9.90 7.72
CA ASN A 111 10.79 -9.23 6.56
C ASN A 111 9.94 -9.27 5.28
N ARG A 112 8.64 -9.05 5.43
CA ARG A 112 7.74 -9.04 4.28
C ARG A 112 7.63 -7.63 3.69
N ILE A 113 7.57 -7.57 2.38
CA ILE A 113 7.47 -6.32 1.66
C ILE A 113 6.01 -6.07 1.28
N TYR A 114 5.64 -4.80 1.15
CA TYR A 114 4.26 -4.44 0.88
C TYR A 114 4.12 -3.96 -0.56
N VAL A 115 3.23 -4.60 -1.29
CA VAL A 115 3.00 -4.26 -2.69
C VAL A 115 1.65 -3.57 -2.83
N ALA A 116 1.67 -2.33 -3.27
CA ALA A 116 0.44 -1.59 -3.52
C ALA A 116 0.39 -1.14 -4.97
N SER A 117 -0.75 -0.57 -5.35
CA SER A 117 -0.97 -0.09 -6.72
C SER A 117 -0.98 -1.25 -7.71
N VAL A 118 -1.36 -2.42 -7.22
CA VAL A 118 -1.41 -3.63 -8.02
C VAL A 118 -2.59 -3.57 -8.99
N HIS A 119 -2.33 -3.92 -10.25
CA HIS A 119 -3.37 -3.89 -11.26
C HIS A 119 -4.38 -5.00 -10.99
N GLN A 120 -5.66 -4.62 -11.10
CA GLN A 120 -6.79 -5.45 -10.67
C GLN A 120 -6.81 -6.84 -11.29
N ASP A 121 -6.52 -6.93 -12.58
CA ASP A 121 -6.49 -8.22 -13.27
C ASP A 121 -5.17 -8.96 -13.02
N LEU A 122 -4.06 -8.25 -13.15
CA LEU A 122 -2.72 -8.78 -12.92
C LEU A 122 -2.67 -9.48 -11.55
N SER A 123 -2.30 -10.76 -11.56
CA SER A 123 -2.46 -11.61 -10.39
C SER A 123 -1.16 -11.79 -9.59
N ASP A 124 -1.25 -12.60 -8.52
CA ASP A 124 -0.16 -12.79 -7.57
C ASP A 124 1.12 -13.25 -8.26
N ASP A 125 1.02 -14.35 -9.00
CA ASP A 125 2.15 -14.92 -9.71
C ASP A 125 2.67 -13.95 -10.75
N ASP A 126 1.80 -13.10 -11.24
CA ASP A 126 2.20 -12.07 -12.18
C ASP A 126 3.12 -11.07 -11.48
N ILE A 127 2.72 -10.58 -10.31
CA ILE A 127 3.56 -9.66 -9.55
C ILE A 127 4.88 -10.35 -9.18
N LYS A 128 4.85 -11.68 -9.12
CA LYS A 128 6.05 -12.48 -8.90
C LYS A 128 7.10 -12.23 -9.98
N SER A 129 6.64 -11.95 -11.21
CA SER A 129 7.53 -11.76 -12.35
C SER A 129 8.66 -10.83 -12.01
N VAL A 130 8.29 -9.67 -11.54
CA VAL A 130 9.24 -8.63 -11.23
C VAL A 130 10.00 -8.92 -9.94
N PHE A 131 9.29 -9.24 -8.87
CA PHE A 131 9.92 -9.49 -7.58
C PHE A 131 10.90 -10.66 -7.62
N GLU A 132 10.47 -11.77 -8.21
CA GLU A 132 11.27 -12.98 -8.23
C GLU A 132 12.39 -12.91 -9.27
N ALA A 133 12.32 -11.92 -10.14
CA ALA A 133 13.38 -11.70 -11.12
C ALA A 133 14.56 -11.00 -10.46
N PHE A 134 14.31 -10.33 -9.33
CA PHE A 134 15.39 -9.70 -8.58
C PHE A 134 15.89 -10.66 -7.50
N GLY A 135 14.96 -11.17 -6.69
CA GLY A 135 15.32 -12.03 -5.58
C GLY A 135 14.38 -13.21 -5.43
N LYS A 136 14.41 -13.87 -4.27
CA LYS A 136 13.59 -15.05 -4.04
C LYS A 136 12.47 -14.77 -3.06
N ILE A 137 11.28 -15.31 -3.35
CA ILE A 137 10.09 -15.07 -2.54
C ILE A 137 9.55 -16.40 -1.99
N LYS A 138 9.21 -16.42 -0.71
CA LYS A 138 8.68 -17.64 -0.06
C LYS A 138 7.16 -17.63 0.00
N SER A 139 6.57 -16.45 0.07
CA SER A 139 5.13 -16.31 0.16
C SER A 139 4.66 -15.09 -0.63
N CYS A 140 3.64 -15.28 -1.45
CA CYS A 140 3.12 -14.19 -2.28
C CYS A 140 1.60 -14.30 -2.41
N THR A 141 0.90 -13.34 -1.84
CA THR A 141 -0.56 -13.35 -1.91
C THR A 141 -1.11 -11.93 -1.86
N LEU A 142 -1.87 -11.58 -2.88
CA LEU A 142 -2.62 -10.35 -2.92
C LEU A 142 -3.96 -10.57 -2.22
N ALA A 143 -4.29 -9.69 -1.29
CA ALA A 143 -5.53 -9.83 -0.53
C ALA A 143 -6.74 -9.89 -1.45
N ARG A 144 -7.59 -10.89 -1.26
CA ARG A 144 -8.78 -11.04 -2.08
C ARG A 144 -9.86 -10.09 -1.60
N ASP A 145 -10.57 -9.51 -2.55
CA ASP A 145 -11.59 -8.52 -2.22
C ASP A 145 -12.98 -9.07 -2.51
N PRO A 146 -13.81 -9.21 -1.47
CA PRO A 146 -15.13 -9.84 -1.58
C PRO A 146 -16.12 -9.04 -2.43
N THR A 147 -15.95 -7.72 -2.50
CA THR A 147 -16.91 -6.90 -3.22
C THR A 147 -16.44 -6.67 -4.66
N THR A 148 -15.13 -6.71 -4.89
CA THR A 148 -14.60 -6.60 -6.23
C THR A 148 -14.66 -7.96 -6.93
N GLY A 149 -14.44 -9.03 -6.16
CA GLY A 149 -14.55 -10.38 -6.68
C GLY A 149 -13.21 -10.95 -7.11
N LYS A 150 -12.22 -10.08 -7.32
CA LYS A 150 -10.93 -10.52 -7.82
C LYS A 150 -9.89 -10.45 -6.71
N HIS A 151 -9.30 -9.27 -6.53
CA HIS A 151 -8.34 -9.04 -5.47
C HIS A 151 -8.16 -7.55 -5.27
N LYS A 152 -7.77 -7.17 -4.06
CA LYS A 152 -7.49 -5.77 -3.75
C LYS A 152 -6.20 -5.36 -4.44
N GLY A 153 -6.03 -4.07 -4.68
CA GLY A 153 -4.87 -3.58 -5.40
C GLY A 153 -3.60 -3.57 -4.54
N TYR A 154 -3.49 -4.50 -3.61
CA TYR A 154 -2.30 -4.63 -2.80
C TYR A 154 -2.12 -6.07 -2.33
N GLY A 155 -0.93 -6.39 -1.86
CA GLY A 155 -0.64 -7.71 -1.36
C GLY A 155 0.62 -7.74 -0.54
N PHE A 156 0.84 -8.83 0.17
CA PHE A 156 2.03 -8.97 1.00
C PHE A 156 2.95 -10.05 0.45
N ILE A 157 4.12 -9.65 0.01
CA ILE A 157 5.09 -10.58 -0.54
C ILE A 157 6.24 -10.77 0.45
N GLU A 158 6.70 -12.01 0.58
CA GLU A 158 7.68 -12.35 1.58
C GLU A 158 9.00 -12.79 0.96
N TYR A 159 10.04 -12.03 1.21
CA TYR A 159 11.39 -12.41 0.80
C TYR A 159 12.03 -13.25 1.90
N GLU A 160 12.96 -14.11 1.52
CA GLU A 160 13.67 -14.91 2.50
C GLU A 160 14.91 -14.18 3.00
N LYS A 161 15.31 -13.16 2.26
CA LYS A 161 16.50 -12.41 2.59
C LYS A 161 16.21 -10.92 2.63
N ALA A 162 16.72 -10.26 3.65
CA ALA A 162 16.43 -8.85 3.87
C ALA A 162 17.14 -7.97 2.85
N GLN A 163 18.24 -8.47 2.29
CA GLN A 163 18.96 -7.73 1.26
C GLN A 163 18.11 -7.61 0.00
N SER A 164 17.58 -8.74 -0.45
CA SER A 164 16.81 -8.79 -1.68
C SER A 164 15.53 -7.95 -1.58
N SER A 165 14.95 -7.91 -0.39
CA SER A 165 13.78 -7.08 -0.13
C SER A 165 14.09 -5.61 -0.46
N GLN A 166 15.24 -5.14 0.02
CA GLN A 166 15.63 -3.75 -0.19
C GLN A 166 15.93 -3.47 -1.66
N ASP A 167 16.48 -4.46 -2.35
CA ASP A 167 16.76 -4.34 -3.78
C ASP A 167 15.45 -4.15 -4.56
N ALA A 168 14.46 -4.96 -4.19
CA ALA A 168 13.16 -4.92 -4.86
C ALA A 168 12.49 -3.55 -4.67
N VAL A 169 12.47 -3.06 -3.43
CA VAL A 169 11.82 -1.78 -3.11
C VAL A 169 12.34 -0.65 -4.00
N SER A 170 13.62 -0.70 -4.33
CA SER A 170 14.27 0.35 -5.09
C SER A 170 13.79 0.42 -6.54
N SER A 171 13.30 -0.70 -7.07
CA SER A 171 12.90 -0.74 -8.48
C SER A 171 11.38 -0.98 -8.65
N MET A 172 10.77 -1.63 -7.67
CA MET A 172 9.37 -2.06 -7.78
C MET A 172 8.38 -0.91 -7.81
N ASN A 173 8.81 0.29 -7.47
CA ASN A 173 7.94 1.46 -7.55
C ASN A 173 7.64 1.75 -9.02
N LEU A 174 8.62 1.52 -9.86
CA LEU A 174 8.55 1.81 -11.28
C LEU A 174 7.73 0.79 -12.07
N PHE A 175 7.36 -0.31 -11.42
CA PHE A 175 6.61 -1.40 -12.07
C PHE A 175 5.37 -0.86 -12.79
N ASP A 176 5.51 -0.65 -14.10
CA ASP A 176 4.44 -0.09 -14.92
C ASP A 176 3.45 -1.16 -15.35
N LEU A 177 2.20 -0.98 -14.98
CA LEU A 177 1.15 -1.90 -15.37
C LEU A 177 0.01 -1.17 -16.06
N GLY A 178 0.17 -0.99 -17.37
CA GLY A 178 -0.88 -0.36 -18.16
C GLY A 178 -0.91 1.15 -18.01
N GLY A 179 0.25 1.74 -17.70
CA GLY A 179 0.34 3.18 -17.61
C GLY A 179 0.54 3.66 -16.20
N GLN A 180 0.25 2.79 -15.23
CA GLN A 180 0.40 3.15 -13.84
C GLN A 180 1.68 2.55 -13.26
N TYR A 181 2.46 3.38 -12.60
CA TYR A 181 3.62 2.91 -11.85
C TYR A 181 3.15 2.37 -10.51
N LEU A 182 3.67 1.21 -10.16
CA LEU A 182 3.32 0.54 -8.91
C LEU A 182 3.78 1.34 -7.70
N ARG A 183 3.54 0.82 -6.52
CA ARG A 183 3.99 1.49 -5.32
C ARG A 183 4.31 0.47 -4.24
N VAL A 184 5.58 0.35 -3.89
CA VAL A 184 5.96 -0.62 -2.88
C VAL A 184 6.44 0.06 -1.60
N GLY A 185 6.40 -0.72 -0.52
CA GLY A 185 6.87 -0.24 0.76
C GLY A 185 7.23 -1.41 1.66
N LYS A 186 6.82 -1.36 2.91
CA LYS A 186 7.09 -2.45 3.83
C LYS A 186 5.90 -2.65 4.76
N ALA A 187 5.90 -3.76 5.48
CA ALA A 187 4.87 -4.06 6.43
C ALA A 187 5.24 -3.44 7.76
N VAL A 188 4.35 -2.63 8.28
CA VAL A 188 4.61 -1.88 9.48
C VAL A 188 4.03 -2.57 10.70
N THR A 189 2.97 -3.31 10.49
CA THR A 189 2.43 -4.15 11.55
C THR A 189 2.21 -5.56 11.01
N PRO A 190 2.44 -6.57 11.85
CA PRO A 190 2.21 -7.98 11.51
C PRO A 190 0.81 -8.21 10.95
N PRO A 191 0.70 -8.40 9.62
CA PRO A 191 -0.59 -8.50 8.94
C PRO A 191 -1.17 -9.90 9.01
N MET A 192 -1.03 -10.54 10.15
CA MET A 192 -1.52 -11.89 10.35
C MET A 192 -2.27 -11.99 11.66
N PRO A 193 -3.42 -12.68 11.66
CA PRO A 193 -4.26 -12.82 12.87
C PRO A 193 -3.62 -13.75 13.91
N LEU A 194 -2.54 -13.29 14.50
CA LEU A 194 -1.84 -14.04 15.53
C LEU A 194 -2.33 -13.62 16.92
N LEU A 195 -3.64 -13.42 17.03
CA LEU A 195 -4.24 -12.99 18.27
C LEU A 195 -5.03 -14.12 18.90
N THR A 196 -4.41 -14.82 19.84
CA THR A 196 -5.05 -15.92 20.53
C THR A 196 -6.29 -15.46 21.30
N PRO A 197 -6.17 -14.46 22.20
CA PRO A 197 -7.31 -13.93 22.92
C PRO A 197 -7.97 -12.76 22.20
N ALA A 198 -9.26 -12.89 21.93
CA ALA A 198 -10.02 -11.83 21.28
C ALA A 198 -10.53 -10.82 22.32
N THR A 199 -9.60 -10.10 22.93
CA THR A 199 -9.92 -9.14 23.96
C THR A 199 -10.15 -7.76 23.38
N GLY B 1 26.68 -6.04 -11.73
CA GLY B 1 26.78 -4.57 -11.60
C GLY B 1 26.34 -4.09 -10.24
N ALA B 2 25.77 -2.90 -10.20
CA ALA B 2 25.31 -2.31 -8.96
C ALA B 2 23.92 -2.82 -8.58
N MET B 3 23.78 -3.22 -7.32
CA MET B 3 22.50 -3.69 -6.81
C MET B 3 21.65 -2.49 -6.39
N GLY B 4 20.36 -2.72 -6.17
CA GLY B 4 19.44 -1.64 -5.93
C GLY B 4 19.02 -0.97 -7.22
N TYR B 5 20.02 -0.56 -8.00
CA TYR B 5 19.79 0.00 -9.32
C TYR B 5 20.07 -1.06 -10.38
N VAL B 6 19.42 -2.21 -10.21
CA VAL B 6 19.66 -3.37 -11.05
C VAL B 6 19.31 -3.08 -12.51
N ASN B 7 20.22 -3.46 -13.40
CA ASN B 7 20.05 -3.23 -14.82
C ASN B 7 19.44 -4.46 -15.48
N ASP B 8 19.96 -5.63 -15.17
CA ASP B 8 19.50 -6.85 -15.81
C ASP B 8 18.31 -7.47 -15.10
N ALA B 9 18.40 -7.56 -13.77
CA ALA B 9 17.34 -8.17 -12.96
C ALA B 9 15.98 -7.51 -13.18
N PHE B 10 15.97 -6.18 -13.23
CA PHE B 10 14.71 -5.45 -13.35
C PHE B 10 14.19 -5.47 -14.80
N LYS B 11 15.09 -5.69 -15.75
CA LYS B 11 14.65 -5.84 -17.13
C LYS B 11 14.11 -7.25 -17.36
N ASP B 12 14.71 -8.22 -16.67
CA ASP B 12 14.15 -9.56 -16.62
C ASP B 12 12.74 -9.46 -16.06
N ALA B 13 12.65 -8.69 -14.98
CA ALA B 13 11.40 -8.41 -14.32
C ALA B 13 10.32 -7.95 -15.28
N LEU B 14 10.64 -6.95 -16.08
CA LEU B 14 9.65 -6.25 -16.89
C LEU B 14 9.30 -6.96 -18.19
N GLN B 15 10.21 -7.77 -18.71
CA GLN B 15 9.86 -8.59 -19.86
C GLN B 15 8.77 -9.55 -19.44
N ARG B 16 8.88 -10.03 -18.20
CA ARG B 16 7.84 -10.83 -17.58
C ARG B 16 6.64 -9.93 -17.23
N ALA B 17 6.95 -8.73 -16.77
CA ALA B 17 5.95 -7.80 -16.26
C ALA B 17 4.94 -7.37 -17.29
N ARG B 18 5.38 -6.99 -18.46
CA ARG B 18 4.41 -6.70 -19.48
C ARG B 18 3.88 -7.94 -20.17
N GLN B 19 4.64 -9.03 -20.14
CA GLN B 19 4.08 -10.33 -20.54
C GLN B 19 2.80 -10.62 -19.73
N ILE B 20 2.91 -10.47 -18.41
CA ILE B 20 1.78 -10.70 -17.51
C ILE B 20 0.67 -9.67 -17.75
N ALA B 21 1.06 -8.46 -18.17
CA ALA B 21 0.10 -7.41 -18.48
C ALA B 21 -0.51 -7.61 -19.86
N ALA B 22 0.19 -8.34 -20.71
CA ALA B 22 -0.25 -8.56 -22.08
C ALA B 22 -1.47 -9.46 -22.11
N LYS B 23 -1.45 -10.47 -21.26
CA LYS B 23 -2.62 -11.34 -21.12
C LYS B 23 -3.74 -10.60 -20.38
N ILE B 24 -3.38 -9.90 -19.30
CA ILE B 24 -4.37 -9.18 -18.50
C ILE B 24 -3.82 -7.82 -18.08
N GLY B 25 -4.47 -6.76 -18.53
CA GLY B 25 -4.04 -5.42 -18.21
C GLY B 25 -4.00 -4.52 -19.43
N GLY B 26 -3.35 -4.98 -20.48
CA GLY B 26 -3.27 -4.23 -21.71
C GLY B 26 -2.78 -5.09 -22.86
N ASP B 27 -3.69 -5.46 -23.74
CA ASP B 27 -3.36 -6.31 -24.87
C ASP B 27 -2.58 -5.54 -25.93
N ALA B 28 -1.39 -6.02 -26.26
CA ALA B 28 -0.54 -5.35 -27.22
C ALA B 28 -0.50 -6.08 -28.55
N GLY B 29 -1.43 -7.02 -28.73
CA GLY B 29 -1.47 -7.79 -29.96
C GLY B 29 -0.81 -9.14 -29.79
N THR B 30 0.45 -9.23 -30.20
CA THR B 30 1.18 -10.48 -30.10
C THR B 30 1.88 -10.58 -28.75
N SER B 31 2.87 -9.71 -28.57
CA SER B 31 3.65 -9.64 -27.35
C SER B 31 4.53 -8.40 -27.40
N GLY A 1 -4.81 -3.97 33.05
CA GLY A 1 -3.93 -2.81 32.76
C GLY A 1 -3.53 -2.75 31.31
N ALA A 2 -2.34 -3.31 31.02
CA ALA A 2 -1.83 -3.41 29.65
C ALA A 2 -1.61 -2.04 29.03
N MET A 3 -0.46 -1.45 29.30
CA MET A 3 -0.12 -0.13 28.80
C MET A 3 0.10 -0.17 27.29
N ALA A 4 0.60 -1.30 26.80
CA ALA A 4 0.87 -1.47 25.38
C ALA A 4 -0.40 -1.78 24.59
N GLN A 5 -1.32 -0.81 24.57
CA GLN A 5 -2.58 -0.95 23.84
C GLN A 5 -2.39 -0.64 22.37
N ARG A 6 -1.66 -1.51 21.66
CA ARG A 6 -1.36 -1.27 20.26
C ARG A 6 -2.59 -1.52 19.38
N GLN A 7 -3.64 -2.05 19.98
CA GLN A 7 -4.91 -2.24 19.26
C GLN A 7 -5.53 -0.89 18.94
N ARG A 8 -5.65 -0.03 19.95
CA ARG A 8 -6.21 1.31 19.76
C ARG A 8 -5.25 2.17 18.96
N ALA A 9 -3.96 1.89 19.08
CA ALA A 9 -2.94 2.59 18.30
C ALA A 9 -3.17 2.37 16.81
N LEU A 10 -3.51 1.13 16.45
CA LEU A 10 -3.81 0.81 15.06
C LEU A 10 -5.05 1.56 14.59
N ALA A 11 -6.02 1.72 15.49
CA ALA A 11 -7.24 2.47 15.18
C ALA A 11 -6.91 3.90 14.79
N ILE A 12 -5.80 4.42 15.31
CA ILE A 12 -5.32 5.74 14.95
C ILE A 12 -4.54 5.68 13.64
N MET A 13 -3.68 4.66 13.52
CA MET A 13 -2.83 4.47 12.35
C MET A 13 -3.65 4.27 11.07
N CYS A 14 -4.73 3.51 11.17
CA CYS A 14 -5.53 3.15 10.00
C CYS A 14 -6.21 4.34 9.34
N ARG A 15 -6.36 5.44 10.08
CA ARG A 15 -7.03 6.61 9.55
C ARG A 15 -6.09 7.80 9.43
N VAL A 16 -5.73 8.12 8.20
CA VAL A 16 -4.82 9.21 7.93
C VAL A 16 -5.56 10.49 7.57
N TYR A 17 -5.12 11.58 8.17
CA TYR A 17 -5.67 12.89 7.89
C TYR A 17 -5.11 13.44 6.58
N VAL A 18 -6.00 13.82 5.69
CA VAL A 18 -5.62 14.43 4.44
C VAL A 18 -6.28 15.80 4.29
N GLY A 19 -5.47 16.84 4.34
CA GLY A 19 -6.01 18.18 4.25
C GLY A 19 -5.23 19.05 3.29
N SER A 20 -5.80 19.24 2.11
CA SER A 20 -5.24 20.11 1.06
C SER A 20 -5.99 19.85 -0.24
N ILE A 21 -7.17 20.41 -0.35
CA ILE A 21 -7.99 20.21 -1.52
C ILE A 21 -8.07 21.49 -2.32
N TYR A 22 -7.90 21.40 -3.63
CA TYR A 22 -7.87 22.57 -4.49
C TYR A 22 -9.18 23.35 -4.41
N TYR A 23 -10.22 22.84 -5.04
CA TYR A 23 -11.51 23.51 -5.09
C TYR A 23 -12.58 22.58 -5.64
N GLU A 24 -12.30 22.01 -6.80
CA GLU A 24 -13.25 21.20 -7.54
C GLU A 24 -13.07 19.71 -7.25
N LEU A 25 -11.88 19.34 -6.76
CA LEU A 25 -11.60 17.95 -6.39
C LEU A 25 -12.58 17.46 -5.34
N GLY A 26 -13.47 16.57 -5.75
CA GLY A 26 -14.46 16.04 -4.85
C GLY A 26 -13.95 14.89 -4.02
N GLU A 27 -14.82 14.33 -3.18
CA GLU A 27 -14.43 13.22 -2.32
C GLU A 27 -14.14 11.97 -3.14
N ASP A 28 -14.73 11.91 -4.34
CA ASP A 28 -14.50 10.77 -5.24
C ASP A 28 -13.05 10.72 -5.67
N THR A 29 -12.49 11.88 -6.01
CA THR A 29 -11.10 11.97 -6.45
C THR A 29 -10.16 11.51 -5.34
N ILE A 30 -10.41 11.97 -4.11
CA ILE A 30 -9.59 11.60 -2.97
C ILE A 30 -9.70 10.11 -2.70
N ARG A 31 -10.93 9.61 -2.69
CA ARG A 31 -11.20 8.20 -2.44
C ARG A 31 -10.46 7.31 -3.45
N GLN A 32 -10.54 7.69 -4.71
CA GLN A 32 -9.96 6.90 -5.79
C GLN A 32 -8.45 7.09 -5.87
N ALA A 33 -7.94 8.16 -5.28
CA ALA A 33 -6.50 8.39 -5.24
C ALA A 33 -5.83 7.50 -4.20
N PHE A 34 -6.56 7.16 -3.15
CA PHE A 34 -6.06 6.28 -2.11
C PHE A 34 -6.63 4.87 -2.27
N ALA A 35 -7.32 4.66 -3.38
CA ALA A 35 -7.93 3.37 -3.69
C ALA A 35 -6.87 2.34 -4.06
N PRO A 36 -5.85 2.71 -4.88
CA PRO A 36 -4.72 1.82 -5.18
C PRO A 36 -3.89 1.49 -3.94
N PHE A 37 -4.22 2.09 -2.80
CA PHE A 37 -3.49 1.82 -1.58
C PHE A 37 -4.16 0.70 -0.78
N GLY A 38 -5.28 1.03 -0.14
CA GLY A 38 -6.05 0.03 0.57
C GLY A 38 -7.53 0.30 0.44
N PRO A 39 -8.38 -0.66 0.84
CA PRO A 39 -9.83 -0.50 0.76
C PRO A 39 -10.32 0.59 1.69
N ILE A 40 -11.20 1.45 1.18
CA ILE A 40 -11.72 2.55 1.95
C ILE A 40 -12.71 2.05 3.00
N LYS A 41 -12.35 2.21 4.26
CA LYS A 41 -13.17 1.72 5.36
C LYS A 41 -14.08 2.83 5.88
N SER A 42 -13.50 4.02 6.08
CA SER A 42 -14.27 5.15 6.59
C SER A 42 -13.81 6.45 5.95
N ILE A 43 -14.77 7.26 5.54
CA ILE A 43 -14.48 8.60 5.04
C ILE A 43 -15.11 9.64 5.96
N ASP A 44 -14.29 10.30 6.74
CA ASP A 44 -14.75 11.32 7.68
C ASP A 44 -14.29 12.69 7.23
N MET A 45 -15.17 13.41 6.56
CA MET A 45 -14.81 14.72 6.01
C MET A 45 -15.51 15.84 6.78
N SER A 46 -15.01 17.05 6.60
CA SER A 46 -15.62 18.23 7.17
C SER A 46 -15.45 19.42 6.23
N TRP A 47 -16.36 19.54 5.27
CA TRP A 47 -16.30 20.60 4.28
C TRP A 47 -17.71 21.06 3.93
N ASP A 48 -17.83 22.26 3.37
CA ASP A 48 -19.13 22.82 3.00
C ASP A 48 -19.75 22.02 1.86
N SER A 49 -20.55 21.02 2.21
CA SER A 49 -21.11 20.11 1.22
C SER A 49 -22.39 20.69 0.61
N VAL A 50 -22.89 21.77 1.20
CA VAL A 50 -24.13 22.37 0.74
C VAL A 50 -23.91 23.25 -0.50
N THR A 51 -22.97 24.17 -0.43
CA THR A 51 -22.70 25.06 -1.55
C THR A 51 -21.31 24.76 -2.12
N MET A 52 -20.84 23.55 -1.83
CA MET A 52 -19.57 23.05 -2.36
C MET A 52 -18.40 23.91 -1.89
N LYS A 53 -17.31 23.87 -2.65
CA LYS A 53 -16.03 24.50 -2.29
C LYS A 53 -15.37 23.70 -1.18
N HIS A 54 -14.33 22.96 -1.53
CA HIS A 54 -13.65 22.10 -0.58
C HIS A 54 -12.74 22.91 0.34
N LYS A 55 -13.35 23.71 1.20
CA LYS A 55 -12.62 24.49 2.20
C LYS A 55 -12.54 23.70 3.50
N GLY A 56 -12.48 22.39 3.38
CA GLY A 56 -12.45 21.53 4.53
C GLY A 56 -11.49 20.38 4.34
N PHE A 57 -11.32 19.59 5.39
CA PHE A 57 -10.34 18.51 5.37
C PHE A 57 -11.04 17.16 5.45
N ALA A 58 -10.27 16.08 5.31
CA ALA A 58 -10.84 14.75 5.33
C ALA A 58 -9.96 13.77 6.10
N PHE A 59 -10.59 12.79 6.71
CA PHE A 59 -9.90 11.69 7.36
C PHE A 59 -10.26 10.39 6.65
N VAL A 60 -9.28 9.72 6.09
CA VAL A 60 -9.53 8.49 5.35
C VAL A 60 -8.96 7.28 6.11
N GLU A 61 -9.85 6.36 6.46
CA GLU A 61 -9.46 5.16 7.19
C GLU A 61 -9.53 3.96 6.26
N TYR A 62 -8.50 3.11 6.31
CA TYR A 62 -8.42 1.96 5.43
C TYR A 62 -8.73 0.67 6.17
N GLU A 63 -8.94 -0.40 5.40
CA GLU A 63 -9.14 -1.73 5.98
C GLU A 63 -7.87 -2.19 6.68
N VAL A 64 -6.74 -1.99 6.03
CA VAL A 64 -5.46 -2.44 6.54
C VAL A 64 -4.54 -1.26 6.84
N PRO A 65 -3.82 -1.32 7.98
CA PRO A 65 -2.90 -0.28 8.43
C PRO A 65 -1.69 -0.15 7.53
N GLU A 66 -1.40 -1.21 6.79
CA GLU A 66 -0.31 -1.24 5.83
C GLU A 66 -0.45 -0.10 4.83
N ALA A 67 -1.63 -0.02 4.21
CA ALA A 67 -1.91 1.03 3.24
C ALA A 67 -2.05 2.39 3.91
N ALA A 68 -2.33 2.36 5.21
CA ALA A 68 -2.50 3.60 5.96
C ALA A 68 -1.18 4.35 6.07
N GLN A 69 -0.13 3.65 6.50
CA GLN A 69 1.19 4.28 6.58
C GLN A 69 1.76 4.47 5.19
N LEU A 70 1.42 3.53 4.30
CA LEU A 70 1.85 3.60 2.91
C LEU A 70 1.38 4.91 2.28
N ALA A 71 0.10 5.21 2.48
CA ALA A 71 -0.49 6.43 1.95
C ALA A 71 0.18 7.66 2.55
N LEU A 72 0.44 7.60 3.86
CA LEU A 72 1.08 8.69 4.57
C LEU A 72 2.45 8.97 3.98
N GLU A 73 3.33 7.97 4.07
CA GLU A 73 4.73 8.12 3.69
C GLU A 73 4.91 8.52 2.23
N GLN A 74 4.04 8.01 1.36
CA GLN A 74 4.16 8.29 -0.07
C GLN A 74 3.53 9.64 -0.44
N MET A 75 2.29 9.86 0.00
CA MET A 75 1.53 11.03 -0.44
C MET A 75 2.04 12.33 0.20
N ASN A 76 2.56 12.25 1.42
CA ASN A 76 3.04 13.46 2.09
C ASN A 76 4.37 13.91 1.50
N SER A 77 5.01 13.01 0.78
CA SER A 77 6.30 13.28 0.17
C SER A 77 6.16 13.81 -1.25
N VAL A 78 4.96 13.71 -1.82
CA VAL A 78 4.73 14.11 -3.19
C VAL A 78 3.87 15.36 -3.28
N MET A 79 4.23 16.25 -4.21
CA MET A 79 3.45 17.44 -4.46
C MET A 79 2.42 17.16 -5.54
N LEU A 80 1.17 17.04 -5.12
CA LEU A 80 0.07 16.76 -6.06
C LEU A 80 -0.20 17.98 -6.93
N GLY A 81 0.47 18.03 -8.08
CA GLY A 81 0.32 19.15 -8.99
C GLY A 81 0.80 20.44 -8.38
N GLY A 82 -0.02 21.47 -8.44
CA GLY A 82 0.35 22.76 -7.88
C GLY A 82 -0.10 22.93 -6.44
N ARG A 83 -0.66 21.87 -5.85
CA ARG A 83 -1.14 21.93 -4.49
C ARG A 83 -0.61 20.74 -3.68
N ASN A 84 0.39 21.01 -2.87
CA ASN A 84 0.98 19.96 -2.04
C ASN A 84 0.01 19.55 -0.95
N ILE A 85 -0.21 18.25 -0.84
CA ILE A 85 -1.18 17.71 0.10
C ILE A 85 -0.56 17.43 1.46
N LYS A 86 -1.34 17.66 2.51
CA LYS A 86 -0.92 17.42 3.87
C LYS A 86 -1.53 16.11 4.37
N VAL A 87 -0.69 15.10 4.57
CA VAL A 87 -1.17 13.77 4.92
C VAL A 87 -0.52 13.26 6.20
N GLY A 88 -1.33 12.68 7.08
CA GLY A 88 -0.80 11.97 8.22
C GLY A 88 -0.68 12.81 9.47
N ARG A 89 -1.70 13.58 9.79
CA ARG A 89 -1.71 14.34 11.03
C ARG A 89 -3.08 14.31 11.71
N PRO A 90 -3.40 13.20 12.40
CA PRO A 90 -4.64 13.07 13.15
C PRO A 90 -4.61 13.86 14.46
N SER A 91 -3.69 13.47 15.34
CA SER A 91 -3.53 14.14 16.63
C SER A 91 -2.28 13.63 17.35
N ASN A 92 -2.18 12.31 17.48
CA ASN A 92 -1.09 11.68 18.23
C ASN A 92 0.17 11.57 17.36
N ILE A 93 0.76 12.72 17.07
CA ILE A 93 1.94 12.78 16.21
C ILE A 93 3.18 12.30 16.96
N GLY A 94 3.67 11.13 16.60
CA GLY A 94 4.86 10.58 17.22
C GLY A 94 4.59 9.93 18.55
N GLN A 95 3.37 10.09 19.04
CA GLN A 95 2.99 9.57 20.35
C GLN A 95 2.76 8.07 20.31
N ALA A 96 2.67 7.52 19.10
CA ALA A 96 2.49 6.09 18.91
C ALA A 96 3.80 5.44 18.48
N GLN A 97 4.90 6.15 18.68
CA GLN A 97 6.22 5.68 18.27
C GLN A 97 6.59 4.34 18.93
N PRO A 98 6.49 4.22 20.28
CA PRO A 98 6.84 2.97 20.97
C PRO A 98 6.05 1.78 20.43
N ILE A 99 4.84 2.07 19.96
CA ILE A 99 3.98 1.04 19.40
C ILE A 99 4.48 0.59 18.03
N ILE A 100 4.64 1.56 17.13
CA ILE A 100 5.03 1.25 15.75
C ILE A 100 6.46 0.70 15.70
N ASP A 101 7.30 1.14 16.63
CA ASP A 101 8.68 0.69 16.67
C ASP A 101 8.75 -0.79 16.96
N GLN A 102 7.91 -1.26 17.89
CA GLN A 102 7.85 -2.68 18.22
C GLN A 102 7.23 -3.48 17.07
N LEU A 103 6.26 -2.87 16.40
CA LEU A 103 5.61 -3.49 15.25
C LEU A 103 6.62 -3.74 14.14
N ALA A 104 7.37 -2.69 13.79
CA ALA A 104 8.40 -2.78 12.77
C ALA A 104 9.50 -3.76 13.20
N GLU A 105 9.71 -3.86 14.51
CA GLU A 105 10.68 -4.78 15.07
C GLU A 105 10.35 -6.23 14.74
N GLU A 106 9.12 -6.63 15.04
CA GLU A 106 8.68 -8.00 14.79
C GLU A 106 8.59 -8.27 13.30
N ALA A 107 8.32 -7.22 12.55
CA ALA A 107 8.18 -7.34 11.10
C ALA A 107 9.48 -7.78 10.44
N ARG A 108 10.60 -7.48 11.08
CA ARG A 108 11.93 -7.84 10.56
C ARG A 108 12.09 -9.35 10.49
N ALA A 109 11.35 -10.06 11.34
CA ALA A 109 11.48 -11.51 11.44
C ALA A 109 10.77 -12.21 10.29
N PHE A 110 9.86 -11.51 9.64
CA PHE A 110 9.11 -12.10 8.53
C PHE A 110 9.64 -11.62 7.19
N ASN A 111 10.19 -10.39 7.20
CA ASN A 111 10.85 -9.80 6.03
C ASN A 111 9.91 -9.71 4.83
N ARG A 112 8.61 -9.69 5.10
CA ARG A 112 7.63 -9.51 4.05
C ARG A 112 7.35 -8.03 3.83
N ILE A 113 7.00 -7.68 2.61
CA ILE A 113 6.78 -6.29 2.25
C ILE A 113 5.36 -6.11 1.72
N TYR A 114 4.95 -4.85 1.58
CA TYR A 114 3.61 -4.54 1.15
C TYR A 114 3.63 -3.90 -0.23
N VAL A 115 2.93 -4.53 -1.17
CA VAL A 115 2.84 -4.00 -2.51
C VAL A 115 1.40 -3.66 -2.86
N ALA A 116 1.17 -2.42 -3.23
CA ALA A 116 -0.15 -1.95 -3.58
C ALA A 116 -0.17 -1.39 -4.99
N SER A 117 -1.36 -0.96 -5.42
CA SER A 117 -1.56 -0.31 -6.71
C SER A 117 -1.37 -1.29 -7.86
N VAL A 118 -1.58 -2.57 -7.59
CA VAL A 118 -1.44 -3.60 -8.61
C VAL A 118 -2.66 -3.59 -9.54
N HIS A 119 -2.54 -4.22 -10.70
CA HIS A 119 -3.61 -4.19 -11.67
C HIS A 119 -4.69 -5.19 -11.33
N GLN A 120 -5.94 -4.88 -11.65
CA GLN A 120 -7.07 -5.73 -11.26
C GLN A 120 -6.92 -7.15 -11.80
N ASP A 121 -6.76 -7.29 -13.10
CA ASP A 121 -6.63 -8.60 -13.73
C ASP A 121 -5.31 -9.26 -13.39
N LEU A 122 -4.22 -8.50 -13.53
CA LEU A 122 -2.87 -8.98 -13.28
C LEU A 122 -2.73 -9.43 -11.82
N SER A 123 -2.50 -10.72 -11.62
CA SER A 123 -2.63 -11.34 -10.30
C SER A 123 -1.28 -11.54 -9.61
N ASP A 124 -1.29 -12.17 -8.43
CA ASP A 124 -0.07 -12.37 -7.65
C ASP A 124 0.96 -13.21 -8.41
N ASP A 125 0.48 -14.21 -9.15
CA ASP A 125 1.35 -15.03 -9.98
C ASP A 125 2.08 -14.17 -11.00
N ASP A 126 1.40 -13.10 -11.41
CA ASP A 126 1.95 -12.14 -12.36
C ASP A 126 2.94 -11.21 -11.68
N ILE A 127 2.48 -10.57 -10.61
CA ILE A 127 3.29 -9.62 -9.84
C ILE A 127 4.61 -10.26 -9.39
N LYS A 128 4.59 -11.58 -9.26
CA LYS A 128 5.79 -12.34 -8.90
C LYS A 128 6.94 -12.07 -9.87
N SER A 129 6.62 -11.83 -11.14
CA SER A 129 7.63 -11.66 -12.18
C SER A 129 8.70 -10.68 -11.78
N VAL A 130 8.25 -9.50 -11.44
CA VAL A 130 9.13 -8.40 -11.19
C VAL A 130 9.83 -8.54 -9.84
N PHE A 131 9.07 -8.81 -8.78
CA PHE A 131 9.65 -8.95 -7.45
C PHE A 131 10.66 -10.09 -7.39
N GLU A 132 10.33 -11.20 -8.02
CA GLU A 132 11.16 -12.39 -7.98
C GLU A 132 12.38 -12.24 -8.90
N ALA A 133 12.27 -11.35 -9.88
CA ALA A 133 13.37 -11.11 -10.80
C ALA A 133 14.50 -10.37 -10.11
N PHE A 134 14.19 -9.66 -9.03
CA PHE A 134 15.21 -8.91 -8.31
C PHE A 134 15.76 -9.74 -7.15
N GLY A 135 14.91 -10.58 -6.56
CA GLY A 135 15.33 -11.36 -5.42
C GLY A 135 14.38 -12.51 -5.10
N LYS A 136 14.71 -13.27 -4.05
CA LYS A 136 13.95 -14.46 -3.68
C LYS A 136 12.61 -14.12 -3.02
N ILE A 137 11.54 -14.61 -3.60
CA ILE A 137 10.21 -14.50 -3.00
C ILE A 137 9.86 -15.80 -2.27
N LYS A 138 9.38 -15.66 -1.05
CA LYS A 138 8.96 -16.80 -0.25
C LYS A 138 7.45 -16.96 -0.29
N SER A 139 6.74 -15.84 -0.11
CA SER A 139 5.29 -15.86 -0.05
C SER A 139 4.71 -14.71 -0.86
N CYS A 140 4.38 -14.97 -2.12
CA CYS A 140 3.71 -13.98 -2.96
C CYS A 140 2.21 -14.22 -2.94
N THR A 141 1.47 -13.30 -2.36
CA THR A 141 0.01 -13.41 -2.30
C THR A 141 -0.65 -12.03 -2.28
N LEU A 142 -1.43 -11.73 -3.30
CA LEU A 142 -2.23 -10.51 -3.29
C LEU A 142 -3.53 -10.78 -2.58
N ALA A 143 -3.88 -9.92 -1.63
CA ALA A 143 -5.09 -10.09 -0.85
C ALA A 143 -6.32 -9.98 -1.74
N ARG A 144 -7.25 -10.89 -1.58
CA ARG A 144 -8.39 -10.96 -2.46
C ARG A 144 -9.68 -10.71 -1.69
N ASP A 145 -10.71 -10.31 -2.42
CA ASP A 145 -11.99 -10.02 -1.83
C ASP A 145 -12.85 -11.27 -1.77
N PRO A 146 -13.30 -11.66 -0.57
CA PRO A 146 -13.98 -12.94 -0.34
C PRO A 146 -15.38 -13.03 -0.96
N THR A 147 -15.99 -11.90 -1.29
CA THR A 147 -17.36 -11.92 -1.78
C THR A 147 -17.41 -11.83 -3.32
N THR A 148 -16.43 -11.18 -3.93
CA THR A 148 -16.35 -11.11 -5.38
C THR A 148 -15.45 -12.21 -5.91
N GLY A 149 -14.51 -12.64 -5.08
CA GLY A 149 -13.62 -13.72 -5.46
C GLY A 149 -12.34 -13.20 -6.11
N LYS A 150 -12.38 -11.96 -6.56
CA LYS A 150 -11.26 -11.36 -7.26
C LYS A 150 -10.33 -10.67 -6.27
N HIS A 151 -9.05 -10.61 -6.60
CA HIS A 151 -8.07 -10.02 -5.69
C HIS A 151 -8.15 -8.50 -5.71
N LYS A 152 -7.77 -7.91 -4.59
CA LYS A 152 -7.74 -6.46 -4.43
C LYS A 152 -6.44 -5.92 -5.03
N GLY A 153 -6.42 -4.64 -5.36
CA GLY A 153 -5.25 -4.01 -5.95
C GLY A 153 -4.09 -3.80 -4.96
N TYR A 154 -3.83 -4.81 -4.14
CA TYR A 154 -2.70 -4.80 -3.21
C TYR A 154 -2.48 -6.21 -2.68
N GLY A 155 -1.33 -6.44 -2.05
CA GLY A 155 -1.04 -7.73 -1.49
C GLY A 155 0.25 -7.75 -0.70
N PHE A 156 0.64 -8.93 -0.25
CA PHE A 156 1.83 -9.09 0.57
C PHE A 156 2.80 -10.06 -0.09
N ILE A 157 4.02 -9.59 -0.28
CA ILE A 157 5.07 -10.44 -0.86
C ILE A 157 6.22 -10.56 0.13
N GLU A 158 6.61 -11.78 0.44
CA GLU A 158 7.59 -12.03 1.48
C GLU A 158 8.93 -12.39 0.84
N TYR A 159 10.00 -11.82 1.37
CA TYR A 159 11.33 -12.00 0.81
C TYR A 159 12.22 -12.87 1.68
N GLU A 160 13.14 -13.54 1.01
CA GLU A 160 14.09 -14.44 1.65
C GLU A 160 15.24 -13.66 2.28
N LYS A 161 15.44 -12.45 1.79
CA LYS A 161 16.60 -11.65 2.17
C LYS A 161 16.23 -10.18 2.27
N ALA A 162 16.79 -9.52 3.28
CA ALA A 162 16.55 -8.10 3.50
C ALA A 162 17.09 -7.28 2.34
N GLN A 163 18.19 -7.73 1.76
CA GLN A 163 18.77 -7.08 0.59
C GLN A 163 17.80 -7.15 -0.59
N SER A 164 17.16 -8.30 -0.75
CA SER A 164 16.26 -8.52 -1.87
C SER A 164 15.03 -7.64 -1.73
N SER A 165 14.54 -7.51 -0.51
CA SER A 165 13.41 -6.63 -0.24
C SER A 165 13.82 -5.16 -0.39
N GLN A 166 15.07 -4.87 -0.05
CA GLN A 166 15.60 -3.52 -0.14
C GLN A 166 15.67 -3.07 -1.60
N ASP A 167 16.15 -3.96 -2.46
CA ASP A 167 16.19 -3.69 -3.91
C ASP A 167 14.79 -3.56 -4.48
N ALA A 168 13.88 -4.41 -4.00
CA ALA A 168 12.50 -4.41 -4.48
C ALA A 168 11.81 -3.08 -4.19
N VAL A 169 11.92 -2.62 -2.94
CA VAL A 169 11.26 -1.38 -2.53
C VAL A 169 11.79 -0.17 -3.31
N SER A 170 13.04 -0.23 -3.74
CA SER A 170 13.65 0.88 -4.44
C SER A 170 13.44 0.80 -5.95
N SER A 171 12.94 -0.34 -6.43
CA SER A 171 12.77 -0.53 -7.87
C SER A 171 11.29 -0.69 -8.26
N MET A 172 10.53 -1.41 -7.45
CA MET A 172 9.18 -1.82 -7.82
C MET A 172 8.17 -0.68 -7.84
N ASN A 173 8.51 0.45 -7.25
CA ASN A 173 7.61 1.59 -7.20
C ASN A 173 7.27 2.07 -8.62
N LEU A 174 8.28 2.10 -9.46
CA LEU A 174 8.17 2.62 -10.82
C LEU A 174 7.49 1.64 -11.78
N PHE A 175 7.26 0.41 -11.33
CA PHE A 175 6.65 -0.62 -12.17
C PHE A 175 5.29 -0.15 -12.71
N ASP A 176 5.30 0.33 -13.95
CA ASP A 176 4.07 0.83 -14.58
C ASP A 176 3.29 -0.32 -15.16
N LEU A 177 2.07 -0.49 -14.69
CA LEU A 177 1.26 -1.62 -15.08
C LEU A 177 -0.08 -1.16 -15.61
N GLY A 178 -0.13 -0.86 -16.91
CA GLY A 178 -1.37 -0.47 -17.54
C GLY A 178 -1.62 1.02 -17.46
N GLY A 179 -0.55 1.79 -17.28
CA GLY A 179 -0.67 3.23 -17.22
C GLY A 179 -0.64 3.76 -15.80
N GLN A 180 -0.21 2.92 -14.87
CA GLN A 180 -0.09 3.34 -13.48
C GLN A 180 1.17 2.76 -12.86
N TYR A 181 1.93 3.60 -12.17
CA TYR A 181 3.08 3.17 -11.40
C TYR A 181 2.60 2.47 -10.14
N LEU A 182 3.17 1.31 -9.85
CA LEU A 182 2.80 0.56 -8.65
C LEU A 182 3.32 1.23 -7.39
N ARG A 183 3.21 0.53 -6.29
CA ARG A 183 3.59 1.09 -5.00
C ARG A 183 4.15 0.01 -4.09
N VAL A 184 5.41 0.13 -3.72
CA VAL A 184 6.03 -0.87 -2.88
C VAL A 184 6.63 -0.24 -1.63
N GLY A 185 6.46 -0.92 -0.51
CA GLY A 185 7.02 -0.46 0.75
C GLY A 185 7.11 -1.58 1.77
N LYS A 186 7.60 -1.27 2.95
CA LYS A 186 7.69 -2.25 4.02
C LYS A 186 6.30 -2.57 4.55
N ALA A 187 6.13 -3.78 5.08
CA ALA A 187 4.81 -4.29 5.47
C ALA A 187 4.18 -3.51 6.61
N VAL A 188 5.01 -2.79 7.37
CA VAL A 188 4.54 -1.94 8.46
C VAL A 188 4.03 -2.77 9.66
N THR A 189 2.83 -3.30 9.53
CA THR A 189 2.20 -4.01 10.63
C THR A 189 2.10 -5.51 10.37
N PRO A 190 2.67 -6.32 11.26
CA PRO A 190 2.62 -7.77 11.16
C PRO A 190 1.42 -8.36 11.89
N PRO A 191 0.44 -8.89 11.15
CA PRO A 191 -0.76 -9.51 11.74
C PRO A 191 -0.44 -10.85 12.40
N MET A 192 -0.52 -10.87 13.72
CA MET A 192 -0.23 -12.07 14.48
C MET A 192 -1.46 -12.95 14.63
N PRO A 193 -1.41 -14.18 14.13
CA PRO A 193 -2.50 -15.15 14.27
C PRO A 193 -2.44 -15.82 15.64
N LEU A 194 -3.12 -15.22 16.62
CA LEU A 194 -3.09 -15.74 17.98
C LEU A 194 -4.51 -15.81 18.55
N LEU A 195 -5.15 -16.95 18.35
CA LEU A 195 -6.48 -17.18 18.90
C LEU A 195 -6.41 -18.18 20.05
N THR A 196 -6.23 -17.66 21.25
CA THR A 196 -6.06 -18.51 22.43
C THR A 196 -7.20 -18.29 23.44
N PRO A 197 -8.16 -19.22 23.47
CA PRO A 197 -9.29 -19.18 24.42
C PRO A 197 -8.87 -19.59 25.82
N ALA A 198 -7.90 -18.88 26.38
CA ALA A 198 -7.35 -19.20 27.69
C ALA A 198 -8.13 -18.49 28.80
N THR A 199 -9.32 -18.99 29.10
CA THR A 199 -10.12 -18.43 30.18
C THR A 199 -9.97 -19.29 31.44
N GLY B 1 28.21 -5.32 -1.00
CA GLY B 1 27.56 -4.97 0.28
C GLY B 1 26.06 -4.87 0.15
N ALA B 2 25.40 -4.46 1.23
CA ALA B 2 23.95 -4.42 1.27
C ALA B 2 23.43 -3.07 0.79
N MET B 3 23.54 -2.83 -0.51
CA MET B 3 23.05 -1.60 -1.12
C MET B 3 22.18 -1.94 -2.32
N GLY B 4 21.16 -1.15 -2.57
CA GLY B 4 20.28 -1.41 -3.69
C GLY B 4 20.89 -0.95 -4.99
N TYR B 5 20.95 -1.83 -5.98
CA TYR B 5 21.58 -1.51 -7.25
C TYR B 5 20.96 -2.28 -8.41
N VAL B 6 19.72 -2.73 -8.25
CA VAL B 6 19.02 -3.39 -9.35
C VAL B 6 18.89 -2.47 -10.55
N ASN B 7 19.43 -2.91 -11.67
CA ASN B 7 19.38 -2.16 -12.91
C ASN B 7 19.07 -3.10 -14.07
N ASP B 8 19.84 -4.17 -14.16
CA ASP B 8 19.66 -5.17 -15.21
C ASP B 8 18.57 -6.17 -14.83
N ALA B 9 18.47 -6.47 -13.54
CA ALA B 9 17.48 -7.42 -13.06
C ALA B 9 16.07 -6.91 -13.26
N PHE B 10 15.91 -5.60 -13.19
CA PHE B 10 14.60 -4.97 -13.34
C PHE B 10 14.16 -5.00 -14.81
N LYS B 11 15.10 -5.18 -15.71
CA LYS B 11 14.79 -5.27 -17.12
C LYS B 11 14.21 -6.65 -17.43
N ASP B 12 14.83 -7.68 -16.86
CA ASP B 12 14.28 -9.03 -16.91
C ASP B 12 12.88 -9.02 -16.30
N ALA B 13 12.76 -8.27 -15.22
CA ALA B 13 11.49 -8.09 -14.52
C ALA B 13 10.39 -7.68 -15.48
N LEU B 14 10.63 -6.62 -16.26
CA LEU B 14 9.58 -5.99 -17.05
C LEU B 14 9.30 -6.70 -18.36
N GLN B 15 10.24 -7.48 -18.84
CA GLN B 15 9.96 -8.35 -19.97
C GLN B 15 8.90 -9.35 -19.53
N ARG B 16 9.03 -9.79 -18.29
CA ARG B 16 8.03 -10.64 -17.66
C ARG B 16 6.80 -9.82 -17.29
N ALA B 17 7.02 -8.57 -16.90
CA ALA B 17 5.96 -7.68 -16.43
C ALA B 17 4.90 -7.42 -17.49
N ARG B 18 5.28 -7.14 -18.70
CA ARG B 18 4.29 -6.99 -19.72
C ARG B 18 3.83 -8.34 -20.30
N GLN B 19 4.69 -9.36 -20.22
CA GLN B 19 4.24 -10.72 -20.51
C GLN B 19 3.02 -11.06 -19.65
N ILE B 20 3.13 -10.81 -18.34
CA ILE B 20 2.03 -11.07 -17.42
C ILE B 20 0.82 -10.21 -17.78
N ALA B 21 1.08 -8.98 -18.22
CA ALA B 21 0.01 -8.06 -18.61
C ALA B 21 -0.64 -8.46 -19.93
N ALA B 22 0.08 -9.22 -20.74
CA ALA B 22 -0.42 -9.60 -22.05
C ALA B 22 -1.44 -10.72 -21.94
N LYS B 23 -1.13 -11.73 -21.14
CA LYS B 23 -2.01 -12.88 -20.98
C LYS B 23 -3.22 -12.54 -20.12
N ILE B 24 -3.08 -11.52 -19.29
CA ILE B 24 -4.15 -11.12 -18.39
C ILE B 24 -4.11 -9.61 -18.18
N GLY B 25 -5.03 -8.93 -18.86
CA GLY B 25 -5.07 -7.48 -18.80
C GLY B 25 -6.41 -6.94 -19.25
N GLY B 26 -6.39 -5.79 -19.90
CA GLY B 26 -7.63 -5.18 -20.34
C GLY B 26 -7.91 -5.43 -21.81
N ASP B 27 -7.54 -6.61 -22.28
CA ASP B 27 -7.75 -6.99 -23.67
C ASP B 27 -7.61 -8.50 -23.83
N ALA B 28 -8.17 -9.03 -24.92
CA ALA B 28 -8.12 -10.47 -25.19
C ALA B 28 -6.77 -10.88 -25.79
N GLY B 29 -5.94 -9.90 -26.08
CA GLY B 29 -4.60 -10.20 -26.57
C GLY B 29 -4.52 -10.19 -28.08
N THR B 30 -5.19 -9.22 -28.68
CA THR B 30 -5.19 -9.09 -30.13
C THR B 30 -4.84 -7.67 -30.57
N SER B 31 -3.73 -7.17 -30.05
CA SER B 31 -3.23 -5.86 -30.43
C SER B 31 -1.70 -5.84 -30.36
N GLY A 1 -12.04 4.79 14.22
CA GLY A 1 -10.87 4.14 14.85
C GLY A 1 -10.91 2.64 14.70
N ALA A 2 -9.97 2.09 13.94
CA ALA A 2 -9.91 0.64 13.74
C ALA A 2 -9.28 -0.03 14.95
N MET A 3 -10.11 -0.83 15.65
CA MET A 3 -9.67 -1.55 16.85
C MET A 3 -9.18 -0.57 17.91
N ALA A 4 -9.93 0.52 18.07
CA ALA A 4 -9.55 1.59 18.97
C ALA A 4 -9.74 1.19 20.43
N GLN A 5 -10.53 0.14 20.64
CA GLN A 5 -10.81 -0.33 21.99
C GLN A 5 -9.69 -1.23 22.50
N ARG A 6 -8.73 -1.52 21.63
CA ARG A 6 -7.53 -2.25 22.05
C ARG A 6 -6.41 -1.26 22.37
N GLN A 7 -6.09 -0.43 21.39
CA GLN A 7 -4.97 0.48 21.50
C GLN A 7 -5.26 1.76 20.73
N ARG A 8 -5.33 2.87 21.47
CA ARG A 8 -5.62 4.18 20.90
C ARG A 8 -4.60 4.55 19.83
N ALA A 9 -3.36 4.11 20.04
CA ALA A 9 -2.28 4.33 19.08
C ALA A 9 -2.62 3.73 17.73
N LEU A 10 -3.31 2.60 17.74
CA LEU A 10 -3.64 1.90 16.50
C LEU A 10 -4.76 2.64 15.76
N ALA A 11 -5.62 3.31 16.52
CA ALA A 11 -6.71 4.09 15.93
C ALA A 11 -6.14 5.29 15.17
N ILE A 12 -5.00 5.78 15.62
CA ILE A 12 -4.32 6.88 14.94
C ILE A 12 -3.50 6.36 13.77
N MET A 13 -2.87 5.21 13.97
CA MET A 13 -2.01 4.60 12.94
C MET A 13 -2.79 4.19 11.69
N CYS A 14 -4.07 3.91 11.85
CA CYS A 14 -4.90 3.49 10.71
C CYS A 14 -5.59 4.67 10.05
N ARG A 15 -5.38 5.86 10.58
CA ARG A 15 -6.02 7.06 10.05
C ARG A 15 -4.99 8.05 9.55
N VAL A 16 -5.04 8.36 8.26
CA VAL A 16 -4.13 9.33 7.68
C VAL A 16 -4.87 10.59 7.24
N TYR A 17 -4.40 11.72 7.74
CA TYR A 17 -4.94 13.01 7.34
C TYR A 17 -4.46 13.37 5.94
N VAL A 18 -5.37 13.90 5.13
CA VAL A 18 -5.03 14.37 3.79
C VAL A 18 -5.28 15.87 3.69
N GLY A 19 -4.20 16.64 3.58
CA GLY A 19 -4.32 18.08 3.51
C GLY A 19 -3.77 18.63 2.22
N SER A 20 -4.02 19.91 1.97
CA SER A 20 -3.60 20.58 0.74
C SER A 20 -4.30 19.96 -0.46
N ILE A 21 -5.61 19.79 -0.36
CA ILE A 21 -6.40 19.16 -1.41
C ILE A 21 -6.73 20.16 -2.52
N TYR A 22 -5.70 20.52 -3.28
CA TYR A 22 -5.81 21.34 -4.50
C TYR A 22 -6.89 22.42 -4.37
N TYR A 23 -8.09 22.10 -4.84
CA TYR A 23 -9.24 23.00 -4.78
C TYR A 23 -10.46 22.31 -5.37
N GLU A 24 -10.37 21.99 -6.66
CA GLU A 24 -11.45 21.37 -7.39
C GLU A 24 -11.36 19.84 -7.35
N LEU A 25 -11.09 19.30 -6.16
CA LEU A 25 -10.99 17.87 -5.98
C LEU A 25 -12.02 17.38 -4.97
N GLY A 26 -12.81 16.41 -5.39
CA GLY A 26 -13.80 15.84 -4.52
C GLY A 26 -13.30 14.60 -3.81
N GLU A 27 -13.94 14.25 -2.70
CA GLU A 27 -13.53 13.10 -1.89
C GLU A 27 -13.57 11.81 -2.70
N ASP A 28 -14.56 11.71 -3.59
CA ASP A 28 -14.73 10.52 -4.42
C ASP A 28 -13.46 10.19 -5.21
N THR A 29 -12.73 11.24 -5.60
CA THR A 29 -11.51 11.07 -6.38
C THR A 29 -10.36 10.58 -5.50
N ILE A 30 -10.25 11.14 -4.30
CA ILE A 30 -9.18 10.76 -3.38
C ILE A 30 -9.44 9.37 -2.80
N ARG A 31 -10.71 9.12 -2.48
CA ARG A 31 -11.16 7.82 -2.01
C ARG A 31 -10.77 6.71 -2.98
N GLN A 32 -10.91 6.97 -4.28
CA GLN A 32 -10.56 5.99 -5.30
C GLN A 32 -9.05 5.90 -5.48
N ALA A 33 -8.34 6.96 -5.12
CA ALA A 33 -6.89 6.96 -5.21
C ALA A 33 -6.28 6.05 -4.14
N PHE A 34 -6.90 6.04 -2.96
CA PHE A 34 -6.43 5.21 -1.86
C PHE A 34 -7.22 3.90 -1.78
N ALA A 35 -8.10 3.69 -2.73
CA ALA A 35 -8.91 2.46 -2.79
C ALA A 35 -8.03 1.21 -2.96
N PRO A 36 -7.02 1.24 -3.87
CA PRO A 36 -6.09 0.12 -4.03
C PRO A 36 -5.16 -0.08 -2.84
N PHE A 37 -5.23 0.81 -1.85
CA PHE A 37 -4.33 0.72 -0.71
C PHE A 37 -4.84 -0.30 0.31
N GLY A 38 -6.02 -0.05 0.87
CA GLY A 38 -6.60 -0.99 1.80
C GLY A 38 -8.09 -0.74 2.02
N PRO A 39 -8.79 -1.62 2.75
CA PRO A 39 -10.22 -1.46 3.04
C PRO A 39 -10.51 -0.17 3.81
N ILE A 40 -11.46 0.60 3.30
CA ILE A 40 -11.80 1.89 3.89
C ILE A 40 -12.72 1.72 5.09
N LYS A 41 -12.25 2.13 6.25
CA LYS A 41 -13.00 2.03 7.48
C LYS A 41 -13.89 3.26 7.66
N SER A 42 -13.27 4.43 7.59
CA SER A 42 -13.98 5.68 7.78
C SER A 42 -13.38 6.77 6.89
N ILE A 43 -14.19 7.73 6.49
CA ILE A 43 -13.70 8.91 5.81
C ILE A 43 -14.36 10.15 6.39
N ASP A 44 -13.60 10.91 7.15
CA ASP A 44 -14.11 12.14 7.73
C ASP A 44 -13.84 13.31 6.81
N MET A 45 -14.84 13.64 6.01
CA MET A 45 -14.78 14.79 5.13
C MET A 45 -15.95 15.71 5.43
N SER A 46 -15.73 16.69 6.29
CA SER A 46 -16.78 17.63 6.65
C SER A 46 -16.86 18.74 5.61
N TRP A 47 -17.58 18.46 4.54
CA TRP A 47 -17.73 19.40 3.44
C TRP A 47 -19.18 19.51 3.02
N ASP A 48 -19.52 20.58 2.34
CA ASP A 48 -20.87 20.77 1.86
C ASP A 48 -21.02 20.17 0.48
N SER A 49 -21.64 18.99 0.41
CA SER A 49 -21.77 18.25 -0.84
C SER A 49 -22.66 19.00 -1.83
N VAL A 50 -23.53 19.85 -1.31
CA VAL A 50 -24.42 20.65 -2.16
C VAL A 50 -23.62 21.66 -2.97
N THR A 51 -22.56 22.18 -2.39
CA THR A 51 -21.68 23.12 -3.08
C THR A 51 -20.48 22.39 -3.67
N MET A 52 -20.30 21.14 -3.24
CA MET A 52 -19.19 20.28 -3.68
C MET A 52 -17.85 20.95 -3.36
N LYS A 53 -17.82 21.66 -2.24
CA LYS A 53 -16.60 22.33 -1.81
C LYS A 53 -16.28 21.92 -0.38
N HIS A 54 -15.00 21.77 -0.07
CA HIS A 54 -14.61 21.27 1.24
C HIS A 54 -14.10 22.41 2.12
N LYS A 55 -14.86 22.72 3.17
CA LYS A 55 -14.46 23.72 4.14
C LYS A 55 -13.38 23.17 5.06
N GLY A 56 -13.24 21.85 5.05
CA GLY A 56 -12.22 21.20 5.82
C GLY A 56 -11.34 20.33 4.97
N PHE A 57 -10.77 19.30 5.57
CA PHE A 57 -9.89 18.38 4.86
C PHE A 57 -10.30 16.95 5.16
N ALA A 58 -9.65 15.99 4.50
CA ALA A 58 -10.08 14.61 4.53
C ALA A 58 -9.29 13.79 5.52
N PHE A 59 -9.99 12.95 6.27
CA PHE A 59 -9.34 11.95 7.10
C PHE A 59 -9.76 10.57 6.63
N VAL A 60 -8.85 9.87 5.97
CA VAL A 60 -9.16 8.54 5.47
C VAL A 60 -8.59 7.48 6.41
N GLU A 61 -9.48 6.64 6.89
CA GLU A 61 -9.16 5.64 7.89
C GLU A 61 -9.33 4.23 7.31
N TYR A 62 -8.36 3.36 7.58
CA TYR A 62 -8.38 2.00 7.06
C TYR A 62 -8.50 1.01 8.21
N GLU A 63 -8.83 -0.24 7.89
CA GLU A 63 -8.79 -1.30 8.88
C GLU A 63 -7.47 -2.05 8.76
N VAL A 64 -6.56 -1.47 7.98
CA VAL A 64 -5.23 -2.02 7.79
C VAL A 64 -4.17 -0.93 7.99
N PRO A 65 -3.34 -1.08 9.03
CA PRO A 65 -2.24 -0.15 9.30
C PRO A 65 -1.21 -0.14 8.16
N GLU A 66 -1.22 -1.22 7.39
CA GLU A 66 -0.32 -1.38 6.26
C GLU A 66 -0.54 -0.27 5.24
N ALA A 67 -1.74 -0.24 4.66
CA ALA A 67 -2.10 0.80 3.70
C ALA A 67 -1.95 2.19 4.28
N ALA A 68 -2.21 2.32 5.58
CA ALA A 68 -2.17 3.61 6.24
C ALA A 68 -0.75 4.19 6.24
N GLN A 69 0.22 3.41 6.69
CA GLN A 69 1.60 3.89 6.73
C GLN A 69 2.17 4.01 5.33
N LEU A 70 1.76 3.11 4.44
CA LEU A 70 2.18 3.17 3.04
C LEU A 70 1.70 4.49 2.43
N ALA A 71 0.42 4.79 2.63
CA ALA A 71 -0.17 6.03 2.14
C ALA A 71 0.54 7.24 2.73
N LEU A 72 0.86 7.14 4.02
CA LEU A 72 1.57 8.21 4.71
C LEU A 72 2.91 8.51 4.03
N GLU A 73 3.72 7.48 3.89
CA GLU A 73 5.08 7.63 3.38
C GLU A 73 5.11 7.87 1.87
N GLN A 74 4.39 7.04 1.13
CA GLN A 74 4.56 6.97 -0.31
C GLN A 74 3.63 7.91 -1.07
N MET A 75 2.80 8.65 -0.35
CA MET A 75 1.91 9.63 -0.99
C MET A 75 2.25 11.05 -0.55
N ASN A 76 2.70 11.20 0.69
CA ASN A 76 3.08 12.52 1.21
C ASN A 76 4.36 13.01 0.52
N SER A 77 5.17 12.05 0.05
CA SER A 77 6.45 12.37 -0.56
C SER A 77 6.32 12.55 -2.07
N VAL A 78 5.11 12.76 -2.57
CA VAL A 78 4.91 12.96 -4.00
C VAL A 78 3.93 14.12 -4.24
N MET A 79 4.20 14.88 -5.28
CA MET A 79 3.37 16.03 -5.63
C MET A 79 2.16 15.56 -6.43
N LEU A 80 1.02 15.47 -5.74
CA LEU A 80 -0.24 15.01 -6.33
C LEU A 80 -0.63 15.90 -7.51
N GLY A 81 -0.72 17.20 -7.26
CA GLY A 81 -1.12 18.13 -8.31
C GLY A 81 -0.54 19.52 -8.10
N GLY A 82 0.77 19.64 -8.24
CA GLY A 82 1.42 20.93 -8.06
C GLY A 82 1.66 21.26 -6.59
N ARG A 83 0.69 20.92 -5.76
CA ARG A 83 0.79 21.20 -4.34
C ARG A 83 1.27 19.97 -3.59
N ASN A 84 2.19 20.17 -2.67
CA ASN A 84 2.61 19.11 -1.76
C ASN A 84 1.54 18.89 -0.73
N ILE A 85 0.98 17.69 -0.71
CA ILE A 85 -0.09 17.35 0.20
C ILE A 85 0.46 16.91 1.55
N LYS A 86 -0.36 17.04 2.58
CA LYS A 86 0.00 16.57 3.90
C LYS A 86 -0.72 15.27 4.21
N VAL A 87 0.01 14.17 4.28
CA VAL A 87 -0.57 12.88 4.57
C VAL A 87 0.04 12.29 5.84
N GLY A 88 -0.81 11.88 6.76
CA GLY A 88 -0.34 11.22 7.95
C GLY A 88 -0.51 12.05 9.20
N ARG A 89 0.60 12.61 9.70
CA ARG A 89 0.62 13.42 10.93
C ARG A 89 0.29 12.60 12.17
N PRO A 90 1.26 11.83 12.68
CA PRO A 90 1.14 11.11 13.95
C PRO A 90 1.21 12.10 15.12
N SER A 91 0.06 12.49 15.63
CA SER A 91 -0.02 13.52 16.65
C SER A 91 0.40 13.02 18.03
N ASN A 92 0.22 11.73 18.29
CA ASN A 92 0.54 11.18 19.62
C ASN A 92 2.01 10.82 19.72
N ILE A 93 2.84 11.84 19.96
CA ILE A 93 4.26 11.63 20.17
C ILE A 93 4.53 11.33 21.65
N GLY A 94 3.97 10.23 22.13
CA GLY A 94 4.15 9.86 23.52
C GLY A 94 4.01 8.37 23.74
N GLN A 95 2.78 7.90 23.83
CA GLN A 95 2.51 6.50 24.12
C GLN A 95 2.62 5.67 22.85
N ALA A 96 2.21 6.24 21.73
CA ALA A 96 2.23 5.55 20.46
C ALA A 96 3.65 5.39 19.92
N GLN A 97 4.49 6.38 20.21
CA GLN A 97 5.83 6.48 19.64
C GLN A 97 6.62 5.16 19.81
N PRO A 98 6.84 4.67 21.06
CA PRO A 98 7.61 3.44 21.28
C PRO A 98 6.97 2.22 20.62
N ILE A 99 5.64 2.18 20.65
CA ILE A 99 4.89 1.04 20.12
C ILE A 99 5.05 0.95 18.60
N ILE A 100 5.01 2.10 17.94
CA ILE A 100 5.16 2.14 16.48
C ILE A 100 6.51 1.57 16.06
N ASP A 101 7.55 1.93 16.82
CA ASP A 101 8.91 1.47 16.51
C ASP A 101 9.02 -0.03 16.69
N GLN A 102 8.38 -0.55 17.74
CA GLN A 102 8.36 -1.99 18.01
C GLN A 102 7.69 -2.74 16.86
N LEU A 103 6.63 -2.13 16.31
CA LEU A 103 5.89 -2.73 15.21
C LEU A 103 6.75 -2.74 13.94
N ALA A 104 7.44 -1.63 13.69
CA ALA A 104 8.30 -1.52 12.52
C ALA A 104 9.38 -2.60 12.53
N GLU A 105 10.03 -2.77 13.69
CA GLU A 105 11.04 -3.80 13.86
C GLU A 105 10.41 -5.19 13.71
N GLU A 106 9.18 -5.32 14.15
CA GLU A 106 8.47 -6.59 14.05
C GLU A 106 8.22 -6.96 12.59
N ALA A 107 7.69 -6.01 11.83
CA ALA A 107 7.43 -6.21 10.41
C ALA A 107 8.74 -6.49 9.65
N ARG A 108 9.81 -5.82 10.10
CA ARG A 108 11.12 -6.00 9.48
C ARG A 108 11.65 -7.40 9.73
N ALA A 109 11.16 -8.04 10.80
CA ALA A 109 11.57 -9.40 11.14
C ALA A 109 10.88 -10.42 10.24
N PHE A 110 9.68 -10.08 9.77
CA PHE A 110 8.93 -10.97 8.89
C PHE A 110 9.30 -10.71 7.43
N ASN A 111 9.87 -9.52 7.20
CA ASN A 111 10.51 -9.17 5.94
C ASN A 111 9.52 -9.21 4.77
N ARG A 112 8.29 -8.80 5.02
CA ARG A 112 7.29 -8.74 3.97
C ARG A 112 7.15 -7.30 3.47
N ILE A 113 7.06 -7.16 2.16
CA ILE A 113 6.83 -5.88 1.54
C ILE A 113 5.36 -5.76 1.15
N TYR A 114 4.82 -4.56 1.28
CA TYR A 114 3.40 -4.34 1.03
C TYR A 114 3.23 -3.57 -0.26
N VAL A 115 2.72 -4.25 -1.27
CA VAL A 115 2.55 -3.63 -2.58
C VAL A 115 1.09 -3.31 -2.84
N ALA A 116 0.81 -2.03 -3.06
CA ALA A 116 -0.53 -1.56 -3.33
C ALA A 116 -0.58 -0.85 -4.67
N SER A 117 -1.79 -0.41 -5.04
CA SER A 117 -2.01 0.34 -6.28
C SER A 117 -1.80 -0.55 -7.51
N VAL A 118 -1.75 -1.86 -7.29
CA VAL A 118 -1.53 -2.80 -8.38
C VAL A 118 -2.77 -2.89 -9.28
N HIS A 119 -2.55 -2.90 -10.59
CA HIS A 119 -3.64 -2.90 -11.54
C HIS A 119 -4.42 -4.20 -11.46
N GLN A 120 -5.74 -4.07 -11.45
CA GLN A 120 -6.66 -5.21 -11.34
C GLN A 120 -6.48 -6.24 -12.46
N ASP A 121 -5.67 -5.91 -13.46
CA ASP A 121 -5.47 -6.80 -14.60
C ASP A 121 -4.50 -7.92 -14.22
N LEU A 122 -3.50 -7.56 -13.43
CA LEU A 122 -2.41 -8.47 -13.12
C LEU A 122 -2.46 -8.84 -11.63
N SER A 123 -2.44 -10.13 -11.34
CA SER A 123 -2.57 -10.65 -9.98
C SER A 123 -1.20 -11.03 -9.40
N ASP A 124 -1.18 -11.60 -8.20
CA ASP A 124 0.07 -11.98 -7.52
C ASP A 124 0.94 -12.86 -8.41
N ASP A 125 0.31 -13.80 -9.11
CA ASP A 125 1.00 -14.65 -10.07
C ASP A 125 1.73 -13.79 -11.11
N ASP A 126 1.10 -12.69 -11.45
CA ASP A 126 1.63 -11.78 -12.46
C ASP A 126 2.74 -10.91 -11.89
N ILE A 127 2.43 -10.16 -10.84
CA ILE A 127 3.35 -9.18 -10.26
C ILE A 127 4.60 -9.88 -9.71
N LYS A 128 4.50 -11.19 -9.53
CA LYS A 128 5.64 -12.02 -9.15
C LYS A 128 6.80 -11.81 -10.13
N SER A 129 6.45 -11.54 -11.39
CA SER A 129 7.45 -11.30 -12.45
C SER A 129 8.49 -10.31 -12.00
N VAL A 130 8.02 -9.12 -11.72
CA VAL A 130 8.87 -8.00 -11.44
C VAL A 130 9.52 -8.12 -10.06
N PHE A 131 8.78 -8.60 -9.08
CA PHE A 131 9.33 -8.79 -7.74
C PHE A 131 10.46 -9.82 -7.73
N GLU A 132 10.22 -10.98 -8.31
CA GLU A 132 11.19 -12.07 -8.26
C GLU A 132 12.33 -11.85 -9.25
N ALA A 133 12.14 -10.99 -10.24
CA ALA A 133 13.17 -10.73 -11.23
C ALA A 133 14.33 -9.93 -10.62
N PHE A 134 14.04 -9.15 -9.59
CA PHE A 134 15.09 -8.38 -8.92
C PHE A 134 15.82 -9.26 -7.91
N GLY A 135 15.05 -10.06 -7.17
CA GLY A 135 15.63 -10.93 -6.17
C GLY A 135 15.00 -12.31 -6.18
N LYS A 136 14.19 -12.60 -5.17
CA LYS A 136 13.50 -13.88 -5.07
C LYS A 136 12.27 -13.73 -4.18
N ILE A 137 11.32 -14.64 -4.31
CA ILE A 137 10.09 -14.55 -3.53
C ILE A 137 9.87 -15.82 -2.70
N LYS A 138 9.64 -15.62 -1.41
CA LYS A 138 9.39 -16.72 -0.49
C LYS A 138 7.88 -16.98 -0.38
N SER A 139 7.09 -15.94 -0.53
CA SER A 139 5.64 -16.06 -0.50
C SER A 139 5.01 -14.88 -1.25
N CYS A 140 4.26 -15.17 -2.30
CA CYS A 140 3.61 -14.13 -3.09
C CYS A 140 2.10 -14.28 -3.02
N THR A 141 1.41 -13.29 -2.47
CA THR A 141 -0.03 -13.35 -2.34
C THR A 141 -0.67 -11.95 -2.32
N LEU A 142 -1.29 -11.58 -3.44
CA LEU A 142 -2.17 -10.42 -3.45
C LEU A 142 -3.55 -10.88 -3.04
N ALA A 143 -4.06 -10.33 -1.94
CA ALA A 143 -5.35 -10.75 -1.43
C ALA A 143 -6.46 -10.48 -2.43
N ARG A 144 -6.94 -11.53 -3.06
CA ARG A 144 -8.04 -11.39 -4.00
C ARG A 144 -9.36 -11.61 -3.26
N ASP A 145 -10.43 -11.02 -3.78
CA ASP A 145 -11.73 -11.11 -3.15
C ASP A 145 -12.65 -11.96 -4.02
N PRO A 146 -12.77 -13.25 -3.70
CA PRO A 146 -13.56 -14.20 -4.48
C PRO A 146 -15.05 -13.90 -4.43
N THR A 147 -15.45 -13.15 -3.41
CA THR A 147 -16.83 -12.76 -3.23
C THR A 147 -17.22 -11.63 -4.19
N THR A 148 -16.29 -10.73 -4.44
CA THR A 148 -16.53 -9.65 -5.39
C THR A 148 -16.19 -10.10 -6.81
N GLY A 149 -15.20 -10.98 -6.91
CA GLY A 149 -14.81 -11.52 -8.20
C GLY A 149 -13.63 -10.80 -8.80
N LYS A 150 -12.71 -10.37 -7.95
CA LYS A 150 -11.54 -9.61 -8.39
C LYS A 150 -10.49 -9.58 -7.29
N HIS A 151 -9.24 -9.36 -7.66
CA HIS A 151 -8.18 -9.23 -6.67
C HIS A 151 -8.13 -7.79 -6.18
N LYS A 152 -7.96 -7.62 -4.87
CA LYS A 152 -7.82 -6.29 -4.30
C LYS A 152 -6.53 -5.67 -4.78
N GLY A 153 -6.49 -4.35 -4.84
CA GLY A 153 -5.35 -3.66 -5.42
C GLY A 153 -4.12 -3.64 -4.52
N TYR A 154 -4.01 -4.60 -3.61
CA TYR A 154 -2.88 -4.66 -2.70
C TYR A 154 -2.59 -6.10 -2.32
N GLY A 155 -1.39 -6.35 -1.82
CA GLY A 155 -1.03 -7.67 -1.36
C GLY A 155 0.33 -7.67 -0.69
N PHE A 156 0.79 -8.86 -0.33
CA PHE A 156 2.06 -8.99 0.38
C PHE A 156 3.04 -9.84 -0.41
N ILE A 157 4.29 -9.39 -0.46
CA ILE A 157 5.36 -10.16 -1.04
C ILE A 157 6.41 -10.43 0.04
N GLU A 158 6.72 -11.69 0.26
CA GLU A 158 7.67 -12.06 1.29
C GLU A 158 9.00 -12.45 0.67
N TYR A 159 10.06 -11.82 1.14
CA TYR A 159 11.40 -12.09 0.65
C TYR A 159 12.15 -12.97 1.64
N GLU A 160 13.02 -13.82 1.10
CA GLU A 160 13.78 -14.77 1.90
C GLU A 160 14.95 -14.07 2.58
N LYS A 161 15.29 -12.89 2.08
CA LYS A 161 16.35 -12.08 2.63
C LYS A 161 15.92 -10.62 2.70
N ALA A 162 16.43 -9.92 3.69
CA ALA A 162 16.10 -8.51 3.87
C ALA A 162 16.77 -7.67 2.80
N GLN A 163 17.93 -8.11 2.35
CA GLN A 163 18.64 -7.45 1.28
C GLN A 163 17.78 -7.39 0.01
N SER A 164 17.12 -8.50 -0.29
CA SER A 164 16.29 -8.61 -1.48
C SER A 164 15.06 -7.70 -1.36
N SER A 165 14.57 -7.53 -0.14
CA SER A 165 13.36 -6.74 0.11
C SER A 165 13.58 -5.27 -0.23
N GLN A 166 14.63 -4.69 0.33
CA GLN A 166 14.90 -3.26 0.15
C GLN A 166 15.17 -2.93 -1.32
N ASP A 167 15.83 -3.83 -2.02
CA ASP A 167 16.19 -3.62 -3.41
C ASP A 167 14.93 -3.51 -4.28
N ALA A 168 13.87 -4.23 -3.87
CA ALA A 168 12.60 -4.18 -4.58
C ALA A 168 11.89 -2.85 -4.34
N VAL A 169 11.89 -2.39 -3.10
CA VAL A 169 11.15 -1.19 -2.71
C VAL A 169 11.51 0.02 -3.59
N SER A 170 12.80 0.19 -3.85
CA SER A 170 13.28 1.36 -4.58
C SER A 170 12.89 1.32 -6.06
N SER A 171 12.69 0.13 -6.60
CA SER A 171 12.45 -0.02 -8.03
C SER A 171 11.01 -0.42 -8.33
N MET A 172 10.45 -1.27 -7.49
CA MET A 172 9.14 -1.88 -7.74
C MET A 172 8.02 -0.84 -7.71
N ASN A 173 8.22 0.22 -6.96
CA ASN A 173 7.23 1.29 -6.88
C ASN A 173 6.94 1.85 -8.27
N LEU A 174 7.97 1.87 -9.10
CA LEU A 174 7.91 2.43 -10.43
C LEU A 174 7.19 1.52 -11.43
N PHE A 175 6.83 0.31 -11.01
CA PHE A 175 6.19 -0.66 -11.90
C PHE A 175 4.94 -0.05 -12.54
N ASP A 176 5.06 0.35 -13.80
CA ASP A 176 3.97 0.99 -14.52
C ASP A 176 3.14 -0.08 -15.20
N LEU A 177 1.86 -0.09 -14.88
CA LEU A 177 0.94 -1.02 -15.48
C LEU A 177 -0.17 -0.29 -16.20
N GLY A 178 0.08 0.01 -17.47
CA GLY A 178 -0.94 0.64 -18.29
C GLY A 178 -1.16 2.10 -17.96
N GLY A 179 -0.08 2.81 -17.63
CA GLY A 179 -0.18 4.24 -17.42
C GLY A 179 -0.21 4.63 -15.96
N GLN A 180 0.01 3.68 -15.07
CA GLN A 180 0.03 3.96 -13.65
C GLN A 180 1.19 3.24 -12.97
N TYR A 181 1.91 3.98 -12.14
CA TYR A 181 3.00 3.43 -11.37
C TYR A 181 2.48 2.94 -10.03
N LEU A 182 2.92 1.74 -9.64
CA LEU A 182 2.44 1.11 -8.41
C LEU A 182 2.94 1.85 -7.17
N ARG A 183 2.75 1.23 -6.02
CA ARG A 183 3.10 1.86 -4.76
C ARG A 183 3.50 0.80 -3.74
N VAL A 184 4.77 0.77 -3.37
CA VAL A 184 5.23 -0.25 -2.43
C VAL A 184 5.61 0.39 -1.09
N GLY A 185 5.42 -0.37 -0.03
CA GLY A 185 5.76 0.10 1.30
C GLY A 185 6.09 -1.05 2.23
N LYS A 186 6.01 -0.79 3.54
CA LYS A 186 6.34 -1.79 4.54
C LYS A 186 5.10 -2.57 4.97
N ALA A 187 5.31 -3.75 5.55
CA ALA A 187 4.22 -4.53 6.13
C ALA A 187 3.66 -3.85 7.37
N VAL A 188 4.49 -2.97 7.96
CA VAL A 188 4.07 -2.12 9.09
C VAL A 188 3.91 -2.91 10.38
N THR A 189 2.99 -3.86 10.40
CA THR A 189 2.74 -4.65 11.60
C THR A 189 3.12 -6.11 11.37
N PRO A 190 3.13 -6.94 12.43
CA PRO A 190 3.34 -8.38 12.30
C PRO A 190 2.20 -9.04 11.54
N PRO A 191 2.45 -9.47 10.29
CA PRO A 191 1.42 -10.00 9.39
C PRO A 191 0.79 -11.29 9.90
N MET A 192 1.59 -12.07 10.62
CA MET A 192 1.11 -13.32 11.20
C MET A 192 1.95 -13.69 12.42
N PRO A 193 1.64 -13.06 13.57
CA PRO A 193 2.35 -13.36 14.82
C PRO A 193 1.83 -14.62 15.48
N LEU A 194 0.74 -15.15 14.95
CA LEU A 194 0.12 -16.35 15.50
C LEU A 194 0.78 -17.60 14.94
N LEU A 195 2.07 -17.75 15.22
CA LEU A 195 2.82 -18.91 14.78
C LEU A 195 3.00 -19.89 15.93
N THR A 196 2.07 -20.83 16.04
CA THR A 196 2.14 -21.85 17.08
C THR A 196 3.41 -22.71 16.97
N PRO A 197 3.87 -23.10 15.75
CA PRO A 197 5.17 -23.73 15.59
C PRO A 197 6.31 -22.74 15.85
N ALA A 198 6.52 -22.43 17.13
CA ALA A 198 7.53 -21.48 17.54
C ALA A 198 8.92 -21.94 17.15
N THR A 199 9.76 -21.00 16.76
CA THR A 199 11.13 -21.29 16.40
C THR A 199 12.06 -20.97 17.57
N GLY B 1 31.16 0.60 -7.07
CA GLY B 1 30.16 0.67 -8.15
C GLY B 1 29.66 2.09 -8.35
N ALA B 2 28.44 2.22 -8.85
CA ALA B 2 27.84 3.52 -9.09
C ALA B 2 26.32 3.39 -9.17
N MET B 3 25.65 3.76 -8.08
CA MET B 3 24.18 3.70 -8.01
C MET B 3 23.69 2.26 -8.13
N GLY B 4 23.63 1.57 -6.99
CA GLY B 4 23.20 0.20 -6.97
C GLY B 4 21.70 0.06 -7.07
N TYR B 5 21.13 0.62 -8.14
CA TYR B 5 19.71 0.54 -8.36
C TYR B 5 19.38 -0.52 -9.40
N VAL B 6 18.19 -1.06 -9.32
CA VAL B 6 17.74 -2.10 -10.23
C VAL B 6 17.46 -1.53 -11.62
N ASN B 7 18.52 -1.32 -12.39
CA ASN B 7 18.38 -0.94 -13.78
C ASN B 7 18.71 -2.12 -14.68
N ASP B 8 19.22 -3.17 -14.05
CA ASP B 8 19.60 -4.39 -14.76
C ASP B 8 18.53 -5.46 -14.64
N ALA B 9 18.28 -5.89 -13.42
CA ALA B 9 17.29 -6.94 -13.15
C ALA B 9 15.89 -6.47 -13.49
N PHE B 10 15.69 -5.15 -13.49
CA PHE B 10 14.39 -4.56 -13.76
C PHE B 10 14.03 -4.75 -15.23
N LYS B 11 15.03 -5.03 -16.06
CA LYS B 11 14.81 -5.32 -17.46
C LYS B 11 14.10 -6.65 -17.62
N ASP B 12 14.60 -7.65 -16.89
CA ASP B 12 13.98 -8.97 -16.81
C ASP B 12 12.54 -8.81 -16.31
N ALA B 13 12.42 -7.99 -15.28
CA ALA B 13 11.13 -7.66 -14.68
C ALA B 13 10.09 -7.29 -15.72
N LEU B 14 10.42 -6.32 -16.57
CA LEU B 14 9.43 -5.71 -17.45
C LEU B 14 9.15 -6.50 -18.71
N GLN B 15 10.07 -7.39 -19.09
CA GLN B 15 9.76 -8.33 -20.15
C GLN B 15 8.58 -9.17 -19.68
N ARG B 16 8.68 -9.57 -18.43
CA ARG B 16 7.64 -10.33 -17.77
C ARG B 16 6.44 -9.43 -17.44
N ALA B 17 6.71 -8.14 -17.22
CA ALA B 17 5.70 -7.17 -16.79
C ALA B 17 4.57 -6.99 -17.81
N ARG B 18 4.92 -6.80 -19.06
CA ARG B 18 3.89 -6.75 -20.08
C ARG B 18 3.44 -8.15 -20.48
N GLN B 19 4.32 -9.13 -20.35
CA GLN B 19 3.93 -10.53 -20.52
C GLN B 19 2.76 -10.88 -19.60
N ILE B 20 2.84 -10.46 -18.34
CA ILE B 20 1.76 -10.66 -17.37
C ILE B 20 0.55 -9.80 -17.73
N ALA B 21 0.80 -8.61 -18.26
CA ALA B 21 -0.27 -7.73 -18.67
C ALA B 21 -1.00 -8.27 -19.90
N ALA B 22 -0.33 -9.18 -20.61
CA ALA B 22 -0.90 -9.76 -21.82
C ALA B 22 -1.82 -10.93 -21.49
N LYS B 23 -1.36 -11.83 -20.62
CA LYS B 23 -2.13 -13.01 -20.28
C LYS B 23 -3.03 -12.79 -19.06
N ILE B 24 -2.74 -11.70 -18.33
CA ILE B 24 -3.50 -11.23 -17.15
C ILE B 24 -3.70 -12.31 -16.08
N GLY B 25 -4.40 -11.94 -15.01
CA GLY B 25 -4.67 -12.89 -13.94
C GLY B 25 -5.86 -12.47 -13.11
N GLY B 26 -6.61 -13.45 -12.62
CA GLY B 26 -7.79 -13.18 -11.82
C GLY B 26 -7.97 -14.19 -10.71
N ASP B 27 -9.15 -14.20 -10.11
CA ASP B 27 -9.45 -15.14 -9.03
C ASP B 27 -9.98 -16.44 -9.59
N ALA B 28 -9.41 -17.56 -9.13
CA ALA B 28 -9.81 -18.87 -9.60
C ALA B 28 -10.81 -19.53 -8.64
N GLY B 29 -11.62 -18.70 -8.00
CA GLY B 29 -12.60 -19.22 -7.07
C GLY B 29 -13.96 -19.39 -7.71
N THR B 30 -13.96 -19.93 -8.92
CA THR B 30 -15.20 -20.18 -9.66
C THR B 30 -16.01 -21.29 -8.99
N SER B 31 -15.33 -22.40 -8.71
CA SER B 31 -15.95 -23.55 -8.04
C SER B 31 -17.14 -24.07 -8.86
N GLY A 1 1.11 -3.94 30.41
CA GLY A 1 1.68 -3.39 31.65
C GLY A 1 2.46 -2.11 31.40
N ALA A 2 2.05 -1.04 32.08
CA ALA A 2 2.73 0.26 32.02
C ALA A 2 2.54 0.97 30.68
N MET A 3 3.02 0.36 29.60
CA MET A 3 3.01 1.00 28.29
C MET A 3 1.90 0.45 27.40
N ALA A 4 0.76 0.14 28.00
CA ALA A 4 -0.38 -0.34 27.26
C ALA A 4 -1.66 0.37 27.72
N GLN A 5 -2.32 1.03 26.79
CA GLN A 5 -3.54 1.77 27.11
C GLN A 5 -4.40 1.91 25.86
N ARG A 6 -5.11 0.83 25.53
CA ARG A 6 -5.95 0.76 24.33
C ARG A 6 -5.07 0.74 23.07
N GLN A 7 -5.52 0.06 22.04
CA GLN A 7 -4.80 0.01 20.78
C GLN A 7 -5.02 1.32 20.00
N ARG A 8 -4.87 2.42 20.72
CA ARG A 8 -5.09 3.76 20.17
C ARG A 8 -4.13 4.04 19.02
N ALA A 9 -2.90 3.56 19.16
CA ALA A 9 -1.88 3.74 18.15
C ALA A 9 -2.30 3.14 16.81
N LEU A 10 -2.82 1.92 16.85
CA LEU A 10 -3.19 1.22 15.63
C LEU A 10 -4.43 1.84 15.00
N ALA A 11 -5.33 2.33 15.85
CA ALA A 11 -6.57 2.95 15.37
C ALA A 11 -6.26 4.17 14.50
N ILE A 12 -5.41 5.06 15.00
CA ILE A 12 -5.07 6.26 14.25
C ILE A 12 -4.18 5.95 13.07
N MET A 13 -3.29 4.95 13.22
CA MET A 13 -2.40 4.53 12.14
C MET A 13 -3.17 4.06 10.91
N CYS A 14 -4.38 3.57 11.10
CA CYS A 14 -5.18 3.06 10.00
C CYS A 14 -5.93 4.17 9.28
N ARG A 15 -6.03 5.33 9.91
CA ARG A 15 -6.76 6.44 9.33
C ARG A 15 -5.81 7.55 8.90
N VAL A 16 -5.65 7.72 7.61
CA VAL A 16 -4.74 8.72 7.08
C VAL A 16 -5.45 10.04 6.84
N TYR A 17 -4.82 11.11 7.28
CA TYR A 17 -5.35 12.45 7.13
C TYR A 17 -4.84 13.06 5.82
N VAL A 18 -5.77 13.46 4.97
CA VAL A 18 -5.43 14.17 3.74
C VAL A 18 -5.87 15.62 3.88
N GLY A 19 -4.90 16.51 3.98
CA GLY A 19 -5.19 17.91 4.14
C GLY A 19 -4.86 18.71 2.91
N SER A 20 -5.39 19.93 2.84
CA SER A 20 -5.19 20.84 1.71
C SER A 20 -5.99 20.37 0.49
N ILE A 21 -5.73 19.13 0.06
CA ILE A 21 -6.44 18.51 -1.05
C ILE A 21 -6.13 19.22 -2.38
N TYR A 22 -6.81 20.36 -2.59
CA TYR A 22 -6.62 21.19 -3.77
C TYR A 22 -7.64 22.32 -3.72
N TYR A 23 -8.90 21.95 -3.98
CA TYR A 23 -10.02 22.90 -4.02
C TYR A 23 -11.24 22.18 -4.56
N GLU A 24 -11.09 21.68 -5.79
CA GLU A 24 -12.20 21.04 -6.51
C GLU A 24 -12.33 19.57 -6.12
N LEU A 25 -11.24 18.97 -5.65
CA LEU A 25 -11.19 17.54 -5.40
C LEU A 25 -12.10 17.16 -4.23
N GLY A 26 -12.95 16.16 -4.46
CA GLY A 26 -13.91 15.75 -3.46
C GLY A 26 -13.80 14.28 -3.11
N GLU A 27 -14.91 13.71 -2.67
CA GLU A 27 -14.96 12.33 -2.20
C GLU A 27 -14.56 11.35 -3.30
N ASP A 28 -15.24 11.45 -4.43
CA ASP A 28 -15.07 10.51 -5.52
C ASP A 28 -13.65 10.55 -6.06
N THR A 29 -13.08 11.75 -6.05
CA THR A 29 -11.73 11.97 -6.55
C THR A 29 -10.71 11.26 -5.67
N ILE A 30 -10.92 11.33 -4.36
CA ILE A 30 -10.05 10.68 -3.40
C ILE A 30 -10.27 9.16 -3.44
N ARG A 31 -11.54 8.77 -3.59
CA ARG A 31 -11.92 7.37 -3.66
C ARG A 31 -11.13 6.63 -4.75
N GLN A 32 -11.06 7.23 -5.93
CA GLN A 32 -10.41 6.59 -7.07
C GLN A 32 -8.89 6.52 -6.90
N ALA A 33 -8.35 7.47 -6.15
CA ALA A 33 -6.90 7.56 -5.99
C ALA A 33 -6.40 6.60 -4.92
N PHE A 34 -7.12 6.52 -3.82
CA PHE A 34 -6.70 5.71 -2.68
C PHE A 34 -7.35 4.33 -2.69
N ALA A 35 -7.98 3.99 -3.81
CA ALA A 35 -8.66 2.71 -3.96
C ALA A 35 -7.68 1.54 -3.96
N PRO A 36 -6.56 1.61 -4.72
CA PRO A 36 -5.53 0.56 -4.71
C PRO A 36 -4.79 0.50 -3.37
N PHE A 37 -5.08 1.44 -2.48
CA PHE A 37 -4.42 1.47 -1.18
C PHE A 37 -5.31 0.82 -0.12
N GLY A 38 -5.54 -0.47 -0.28
CA GLY A 38 -6.33 -1.20 0.68
C GLY A 38 -7.82 -0.95 0.52
N PRO A 39 -8.66 -1.65 1.30
CA PRO A 39 -10.11 -1.45 1.28
C PRO A 39 -10.51 -0.24 2.11
N ILE A 40 -10.80 0.86 1.43
CA ILE A 40 -11.24 2.08 2.10
C ILE A 40 -12.47 1.80 2.96
N LYS A 41 -12.32 2.05 4.25
CA LYS A 41 -13.34 1.70 5.22
C LYS A 41 -14.33 2.87 5.40
N SER A 42 -13.80 4.07 5.55
CA SER A 42 -14.63 5.24 5.77
C SER A 42 -13.86 6.51 5.40
N ILE A 43 -14.55 7.47 4.79
CA ILE A 43 -13.96 8.75 4.45
C ILE A 43 -14.74 9.89 5.11
N ASP A 44 -14.08 10.61 6.01
CA ASP A 44 -14.70 11.72 6.71
C ASP A 44 -14.15 13.04 6.18
N MET A 45 -14.96 13.74 5.42
CA MET A 45 -14.56 15.01 4.83
C MET A 45 -15.24 16.18 5.53
N SER A 46 -14.60 17.32 5.51
CA SER A 46 -15.20 18.54 6.03
C SER A 46 -15.76 19.38 4.88
N TRP A 47 -17.05 19.26 4.63
CA TRP A 47 -17.70 20.04 3.59
C TRP A 47 -17.95 21.46 4.08
N ASP A 48 -17.26 22.40 3.47
CA ASP A 48 -17.36 23.80 3.84
C ASP A 48 -18.60 24.43 3.24
N SER A 49 -19.56 24.78 4.11
CA SER A 49 -20.85 25.38 3.72
C SER A 49 -21.59 24.52 2.68
N VAL A 50 -22.53 25.12 1.97
CA VAL A 50 -23.30 24.40 0.96
C VAL A 50 -22.58 24.40 -0.39
N THR A 51 -21.69 25.38 -0.56
CA THR A 51 -21.03 25.62 -1.84
C THR A 51 -20.17 24.43 -2.31
N MET A 52 -19.89 23.51 -1.40
CA MET A 52 -19.03 22.35 -1.67
C MET A 52 -17.60 22.79 -1.95
N LYS A 53 -17.27 23.98 -1.46
CA LYS A 53 -15.91 24.48 -1.56
C LYS A 53 -15.04 23.73 -0.58
N HIS A 54 -14.42 22.65 -1.05
CA HIS A 54 -13.69 21.75 -0.18
C HIS A 54 -12.34 22.33 0.22
N LYS A 55 -12.38 23.40 1.00
CA LYS A 55 -11.19 23.93 1.62
C LYS A 55 -11.08 23.39 3.05
N GLY A 56 -10.08 22.57 3.28
CA GLY A 56 -9.93 21.94 4.58
C GLY A 56 -9.21 20.61 4.50
N PHE A 57 -9.90 19.54 4.84
CA PHE A 57 -9.27 18.24 4.95
C PHE A 57 -10.24 17.09 4.68
N ALA A 58 -9.70 15.88 4.67
CA ALA A 58 -10.47 14.65 4.55
C ALA A 58 -9.75 13.50 5.24
N PHE A 59 -10.48 12.67 5.96
CA PHE A 59 -9.90 11.53 6.65
C PHE A 59 -10.25 10.23 5.93
N VAL A 60 -9.24 9.48 5.56
CA VAL A 60 -9.45 8.20 4.90
C VAL A 60 -9.01 7.06 5.82
N GLU A 61 -9.97 6.37 6.41
CA GLU A 61 -9.66 5.27 7.32
C GLU A 61 -9.70 3.95 6.57
N TYR A 62 -8.64 3.17 6.73
CA TYR A 62 -8.59 1.83 6.19
C TYR A 62 -8.82 0.82 7.30
N GLU A 63 -9.07 -0.42 6.93
CA GLU A 63 -9.22 -1.49 7.92
C GLU A 63 -7.92 -2.29 7.99
N VAL A 64 -6.92 -1.79 7.25
CA VAL A 64 -5.59 -2.38 7.24
C VAL A 64 -4.54 -1.27 7.34
N PRO A 65 -3.71 -1.31 8.40
CA PRO A 65 -2.66 -0.31 8.64
C PRO A 65 -1.58 -0.31 7.56
N GLU A 66 -1.46 -1.42 6.85
CA GLU A 66 -0.46 -1.58 5.80
C GLU A 66 -0.69 -0.56 4.68
N ALA A 67 -1.92 -0.53 4.18
CA ALA A 67 -2.30 0.41 3.13
C ALA A 67 -2.12 1.84 3.59
N ALA A 68 -2.38 2.08 4.87
CA ALA A 68 -2.28 3.40 5.44
C ALA A 68 -0.84 3.90 5.44
N GLN A 69 0.10 3.00 5.71
CA GLN A 69 1.51 3.33 5.69
C GLN A 69 1.96 3.70 4.29
N LEU A 70 1.46 2.97 3.29
CA LEU A 70 1.75 3.27 1.90
C LEU A 70 1.13 4.59 1.51
N ALA A 71 -0.05 4.86 2.03
CA ALA A 71 -0.74 6.11 1.79
C ALA A 71 0.09 7.28 2.31
N LEU A 72 0.88 7.02 3.34
CA LEU A 72 1.77 8.02 3.90
C LEU A 72 3.01 8.20 3.02
N GLU A 73 3.80 7.13 2.87
CA GLU A 73 5.09 7.21 2.20
C GLU A 73 4.97 7.42 0.69
N GLN A 74 4.06 6.70 0.04
CA GLN A 74 4.00 6.67 -1.42
C GLN A 74 3.14 7.80 -1.99
N MET A 75 2.25 8.34 -1.18
CA MET A 75 1.30 9.35 -1.68
C MET A 75 1.77 10.77 -1.35
N ASN A 76 2.43 10.94 -0.21
CA ASN A 76 2.88 12.28 0.18
C ASN A 76 4.15 12.67 -0.53
N SER A 77 4.75 11.71 -1.24
CA SER A 77 5.97 11.94 -1.97
C SER A 77 5.67 12.40 -3.41
N VAL A 78 4.38 12.51 -3.74
CA VAL A 78 3.97 12.94 -5.06
C VAL A 78 3.03 14.14 -4.96
N MET A 79 2.77 14.77 -6.10
CA MET A 79 1.88 15.92 -6.15
C MET A 79 0.84 15.73 -7.24
N LEU A 80 -0.37 15.39 -6.85
CA LEU A 80 -1.45 15.17 -7.80
C LEU A 80 -1.92 16.49 -8.40
N GLY A 81 -1.79 16.62 -9.71
CA GLY A 81 -2.25 17.80 -10.40
C GLY A 81 -1.29 18.97 -10.26
N GLY A 82 -1.27 19.56 -9.07
CA GLY A 82 -0.41 20.68 -8.82
C GLY A 82 -0.63 21.25 -7.43
N ARG A 83 -0.84 20.36 -6.48
CA ARG A 83 -1.11 20.74 -5.10
C ARG A 83 -0.39 19.80 -4.16
N ASN A 84 0.21 20.34 -3.09
CA ASN A 84 0.86 19.49 -2.10
C ASN A 84 -0.16 18.92 -1.15
N ILE A 85 -0.49 17.65 -1.36
CA ILE A 85 -1.41 16.96 -0.48
C ILE A 85 -0.73 16.62 0.83
N LYS A 86 -1.40 16.91 1.93
CA LYS A 86 -0.83 16.73 3.25
C LYS A 86 -1.34 15.43 3.87
N VAL A 87 -0.45 14.45 4.00
CA VAL A 87 -0.82 13.15 4.54
C VAL A 87 -0.18 12.93 5.90
N GLY A 88 -0.99 12.56 6.88
CA GLY A 88 -0.47 12.30 8.20
C GLY A 88 -1.57 11.97 9.19
N ARG A 89 -1.41 12.40 10.43
CA ARG A 89 -2.39 12.15 11.47
C ARG A 89 -2.17 13.10 12.65
N PRO A 90 -2.63 14.37 12.52
CA PRO A 90 -2.40 15.41 13.53
C PRO A 90 -3.31 15.27 14.75
N SER A 91 -3.37 14.07 15.30
CA SER A 91 -4.17 13.82 16.50
C SER A 91 -3.32 14.04 17.75
N ASN A 92 -2.21 13.31 17.83
CA ASN A 92 -1.30 13.41 18.97
C ASN A 92 0.14 13.41 18.48
N ILE A 93 0.56 12.30 17.86
CA ILE A 93 1.90 12.17 17.29
C ILE A 93 2.98 12.06 18.38
N GLY A 94 3.94 11.18 18.18
CA GLY A 94 5.06 11.09 19.08
C GLY A 94 4.81 10.18 20.27
N GLN A 95 3.68 10.40 20.95
CA GLN A 95 3.34 9.69 22.17
C GLN A 95 3.36 8.17 21.97
N ALA A 96 2.58 7.69 21.01
CA ALA A 96 2.49 6.27 20.74
C ALA A 96 3.26 5.89 19.47
N GLN A 97 4.08 6.81 19.01
CA GLN A 97 4.85 6.65 17.78
C GLN A 97 5.86 5.49 17.90
N PRO A 98 6.77 5.51 18.91
CA PRO A 98 7.84 4.49 19.05
C PRO A 98 7.32 3.05 19.01
N ILE A 99 6.08 2.84 19.42
CA ILE A 99 5.48 1.53 19.41
C ILE A 99 5.39 0.98 17.99
N ILE A 100 5.17 1.87 17.05
CA ILE A 100 5.03 1.50 15.66
C ILE A 100 6.38 1.07 15.09
N ASP A 101 7.44 1.79 15.47
CA ASP A 101 8.78 1.43 15.04
C ASP A 101 9.16 0.05 15.53
N GLN A 102 8.72 -0.29 16.74
CA GLN A 102 8.97 -1.61 17.30
C GLN A 102 8.25 -2.68 16.48
N LEU A 103 7.06 -2.33 16.01
CA LEU A 103 6.27 -3.24 15.18
C LEU A 103 6.90 -3.37 13.80
N ALA A 104 7.43 -2.27 13.28
CA ALA A 104 8.10 -2.28 11.98
C ALA A 104 9.34 -3.17 12.02
N GLU A 105 10.09 -3.08 13.11
CA GLU A 105 11.26 -3.93 13.30
C GLU A 105 10.83 -5.38 13.50
N GLU A 106 9.67 -5.56 14.15
CA GLU A 106 9.09 -6.88 14.35
C GLU A 106 8.73 -7.51 13.00
N ALA A 107 8.08 -6.72 12.15
CA ALA A 107 7.63 -7.18 10.84
C ALA A 107 8.79 -7.60 9.94
N ARG A 108 9.98 -7.06 10.22
CA ARG A 108 11.17 -7.40 9.44
C ARG A 108 11.50 -8.88 9.58
N ALA A 109 11.12 -9.47 10.70
CA ALA A 109 11.41 -10.86 10.99
C ALA A 109 10.56 -11.79 10.13
N PHE A 110 9.54 -11.24 9.49
CA PHE A 110 8.64 -12.02 8.65
C PHE A 110 9.10 -11.99 7.20
N ASN A 111 9.99 -11.07 6.89
CA ASN A 111 10.61 -10.95 5.56
C ASN A 111 9.58 -10.68 4.46
N ARG A 112 8.39 -10.26 4.84
CA ARG A 112 7.33 -10.01 3.88
C ARG A 112 7.02 -8.54 3.76
N ILE A 113 6.69 -8.09 2.56
CA ILE A 113 6.37 -6.70 2.31
C ILE A 113 4.95 -6.57 1.79
N TYR A 114 4.46 -5.34 1.72
CA TYR A 114 3.09 -5.07 1.30
C TYR A 114 3.10 -4.25 0.01
N VAL A 115 2.59 -4.84 -1.06
CA VAL A 115 2.56 -4.16 -2.34
C VAL A 115 1.13 -3.84 -2.75
N ALA A 116 0.87 -2.56 -2.98
CA ALA A 116 -0.44 -2.09 -3.37
C ALA A 116 -0.37 -1.36 -4.71
N SER A 117 -1.50 -0.78 -5.12
CA SER A 117 -1.58 -0.04 -6.36
C SER A 117 -1.27 -0.94 -7.55
N VAL A 118 -1.60 -2.23 -7.40
CA VAL A 118 -1.37 -3.19 -8.47
C VAL A 118 -2.52 -3.11 -9.47
N HIS A 119 -2.24 -3.43 -10.72
CA HIS A 119 -3.25 -3.37 -11.76
C HIS A 119 -4.22 -4.53 -11.60
N GLN A 120 -5.51 -4.24 -11.76
CA GLN A 120 -6.58 -5.15 -11.38
C GLN A 120 -6.53 -6.49 -12.12
N ASP A 121 -6.09 -6.48 -13.37
CA ASP A 121 -5.88 -7.72 -14.11
C ASP A 121 -4.58 -8.40 -13.69
N LEU A 122 -3.52 -7.59 -13.63
CA LEU A 122 -2.20 -8.06 -13.22
C LEU A 122 -2.26 -8.65 -11.80
N SER A 123 -2.29 -9.96 -11.73
CA SER A 123 -2.49 -10.67 -10.47
C SER A 123 -1.18 -11.21 -9.90
N ASP A 124 -1.27 -11.97 -8.81
CA ASP A 124 -0.10 -12.48 -8.09
C ASP A 124 0.92 -13.15 -9.02
N ASP A 125 0.43 -13.94 -9.97
CA ASP A 125 1.30 -14.61 -10.93
C ASP A 125 2.02 -13.58 -11.82
N ASP A 126 1.36 -12.47 -12.04
CA ASP A 126 1.90 -11.39 -12.87
C ASP A 126 2.91 -10.57 -12.08
N ILE A 127 2.46 -9.97 -10.97
CA ILE A 127 3.28 -9.07 -10.15
C ILE A 127 4.57 -9.76 -9.70
N LYS A 128 4.53 -11.08 -9.64
CA LYS A 128 5.69 -11.90 -9.27
C LYS A 128 6.91 -11.58 -10.14
N SER A 129 6.67 -11.21 -11.40
CA SER A 129 7.74 -10.98 -12.37
C SER A 129 8.79 -10.02 -11.85
N VAL A 130 8.34 -8.83 -11.59
CA VAL A 130 9.20 -7.75 -11.21
C VAL A 130 9.92 -8.03 -9.90
N PHE A 131 9.15 -8.36 -8.87
CA PHE A 131 9.73 -8.61 -7.55
C PHE A 131 10.75 -9.76 -7.59
N GLU A 132 10.51 -10.75 -8.43
CA GLU A 132 11.39 -11.91 -8.52
C GLU A 132 12.66 -11.60 -9.33
N ALA A 133 12.55 -10.76 -10.36
CA ALA A 133 13.69 -10.47 -11.23
C ALA A 133 14.83 -9.84 -10.44
N PHE A 134 14.51 -9.18 -9.34
CA PHE A 134 15.53 -8.66 -8.45
C PHE A 134 15.27 -9.06 -7.00
N GLY A 135 14.84 -10.29 -6.78
CA GLY A 135 14.62 -10.76 -5.43
C GLY A 135 14.19 -12.22 -5.36
N LYS A 136 14.48 -12.87 -4.23
CA LYS A 136 14.07 -14.26 -4.03
C LYS A 136 12.73 -14.31 -3.29
N ILE A 137 11.70 -14.72 -4.00
CA ILE A 137 10.35 -14.76 -3.44
C ILE A 137 10.11 -16.03 -2.62
N LYS A 138 9.61 -15.83 -1.42
CA LYS A 138 9.25 -16.92 -0.53
C LYS A 138 7.80 -17.32 -0.77
N SER A 139 6.97 -16.33 -1.06
CA SER A 139 5.56 -16.55 -1.36
C SER A 139 4.96 -15.27 -1.91
N CYS A 140 4.19 -15.38 -2.99
CA CYS A 140 3.54 -14.23 -3.59
C CYS A 140 2.03 -14.38 -3.46
N THR A 141 1.41 -13.51 -2.67
CA THR A 141 -0.02 -13.60 -2.44
C THR A 141 -0.68 -12.23 -2.49
N LEU A 142 -1.35 -11.94 -3.59
CA LEU A 142 -2.15 -10.74 -3.71
C LEU A 142 -3.51 -10.98 -3.08
N ALA A 143 -3.91 -10.08 -2.20
CA ALA A 143 -5.11 -10.25 -1.39
C ALA A 143 -6.34 -10.42 -2.25
N ARG A 144 -7.20 -11.35 -1.83
CA ARG A 144 -8.40 -11.67 -2.56
C ARG A 144 -9.56 -11.83 -1.62
N ASP A 145 -10.75 -11.52 -2.11
CA ASP A 145 -11.93 -11.58 -1.28
C ASP A 145 -12.45 -13.00 -1.19
N PRO A 146 -12.69 -13.48 0.04
CA PRO A 146 -13.25 -14.81 0.27
C PRO A 146 -14.71 -14.90 -0.17
N THR A 147 -15.33 -13.75 -0.38
CA THR A 147 -16.75 -13.68 -0.72
C THR A 147 -17.00 -14.09 -2.18
N THR A 148 -16.06 -13.79 -3.07
CA THR A 148 -16.21 -14.19 -4.46
C THR A 148 -14.90 -14.78 -5.00
N GLY A 149 -13.79 -14.16 -4.64
CA GLY A 149 -12.49 -14.66 -5.07
C GLY A 149 -11.80 -13.72 -6.03
N LYS A 150 -12.19 -12.45 -6.01
CA LYS A 150 -11.62 -11.46 -6.92
C LYS A 150 -10.27 -11.00 -6.40
N HIS A 151 -9.41 -10.57 -7.32
CA HIS A 151 -8.10 -10.04 -6.95
C HIS A 151 -8.20 -8.56 -6.61
N LYS A 152 -7.73 -8.21 -5.41
CA LYS A 152 -7.75 -6.83 -4.95
C LYS A 152 -6.46 -6.13 -5.37
N GLY A 153 -6.53 -4.81 -5.47
CA GLY A 153 -5.38 -4.01 -5.92
C GLY A 153 -4.27 -3.89 -4.89
N TYR A 154 -4.09 -4.91 -4.06
CA TYR A 154 -3.02 -4.93 -3.07
C TYR A 154 -2.76 -6.37 -2.62
N GLY A 155 -1.61 -6.59 -1.98
CA GLY A 155 -1.29 -7.91 -1.47
C GLY A 155 0.03 -7.93 -0.74
N PHE A 156 0.51 -9.12 -0.44
CA PHE A 156 1.76 -9.29 0.29
C PHE A 156 2.70 -10.23 -0.45
N ILE A 157 3.97 -9.89 -0.45
CA ILE A 157 5.00 -10.76 -1.03
C ILE A 157 6.09 -11.00 0.00
N GLU A 158 6.43 -12.25 0.19
CA GLU A 158 7.41 -12.64 1.19
C GLU A 158 8.73 -12.96 0.52
N TYR A 159 9.82 -12.66 1.21
CA TYR A 159 11.14 -12.94 0.70
C TYR A 159 11.85 -13.93 1.61
N GLU A 160 12.84 -14.59 1.04
CA GLU A 160 13.66 -15.55 1.76
C GLU A 160 14.74 -14.83 2.54
N LYS A 161 14.97 -13.58 2.15
CA LYS A 161 15.95 -12.72 2.77
C LYS A 161 15.36 -11.34 3.00
N ALA A 162 15.67 -10.75 4.14
CA ALA A 162 15.21 -9.40 4.46
C ALA A 162 15.93 -8.39 3.57
N GLN A 163 17.05 -8.81 3.01
CA GLN A 163 17.80 -8.00 2.08
C GLN A 163 17.01 -7.79 0.79
N SER A 164 16.43 -8.86 0.25
CA SER A 164 15.67 -8.76 -0.99
C SER A 164 14.39 -7.96 -0.80
N SER A 165 13.86 -7.95 0.42
CA SER A 165 12.68 -7.16 0.74
C SER A 165 12.93 -5.68 0.52
N GLN A 166 14.05 -5.20 1.07
CA GLN A 166 14.40 -3.79 1.03
C GLN A 166 14.86 -3.39 -0.38
N ASP A 167 15.53 -4.31 -1.06
CA ASP A 167 16.05 -4.05 -2.40
C ASP A 167 14.91 -3.82 -3.39
N ALA A 168 13.91 -4.68 -3.35
CA ALA A 168 12.76 -4.57 -4.24
C ALA A 168 11.89 -3.37 -3.88
N VAL A 169 11.65 -3.20 -2.58
CA VAL A 169 10.72 -2.16 -2.10
C VAL A 169 11.17 -0.75 -2.52
N SER A 170 12.47 -0.58 -2.72
CA SER A 170 13.04 0.71 -3.05
C SER A 170 12.88 1.06 -4.54
N SER A 171 12.64 0.05 -5.37
CA SER A 171 12.57 0.26 -6.81
C SER A 171 11.18 -0.03 -7.39
N MET A 172 10.44 -0.91 -6.72
CA MET A 172 9.18 -1.43 -7.26
C MET A 172 8.06 -0.40 -7.31
N ASN A 173 8.21 0.72 -6.62
CA ASN A 173 7.15 1.71 -6.58
C ASN A 173 7.03 2.47 -7.90
N LEU A 174 8.05 2.36 -8.73
CA LEU A 174 8.03 2.93 -10.07
C LEU A 174 7.28 2.06 -11.09
N PHE A 175 6.91 0.84 -10.71
CA PHE A 175 6.37 -0.16 -11.65
C PHE A 175 5.06 0.33 -12.29
N ASP A 176 5.17 1.07 -13.39
CA ASP A 176 4.01 1.63 -14.05
C ASP A 176 3.25 0.56 -14.81
N LEU A 177 1.97 0.45 -14.51
CA LEU A 177 1.09 -0.50 -15.14
C LEU A 177 -0.10 0.23 -15.76
N GLY A 178 -0.11 0.31 -17.08
CA GLY A 178 -1.15 1.06 -17.76
C GLY A 178 -0.87 2.55 -17.73
N GLY A 179 -1.16 3.17 -16.60
CA GLY A 179 -0.90 4.58 -16.44
C GLY A 179 -0.74 4.98 -14.99
N GLN A 180 -0.38 4.01 -14.15
CA GLN A 180 -0.21 4.26 -12.72
C GLN A 180 1.00 3.50 -12.18
N TYR A 181 1.78 4.14 -11.33
CA TYR A 181 2.89 3.48 -10.67
C TYR A 181 2.38 2.55 -9.58
N LEU A 182 2.76 1.28 -9.68
CA LEU A 182 2.50 0.33 -8.62
C LEU A 182 3.34 0.69 -7.40
N ARG A 183 2.77 0.60 -6.23
CA ARG A 183 3.38 1.17 -5.04
C ARG A 183 3.63 0.09 -4.00
N VAL A 184 4.88 -0.05 -3.58
CA VAL A 184 5.23 -1.08 -2.62
C VAL A 184 5.75 -0.48 -1.31
N GLY A 185 5.49 -1.18 -0.22
CA GLY A 185 6.00 -0.79 1.08
C GLY A 185 6.33 -2.00 1.92
N LYS A 186 6.62 -1.79 3.20
CA LYS A 186 6.96 -2.88 4.09
C LYS A 186 5.70 -3.55 4.62
N ALA A 187 5.86 -4.58 5.44
CA ALA A 187 4.71 -5.23 6.07
C ALA A 187 4.03 -4.30 7.06
N VAL A 188 4.83 -3.38 7.61
CA VAL A 188 4.35 -2.36 8.55
C VAL A 188 4.06 -2.97 9.92
N THR A 189 3.07 -3.85 9.98
CA THR A 189 2.70 -4.51 11.22
C THR A 189 3.12 -5.98 11.17
N PRO A 190 3.28 -6.63 12.33
CA PRO A 190 3.53 -8.07 12.39
C PRO A 190 2.28 -8.87 12.06
N PRO A 191 2.22 -9.46 10.84
CA PRO A 191 1.02 -10.12 10.33
C PRO A 191 0.77 -11.49 10.95
N MET A 192 0.48 -11.48 12.25
CA MET A 192 0.12 -12.70 12.97
C MET A 192 -0.98 -12.39 13.98
N PRO A 193 -2.20 -12.11 13.51
CA PRO A 193 -3.33 -11.74 14.36
C PRO A 193 -3.86 -12.92 15.17
N LEU A 194 -3.88 -12.75 16.48
CA LEU A 194 -4.41 -13.77 17.38
C LEU A 194 -5.93 -13.76 17.36
N LEU A 195 -6.50 -14.14 16.24
CA LEU A 195 -7.95 -14.15 16.07
C LEU A 195 -8.55 -15.40 16.71
N THR A 196 -8.47 -15.48 18.02
CA THR A 196 -8.93 -16.64 18.79
C THR A 196 -8.15 -17.89 18.41
N PRO A 197 -6.91 -18.01 18.92
CA PRO A 197 -6.02 -19.14 18.60
C PRO A 197 -6.30 -20.35 19.47
N ALA A 198 -7.55 -20.52 19.86
CA ALA A 198 -7.95 -21.62 20.72
C ALA A 198 -9.37 -22.07 20.38
N THR A 199 -9.49 -23.16 19.66
CA THR A 199 -10.78 -23.69 19.27
C THR A 199 -11.15 -24.87 20.18
N GLY B 1 26.53 -2.81 -5.03
CA GLY B 1 25.24 -2.88 -5.75
C GLY B 1 24.66 -1.51 -6.01
N ALA B 2 23.50 -1.47 -6.65
CA ALA B 2 22.84 -0.21 -6.98
C ALA B 2 21.92 0.23 -5.86
N MET B 3 22.17 1.42 -5.34
CA MET B 3 21.32 2.00 -4.31
C MET B 3 20.36 3.00 -4.94
N GLY B 4 20.93 3.98 -5.65
CA GLY B 4 20.12 4.99 -6.29
C GLY B 4 19.49 4.49 -7.58
N TYR B 5 18.34 3.83 -7.44
CA TYR B 5 17.56 3.33 -8.57
C TYR B 5 18.29 2.17 -9.26
N VAL B 6 17.80 0.96 -9.01
CA VAL B 6 18.40 -0.24 -9.57
C VAL B 6 18.00 -0.41 -11.04
N ASN B 7 18.57 0.42 -11.91
CA ASN B 7 18.29 0.33 -13.33
C ASN B 7 19.16 -0.75 -13.98
N ASP B 8 18.94 -1.98 -13.55
CA ASP B 8 19.70 -3.13 -14.04
C ASP B 8 18.89 -4.41 -13.92
N ALA B 9 18.59 -4.82 -12.69
CA ALA B 9 17.75 -5.99 -12.46
C ALA B 9 16.27 -5.64 -12.70
N PHE B 10 15.91 -4.40 -12.42
CA PHE B 10 14.56 -3.90 -12.64
C PHE B 10 14.23 -3.87 -14.13
N LYS B 11 15.28 -3.97 -14.95
CA LYS B 11 15.12 -4.00 -16.39
C LYS B 11 14.52 -5.33 -16.83
N ASP B 12 15.12 -6.43 -16.37
CA ASP B 12 14.57 -7.76 -16.63
C ASP B 12 13.17 -7.83 -16.08
N ALA B 13 13.02 -7.25 -14.89
CA ALA B 13 11.76 -7.17 -14.21
C ALA B 13 10.66 -6.63 -15.12
N LEU B 14 10.97 -5.57 -15.87
CA LEU B 14 9.97 -4.89 -16.70
C LEU B 14 9.72 -5.57 -18.02
N GLN B 15 10.68 -6.37 -18.47
CA GLN B 15 10.44 -7.20 -19.63
C GLN B 15 9.34 -8.20 -19.29
N ARG B 16 9.42 -8.72 -18.08
CA ARG B 16 8.39 -9.61 -17.55
C ARG B 16 7.14 -8.80 -17.21
N ALA B 17 7.37 -7.56 -16.79
CA ALA B 17 6.31 -6.65 -16.32
C ALA B 17 5.28 -6.34 -17.39
N ARG B 18 5.70 -6.00 -18.58
CA ARG B 18 4.71 -5.82 -19.62
C ARG B 18 4.27 -7.13 -20.24
N GLN B 19 5.13 -8.14 -20.20
CA GLN B 19 4.71 -9.49 -20.54
C GLN B 19 3.49 -9.91 -19.71
N ILE B 20 3.49 -9.59 -18.42
CA ILE B 20 2.37 -9.90 -17.54
C ILE B 20 1.16 -9.04 -17.89
N ALA B 21 1.40 -7.80 -18.32
CA ALA B 21 0.33 -6.93 -18.78
C ALA B 21 -0.31 -7.48 -20.05
N ALA B 22 0.43 -8.31 -20.77
CA ALA B 22 -0.05 -8.90 -22.00
C ALA B 22 -0.80 -10.21 -21.76
N LYS B 23 -0.47 -10.90 -20.67
CA LYS B 23 -1.10 -12.19 -20.37
C LYS B 23 -2.32 -12.04 -19.46
N ILE B 24 -2.14 -11.37 -18.31
CA ILE B 24 -3.20 -11.28 -17.30
C ILE B 24 -3.49 -12.67 -16.71
N GLY B 25 -2.77 -13.00 -15.65
CA GLY B 25 -2.91 -14.31 -15.04
C GLY B 25 -3.93 -14.35 -13.93
N GLY B 26 -4.88 -13.42 -13.98
CA GLY B 26 -5.92 -13.37 -12.97
C GLY B 26 -6.85 -14.56 -13.07
N ASP B 27 -7.48 -14.71 -14.22
CA ASP B 27 -8.38 -15.83 -14.47
C ASP B 27 -8.63 -15.95 -15.97
N ALA B 28 -9.26 -14.93 -16.53
CA ALA B 28 -9.46 -14.85 -17.96
C ALA B 28 -8.24 -14.21 -18.61
N GLY B 29 -7.76 -14.81 -19.69
CA GLY B 29 -6.58 -14.29 -20.37
C GLY B 29 -6.93 -13.18 -21.33
N THR B 30 -5.96 -12.30 -21.58
CA THR B 30 -6.15 -11.17 -22.49
C THR B 30 -6.72 -11.61 -23.83
N SER B 31 -7.94 -11.20 -24.09
CA SER B 31 -8.59 -11.46 -25.36
C SER B 31 -9.19 -10.16 -25.90
N GLY A 1 -5.30 -12.45 32.43
CA GLY A 1 -6.13 -11.40 31.81
C GLY A 1 -5.31 -10.29 31.20
N ALA A 2 -4.96 -10.43 29.92
CA ALA A 2 -4.20 -9.42 29.21
C ALA A 2 -5.12 -8.36 28.62
N MET A 3 -4.90 -7.11 28.97
CA MET A 3 -5.76 -6.02 28.52
C MET A 3 -5.38 -5.57 27.12
N ALA A 4 -5.79 -6.35 26.14
CA ALA A 4 -5.53 -6.03 24.74
C ALA A 4 -6.84 -6.01 23.96
N GLN A 5 -7.82 -5.30 24.52
CA GLN A 5 -9.14 -5.21 23.92
C GLN A 5 -9.06 -4.39 22.63
N ARG A 6 -8.38 -3.25 22.70
CA ARG A 6 -8.13 -2.42 21.53
C ARG A 6 -6.97 -1.48 21.79
N GLN A 7 -6.04 -1.41 20.86
CA GLN A 7 -4.88 -0.55 20.99
C GLN A 7 -5.10 0.74 20.22
N ARG A 8 -4.91 1.86 20.89
CA ARG A 8 -5.18 3.18 20.30
C ARG A 8 -4.29 3.43 19.08
N ALA A 9 -3.09 2.86 19.11
CA ALA A 9 -2.14 3.03 18.02
C ALA A 9 -2.70 2.47 16.72
N LEU A 10 -3.12 1.21 16.75
CA LEU A 10 -3.64 0.55 15.57
C LEU A 10 -4.92 1.23 15.08
N ALA A 11 -5.66 1.81 16.01
CA ALA A 11 -6.92 2.49 15.69
C ALA A 11 -6.66 3.75 14.88
N ILE A 12 -5.67 4.54 15.28
CA ILE A 12 -5.38 5.81 14.60
C ILE A 12 -4.52 5.60 13.35
N MET A 13 -3.60 4.64 13.43
CA MET A 13 -2.67 4.39 12.31
C MET A 13 -3.39 3.99 11.03
N CYS A 14 -4.59 3.42 11.15
CA CYS A 14 -5.33 2.97 9.99
C CYS A 14 -6.11 4.11 9.32
N ARG A 15 -6.00 5.31 9.89
CA ARG A 15 -6.72 6.47 9.35
C ARG A 15 -5.76 7.59 8.99
N VAL A 16 -5.72 7.95 7.72
CA VAL A 16 -4.85 9.02 7.26
C VAL A 16 -5.57 10.35 7.27
N TYR A 17 -4.81 11.42 7.15
CA TYR A 17 -5.33 12.77 7.29
C TYR A 17 -5.12 13.55 6.00
N VAL A 18 -6.23 13.92 5.35
CA VAL A 18 -6.17 14.66 4.09
C VAL A 18 -6.53 16.12 4.30
N GLY A 19 -5.55 16.99 4.15
CA GLY A 19 -5.78 18.41 4.27
C GLY A 19 -5.36 19.14 3.00
N SER A 20 -5.72 20.42 2.91
CA SER A 20 -5.42 21.23 1.73
C SER A 20 -6.08 20.63 0.50
N ILE A 21 -7.35 20.30 0.63
CA ILE A 21 -8.09 19.64 -0.44
C ILE A 21 -8.46 20.62 -1.53
N TYR A 22 -8.04 20.33 -2.76
CA TYR A 22 -8.38 21.16 -3.90
C TYR A 22 -9.89 21.16 -4.13
N TYR A 23 -10.40 22.34 -4.48
CA TYR A 23 -11.84 22.60 -4.59
C TYR A 23 -12.57 21.59 -5.47
N GLU A 24 -11.90 21.06 -6.48
CA GLU A 24 -12.53 20.14 -7.42
C GLU A 24 -12.27 18.68 -7.06
N LEU A 25 -11.66 18.44 -5.91
CA LEU A 25 -11.43 17.09 -5.43
C LEU A 25 -12.47 16.74 -4.36
N GLY A 26 -13.24 15.69 -4.62
CA GLY A 26 -14.29 15.31 -3.70
C GLY A 26 -14.07 13.96 -3.08
N GLU A 27 -15.12 13.41 -2.46
CA GLU A 27 -15.05 12.14 -1.75
C GLU A 27 -14.61 11.02 -2.70
N ASP A 28 -15.29 10.91 -3.83
CA ASP A 28 -15.00 9.85 -4.79
C ASP A 28 -13.63 10.04 -5.43
N THR A 29 -13.20 11.28 -5.54
CA THR A 29 -11.89 11.60 -6.09
C THR A 29 -10.79 11.03 -5.19
N ILE A 30 -10.88 11.33 -3.90
CA ILE A 30 -9.94 10.84 -2.91
C ILE A 30 -10.09 9.33 -2.75
N ARG A 31 -11.33 8.88 -2.76
CA ARG A 31 -11.69 7.47 -2.64
C ARG A 31 -10.92 6.62 -3.66
N GLN A 32 -10.98 7.01 -4.91
CA GLN A 32 -10.36 6.26 -5.99
C GLN A 32 -8.84 6.46 -6.03
N ALA A 33 -8.38 7.59 -5.49
CA ALA A 33 -6.96 7.91 -5.51
C ALA A 33 -6.19 7.01 -4.55
N PHE A 34 -6.80 6.70 -3.42
CA PHE A 34 -6.16 5.87 -2.42
C PHE A 34 -6.67 4.43 -2.49
N ALA A 35 -7.37 4.13 -3.57
CA ALA A 35 -7.91 2.80 -3.80
C ALA A 35 -6.80 1.79 -4.10
N PRO A 36 -5.78 2.18 -4.93
CA PRO A 36 -4.61 1.33 -5.17
C PRO A 36 -3.77 1.12 -3.90
N PHE A 37 -4.15 1.77 -2.82
CA PHE A 37 -3.43 1.61 -1.56
C PHE A 37 -4.08 0.53 -0.72
N GLY A 38 -5.28 0.80 -0.24
CA GLY A 38 -6.05 -0.19 0.49
C GLY A 38 -7.52 0.11 0.42
N PRO A 39 -8.39 -0.82 0.85
CA PRO A 39 -9.84 -0.64 0.79
C PRO A 39 -10.31 0.42 1.78
N ILE A 40 -10.96 1.44 1.26
CA ILE A 40 -11.49 2.51 2.09
C ILE A 40 -12.81 2.08 2.71
N LYS A 41 -12.90 2.12 4.03
CA LYS A 41 -14.11 1.73 4.72
C LYS A 41 -14.93 2.96 5.15
N SER A 42 -14.25 4.04 5.55
CA SER A 42 -14.94 5.25 5.95
C SER A 42 -14.14 6.49 5.57
N ILE A 43 -14.83 7.50 5.05
CA ILE A 43 -14.23 8.80 4.79
C ILE A 43 -15.07 9.90 5.45
N ASP A 44 -14.48 10.59 6.40
CA ASP A 44 -15.14 11.68 7.09
C ASP A 44 -14.63 13.02 6.57
N MET A 45 -15.50 13.79 5.92
CA MET A 45 -15.13 15.10 5.41
C MET A 45 -15.89 16.19 6.14
N SER A 46 -15.19 16.94 6.98
CA SER A 46 -15.80 18.01 7.74
C SER A 46 -15.64 19.35 7.01
N TRP A 47 -16.21 19.42 5.81
CA TRP A 47 -16.14 20.61 4.99
C TRP A 47 -17.53 21.21 4.83
N ASP A 48 -17.59 22.48 4.48
CA ASP A 48 -18.86 23.17 4.32
C ASP A 48 -19.54 22.72 3.04
N SER A 49 -20.31 21.65 3.11
CA SER A 49 -21.02 21.13 1.96
C SER A 49 -22.09 22.12 1.49
N VAL A 50 -22.71 22.79 2.45
CA VAL A 50 -23.79 23.73 2.18
C VAL A 50 -23.33 24.92 1.33
N THR A 51 -22.04 25.22 1.37
CA THR A 51 -21.49 26.33 0.60
C THR A 51 -20.42 25.80 -0.37
N MET A 52 -20.22 24.49 -0.34
CA MET A 52 -19.19 23.82 -1.13
C MET A 52 -17.80 24.37 -0.84
N LYS A 53 -17.57 24.73 0.41
CA LYS A 53 -16.29 25.29 0.82
C LYS A 53 -15.41 24.20 1.42
N HIS A 54 -14.20 24.07 0.90
CA HIS A 54 -13.25 23.07 1.38
C HIS A 54 -12.50 23.60 2.59
N LYS A 55 -13.27 24.15 3.53
CA LYS A 55 -12.72 24.76 4.73
C LYS A 55 -12.14 23.71 5.66
N GLY A 56 -12.77 22.53 5.66
CA GLY A 56 -12.34 21.47 6.55
C GLY A 56 -11.40 20.49 5.89
N PHE A 57 -11.37 19.27 6.41
CA PHE A 57 -10.44 18.25 5.97
C PHE A 57 -11.11 16.89 5.92
N ALA A 58 -10.40 15.89 5.41
CA ALA A 58 -10.98 14.56 5.23
C ALA A 58 -10.17 13.49 5.94
N PHE A 59 -10.86 12.56 6.57
CA PHE A 59 -10.24 11.41 7.21
C PHE A 59 -10.52 10.16 6.39
N VAL A 60 -9.46 9.46 6.00
CA VAL A 60 -9.61 8.25 5.22
C VAL A 60 -9.02 7.06 5.97
N GLU A 61 -9.87 6.12 6.36
CA GLU A 61 -9.42 4.94 7.07
C GLU A 61 -9.46 3.73 6.16
N TYR A 62 -8.40 2.92 6.21
CA TYR A 62 -8.27 1.76 5.35
C TYR A 62 -8.54 0.48 6.11
N GLU A 63 -8.60 -0.61 5.36
CA GLU A 63 -8.76 -1.94 5.92
C GLU A 63 -7.46 -2.41 6.57
N VAL A 64 -6.34 -1.94 6.03
CA VAL A 64 -5.01 -2.32 6.52
C VAL A 64 -4.16 -1.07 6.78
N PRO A 65 -3.39 -1.08 7.89
CA PRO A 65 -2.52 0.04 8.26
C PRO A 65 -1.36 0.23 7.31
N GLU A 66 -1.04 -0.82 6.57
CA GLU A 66 0.02 -0.75 5.55
C GLU A 66 -0.26 0.37 4.55
N ALA A 67 -1.45 0.33 3.94
CA ALA A 67 -1.85 1.35 2.99
C ALA A 67 -1.86 2.74 3.62
N ALA A 68 -2.17 2.78 4.91
CA ALA A 68 -2.24 4.04 5.62
C ALA A 68 -0.86 4.68 5.78
N GLN A 69 0.10 3.92 6.29
CA GLN A 69 1.47 4.40 6.43
C GLN A 69 2.10 4.61 5.06
N LEU A 70 1.75 3.73 4.13
CA LEU A 70 2.22 3.82 2.76
C LEU A 70 1.77 5.14 2.14
N ALA A 71 0.50 5.47 2.36
CA ALA A 71 -0.06 6.72 1.85
C ALA A 71 0.69 7.92 2.42
N LEU A 72 1.04 7.81 3.69
CA LEU A 72 1.78 8.88 4.38
C LEU A 72 3.16 9.08 3.74
N GLU A 73 3.80 7.98 3.37
CA GLU A 73 5.13 8.02 2.79
C GLU A 73 5.10 8.36 1.30
N GLN A 74 4.23 7.68 0.56
CA GLN A 74 4.25 7.76 -0.89
C GLN A 74 3.41 8.91 -1.44
N MET A 75 2.20 9.10 -0.92
CA MET A 75 1.32 10.15 -1.44
C MET A 75 1.85 11.54 -1.10
N ASN A 76 2.62 11.62 -0.02
CA ASN A 76 3.26 12.87 0.36
C ASN A 76 4.37 13.21 -0.63
N SER A 77 4.88 12.19 -1.30
CA SER A 77 5.98 12.35 -2.24
C SER A 77 5.48 12.84 -3.60
N VAL A 78 4.23 12.51 -3.92
CA VAL A 78 3.64 12.88 -5.20
C VAL A 78 2.30 13.57 -5.01
N MET A 79 2.26 14.86 -5.29
CA MET A 79 1.04 15.65 -5.13
C MET A 79 -0.07 15.12 -6.02
N LEU A 80 -1.20 14.79 -5.39
CA LEU A 80 -2.34 14.21 -6.09
C LEU A 80 -2.86 15.17 -7.15
N GLY A 81 -2.57 14.84 -8.41
CA GLY A 81 -2.99 15.67 -9.52
C GLY A 81 -2.14 16.93 -9.64
N GLY A 82 -2.58 17.98 -8.96
CA GLY A 82 -1.86 19.24 -8.99
C GLY A 82 -2.16 20.09 -7.79
N ARG A 83 -2.20 19.45 -6.63
CA ARG A 83 -2.53 20.14 -5.40
C ARG A 83 -1.55 19.74 -4.30
N ASN A 84 -0.93 20.74 -3.68
CA ASN A 84 -0.05 20.52 -2.55
C ASN A 84 -0.88 20.15 -1.32
N ILE A 85 -1.19 18.87 -1.21
CA ILE A 85 -2.04 18.37 -0.15
C ILE A 85 -1.26 18.14 1.13
N LYS A 86 -1.96 18.16 2.25
CA LYS A 86 -1.34 17.93 3.54
C LYS A 86 -1.71 16.55 4.04
N VAL A 87 -0.73 15.65 4.06
CA VAL A 87 -0.95 14.29 4.51
C VAL A 87 -0.14 14.01 5.77
N GLY A 88 -0.83 13.88 6.89
CA GLY A 88 -0.15 13.56 8.13
C GLY A 88 -0.63 14.40 9.29
N ARG A 89 0.27 15.22 9.83
CA ARG A 89 0.00 16.00 11.04
C ARG A 89 -0.40 15.08 12.20
N PRO A 90 0.57 14.27 12.68
CA PRO A 90 0.34 13.28 13.73
C PRO A 90 0.33 13.90 15.13
N SER A 91 -0.61 14.79 15.35
CA SER A 91 -0.75 15.54 16.60
C SER A 91 -0.72 14.63 17.83
N ASN A 92 -1.42 13.51 17.77
CA ASN A 92 -1.50 12.59 18.90
C ASN A 92 -0.90 11.24 18.57
N ILE A 93 -0.18 11.17 17.45
CA ILE A 93 0.41 9.91 17.02
C ILE A 93 1.88 9.83 17.42
N GLY A 94 2.50 11.00 17.59
CA GLY A 94 3.92 11.05 17.94
C GLY A 94 4.21 10.42 19.29
N GLN A 95 3.27 10.52 20.21
CA GLN A 95 3.45 9.94 21.55
C GLN A 95 3.18 8.44 21.53
N ALA A 96 2.74 7.93 20.38
CA ALA A 96 2.48 6.51 20.23
C ALA A 96 3.63 5.83 19.49
N GLN A 97 4.70 6.60 19.28
CA GLN A 97 5.89 6.11 18.57
C GLN A 97 6.46 4.82 19.18
N PRO A 98 6.58 4.71 20.53
CA PRO A 98 7.09 3.48 21.16
C PRO A 98 6.36 2.22 20.69
N ILE A 99 5.08 2.36 20.38
CA ILE A 99 4.30 1.25 19.87
C ILE A 99 4.62 1.00 18.40
N ILE A 100 4.71 2.08 17.65
CA ILE A 100 5.05 2.02 16.23
C ILE A 100 6.43 1.38 16.04
N ASP A 101 7.36 1.72 16.94
CA ASP A 101 8.70 1.15 16.90
C ASP A 101 8.65 -0.37 16.92
N GLN A 102 7.91 -0.92 17.88
CA GLN A 102 7.83 -2.37 18.04
C GLN A 102 7.20 -3.04 16.82
N LEU A 103 6.28 -2.34 16.17
CA LEU A 103 5.66 -2.85 14.95
C LEU A 103 6.70 -2.96 13.84
N ALA A 104 7.45 -1.87 13.63
CA ALA A 104 8.50 -1.85 12.62
C ALA A 104 9.58 -2.87 12.94
N GLU A 105 9.93 -2.97 14.21
CA GLU A 105 10.95 -3.92 14.67
C GLU A 105 10.50 -5.36 14.43
N GLU A 106 9.19 -5.59 14.48
CA GLU A 106 8.62 -6.90 14.19
C GLU A 106 8.78 -7.22 12.71
N ALA A 107 8.44 -6.23 11.88
CA ALA A 107 8.52 -6.37 10.43
C ALA A 107 9.95 -6.66 9.98
N ARG A 108 10.91 -6.07 10.68
CA ARG A 108 12.34 -6.24 10.35
C ARG A 108 12.78 -7.69 10.51
N ALA A 109 12.05 -8.45 11.29
CA ALA A 109 12.38 -9.85 11.52
C ALA A 109 11.92 -10.72 10.38
N PHE A 110 10.86 -10.31 9.70
CA PHE A 110 10.26 -11.12 8.64
C PHE A 110 10.64 -10.58 7.26
N ASN A 111 11.07 -9.31 7.23
CA ASN A 111 11.49 -8.63 6.00
C ASN A 111 10.39 -8.65 4.96
N ARG A 112 9.15 -8.49 5.41
CA ARG A 112 8.00 -8.56 4.53
C ARG A 112 7.73 -7.22 3.87
N ILE A 113 7.35 -7.28 2.60
CA ILE A 113 7.20 -6.10 1.77
C ILE A 113 5.74 -5.93 1.36
N TYR A 114 5.33 -4.69 1.15
CA TYR A 114 3.95 -4.38 0.81
C TYR A 114 3.84 -3.93 -0.63
N VAL A 115 2.86 -4.45 -1.35
CA VAL A 115 2.67 -4.13 -2.75
C VAL A 115 1.39 -3.34 -2.95
N ALA A 116 1.49 -2.14 -3.49
CA ALA A 116 0.32 -1.33 -3.77
C ALA A 116 0.28 -0.92 -5.24
N SER A 117 -0.88 -0.40 -5.65
CA SER A 117 -1.07 0.18 -6.98
C SER A 117 -0.91 -0.87 -8.08
N VAL A 118 -1.19 -2.13 -7.76
CA VAL A 118 -1.10 -3.19 -8.75
C VAL A 118 -2.28 -3.10 -9.71
N HIS A 119 -2.02 -3.40 -10.97
CA HIS A 119 -3.07 -3.33 -11.98
C HIS A 119 -4.06 -4.47 -11.72
N GLN A 120 -5.34 -4.15 -11.79
CA GLN A 120 -6.39 -5.03 -11.28
C GLN A 120 -6.48 -6.36 -12.04
N ASP A 121 -6.03 -6.38 -13.29
CA ASP A 121 -5.95 -7.65 -14.02
C ASP A 121 -4.71 -8.44 -13.62
N LEU A 122 -3.57 -7.75 -13.57
CA LEU A 122 -2.30 -8.32 -13.16
C LEU A 122 -2.40 -8.89 -11.75
N SER A 123 -2.41 -10.21 -11.65
CA SER A 123 -2.68 -10.88 -10.38
C SER A 123 -1.40 -11.19 -9.61
N ASP A 124 -1.55 -11.85 -8.45
CA ASP A 124 -0.40 -12.27 -7.64
C ASP A 124 0.59 -13.10 -8.46
N ASP A 125 0.05 -13.91 -9.36
CA ASP A 125 0.87 -14.74 -10.25
C ASP A 125 1.72 -13.87 -11.15
N ASP A 126 1.15 -12.72 -11.53
CA ASP A 126 1.81 -11.79 -12.42
C ASP A 126 2.86 -10.99 -11.66
N ILE A 127 2.44 -10.33 -10.59
CA ILE A 127 3.30 -9.43 -9.81
C ILE A 127 4.58 -10.13 -9.32
N LYS A 128 4.49 -11.45 -9.15
CA LYS A 128 5.63 -12.27 -8.73
C LYS A 128 6.83 -12.06 -9.67
N SER A 129 6.56 -11.80 -10.95
CA SER A 129 7.60 -11.64 -11.97
C SER A 129 8.71 -10.72 -11.51
N VAL A 130 8.32 -9.50 -11.24
CA VAL A 130 9.27 -8.45 -10.95
C VAL A 130 9.94 -8.68 -9.61
N PHE A 131 9.16 -8.90 -8.56
CA PHE A 131 9.70 -9.07 -7.23
C PHE A 131 10.72 -10.20 -7.18
N GLU A 132 10.41 -11.30 -7.82
CA GLU A 132 11.30 -12.46 -7.80
C GLU A 132 12.47 -12.30 -8.79
N ALA A 133 12.38 -11.32 -9.69
CA ALA A 133 13.47 -11.11 -10.64
C ALA A 133 14.65 -10.42 -9.96
N PHE A 134 14.37 -9.52 -9.03
CA PHE A 134 15.43 -8.91 -8.23
C PHE A 134 15.42 -9.45 -6.81
N GLY A 135 14.82 -10.62 -6.62
CA GLY A 135 14.76 -11.22 -5.30
C GLY A 135 14.25 -12.64 -5.30
N LYS A 136 13.67 -13.04 -4.18
CA LYS A 136 13.06 -14.36 -4.06
C LYS A 136 11.87 -14.29 -3.10
N ILE A 137 10.73 -14.77 -3.57
CA ILE A 137 9.50 -14.67 -2.81
C ILE A 137 9.16 -16.00 -2.14
N LYS A 138 8.94 -15.94 -0.83
CA LYS A 138 8.51 -17.12 -0.09
C LYS A 138 6.99 -17.14 0.07
N SER A 139 6.38 -15.97 -0.04
CA SER A 139 4.94 -15.85 0.11
C SER A 139 4.43 -14.68 -0.73
N CYS A 140 3.72 -15.00 -1.82
CA CYS A 140 3.16 -13.97 -2.69
C CYS A 140 1.64 -14.05 -2.67
N THR A 141 1.01 -13.04 -2.09
CA THR A 141 -0.44 -13.04 -1.97
C THR A 141 -1.04 -11.65 -2.16
N LEU A 142 -1.65 -11.43 -3.32
CA LEU A 142 -2.46 -10.24 -3.52
C LEU A 142 -3.85 -10.50 -2.97
N ALA A 143 -4.25 -9.74 -1.97
CA ALA A 143 -5.52 -9.97 -1.30
C ALA A 143 -6.68 -9.71 -2.24
N ARG A 144 -7.58 -10.67 -2.34
CA ARG A 144 -8.73 -10.55 -3.21
C ARG A 144 -9.99 -10.44 -2.36
N ASP A 145 -11.02 -9.81 -2.92
CA ASP A 145 -12.22 -9.53 -2.17
C ASP A 145 -13.18 -10.72 -2.23
N PRO A 146 -13.67 -11.17 -1.06
CA PRO A 146 -14.58 -12.30 -0.97
C PRO A 146 -15.95 -11.99 -1.56
N THR A 147 -16.25 -10.72 -1.73
CA THR A 147 -17.51 -10.28 -2.25
C THR A 147 -17.62 -10.53 -3.76
N THR A 148 -16.70 -9.95 -4.52
CA THR A 148 -16.73 -10.07 -5.97
C THR A 148 -15.88 -11.23 -6.45
N GLY A 149 -14.71 -11.39 -5.84
CA GLY A 149 -13.79 -12.45 -6.23
C GLY A 149 -12.62 -11.91 -7.03
N LYS A 150 -12.43 -10.60 -6.96
CA LYS A 150 -11.36 -9.95 -7.69
C LYS A 150 -10.29 -9.48 -6.70
N HIS A 151 -9.04 -9.46 -7.14
CA HIS A 151 -7.96 -9.09 -6.25
C HIS A 151 -7.91 -7.57 -6.09
N LYS A 152 -7.74 -7.14 -4.86
CA LYS A 152 -7.61 -5.73 -4.54
C LYS A 152 -6.30 -5.20 -5.09
N GLY A 153 -6.23 -3.89 -5.30
CA GLY A 153 -5.06 -3.27 -5.89
C GLY A 153 -3.84 -3.22 -4.97
N TYR A 154 -3.71 -4.20 -4.08
CA TYR A 154 -2.57 -4.30 -3.19
C TYR A 154 -2.37 -5.76 -2.79
N GLY A 155 -1.28 -6.03 -2.07
CA GLY A 155 -1.01 -7.37 -1.63
C GLY A 155 0.20 -7.45 -0.72
N PHE A 156 0.47 -8.63 -0.20
CA PHE A 156 1.58 -8.84 0.72
C PHE A 156 2.54 -9.89 0.15
N ILE A 157 3.83 -9.57 0.21
CA ILE A 157 4.87 -10.48 -0.26
C ILE A 157 5.95 -10.63 0.81
N GLU A 158 6.38 -11.86 1.04
CA GLU A 158 7.42 -12.12 2.02
C GLU A 158 8.74 -12.48 1.33
N TYR A 159 9.78 -11.75 1.69
CA TYR A 159 11.13 -12.02 1.22
C TYR A 159 11.90 -12.82 2.26
N GLU A 160 12.72 -13.74 1.78
CA GLU A 160 13.59 -14.50 2.65
C GLU A 160 14.92 -13.79 2.83
N LYS A 161 15.26 -12.93 1.87
CA LYS A 161 16.54 -12.23 1.87
C LYS A 161 16.33 -10.74 2.00
N ALA A 162 17.02 -10.12 2.93
CA ALA A 162 16.93 -8.69 3.15
C ALA A 162 17.61 -7.94 2.00
N GLN A 163 18.57 -8.59 1.36
CA GLN A 163 19.23 -8.06 0.18
C GLN A 163 18.19 -7.73 -0.89
N SER A 164 17.38 -8.73 -1.19
CA SER A 164 16.37 -8.62 -2.22
C SER A 164 15.26 -7.66 -1.80
N SER A 165 14.82 -7.77 -0.55
CA SER A 165 13.74 -6.93 -0.04
C SER A 165 14.11 -5.46 -0.09
N GLN A 166 15.34 -5.16 0.32
CA GLN A 166 15.83 -3.79 0.37
C GLN A 166 15.83 -3.15 -1.01
N ASP A 167 16.24 -3.90 -2.03
CA ASP A 167 16.33 -3.35 -3.38
C ASP A 167 14.95 -3.23 -4.02
N ALA A 168 14.10 -4.23 -3.78
CA ALA A 168 12.75 -4.25 -4.33
C ALA A 168 11.99 -2.97 -3.97
N VAL A 169 12.25 -2.46 -2.77
CA VAL A 169 11.63 -1.21 -2.30
C VAL A 169 12.02 -0.03 -3.21
N SER A 170 13.17 -0.13 -3.85
CA SER A 170 13.66 0.94 -4.70
C SER A 170 13.24 0.72 -6.16
N SER A 171 13.23 -0.54 -6.59
CA SER A 171 12.98 -0.85 -7.99
C SER A 171 11.49 -1.01 -8.31
N MET A 172 10.73 -1.60 -7.39
CA MET A 172 9.33 -1.95 -7.63
C MET A 172 8.45 -0.76 -7.97
N ASN A 173 8.80 0.41 -7.44
CA ASN A 173 8.01 1.62 -7.71
C ASN A 173 7.95 1.91 -9.20
N LEU A 174 9.00 1.56 -9.90
CA LEU A 174 9.12 1.83 -11.33
C LEU A 174 8.33 0.82 -12.19
N PHE A 175 7.82 -0.25 -11.58
CA PHE A 175 7.13 -1.32 -12.32
C PHE A 175 5.94 -0.75 -13.12
N ASP A 176 6.16 -0.58 -14.41
CA ASP A 176 5.17 0.04 -15.29
C ASP A 176 4.12 -0.97 -15.73
N LEU A 177 2.89 -0.77 -15.26
CA LEU A 177 1.77 -1.55 -15.74
C LEU A 177 0.80 -0.68 -16.50
N GLY A 178 1.06 -0.52 -17.79
CA GLY A 178 0.17 0.23 -18.64
C GLY A 178 0.35 1.73 -18.50
N GLY A 179 1.59 2.15 -18.29
CA GLY A 179 1.88 3.57 -18.20
C GLY A 179 1.79 4.10 -16.78
N GLN A 180 1.49 3.22 -15.84
CA GLN A 180 1.44 3.61 -14.44
C GLN A 180 2.56 2.91 -13.67
N TYR A 181 3.19 3.63 -12.76
CA TYR A 181 4.26 3.07 -11.97
C TYR A 181 3.72 2.45 -10.69
N LEU A 182 4.08 1.19 -10.50
CA LEU A 182 3.71 0.40 -9.32
C LEU A 182 4.16 1.13 -8.04
N ARG A 183 3.64 0.72 -6.91
CA ARG A 183 4.03 1.38 -5.68
C ARG A 183 4.40 0.35 -4.63
N VAL A 184 5.63 0.42 -4.18
CA VAL A 184 6.14 -0.52 -3.21
C VAL A 184 6.21 0.11 -1.82
N GLY A 185 6.02 -0.71 -0.80
CA GLY A 185 6.10 -0.23 0.57
C GLY A 185 6.57 -1.30 1.51
N LYS A 186 6.11 -1.24 2.75
CA LYS A 186 6.53 -2.19 3.76
C LYS A 186 5.34 -2.60 4.62
N ALA A 187 5.40 -3.79 5.18
CA ALA A 187 4.34 -4.30 6.02
C ALA A 187 4.68 -4.01 7.46
N VAL A 188 3.74 -3.43 8.17
CA VAL A 188 3.99 -2.93 9.50
C VAL A 188 3.38 -3.86 10.54
N THR A 189 2.27 -4.48 10.18
CA THR A 189 1.62 -5.41 11.07
C THR A 189 1.66 -6.83 10.50
N PRO A 190 1.98 -7.83 11.33
CA PRO A 190 1.92 -9.23 10.94
C PRO A 190 0.46 -9.67 10.74
N PRO A 191 0.11 -10.11 9.52
CA PRO A 191 -1.26 -10.52 9.18
C PRO A 191 -1.76 -11.66 10.05
N MET A 192 -0.84 -12.44 10.59
CA MET A 192 -1.18 -13.50 11.52
C MET A 192 -0.41 -13.27 12.83
N PRO A 193 -1.00 -12.50 13.76
CA PRO A 193 -0.37 -12.18 15.04
C PRO A 193 -0.35 -13.38 15.98
N LEU A 194 0.78 -13.62 16.63
CA LEU A 194 0.93 -14.75 17.52
C LEU A 194 0.39 -14.42 18.90
N LEU A 195 -0.51 -15.25 19.39
CA LEU A 195 -1.06 -15.07 20.72
C LEU A 195 -0.07 -15.57 21.77
N THR A 196 0.82 -14.69 22.18
CA THR A 196 1.81 -15.00 23.20
C THR A 196 1.12 -15.36 24.54
N PRO A 197 0.18 -14.52 25.04
CA PRO A 197 -0.59 -14.85 26.23
C PRO A 197 -1.73 -15.84 25.94
N ALA A 198 -1.37 -16.98 25.35
CA ALA A 198 -2.35 -17.98 24.96
C ALA A 198 -2.80 -18.81 26.17
N THR A 199 -3.55 -18.17 27.05
CA THR A 199 -4.09 -18.83 28.22
C THR A 199 -5.52 -18.37 28.47
N GLY B 1 30.40 -1.59 -14.32
CA GLY B 1 29.30 -1.15 -13.42
C GLY B 1 29.82 -0.26 -12.32
N ALA B 2 29.02 -0.09 -11.28
CA ALA B 2 29.42 0.69 -10.12
C ALA B 2 28.82 0.08 -8.87
N MET B 3 27.50 0.15 -8.74
CA MET B 3 26.80 -0.47 -7.63
C MET B 3 25.29 -0.33 -7.81
N GLY B 4 24.55 -1.32 -7.32
CA GLY B 4 23.11 -1.28 -7.41
C GLY B 4 22.55 -2.47 -8.15
N TYR B 5 21.54 -3.10 -7.56
CA TYR B 5 20.95 -4.31 -8.14
C TYR B 5 20.04 -3.94 -9.30
N VAL B 6 19.51 -2.72 -9.27
CA VAL B 6 18.61 -2.25 -10.30
C VAL B 6 19.36 -1.87 -11.57
N ASN B 7 19.81 -2.88 -12.28
CA ASN B 7 20.44 -2.68 -13.58
C ASN B 7 19.96 -3.75 -14.53
N ASP B 8 20.24 -5.00 -14.18
CA ASP B 8 19.85 -6.14 -15.00
C ASP B 8 18.62 -6.84 -14.42
N ALA B 9 18.59 -6.95 -13.09
CA ALA B 9 17.51 -7.64 -12.41
C ALA B 9 16.15 -7.04 -12.74
N PHE B 10 16.07 -5.71 -12.77
CA PHE B 10 14.83 -5.02 -13.04
C PHE B 10 14.48 -5.11 -14.53
N LYS B 11 15.48 -5.41 -15.36
CA LYS B 11 15.22 -5.63 -16.78
C LYS B 11 14.57 -6.99 -16.95
N ASP B 12 15.12 -8.00 -16.28
CA ASP B 12 14.51 -9.34 -16.27
C ASP B 12 13.10 -9.23 -15.76
N ALA B 13 12.98 -8.47 -14.68
CA ALA B 13 11.71 -8.16 -14.05
C ALA B 13 10.66 -7.76 -15.06
N LEU B 14 10.99 -6.80 -15.91
CA LEU B 14 10.01 -6.20 -16.81
C LEU B 14 9.76 -7.01 -18.06
N GLN B 15 10.71 -7.84 -18.44
CA GLN B 15 10.47 -8.76 -19.54
C GLN B 15 9.35 -9.70 -19.14
N ARG B 16 9.40 -10.13 -17.88
CA ARG B 16 8.32 -10.90 -17.27
C ARG B 16 7.11 -10.00 -17.06
N ALA B 17 7.36 -8.75 -16.69
CA ALA B 17 6.34 -7.80 -16.29
C ALA B 17 5.35 -7.47 -17.39
N ARG B 18 5.80 -7.26 -18.60
CA ARG B 18 4.85 -7.12 -19.66
C ARG B 18 4.36 -8.45 -20.21
N GLN B 19 5.16 -9.50 -20.08
CA GLN B 19 4.68 -10.85 -20.34
C GLN B 19 3.40 -11.12 -19.51
N ILE B 20 3.43 -10.72 -18.24
CA ILE B 20 2.27 -10.89 -17.36
C ILE B 20 1.14 -9.95 -17.79
N ALA B 21 1.51 -8.76 -18.26
CA ALA B 21 0.53 -7.79 -18.77
C ALA B 21 -0.07 -8.28 -20.08
N ALA B 22 0.58 -9.26 -20.70
CA ALA B 22 0.08 -9.85 -21.93
C ALA B 22 -0.85 -11.01 -21.64
N LYS B 23 -0.55 -11.77 -20.59
CA LYS B 23 -1.34 -12.95 -20.27
C LYS B 23 -2.56 -12.59 -19.42
N ILE B 24 -2.35 -11.79 -18.35
CA ILE B 24 -3.47 -11.27 -17.56
C ILE B 24 -4.23 -12.38 -16.85
N GLY B 25 -3.82 -12.67 -15.63
CA GLY B 25 -4.48 -13.68 -14.83
C GLY B 25 -3.79 -15.02 -14.93
N GLY B 26 -4.53 -16.08 -14.64
CA GLY B 26 -3.97 -17.42 -14.68
C GLY B 26 -4.77 -18.34 -15.57
N ASP B 27 -4.09 -19.25 -16.24
CA ASP B 27 -4.74 -20.18 -17.14
C ASP B 27 -4.53 -21.61 -16.67
N ALA B 28 -5.38 -22.06 -15.77
CA ALA B 28 -5.28 -23.42 -15.24
C ALA B 28 -6.17 -24.37 -16.02
N GLY B 29 -7.17 -23.81 -16.70
CA GLY B 29 -8.06 -24.61 -17.49
C GLY B 29 -9.44 -24.73 -16.88
N THR B 30 -10.43 -24.17 -17.56
CA THR B 30 -11.81 -24.27 -17.13
C THR B 30 -12.39 -25.61 -17.59
N SER B 31 -11.96 -26.04 -18.77
CA SER B 31 -12.38 -27.30 -19.32
C SER B 31 -11.16 -28.11 -19.77
N GLY A 1 -0.14 -0.37 35.12
CA GLY A 1 -1.33 -1.23 34.98
C GLY A 1 -1.01 -2.52 34.24
N ALA A 2 -1.27 -3.65 34.90
CA ALA A 2 -0.98 -4.96 34.32
C ALA A 2 -1.91 -5.26 33.14
N MET A 3 -3.13 -4.74 33.21
CA MET A 3 -4.11 -4.98 32.17
C MET A 3 -4.55 -3.66 31.54
N ALA A 4 -3.59 -2.76 31.36
CA ALA A 4 -3.87 -1.45 30.77
C ALA A 4 -3.84 -1.53 29.25
N GLN A 5 -4.92 -2.04 28.68
CA GLN A 5 -4.99 -2.25 27.24
C GLN A 5 -5.48 -0.97 26.55
N ARG A 6 -4.53 -0.13 26.15
CA ARG A 6 -4.84 1.10 25.45
C ARG A 6 -4.30 1.05 24.03
N GLN A 7 -5.20 0.93 23.07
CA GLN A 7 -4.84 0.77 21.67
C GLN A 7 -4.85 2.12 20.94
N ARG A 8 -4.43 3.16 21.65
CA ARG A 8 -4.38 4.51 21.12
C ARG A 8 -3.54 4.57 19.84
N ALA A 9 -2.42 3.87 19.83
CA ALA A 9 -1.53 3.86 18.68
C ALA A 9 -2.24 3.34 17.42
N LEU A 10 -2.95 2.23 17.57
CA LEU A 10 -3.65 1.62 16.45
C LEU A 10 -4.78 2.53 15.97
N ALA A 11 -5.42 3.20 16.91
CA ALA A 11 -6.56 4.05 16.59
C ALA A 11 -6.16 5.27 15.76
N ILE A 12 -4.98 5.83 16.04
CA ILE A 12 -4.52 7.00 15.32
C ILE A 12 -3.88 6.64 13.98
N MET A 13 -3.18 5.52 13.93
CA MET A 13 -2.43 5.12 12.74
C MET A 13 -3.36 4.72 11.59
N CYS A 14 -4.50 4.12 11.90
CA CYS A 14 -5.40 3.62 10.86
C CYS A 14 -6.25 4.73 10.26
N ARG A 15 -6.06 5.95 10.74
CA ARG A 15 -6.81 7.09 10.24
C ARG A 15 -5.84 8.16 9.73
N VAL A 16 -5.79 8.35 8.42
CA VAL A 16 -4.89 9.36 7.86
C VAL A 16 -5.65 10.61 7.44
N TYR A 17 -5.07 11.75 7.79
CA TYR A 17 -5.65 13.03 7.43
C TYR A 17 -5.16 13.46 6.06
N VAL A 18 -6.07 13.91 5.21
CA VAL A 18 -5.73 14.39 3.89
C VAL A 18 -5.99 15.89 3.80
N GLY A 19 -4.93 16.66 3.68
CA GLY A 19 -5.03 18.09 3.52
C GLY A 19 -4.51 18.52 2.17
N SER A 20 -4.62 19.82 1.88
CA SER A 20 -4.20 20.36 0.60
C SER A 20 -5.07 19.79 -0.52
N ILE A 21 -6.38 19.93 -0.34
CA ILE A 21 -7.36 19.38 -1.25
C ILE A 21 -7.56 20.31 -2.45
N TYR A 22 -7.54 19.72 -3.64
CA TYR A 22 -7.78 20.45 -4.86
C TYR A 22 -9.28 20.52 -5.14
N TYR A 23 -9.72 21.54 -5.88
CA TYR A 23 -11.15 21.73 -6.14
C TYR A 23 -11.76 20.48 -6.76
N GLU A 24 -11.14 19.98 -7.82
CA GLU A 24 -11.62 18.78 -8.51
C GLU A 24 -11.12 17.50 -7.83
N LEU A 25 -10.67 17.62 -6.60
CA LEU A 25 -10.27 16.47 -5.82
C LEU A 25 -11.32 16.23 -4.73
N GLY A 26 -12.24 15.32 -5.00
CA GLY A 26 -13.34 15.12 -4.09
C GLY A 26 -13.29 13.77 -3.42
N GLU A 27 -14.33 13.46 -2.66
CA GLU A 27 -14.44 12.20 -1.95
C GLU A 27 -14.48 11.03 -2.93
N ASP A 28 -14.91 11.32 -4.15
CA ASP A 28 -14.93 10.31 -5.21
C ASP A 28 -13.54 10.10 -5.78
N THR A 29 -12.83 11.20 -5.98
CA THR A 29 -11.48 11.14 -6.53
C THR A 29 -10.52 10.52 -5.52
N ILE A 30 -10.60 10.98 -4.28
CA ILE A 30 -9.72 10.50 -3.22
C ILE A 30 -9.91 9.02 -2.95
N ARG A 31 -11.16 8.55 -2.94
CA ARG A 31 -11.43 7.15 -2.66
C ARG A 31 -10.82 6.26 -3.75
N GLN A 32 -10.83 6.73 -4.99
CA GLN A 32 -10.28 5.97 -6.11
C GLN A 32 -8.75 5.93 -6.06
N ALA A 33 -8.16 6.98 -5.50
CA ALA A 33 -6.72 7.08 -5.40
C ALA A 33 -6.18 6.19 -4.28
N PHE A 34 -6.94 6.12 -3.19
CA PHE A 34 -6.54 5.34 -2.03
C PHE A 34 -7.15 3.94 -2.04
N ALA A 35 -7.94 3.66 -3.07
CA ALA A 35 -8.58 2.36 -3.23
C ALA A 35 -7.55 1.24 -3.46
N PRO A 36 -6.57 1.44 -4.36
CA PRO A 36 -5.51 0.45 -4.61
C PRO A 36 -4.59 0.24 -3.41
N PHE A 37 -4.80 1.02 -2.35
CA PHE A 37 -3.97 0.90 -1.17
C PHE A 37 -4.49 -0.19 -0.25
N GLY A 38 -5.67 0.01 0.31
CA GLY A 38 -6.27 -0.97 1.18
C GLY A 38 -7.75 -0.76 1.36
N PRO A 39 -8.42 -1.65 2.09
CA PRO A 39 -9.86 -1.55 2.32
C PRO A 39 -10.23 -0.34 3.16
N ILE A 40 -10.75 0.70 2.51
CA ILE A 40 -11.21 1.88 3.21
C ILE A 40 -12.59 1.62 3.80
N LYS A 41 -12.65 1.50 5.12
CA LYS A 41 -13.90 1.19 5.79
C LYS A 41 -14.63 2.46 6.17
N SER A 42 -13.90 3.55 6.28
CA SER A 42 -14.48 4.81 6.68
C SER A 42 -13.91 5.97 5.87
N ILE A 43 -14.80 6.72 5.24
CA ILE A 43 -14.42 7.91 4.48
C ILE A 43 -15.10 9.12 5.11
N ASP A 44 -14.34 9.96 5.79
CA ASP A 44 -14.91 11.12 6.44
C ASP A 44 -14.35 12.40 5.85
N MET A 45 -15.13 13.04 4.98
CA MET A 45 -14.72 14.29 4.37
C MET A 45 -15.75 15.37 4.65
N SER A 46 -15.29 16.45 5.24
CA SER A 46 -16.15 17.58 5.52
C SER A 46 -15.83 18.74 4.61
N TRP A 47 -16.75 19.03 3.71
CA TRP A 47 -16.59 20.12 2.78
C TRP A 47 -17.96 20.68 2.41
N ASP A 48 -18.00 21.91 1.93
CA ASP A 48 -19.26 22.58 1.64
C ASP A 48 -19.97 21.87 0.49
N SER A 49 -21.12 21.29 0.78
CA SER A 49 -21.83 20.47 -0.19
C SER A 49 -22.61 21.32 -1.19
N VAL A 50 -22.95 22.53 -0.78
CA VAL A 50 -23.80 23.41 -1.58
C VAL A 50 -22.98 24.14 -2.62
N THR A 51 -21.77 24.53 -2.26
CA THR A 51 -20.89 25.26 -3.16
C THR A 51 -19.75 24.38 -3.66
N MET A 52 -19.66 23.19 -3.06
CA MET A 52 -18.65 22.19 -3.42
C MET A 52 -17.23 22.71 -3.19
N LYS A 53 -17.07 23.52 -2.16
CA LYS A 53 -15.77 24.09 -1.82
C LYS A 53 -14.95 23.11 -0.99
N HIS A 54 -13.64 23.17 -1.14
CA HIS A 54 -12.75 22.24 -0.48
C HIS A 54 -11.76 22.95 0.43
N LYS A 55 -12.25 23.43 1.57
CA LYS A 55 -11.37 24.06 2.55
C LYS A 55 -11.59 23.46 3.93
N GLY A 56 -12.31 22.34 3.97
CA GLY A 56 -12.59 21.68 5.23
C GLY A 56 -11.50 20.69 5.61
N PHE A 57 -11.86 19.42 5.68
CA PHE A 57 -10.90 18.38 6.02
C PHE A 57 -11.33 17.03 5.46
N ALA A 58 -10.40 16.08 5.48
CA ALA A 58 -10.65 14.74 4.96
C ALA A 58 -9.88 13.70 5.75
N PHE A 59 -10.56 12.61 6.10
CA PHE A 59 -9.93 11.50 6.80
C PHE A 59 -10.18 10.20 6.05
N VAL A 60 -9.09 9.52 5.68
CA VAL A 60 -9.18 8.22 5.06
C VAL A 60 -8.86 7.15 6.10
N GLU A 61 -9.87 6.38 6.48
CA GLU A 61 -9.70 5.40 7.53
C GLU A 61 -9.67 3.99 6.97
N TYR A 62 -8.56 3.31 7.19
CA TYR A 62 -8.37 1.96 6.71
C TYR A 62 -8.72 0.96 7.81
N GLU A 63 -9.07 -0.25 7.40
CA GLU A 63 -9.32 -1.33 8.34
C GLU A 63 -8.01 -2.08 8.61
N VAL A 64 -6.98 -1.69 7.89
CA VAL A 64 -5.64 -2.25 8.07
C VAL A 64 -4.60 -1.14 8.07
N PRO A 65 -3.69 -1.12 9.06
CA PRO A 65 -2.69 -0.06 9.20
C PRO A 65 -1.62 -0.12 8.12
N GLU A 66 -1.60 -1.21 7.36
CA GLU A 66 -0.65 -1.41 6.28
C GLU A 66 -0.72 -0.26 5.28
N ALA A 67 -1.86 -0.14 4.59
CA ALA A 67 -2.07 0.90 3.61
C ALA A 67 -2.11 2.28 4.26
N ALA A 68 -2.39 2.32 5.56
CA ALA A 68 -2.45 3.58 6.29
C ALA A 68 -1.06 4.23 6.35
N GLN A 69 -0.06 3.45 6.76
CA GLN A 69 1.30 3.96 6.83
C GLN A 69 1.88 4.08 5.42
N LEU A 70 1.43 3.18 4.54
CA LEU A 70 1.83 3.24 3.14
C LEU A 70 1.44 4.58 2.53
N ALA A 71 0.18 4.95 2.71
CA ALA A 71 -0.34 6.20 2.19
C ALA A 71 0.37 7.38 2.85
N LEU A 72 0.66 7.25 4.14
CA LEU A 72 1.36 8.27 4.90
C LEU A 72 2.71 8.59 4.26
N GLU A 73 3.49 7.55 3.98
CA GLU A 73 4.81 7.73 3.39
C GLU A 73 4.71 8.13 1.91
N GLN A 74 3.87 7.43 1.16
CA GLN A 74 3.82 7.59 -0.28
C GLN A 74 3.13 8.88 -0.73
N MET A 75 1.94 9.14 -0.20
CA MET A 75 1.12 10.24 -0.72
C MET A 75 1.60 11.59 -0.22
N ASN A 76 2.25 11.61 0.94
CA ASN A 76 2.78 12.86 1.47
C ASN A 76 4.00 13.31 0.67
N SER A 77 4.61 12.35 -0.02
CA SER A 77 5.79 12.62 -0.83
C SER A 77 5.43 12.96 -2.27
N VAL A 78 4.17 12.70 -2.65
CA VAL A 78 3.76 12.82 -4.04
C VAL A 78 2.67 13.87 -4.22
N MET A 79 2.79 14.68 -5.26
CA MET A 79 1.77 15.66 -5.58
C MET A 79 0.94 15.17 -6.76
N LEU A 80 -0.35 15.48 -6.75
CA LEU A 80 -1.26 15.03 -7.81
C LEU A 80 -1.22 15.98 -9.00
N GLY A 81 -0.07 16.58 -9.24
CA GLY A 81 0.04 17.55 -10.30
C GLY A 81 -0.28 18.95 -9.82
N GLY A 82 0.75 19.77 -9.65
CA GLY A 82 0.55 21.13 -9.22
C GLY A 82 0.44 21.27 -7.71
N ARG A 83 -0.53 20.60 -7.12
CA ARG A 83 -0.77 20.71 -5.69
C ARG A 83 -0.21 19.50 -4.96
N ASN A 84 0.64 19.76 -3.97
CA ASN A 84 1.19 18.69 -3.14
C ASN A 84 0.28 18.48 -1.94
N ILE A 85 -0.40 17.35 -1.91
CA ILE A 85 -1.32 17.03 -0.82
C ILE A 85 -0.56 16.77 0.48
N LYS A 86 -1.24 16.93 1.59
CA LYS A 86 -0.65 16.68 2.89
C LYS A 86 -1.35 15.50 3.55
N VAL A 87 -0.64 14.39 3.65
CA VAL A 87 -1.20 13.20 4.26
C VAL A 87 -0.51 12.90 5.58
N GLY A 88 -1.28 12.93 6.66
CA GLY A 88 -0.74 12.59 7.96
C GLY A 88 -0.63 13.79 8.87
N ARG A 89 -0.22 13.54 10.10
CA ARG A 89 -0.08 14.58 11.12
C ARG A 89 0.65 14.02 12.33
N PRO A 90 1.38 14.87 13.07
CA PRO A 90 2.13 14.46 14.26
C PRO A 90 1.23 14.27 15.48
N SER A 91 0.41 13.23 15.46
CA SER A 91 -0.51 12.95 16.55
C SER A 91 0.23 12.51 17.81
N ASN A 92 1.07 11.49 17.66
CA ASN A 92 1.77 10.92 18.80
C ASN A 92 3.19 10.53 18.42
N ILE A 93 3.94 11.49 17.92
CA ILE A 93 5.33 11.26 17.55
C ILE A 93 6.19 11.11 18.79
N GLY A 94 7.28 10.36 18.67
CA GLY A 94 8.17 10.14 19.79
C GLY A 94 7.65 9.09 20.75
N GLN A 95 6.47 9.34 21.31
CA GLN A 95 5.88 8.44 22.30
C GLN A 95 5.50 7.10 21.69
N ALA A 96 5.00 7.13 20.46
CA ALA A 96 4.57 5.91 19.79
C ALA A 96 5.68 5.35 18.90
N GLN A 97 6.80 6.06 18.84
CA GLN A 97 7.90 5.66 17.96
C GLN A 97 8.46 4.27 18.30
N PRO A 98 8.78 3.99 19.59
CA PRO A 98 9.28 2.65 20.00
C PRO A 98 8.30 1.54 19.63
N ILE A 99 7.03 1.90 19.51
CA ILE A 99 6.01 0.94 19.11
C ILE A 99 6.10 0.67 17.61
N ILE A 100 6.25 1.76 16.85
CA ILE A 100 6.37 1.67 15.41
C ILE A 100 7.62 0.89 15.02
N ASP A 101 8.75 1.25 15.64
CA ASP A 101 10.01 0.56 15.36
C ASP A 101 9.90 -0.93 15.69
N GLN A 102 9.17 -1.24 16.75
CA GLN A 102 9.01 -2.63 17.19
C GLN A 102 8.28 -3.46 16.14
N LEU A 103 7.11 -3.00 15.72
CA LEU A 103 6.29 -3.78 14.80
C LEU A 103 6.90 -3.82 13.40
N ALA A 104 7.57 -2.74 13.01
CA ALA A 104 8.17 -2.65 11.69
C ALA A 104 9.40 -3.53 11.58
N GLU A 105 10.25 -3.51 12.61
CA GLU A 105 11.45 -4.31 12.62
C GLU A 105 11.14 -5.78 12.89
N GLU A 106 10.07 -6.04 13.64
CA GLU A 106 9.63 -7.42 13.86
C GLU A 106 9.19 -8.04 12.54
N ALA A 107 8.64 -7.21 11.66
CA ALA A 107 8.20 -7.65 10.34
C ALA A 107 9.39 -8.08 9.48
N ARG A 108 10.59 -7.68 9.88
CA ARG A 108 11.80 -8.09 9.19
C ARG A 108 11.99 -9.61 9.29
N ALA A 109 11.52 -10.18 10.40
CA ALA A 109 11.63 -11.61 10.64
C ALA A 109 10.72 -12.38 9.70
N PHE A 110 9.70 -11.70 9.20
CA PHE A 110 8.75 -12.31 8.27
C PHE A 110 9.13 -11.95 6.84
N ASN A 111 10.17 -11.09 6.74
CA ASN A 111 10.72 -10.58 5.48
C ASN A 111 9.67 -10.34 4.40
N ARG A 112 8.52 -9.82 4.80
CA ARG A 112 7.42 -9.57 3.90
C ARG A 112 7.24 -8.07 3.68
N ILE A 113 6.98 -7.68 2.45
CA ILE A 113 6.76 -6.30 2.12
C ILE A 113 5.34 -6.09 1.61
N TYR A 114 4.88 -4.84 1.64
CA TYR A 114 3.50 -4.53 1.30
C TYR A 114 3.43 -3.80 -0.03
N VAL A 115 2.92 -4.49 -1.04
CA VAL A 115 2.79 -3.89 -2.36
C VAL A 115 1.33 -3.59 -2.68
N ALA A 116 1.04 -2.32 -2.85
CA ALA A 116 -0.29 -1.87 -3.20
C ALA A 116 -0.26 -1.09 -4.51
N SER A 117 -1.40 -0.51 -4.87
CA SER A 117 -1.56 0.25 -6.10
C SER A 117 -1.52 -0.66 -7.31
N VAL A 118 -1.71 -1.95 -7.05
CA VAL A 118 -1.67 -2.97 -8.08
C VAL A 118 -2.83 -2.82 -9.05
N HIS A 119 -2.56 -2.95 -10.34
CA HIS A 119 -3.59 -2.84 -11.35
C HIS A 119 -4.54 -4.02 -11.23
N GLN A 120 -5.84 -3.74 -11.35
CA GLN A 120 -6.87 -4.71 -11.00
C GLN A 120 -6.87 -5.99 -11.87
N ASP A 121 -6.29 -5.93 -13.06
CA ASP A 121 -6.12 -7.14 -13.87
C ASP A 121 -4.88 -7.93 -13.45
N LEU A 122 -3.77 -7.22 -13.29
CA LEU A 122 -2.49 -7.82 -12.89
C LEU A 122 -2.63 -8.56 -11.55
N SER A 123 -2.43 -9.88 -11.56
CA SER A 123 -2.61 -10.70 -10.37
C SER A 123 -1.27 -11.03 -9.72
N ASP A 124 -1.29 -11.84 -8.64
CA ASP A 124 -0.07 -12.18 -7.91
C ASP A 124 0.97 -12.82 -8.81
N ASP A 125 0.51 -13.62 -9.76
CA ASP A 125 1.40 -14.24 -10.73
C ASP A 125 2.11 -13.18 -11.55
N ASP A 126 1.35 -12.15 -11.93
CA ASP A 126 1.88 -11.04 -12.69
C ASP A 126 2.90 -10.26 -11.86
N ILE A 127 2.45 -9.78 -10.70
CA ILE A 127 3.28 -8.95 -9.82
C ILE A 127 4.57 -9.69 -9.43
N LYS A 128 4.52 -11.02 -9.47
CA LYS A 128 5.68 -11.85 -9.16
C LYS A 128 6.86 -11.53 -10.08
N SER A 129 6.56 -11.15 -11.33
CA SER A 129 7.60 -10.89 -12.34
C SER A 129 8.69 -9.98 -11.81
N VAL A 130 8.26 -8.81 -11.43
CA VAL A 130 9.16 -7.75 -11.07
C VAL A 130 9.82 -8.00 -9.71
N PHE A 131 9.06 -8.53 -8.76
CA PHE A 131 9.59 -8.81 -7.43
C PHE A 131 10.61 -9.95 -7.49
N GLU A 132 10.31 -10.97 -8.27
CA GLU A 132 11.18 -12.14 -8.39
C GLU A 132 12.40 -11.83 -9.26
N ALA A 133 12.30 -10.79 -10.07
CA ALA A 133 13.38 -10.43 -10.97
C ALA A 133 14.52 -9.75 -10.22
N PHE A 134 14.19 -9.03 -9.15
CA PHE A 134 15.21 -8.29 -8.41
C PHE A 134 15.87 -9.18 -7.37
N GLY A 135 15.13 -10.14 -6.83
CA GLY A 135 15.68 -10.98 -5.80
C GLY A 135 14.94 -12.29 -5.64
N LYS A 136 15.40 -13.11 -4.71
CA LYS A 136 14.82 -14.44 -4.50
C LYS A 136 13.51 -14.34 -3.73
N ILE A 137 12.42 -14.68 -4.40
CA ILE A 137 11.10 -14.62 -3.82
C ILE A 137 10.80 -15.91 -3.05
N LYS A 138 10.04 -15.79 -1.98
CA LYS A 138 9.68 -16.94 -1.15
C LYS A 138 8.22 -17.30 -1.39
N SER A 139 7.36 -16.30 -1.30
CA SER A 139 5.93 -16.50 -1.54
C SER A 139 5.29 -15.21 -2.03
N CYS A 140 4.29 -15.34 -2.89
CA CYS A 140 3.57 -14.19 -3.42
C CYS A 140 2.07 -14.37 -3.20
N THR A 141 1.45 -13.41 -2.52
CA THR A 141 0.02 -13.48 -2.26
C THR A 141 -0.65 -12.14 -2.49
N LEU A 142 -1.35 -12.02 -3.61
CA LEU A 142 -2.12 -10.84 -3.90
C LEU A 142 -3.57 -11.10 -3.50
N ALA A 143 -4.05 -10.36 -2.50
CA ALA A 143 -5.33 -10.63 -1.88
C ALA A 143 -6.49 -10.48 -2.86
N ARG A 144 -7.41 -11.42 -2.81
CA ARG A 144 -8.64 -11.34 -3.59
C ARG A 144 -9.83 -11.59 -2.69
N ASP A 145 -10.92 -10.88 -2.95
CA ASP A 145 -12.10 -10.95 -2.11
C ASP A 145 -12.93 -12.18 -2.45
N PRO A 146 -13.20 -13.03 -1.45
CA PRO A 146 -13.91 -14.30 -1.65
C PRO A 146 -15.37 -14.13 -2.02
N THR A 147 -15.93 -12.95 -1.75
CA THR A 147 -17.32 -12.67 -2.02
C THR A 147 -17.50 -12.05 -3.41
N THR A 148 -16.76 -10.99 -3.67
CA THR A 148 -16.87 -10.28 -4.94
C THR A 148 -16.20 -11.07 -6.08
N GLY A 149 -15.21 -11.87 -5.73
CA GLY A 149 -14.54 -12.70 -6.72
C GLY A 149 -13.50 -11.93 -7.51
N LYS A 150 -13.03 -10.82 -6.94
CA LYS A 150 -12.06 -9.97 -7.60
C LYS A 150 -10.86 -9.77 -6.69
N HIS A 151 -9.67 -9.64 -7.28
CA HIS A 151 -8.47 -9.42 -6.50
C HIS A 151 -8.35 -7.95 -6.13
N LYS A 152 -7.95 -7.69 -4.92
CA LYS A 152 -7.76 -6.34 -4.42
C LYS A 152 -6.42 -5.81 -4.94
N GLY A 153 -6.32 -4.50 -5.10
CA GLY A 153 -5.13 -3.90 -5.69
C GLY A 153 -3.96 -3.83 -4.73
N TYR A 154 -3.84 -4.80 -3.84
CA TYR A 154 -2.73 -4.87 -2.90
C TYR A 154 -2.48 -6.31 -2.48
N GLY A 155 -1.27 -6.58 -2.02
CA GLY A 155 -0.94 -7.91 -1.58
C GLY A 155 0.33 -7.96 -0.77
N PHE A 156 0.68 -9.14 -0.30
CA PHE A 156 1.87 -9.33 0.51
C PHE A 156 2.82 -10.29 -0.19
N ILE A 157 4.08 -9.91 -0.27
CA ILE A 157 5.10 -10.76 -0.89
C ILE A 157 6.26 -10.96 0.06
N GLU A 158 6.62 -12.21 0.26
CA GLU A 158 7.69 -12.55 1.17
C GLU A 158 8.91 -13.03 0.39
N TYR A 159 10.08 -12.65 0.86
CA TYR A 159 11.32 -12.95 0.15
C TYR A 159 12.11 -14.04 0.84
N GLU A 160 13.01 -14.63 0.08
CA GLU A 160 13.87 -15.70 0.56
C GLU A 160 15.14 -15.10 1.15
N LYS A 161 15.37 -13.85 0.81
CA LYS A 161 16.51 -13.10 1.30
C LYS A 161 16.07 -11.73 1.77
N ALA A 162 16.54 -11.34 2.94
CA ALA A 162 16.22 -10.04 3.51
C ALA A 162 16.78 -8.92 2.65
N GLN A 163 17.85 -9.23 1.93
CA GLN A 163 18.43 -8.31 0.97
C GLN A 163 17.42 -7.97 -0.12
N SER A 164 16.77 -9.00 -0.66
CA SER A 164 15.87 -8.83 -1.77
C SER A 164 14.66 -7.97 -1.39
N SER A 165 14.17 -8.14 -0.16
CA SER A 165 13.05 -7.35 0.32
C SER A 165 13.40 -5.86 0.34
N GLN A 166 14.61 -5.57 0.78
CA GLN A 166 15.06 -4.20 0.97
C GLN A 166 15.34 -3.52 -0.37
N ASP A 167 15.82 -4.29 -1.34
CA ASP A 167 16.17 -3.74 -2.65
C ASP A 167 14.92 -3.54 -3.50
N ALA A 168 13.96 -4.44 -3.35
CA ALA A 168 12.73 -4.39 -4.14
C ALA A 168 11.81 -3.27 -3.68
N VAL A 169 11.68 -3.10 -2.37
CA VAL A 169 10.72 -2.15 -1.80
C VAL A 169 10.90 -0.72 -2.36
N SER A 170 12.15 -0.31 -2.54
CA SER A 170 12.42 1.04 -2.99
C SER A 170 12.29 1.18 -4.51
N SER A 171 12.47 0.07 -5.21
CA SER A 171 12.52 0.10 -6.67
C SER A 171 11.16 -0.24 -7.29
N MET A 172 10.35 -0.99 -6.56
CA MET A 172 9.08 -1.51 -7.07
C MET A 172 8.01 -0.43 -7.18
N ASN A 173 8.27 0.73 -6.63
CA ASN A 173 7.33 1.84 -6.70
C ASN A 173 7.11 2.28 -8.15
N LEU A 174 8.15 2.12 -8.94
CA LEU A 174 8.17 2.60 -10.31
C LEU A 174 7.38 1.72 -11.27
N PHE A 175 6.91 0.55 -10.82
CA PHE A 175 6.23 -0.38 -11.72
C PHE A 175 4.92 0.24 -12.22
N ASP A 176 4.92 0.65 -13.48
CA ASP A 176 3.77 1.30 -14.08
C ASP A 176 2.91 0.29 -14.83
N LEU A 177 1.65 0.20 -14.42
CA LEU A 177 0.69 -0.62 -15.14
C LEU A 177 -0.42 0.25 -15.72
N GLY A 178 -0.18 0.80 -16.90
CA GLY A 178 -1.22 1.52 -17.60
C GLY A 178 -1.36 2.96 -17.14
N GLY A 179 -0.28 3.56 -16.69
CA GLY A 179 -0.32 4.97 -16.32
C GLY A 179 -0.32 5.19 -14.82
N GLN A 180 -0.04 4.14 -14.07
CA GLN A 180 0.05 4.26 -12.62
C GLN A 180 1.24 3.46 -12.10
N TYR A 181 2.04 4.10 -11.27
CA TYR A 181 3.20 3.47 -10.65
C TYR A 181 2.77 2.85 -9.33
N LEU A 182 3.17 1.60 -9.12
CA LEU A 182 2.81 0.86 -7.91
C LEU A 182 3.36 1.54 -6.67
N ARG A 183 3.03 0.98 -5.52
CA ARG A 183 3.43 1.56 -4.25
C ARG A 183 3.82 0.43 -3.31
N VAL A 184 5.10 0.35 -2.98
CA VAL A 184 5.58 -0.73 -2.14
C VAL A 184 6.21 -0.18 -0.87
N GLY A 185 5.86 -0.80 0.25
CA GLY A 185 6.43 -0.46 1.52
C GLY A 185 6.63 -1.70 2.36
N LYS A 186 6.57 -1.54 3.67
CA LYS A 186 6.73 -2.66 4.57
C LYS A 186 5.38 -3.05 5.16
N ALA A 187 5.21 -4.34 5.47
CA ALA A 187 4.04 -4.80 6.15
C ALA A 187 4.15 -4.41 7.61
N VAL A 188 3.60 -3.25 7.89
CA VAL A 188 3.74 -2.59 9.17
C VAL A 188 3.30 -3.48 10.34
N THR A 189 2.15 -4.11 10.21
CA THR A 189 1.61 -4.86 11.33
C THR A 189 1.77 -6.37 11.13
N PRO A 190 2.41 -7.04 12.10
CA PRO A 190 2.40 -8.50 12.19
C PRO A 190 1.05 -9.00 12.69
N PRO A 191 0.38 -9.86 11.89
CA PRO A 191 -0.94 -10.39 12.21
C PRO A 191 -0.92 -11.35 13.39
N MET A 192 -0.95 -10.81 14.60
CA MET A 192 -0.99 -11.62 15.80
C MET A 192 -2.44 -11.74 16.29
N PRO A 193 -2.96 -12.97 16.37
CA PRO A 193 -4.35 -13.23 16.77
C PRO A 193 -4.63 -12.81 18.22
N LEU A 194 -5.45 -11.79 18.38
CA LEU A 194 -5.84 -11.30 19.69
C LEU A 194 -7.20 -10.62 19.59
N LEU A 195 -8.23 -11.28 20.09
CA LEU A 195 -9.58 -10.74 20.05
C LEU A 195 -10.40 -11.27 21.22
N THR A 196 -11.60 -10.72 21.39
CA THR A 196 -12.48 -11.12 22.47
C THR A 196 -13.65 -11.94 21.93
N PRO A 197 -13.85 -13.15 22.48
CA PRO A 197 -14.93 -14.05 22.06
C PRO A 197 -16.31 -13.56 22.48
N ALA A 198 -16.46 -13.22 23.76
CA ALA A 198 -17.73 -12.77 24.30
C ALA A 198 -17.51 -11.89 25.52
N THR A 199 -17.03 -10.67 25.28
CA THR A 199 -16.75 -9.74 26.35
C THR A 199 -17.54 -8.45 26.15
N GLY B 1 19.81 13.39 -9.45
CA GLY B 1 18.72 12.40 -9.45
C GLY B 1 19.17 11.06 -8.90
N ALA B 2 18.26 10.35 -8.27
CA ALA B 2 18.56 9.04 -7.71
C ALA B 2 18.60 7.99 -8.81
N MET B 3 19.48 7.02 -8.66
CA MET B 3 19.62 5.95 -9.64
C MET B 3 19.32 4.60 -9.01
N GLY B 4 18.86 4.64 -7.76
CA GLY B 4 18.56 3.41 -7.04
C GLY B 4 17.23 2.80 -7.44
N TYR B 5 17.15 2.33 -8.68
CA TYR B 5 15.95 1.67 -9.18
C TYR B 5 16.30 0.26 -9.66
N VAL B 6 17.38 -0.29 -9.11
CA VAL B 6 17.97 -1.55 -9.61
C VAL B 6 18.64 -1.32 -10.96
N ASN B 7 17.85 -0.80 -11.91
CA ASN B 7 18.31 -0.42 -13.24
C ASN B 7 18.60 -1.62 -14.14
N ASP B 8 19.42 -2.56 -13.66
CA ASP B 8 19.78 -3.72 -14.46
C ASP B 8 18.67 -4.78 -14.45
N ALA B 9 18.53 -5.49 -13.34
CA ALA B 9 17.54 -6.57 -13.22
C ALA B 9 16.10 -6.03 -13.34
N PHE B 10 15.93 -4.75 -13.05
CA PHE B 10 14.62 -4.13 -13.12
C PHE B 10 14.12 -4.06 -14.57
N LYS B 11 15.04 -4.17 -15.51
CA LYS B 11 14.66 -4.18 -16.92
C LYS B 11 14.11 -5.54 -17.31
N ASP B 12 14.78 -6.60 -16.84
CA ASP B 12 14.26 -7.95 -17.00
C ASP B 12 12.89 -8.03 -16.35
N ALA B 13 12.77 -7.36 -15.21
CA ALA B 13 11.52 -7.23 -14.49
C ALA B 13 10.41 -6.74 -15.40
N LEU B 14 10.68 -5.67 -16.13
CA LEU B 14 9.64 -4.98 -16.90
C LEU B 14 9.34 -5.63 -18.22
N GLN B 15 10.27 -6.42 -18.74
CA GLN B 15 9.96 -7.24 -19.89
C GLN B 15 8.86 -8.21 -19.50
N ARG B 16 9.00 -8.74 -18.29
CA ARG B 16 7.99 -9.58 -17.68
C ARG B 16 6.76 -8.75 -17.26
N ALA B 17 7.03 -7.50 -16.88
CA ALA B 17 6.03 -6.61 -16.30
C ALA B 17 4.94 -6.19 -17.27
N ARG B 18 5.29 -5.83 -18.48
CA ARG B 18 4.25 -5.62 -19.46
C ARG B 18 3.80 -6.90 -20.12
N GLN B 19 4.65 -7.91 -20.17
CA GLN B 19 4.22 -9.22 -20.65
C GLN B 19 3.05 -9.73 -19.79
N ILE B 20 3.15 -9.55 -18.47
CA ILE B 20 2.06 -9.88 -17.56
C ILE B 20 0.85 -9.00 -17.85
N ALA B 21 1.09 -7.71 -18.07
CA ALA B 21 0.02 -6.78 -18.41
C ALA B 21 -0.67 -7.17 -19.71
N ALA B 22 0.04 -7.90 -20.57
CA ALA B 22 -0.49 -8.31 -21.85
C ALA B 22 -1.25 -9.63 -21.77
N LYS B 23 -0.85 -10.48 -20.82
CA LYS B 23 -1.51 -11.78 -20.67
C LYS B 23 -2.64 -11.70 -19.66
N ILE B 24 -2.48 -10.86 -18.63
CA ILE B 24 -3.52 -10.64 -17.62
C ILE B 24 -3.82 -11.91 -16.83
N GLY B 25 -3.37 -11.94 -15.58
CA GLY B 25 -3.64 -13.07 -14.71
C GLY B 25 -5.08 -13.09 -14.22
N GLY B 26 -6.01 -13.30 -15.14
CA GLY B 26 -7.42 -13.34 -14.78
C GLY B 26 -7.85 -14.73 -14.39
N ASP B 27 -7.05 -15.37 -13.55
CA ASP B 27 -7.33 -16.72 -13.07
C ASP B 27 -8.61 -16.73 -12.24
N ALA B 28 -9.60 -17.47 -12.72
CA ALA B 28 -10.92 -17.53 -12.10
C ALA B 28 -11.61 -16.16 -12.15
N GLY B 29 -11.27 -15.39 -13.17
CA GLY B 29 -11.87 -14.08 -13.36
C GLY B 29 -12.37 -13.91 -14.78
N THR B 30 -11.46 -14.05 -15.74
CA THR B 30 -11.76 -13.94 -17.18
C THR B 30 -12.47 -12.63 -17.54
N SER B 31 -12.88 -12.52 -18.80
CA SER B 31 -13.61 -11.34 -19.27
C SER B 31 -14.63 -11.74 -20.33
N GLY A 1 -17.01 -6.43 20.75
CA GLY A 1 -17.55 -5.08 21.07
C GLY A 1 -16.57 -3.99 20.74
N ALA A 2 -16.15 -3.24 21.75
CA ALA A 2 -15.19 -2.18 21.56
C ALA A 2 -13.77 -2.74 21.49
N MET A 3 -13.29 -2.93 20.27
CA MET A 3 -11.97 -3.51 20.05
C MET A 3 -10.90 -2.42 20.08
N ALA A 4 -11.32 -1.18 19.84
CA ALA A 4 -10.41 -0.04 19.84
C ALA A 4 -10.12 0.43 21.26
N GLN A 5 -10.37 -0.45 22.22
CA GLN A 5 -10.10 -0.17 23.62
C GLN A 5 -8.65 -0.50 23.95
N ARG A 6 -8.04 -1.37 23.16
CA ARG A 6 -6.69 -1.82 23.40
C ARG A 6 -5.70 -1.09 22.49
N GLN A 7 -4.66 -0.51 23.10
CA GLN A 7 -3.61 0.21 22.38
C GLN A 7 -4.18 1.38 21.59
N ARG A 8 -4.38 2.49 22.31
CA ARG A 8 -5.02 3.68 21.75
C ARG A 8 -4.28 4.21 20.51
N ALA A 9 -2.97 3.98 20.46
CA ALA A 9 -2.14 4.48 19.38
C ALA A 9 -2.54 3.88 18.03
N LEU A 10 -3.09 2.67 18.05
CA LEU A 10 -3.47 1.98 16.82
C LEU A 10 -4.69 2.63 16.19
N ALA A 11 -5.60 3.13 17.03
CA ALA A 11 -6.83 3.75 16.56
C ALA A 11 -6.53 5.00 15.73
N ILE A 12 -5.47 5.70 16.10
CA ILE A 12 -5.05 6.88 15.37
C ILE A 12 -4.22 6.48 14.15
N MET A 13 -3.42 5.43 14.32
CA MET A 13 -2.50 4.97 13.27
C MET A 13 -3.24 4.46 12.04
N CYS A 14 -4.47 3.98 12.24
CA CYS A 14 -5.24 3.40 11.14
C CYS A 14 -5.94 4.47 10.30
N ARG A 15 -5.69 5.74 10.58
CA ARG A 15 -6.30 6.81 9.82
C ARG A 15 -5.29 7.89 9.49
N VAL A 16 -5.28 8.34 8.25
CA VAL A 16 -4.34 9.35 7.82
C VAL A 16 -5.04 10.68 7.52
N TYR A 17 -4.43 11.76 7.99
CA TYR A 17 -4.92 13.09 7.73
C TYR A 17 -4.52 13.53 6.33
N VAL A 18 -5.51 13.92 5.54
CA VAL A 18 -5.25 14.43 4.19
C VAL A 18 -5.75 15.86 4.06
N GLY A 19 -4.81 16.78 3.92
CA GLY A 19 -5.15 18.18 3.75
C GLY A 19 -4.87 18.67 2.35
N SER A 20 -5.33 19.87 2.04
CA SER A 20 -5.16 20.47 0.70
C SER A 20 -5.98 19.70 -0.33
N ILE A 21 -7.30 19.78 -0.19
CA ILE A 21 -8.23 19.09 -1.07
C ILE A 21 -8.32 19.78 -2.44
N TYR A 22 -7.90 21.05 -2.47
CA TYR A 22 -7.98 21.89 -3.66
C TYR A 22 -9.44 22.16 -4.05
N TYR A 23 -10.11 21.15 -4.60
CA TYR A 23 -11.51 21.26 -5.04
C TYR A 23 -11.86 20.05 -5.90
N GLU A 24 -10.92 19.69 -6.77
CA GLU A 24 -11.14 18.64 -7.77
C GLU A 24 -10.90 17.25 -7.18
N LEU A 25 -10.67 17.20 -5.87
CA LEU A 25 -10.48 15.93 -5.19
C LEU A 25 -11.67 15.67 -4.27
N GLY A 26 -12.59 14.83 -4.71
CA GLY A 26 -13.76 14.52 -3.92
C GLY A 26 -13.58 13.24 -3.15
N GLU A 27 -14.60 12.85 -2.39
CA GLU A 27 -14.57 11.60 -1.65
C GLU A 27 -14.41 10.45 -2.63
N ASP A 28 -15.14 10.54 -3.75
CA ASP A 28 -15.04 9.57 -4.82
C ASP A 28 -13.60 9.42 -5.27
N THR A 29 -12.96 10.55 -5.51
CA THR A 29 -11.59 10.58 -5.99
C THR A 29 -10.64 9.92 -4.99
N ILE A 30 -10.68 10.40 -3.74
CA ILE A 30 -9.79 9.89 -2.70
C ILE A 30 -10.04 8.41 -2.43
N ARG A 31 -11.30 8.04 -2.31
CA ARG A 31 -11.68 6.65 -2.05
C ARG A 31 -11.11 5.70 -3.10
N GLN A 32 -11.29 6.05 -4.37
CA GLN A 32 -10.85 5.19 -5.45
C GLN A 32 -9.35 5.28 -5.70
N ALA A 33 -8.77 6.44 -5.41
CA ALA A 33 -7.32 6.62 -5.58
C ALA A 33 -6.54 5.83 -4.55
N PHE A 34 -7.09 5.75 -3.34
CA PHE A 34 -6.44 5.02 -2.26
C PHE A 34 -7.03 3.62 -2.12
N ALA A 35 -7.90 3.26 -3.07
CA ALA A 35 -8.53 1.94 -3.10
C ALA A 35 -7.49 0.84 -3.41
N PRO A 36 -6.58 1.05 -4.40
CA PRO A 36 -5.52 0.08 -4.69
C PRO A 36 -4.52 -0.08 -3.54
N PHE A 37 -4.69 0.70 -2.48
CA PHE A 37 -3.79 0.63 -1.34
C PHE A 37 -4.30 -0.36 -0.31
N GLY A 38 -5.45 -0.07 0.27
CA GLY A 38 -6.08 -0.97 1.19
C GLY A 38 -7.57 -0.72 1.28
N PRO A 39 -8.31 -1.55 2.02
CA PRO A 39 -9.76 -1.39 2.17
C PRO A 39 -10.11 -0.10 2.89
N ILE A 40 -10.92 0.72 2.24
CA ILE A 40 -11.36 1.97 2.84
C ILE A 40 -12.33 1.70 3.98
N LYS A 41 -11.99 2.21 5.15
CA LYS A 41 -12.83 2.04 6.33
C LYS A 41 -13.87 3.14 6.40
N SER A 42 -13.40 4.38 6.39
CA SER A 42 -14.28 5.54 6.41
C SER A 42 -13.52 6.78 5.96
N ILE A 43 -14.22 7.72 5.34
CA ILE A 43 -13.62 8.99 4.97
C ILE A 43 -14.38 10.14 5.63
N ASP A 44 -13.77 10.73 6.64
CA ASP A 44 -14.39 11.83 7.36
C ASP A 44 -13.85 13.16 6.85
N MET A 45 -14.68 13.92 6.16
CA MET A 45 -14.23 15.16 5.57
C MET A 45 -15.26 16.27 5.78
N SER A 46 -14.77 17.50 5.88
CA SER A 46 -15.61 18.65 6.08
C SER A 46 -16.24 19.11 4.77
N TRP A 47 -17.56 19.14 4.74
CA TRP A 47 -18.29 19.56 3.56
C TRP A 47 -18.76 21.00 3.69
N ASP A 48 -18.22 21.87 2.85
CA ASP A 48 -18.68 23.24 2.77
C ASP A 48 -20.06 23.30 2.16
N SER A 49 -21.08 23.22 3.01
CA SER A 49 -22.46 23.34 2.59
C SER A 49 -22.86 22.22 1.63
N VAL A 50 -23.96 22.43 0.92
CA VAL A 50 -24.48 21.48 -0.04
C VAL A 50 -23.80 21.66 -1.40
N THR A 51 -23.20 22.83 -1.58
CA THR A 51 -22.62 23.23 -2.86
C THR A 51 -21.40 22.39 -3.29
N MET A 52 -21.17 21.28 -2.58
CA MET A 52 -20.14 20.29 -2.95
C MET A 52 -18.75 20.91 -3.00
N LYS A 53 -18.48 21.89 -2.16
CA LYS A 53 -17.19 22.57 -2.17
C LYS A 53 -16.14 21.74 -1.44
N HIS A 54 -16.48 21.30 -0.22
CA HIS A 54 -15.60 20.46 0.61
C HIS A 54 -14.13 20.92 0.56
N LYS A 55 -13.90 22.16 0.93
CA LYS A 55 -12.56 22.74 0.88
C LYS A 55 -11.98 22.82 2.28
N GLY A 56 -11.22 21.80 2.65
CA GLY A 56 -10.58 21.79 3.96
C GLY A 56 -9.66 20.60 4.12
N PHE A 57 -10.14 19.60 4.82
CA PHE A 57 -9.34 18.42 5.12
C PHE A 57 -10.20 17.17 5.19
N ALA A 58 -9.56 16.01 5.15
CA ALA A 58 -10.26 14.74 5.24
C ALA A 58 -9.44 13.74 6.06
N PHE A 59 -10.13 12.88 6.78
CA PHE A 59 -9.49 11.78 7.49
C PHE A 59 -9.78 10.48 6.79
N VAL A 60 -8.75 9.88 6.21
CA VAL A 60 -8.91 8.62 5.50
C VAL A 60 -8.57 7.45 6.40
N GLU A 61 -9.59 6.73 6.84
CA GLU A 61 -9.40 5.59 7.70
C GLU A 61 -9.27 4.32 6.86
N TYR A 62 -8.26 3.53 7.16
CA TYR A 62 -8.05 2.26 6.50
C TYR A 62 -8.51 1.12 7.39
N GLU A 63 -9.01 0.06 6.76
CA GLU A 63 -9.45 -1.12 7.47
C GLU A 63 -8.23 -1.93 7.94
N VAL A 64 -7.06 -1.59 7.38
CA VAL A 64 -5.81 -2.21 7.74
C VAL A 64 -4.70 -1.16 7.88
N PRO A 65 -3.97 -1.17 8.99
CA PRO A 65 -2.89 -0.22 9.26
C PRO A 65 -1.75 -0.30 8.24
N GLU A 66 -1.64 -1.42 7.53
CA GLU A 66 -0.61 -1.60 6.50
C GLU A 66 -0.67 -0.48 5.45
N ALA A 67 -1.77 -0.43 4.70
CA ALA A 67 -1.97 0.58 3.68
C ALA A 67 -2.00 1.98 4.26
N ALA A 68 -2.40 2.09 5.52
CA ALA A 68 -2.47 3.40 6.19
C ALA A 68 -1.11 4.08 6.20
N GLN A 69 -0.09 3.38 6.67
CA GLN A 69 1.24 3.96 6.71
C GLN A 69 1.84 4.02 5.32
N LEU A 70 1.56 3.00 4.50
CA LEU A 70 2.05 2.94 3.14
C LEU A 70 1.64 4.19 2.36
N ALA A 71 0.35 4.51 2.44
CA ALA A 71 -0.19 5.68 1.78
C ALA A 71 0.46 6.95 2.31
N LEU A 72 0.65 6.99 3.62
CA LEU A 72 1.27 8.14 4.26
C LEU A 72 2.70 8.33 3.75
N GLU A 73 3.50 7.27 3.85
CA GLU A 73 4.91 7.32 3.46
C GLU A 73 5.08 7.78 2.01
N GLN A 74 4.29 7.23 1.11
CA GLN A 74 4.45 7.51 -0.30
C GLN A 74 3.86 8.86 -0.70
N MET A 75 2.65 9.16 -0.23
CA MET A 75 1.97 10.39 -0.64
C MET A 75 2.59 11.63 0.01
N ASN A 76 3.26 11.43 1.13
CA ASN A 76 3.97 12.53 1.78
C ASN A 76 5.25 12.84 1.02
N SER A 77 5.74 11.85 0.29
CA SER A 77 6.99 11.98 -0.43
C SER A 77 6.77 12.62 -1.81
N VAL A 78 5.61 12.41 -2.39
CA VAL A 78 5.31 12.96 -3.71
C VAL A 78 3.86 13.41 -3.82
N MET A 79 3.67 14.63 -4.30
CA MET A 79 2.33 15.16 -4.51
C MET A 79 1.74 14.60 -5.80
N LEU A 80 0.51 14.10 -5.73
CA LEU A 80 -0.13 13.51 -6.89
C LEU A 80 -0.82 14.56 -7.75
N GLY A 81 -0.70 14.41 -9.06
CA GLY A 81 -1.39 15.29 -10.00
C GLY A 81 -0.72 16.65 -10.14
N GLY A 82 -0.27 17.19 -9.02
CA GLY A 82 0.31 18.52 -9.01
C GLY A 82 -0.21 19.33 -7.84
N ARG A 83 -1.01 18.68 -7.00
CA ARG A 83 -1.55 19.34 -5.81
C ARG A 83 -0.71 18.99 -4.60
N ASN A 84 -0.26 20.01 -3.88
CA ASN A 84 0.56 19.80 -2.68
C ASN A 84 -0.30 19.33 -1.52
N ILE A 85 -0.83 18.13 -1.63
CA ILE A 85 -1.63 17.54 -0.57
C ILE A 85 -0.79 17.29 0.67
N LYS A 86 -1.43 17.27 1.82
CA LYS A 86 -0.72 16.99 3.05
C LYS A 86 -1.23 15.70 3.65
N VAL A 87 -0.42 14.66 3.60
CA VAL A 87 -0.81 13.36 4.13
C VAL A 87 0.03 13.02 5.35
N GLY A 88 -0.62 13.03 6.51
CA GLY A 88 0.07 12.69 7.73
C GLY A 88 0.70 13.91 8.39
N ARG A 89 0.63 13.96 9.71
CA ARG A 89 1.25 15.03 10.46
C ARG A 89 2.10 14.46 11.59
N PRO A 90 3.31 15.01 11.80
CA PRO A 90 4.17 14.63 12.92
C PRO A 90 3.68 15.24 14.23
N SER A 91 2.38 15.11 14.49
CA SER A 91 1.76 15.69 15.66
C SER A 91 1.98 14.81 16.88
N ASN A 92 1.77 13.51 16.71
CA ASN A 92 1.95 12.55 17.80
C ASN A 92 3.38 11.99 17.76
N ILE A 93 4.32 12.85 17.40
CA ILE A 93 5.72 12.46 17.26
C ILE A 93 6.31 12.07 18.61
N GLY A 94 7.06 10.98 18.64
CA GLY A 94 7.64 10.49 19.86
C GLY A 94 6.74 9.53 20.59
N GLN A 95 5.44 9.78 20.50
CA GLN A 95 4.45 8.93 21.16
C GLN A 95 4.12 7.71 20.30
N ALA A 96 3.96 7.94 19.01
CA ALA A 96 3.63 6.86 18.08
C ALA A 96 4.86 6.07 17.66
N GLN A 97 6.03 6.68 17.85
CA GLN A 97 7.30 6.07 17.43
C GLN A 97 7.54 4.70 18.07
N PRO A 98 7.44 4.55 19.41
CA PRO A 98 7.68 3.26 20.07
C PRO A 98 6.76 2.15 19.54
N ILE A 99 5.56 2.54 19.11
CA ILE A 99 4.60 1.60 18.57
C ILE A 99 5.00 1.17 17.16
N ILE A 100 5.27 2.15 16.32
CA ILE A 100 5.67 1.88 14.95
C ILE A 100 7.02 1.16 14.90
N ASP A 101 7.96 1.63 15.71
CA ASP A 101 9.28 1.02 15.80
C ASP A 101 9.17 -0.46 16.12
N GLN A 102 8.27 -0.80 17.03
CA GLN A 102 8.05 -2.17 17.43
C GLN A 102 7.59 -3.01 16.24
N LEU A 103 6.55 -2.54 15.58
CA LEU A 103 5.97 -3.26 14.44
C LEU A 103 6.97 -3.34 13.29
N ALA A 104 7.59 -2.22 12.97
CA ALA A 104 8.50 -2.12 11.83
C ALA A 104 9.67 -3.09 11.96
N GLU A 105 10.27 -3.15 13.15
CA GLU A 105 11.41 -4.02 13.36
C GLU A 105 10.97 -5.48 13.40
N GLU A 106 9.80 -5.74 13.94
CA GLU A 106 9.28 -7.09 14.00
C GLU A 106 8.92 -7.59 12.61
N ALA A 107 8.37 -6.69 11.78
CA ALA A 107 8.04 -7.02 10.40
C ALA A 107 9.28 -7.39 9.60
N ARG A 108 10.43 -6.84 10.02
CA ARG A 108 11.71 -7.14 9.37
C ARG A 108 12.07 -8.62 9.52
N ALA A 109 11.48 -9.28 10.51
CA ALA A 109 11.77 -10.69 10.77
C ALA A 109 10.91 -11.59 9.90
N PHE A 110 9.89 -11.01 9.28
CA PHE A 110 8.95 -11.79 8.47
C PHE A 110 9.32 -11.76 7.00
N ASN A 111 10.17 -10.79 6.62
CA ASN A 111 10.68 -10.67 5.25
C ASN A 111 9.57 -10.36 4.25
N ARG A 112 8.43 -9.93 4.75
CA ARG A 112 7.28 -9.66 3.90
C ARG A 112 7.07 -8.17 3.73
N ILE A 113 6.82 -7.76 2.50
CA ILE A 113 6.62 -6.35 2.17
C ILE A 113 5.22 -6.14 1.62
N TYR A 114 4.83 -4.88 1.48
CA TYR A 114 3.47 -4.52 1.10
C TYR A 114 3.47 -3.77 -0.22
N VAL A 115 2.82 -4.34 -1.22
CA VAL A 115 2.75 -3.74 -2.54
C VAL A 115 1.31 -3.38 -2.89
N ALA A 116 1.09 -2.10 -3.18
CA ALA A 116 -0.23 -1.61 -3.53
C ALA A 116 -0.21 -0.95 -4.91
N SER A 117 -1.38 -0.46 -5.33
CA SER A 117 -1.54 0.26 -6.59
C SER A 117 -1.34 -0.67 -7.78
N VAL A 118 -1.65 -1.94 -7.57
CA VAL A 118 -1.57 -2.94 -8.62
C VAL A 118 -2.70 -2.74 -9.64
N HIS A 119 -2.37 -2.93 -10.93
CA HIS A 119 -3.40 -2.86 -11.97
C HIS A 119 -4.40 -3.97 -11.73
N GLN A 120 -5.68 -3.62 -11.59
CA GLN A 120 -6.71 -4.54 -11.08
C GLN A 120 -6.68 -5.91 -11.78
N ASP A 121 -6.41 -5.92 -13.08
CA ASP A 121 -6.37 -7.17 -13.84
C ASP A 121 -5.09 -7.95 -13.54
N LEU A 122 -3.96 -7.24 -13.53
CA LEU A 122 -2.66 -7.85 -13.25
C LEU A 122 -2.70 -8.50 -11.86
N SER A 123 -2.55 -9.81 -11.81
CA SER A 123 -2.81 -10.57 -10.60
C SER A 123 -1.52 -10.91 -9.85
N ASP A 124 -1.66 -11.64 -8.73
CA ASP A 124 -0.51 -12.01 -7.90
C ASP A 124 0.56 -12.74 -8.70
N ASP A 125 0.14 -13.68 -9.53
CA ASP A 125 1.07 -14.43 -10.39
C ASP A 125 1.83 -13.48 -11.30
N ASP A 126 1.17 -12.40 -11.67
CA ASP A 126 1.78 -11.38 -12.51
C ASP A 126 2.79 -10.57 -11.72
N ILE A 127 2.35 -9.98 -10.61
CA ILE A 127 3.20 -9.10 -9.79
C ILE A 127 4.49 -9.80 -9.36
N LYS A 128 4.42 -11.13 -9.24
CA LYS A 128 5.56 -11.95 -8.88
C LYS A 128 6.75 -11.71 -9.82
N SER A 129 6.46 -11.41 -11.08
CA SER A 129 7.47 -11.21 -12.12
C SER A 129 8.58 -10.28 -11.68
N VAL A 130 8.17 -9.06 -11.39
CA VAL A 130 9.08 -7.97 -11.16
C VAL A 130 9.85 -8.14 -9.85
N PHE A 131 9.14 -8.47 -8.79
CA PHE A 131 9.77 -8.67 -7.49
C PHE A 131 10.84 -9.75 -7.57
N GLU A 132 10.52 -10.85 -8.24
CA GLU A 132 11.42 -11.99 -8.30
C GLU A 132 12.64 -11.69 -9.16
N ALA A 133 12.50 -10.75 -10.09
CA ALA A 133 13.59 -10.40 -10.99
C ALA A 133 14.69 -9.64 -10.26
N PHE A 134 14.37 -9.04 -9.12
CA PHE A 134 15.37 -8.35 -8.33
C PHE A 134 15.94 -9.31 -7.28
N GLY A 135 15.04 -10.05 -6.65
CA GLY A 135 15.41 -11.04 -5.66
C GLY A 135 14.38 -12.15 -5.60
N LYS A 136 14.79 -13.33 -5.19
CA LYS A 136 13.88 -14.48 -5.21
C LYS A 136 12.79 -14.34 -4.15
N ILE A 137 11.57 -14.70 -4.55
CA ILE A 137 10.41 -14.62 -3.68
C ILE A 137 10.14 -15.97 -3.02
N LYS A 138 9.62 -15.91 -1.79
CA LYS A 138 9.12 -17.09 -1.10
C LYS A 138 7.74 -17.44 -1.61
N SER A 139 6.81 -16.53 -1.37
CA SER A 139 5.43 -16.69 -1.80
C SER A 139 4.81 -15.31 -2.04
N CYS A 140 3.90 -15.24 -3.00
CA CYS A 140 3.24 -13.99 -3.34
C CYS A 140 1.73 -14.13 -3.21
N THR A 141 1.12 -13.20 -2.49
CA THR A 141 -0.32 -13.25 -2.26
C THR A 141 -0.92 -11.85 -2.30
N LEU A 142 -1.92 -11.68 -3.16
CA LEU A 142 -2.65 -10.42 -3.26
C LEU A 142 -4.06 -10.61 -2.71
N ALA A 143 -4.46 -9.70 -1.83
CA ALA A 143 -5.78 -9.80 -1.19
C ALA A 143 -6.88 -9.71 -2.21
N ARG A 144 -7.95 -10.44 -1.94
CA ARG A 144 -9.01 -10.61 -2.89
C ARG A 144 -10.34 -10.13 -2.30
N ASP A 145 -11.23 -9.65 -3.15
CA ASP A 145 -12.52 -9.14 -2.70
C ASP A 145 -13.66 -9.98 -3.28
N PRO A 146 -14.29 -10.81 -2.43
CA PRO A 146 -15.40 -11.67 -2.86
C PRO A 146 -16.64 -10.88 -3.22
N THR A 147 -16.76 -9.69 -2.64
CA THR A 147 -17.90 -8.82 -2.89
C THR A 147 -17.95 -8.40 -4.36
N THR A 148 -16.80 -7.96 -4.87
CA THR A 148 -16.68 -7.56 -6.25
C THR A 148 -16.43 -8.78 -7.15
N GLY A 149 -15.77 -9.79 -6.59
CA GLY A 149 -15.55 -11.03 -7.31
C GLY A 149 -14.16 -11.14 -7.90
N LYS A 150 -13.30 -10.18 -7.58
CA LYS A 150 -11.94 -10.18 -8.09
C LYS A 150 -10.96 -9.81 -6.99
N HIS A 151 -9.67 -9.81 -7.31
CA HIS A 151 -8.66 -9.49 -6.31
C HIS A 151 -8.49 -7.99 -6.18
N LYS A 152 -8.04 -7.56 -5.01
CA LYS A 152 -7.78 -6.15 -4.77
C LYS A 152 -6.37 -5.82 -5.25
N GLY A 153 -6.13 -4.54 -5.56
CA GLY A 153 -4.88 -4.15 -6.17
C GLY A 153 -3.74 -3.97 -5.17
N TYR A 154 -3.62 -4.89 -4.23
CA TYR A 154 -2.53 -4.86 -3.26
C TYR A 154 -2.29 -6.25 -2.70
N GLY A 155 -1.09 -6.48 -2.19
CA GLY A 155 -0.76 -7.77 -1.63
C GLY A 155 0.54 -7.75 -0.85
N PHE A 156 0.98 -8.92 -0.42
CA PHE A 156 2.21 -9.06 0.35
C PHE A 156 3.22 -9.93 -0.39
N ILE A 157 4.45 -9.47 -0.46
CA ILE A 157 5.53 -10.23 -1.07
C ILE A 157 6.52 -10.68 -0.02
N GLU A 158 6.81 -11.97 0.05
CA GLU A 158 7.76 -12.47 1.02
C GLU A 158 9.09 -12.78 0.32
N TYR A 159 10.15 -12.13 0.77
CA TYR A 159 11.45 -12.30 0.17
C TYR A 159 12.27 -13.36 0.88
N GLU A 160 13.03 -14.10 0.09
CA GLU A 160 13.88 -15.17 0.59
C GLU A 160 15.01 -14.59 1.43
N LYS A 161 15.35 -13.35 1.13
CA LYS A 161 16.35 -12.62 1.88
C LYS A 161 15.76 -11.30 2.36
N ALA A 162 16.05 -10.96 3.62
CA ALA A 162 15.57 -9.71 4.21
C ALA A 162 16.26 -8.52 3.56
N GLN A 163 17.38 -8.79 2.90
CA GLN A 163 18.09 -7.79 2.14
C GLN A 163 17.30 -7.37 0.90
N SER A 164 16.74 -8.36 0.20
CA SER A 164 16.03 -8.09 -1.04
C SER A 164 14.74 -7.32 -0.81
N SER A 165 14.22 -7.37 0.42
CA SER A 165 13.05 -6.59 0.79
C SER A 165 13.32 -5.10 0.59
N GLN A 166 14.54 -4.68 0.94
CA GLN A 166 14.94 -3.29 0.78
C GLN A 166 15.22 -2.97 -0.68
N ASP A 167 15.76 -3.95 -1.38
CA ASP A 167 16.18 -3.79 -2.78
C ASP A 167 14.97 -3.59 -3.70
N ALA A 168 13.87 -4.26 -3.36
CA ALA A 168 12.66 -4.20 -4.16
C ALA A 168 11.89 -2.90 -3.96
N VAL A 169 11.68 -2.50 -2.70
CA VAL A 169 10.76 -1.41 -2.38
C VAL A 169 11.15 -0.09 -3.04
N SER A 170 12.45 0.15 -3.17
CA SER A 170 12.93 1.40 -3.75
C SER A 170 12.86 1.38 -5.27
N SER A 171 12.57 0.21 -5.84
CA SER A 171 12.56 0.05 -7.28
C SER A 171 11.15 -0.26 -7.80
N MET A 172 10.39 -1.01 -7.01
CA MET A 172 9.10 -1.55 -7.45
C MET A 172 8.02 -0.49 -7.55
N ASN A 173 8.24 0.66 -6.93
CA ASN A 173 7.28 1.75 -7.00
C ASN A 173 7.08 2.21 -8.45
N LEU A 174 8.12 2.05 -9.24
CA LEU A 174 8.11 2.44 -10.64
C LEU A 174 7.35 1.45 -11.53
N PHE A 175 6.98 0.30 -10.98
CA PHE A 175 6.28 -0.74 -11.75
C PHE A 175 5.04 -0.13 -12.39
N ASP A 176 5.05 0.04 -13.69
CA ASP A 176 3.92 0.63 -14.36
C ASP A 176 3.25 -0.38 -15.27
N LEU A 177 1.95 -0.49 -15.14
CA LEU A 177 1.18 -1.37 -15.99
C LEU A 177 0.22 -0.55 -16.84
N GLY A 178 0.71 -0.10 -17.98
CA GLY A 178 -0.13 0.69 -18.88
C GLY A 178 -0.05 2.18 -18.57
N GLY A 179 0.80 2.54 -17.62
CA GLY A 179 0.95 3.93 -17.28
C GLY A 179 0.95 4.19 -15.79
N GLN A 180 0.21 3.38 -15.03
CA GLN A 180 0.12 3.59 -13.59
C GLN A 180 1.30 2.94 -12.88
N TYR A 181 1.96 3.72 -12.02
CA TYR A 181 3.06 3.23 -11.21
C TYR A 181 2.53 2.67 -9.89
N LEU A 182 3.09 1.56 -9.46
CA LEU A 182 2.70 0.93 -8.20
C LEU A 182 3.26 1.68 -7.01
N ARG A 183 3.06 1.10 -5.84
CA ARG A 183 3.51 1.68 -4.58
C ARG A 183 3.93 0.57 -3.66
N VAL A 184 5.22 0.49 -3.36
CA VAL A 184 5.72 -0.62 -2.56
C VAL A 184 6.50 -0.14 -1.36
N GLY A 185 6.21 -0.75 -0.22
CA GLY A 185 6.91 -0.44 1.00
C GLY A 185 6.91 -1.64 1.93
N LYS A 186 7.00 -1.40 3.22
CA LYS A 186 6.98 -2.49 4.19
C LYS A 186 5.56 -2.85 4.52
N ALA A 187 5.39 -4.00 5.16
CA ALA A 187 4.07 -4.44 5.62
C ALA A 187 3.69 -3.67 6.88
N VAL A 188 4.65 -2.89 7.39
CA VAL A 188 4.46 -2.06 8.58
C VAL A 188 4.36 -2.90 9.84
N THR A 189 3.33 -3.71 9.91
CA THR A 189 3.11 -4.61 11.03
C THR A 189 3.30 -6.05 10.55
N PRO A 190 3.76 -6.95 11.42
CA PRO A 190 3.87 -8.38 11.13
C PRO A 190 2.57 -8.91 10.51
N PRO A 191 2.63 -9.34 9.23
CA PRO A 191 1.44 -9.70 8.44
C PRO A 191 0.83 -11.04 8.85
N MET A 192 0.59 -11.18 10.15
CA MET A 192 -0.04 -12.38 10.69
C MET A 192 -1.54 -12.44 10.38
N PRO A 193 -2.28 -11.28 10.39
CA PRO A 193 -3.69 -11.26 9.97
C PRO A 193 -3.89 -11.57 8.49
N LEU A 194 -3.62 -12.81 8.10
CA LEU A 194 -3.85 -13.26 6.73
C LEU A 194 -5.33 -13.57 6.55
N LEU A 195 -6.14 -12.53 6.56
CA LEU A 195 -7.60 -12.68 6.51
C LEU A 195 -8.04 -13.09 5.12
N THR A 196 -8.63 -14.27 5.01
CA THR A 196 -9.19 -14.74 3.76
C THR A 196 -10.70 -14.48 3.75
N PRO A 197 -11.15 -13.50 2.97
CA PRO A 197 -12.56 -13.15 2.86
C PRO A 197 -13.31 -14.09 1.93
N ALA A 198 -14.07 -15.01 2.54
CA ALA A 198 -14.89 -15.98 1.81
C ALA A 198 -14.04 -16.92 0.96
N THR A 199 -14.71 -17.78 0.20
CA THR A 199 -14.04 -18.74 -0.65
C THR A 199 -14.51 -18.62 -2.10
N GLY B 1 27.77 -1.04 0.52
CA GLY B 1 27.80 -0.74 -0.93
C GLY B 1 26.43 -0.40 -1.47
N ALA B 2 26.27 -0.53 -2.78
CA ALA B 2 25.04 -0.14 -3.44
C ALA B 2 24.03 -1.30 -3.44
N MET B 3 23.03 -1.18 -2.59
CA MET B 3 21.94 -2.14 -2.55
C MET B 3 20.61 -1.39 -2.47
N GLY B 4 19.59 -1.93 -3.12
CA GLY B 4 18.34 -1.19 -3.21
C GLY B 4 18.33 -0.32 -4.46
N TYR B 5 19.31 -0.54 -5.32
CA TYR B 5 19.46 0.23 -6.54
C TYR B 5 19.70 -0.70 -7.72
N VAL B 6 18.63 -1.15 -8.33
CA VAL B 6 18.74 -2.04 -9.49
C VAL B 6 18.87 -1.23 -10.77
N ASN B 7 19.82 -1.63 -11.61
CA ASN B 7 20.03 -0.96 -12.89
C ASN B 7 19.96 -1.96 -14.03
N ASP B 8 19.64 -3.21 -13.69
CA ASP B 8 19.51 -4.26 -14.70
C ASP B 8 18.42 -5.24 -14.31
N ALA B 9 18.32 -5.54 -13.02
CA ALA B 9 17.33 -6.48 -12.51
C ALA B 9 15.91 -5.99 -12.77
N PHE B 10 15.71 -4.69 -12.68
CA PHE B 10 14.38 -4.11 -12.89
C PHE B 10 14.03 -4.12 -14.38
N LYS B 11 15.05 -4.23 -15.21
CA LYS B 11 14.84 -4.38 -16.65
C LYS B 11 14.31 -5.76 -16.94
N ASP B 12 14.92 -6.77 -16.32
CA ASP B 12 14.44 -8.14 -16.41
C ASP B 12 13.00 -8.19 -15.94
N ALA B 13 12.78 -7.49 -14.83
CA ALA B 13 11.48 -7.35 -14.23
C ALA B 13 10.42 -6.97 -15.25
N LEU B 14 10.67 -5.88 -15.98
CA LEU B 14 9.65 -5.27 -16.81
C LEU B 14 9.47 -5.92 -18.16
N GLN B 15 10.48 -6.62 -18.66
CA GLN B 15 10.28 -7.45 -19.83
C GLN B 15 9.14 -8.40 -19.50
N ARG B 16 9.25 -8.92 -18.30
CA ARG B 16 8.24 -9.81 -17.74
C ARG B 16 6.98 -9.04 -17.32
N ALA B 17 7.17 -7.79 -16.90
CA ALA B 17 6.07 -6.97 -16.37
C ALA B 17 5.01 -6.66 -17.41
N ARG B 18 5.40 -6.26 -18.58
CA ARG B 18 4.41 -6.08 -19.62
C ARG B 18 4.01 -7.39 -20.29
N GLN B 19 4.91 -8.38 -20.25
CA GLN B 19 4.53 -9.75 -20.57
C GLN B 19 3.29 -10.15 -19.76
N ILE B 20 3.31 -9.88 -18.45
CA ILE B 20 2.19 -10.19 -17.57
C ILE B 20 1.02 -9.26 -17.84
N ALA B 21 1.32 -8.04 -18.29
CA ALA B 21 0.28 -7.06 -18.61
C ALA B 21 -0.56 -7.52 -19.80
N ALA B 22 0.07 -8.25 -20.71
CA ALA B 22 -0.64 -8.81 -21.85
C ALA B 22 -1.29 -10.13 -21.47
N LYS B 23 -0.74 -10.79 -20.46
CA LYS B 23 -1.24 -12.08 -20.02
C LYS B 23 -2.44 -11.91 -19.09
N ILE B 24 -2.20 -11.29 -17.93
CA ILE B 24 -3.25 -11.05 -16.93
C ILE B 24 -3.78 -12.35 -16.33
N GLY B 25 -3.32 -12.65 -15.11
CA GLY B 25 -3.83 -13.81 -14.40
C GLY B 25 -2.74 -14.80 -14.07
N GLY B 26 -3.14 -16.00 -13.65
CA GLY B 26 -2.19 -17.03 -13.34
C GLY B 26 -2.78 -18.41 -13.52
N ASP B 27 -2.95 -19.13 -12.41
CA ASP B 27 -3.56 -20.46 -12.43
C ASP B 27 -4.97 -20.42 -12.99
N ALA B 28 -5.10 -20.77 -14.27
CA ALA B 28 -6.40 -20.80 -14.94
C ALA B 28 -6.30 -21.46 -16.30
N GLY B 29 -6.47 -22.76 -16.35
CA GLY B 29 -6.48 -23.48 -17.60
C GLY B 29 -5.34 -24.46 -17.73
N THR B 30 -5.65 -25.63 -18.28
CA THR B 30 -4.65 -26.66 -18.47
C THR B 30 -4.01 -26.54 -19.87
N SER B 31 -3.14 -27.48 -20.21
CA SER B 31 -2.47 -27.46 -21.49
C SER B 31 -3.34 -28.12 -22.57
N GLY A 1 -17.21 8.64 25.65
CA GLY A 1 -16.56 7.35 26.02
C GLY A 1 -15.15 7.55 26.52
N ALA A 2 -14.78 6.85 27.57
CA ALA A 2 -13.45 6.93 28.13
C ALA A 2 -12.69 5.63 27.92
N MET A 3 -11.37 5.69 27.94
CA MET A 3 -10.52 4.53 27.71
C MET A 3 -10.84 3.89 26.38
N ALA A 4 -10.80 4.69 25.32
CA ALA A 4 -11.05 4.21 23.97
C ALA A 4 -9.88 3.37 23.48
N GLN A 5 -9.95 2.07 23.70
CA GLN A 5 -8.86 1.17 23.35
C GLN A 5 -9.37 0.00 22.50
N ARG A 6 -10.17 0.31 21.50
CA ARG A 6 -10.64 -0.70 20.56
C ARG A 6 -9.67 -0.76 19.39
N GLN A 7 -8.45 -1.22 19.69
CA GLN A 7 -7.36 -1.24 18.71
C GLN A 7 -7.06 0.20 18.28
N ARG A 8 -6.83 1.05 19.27
CA ARG A 8 -6.63 2.47 19.07
C ARG A 8 -5.40 2.74 18.20
N ALA A 9 -4.39 1.89 18.34
CA ALA A 9 -3.18 2.02 17.53
C ALA A 9 -3.51 1.95 16.05
N LEU A 10 -4.29 0.93 15.69
CA LEU A 10 -4.67 0.73 14.30
C LEU A 10 -5.59 1.84 13.83
N ALA A 11 -6.50 2.26 14.70
CA ALA A 11 -7.45 3.32 14.37
C ALA A 11 -6.75 4.62 13.99
N ILE A 12 -5.61 4.88 14.62
CA ILE A 12 -4.80 6.03 14.28
C ILE A 12 -3.89 5.74 13.08
N MET A 13 -3.19 4.61 13.15
CA MET A 13 -2.19 4.26 12.12
C MET A 13 -2.82 4.06 10.74
N CYS A 14 -4.03 3.52 10.69
CA CYS A 14 -4.70 3.28 9.42
C CYS A 14 -5.40 4.53 8.90
N ARG A 15 -5.25 5.63 9.62
CA ARG A 15 -5.96 6.85 9.29
C ARG A 15 -4.99 7.95 8.86
N VAL A 16 -5.06 8.32 7.59
CA VAL A 16 -4.21 9.36 7.05
C VAL A 16 -4.93 10.70 7.02
N TYR A 17 -4.17 11.76 7.14
CA TYR A 17 -4.71 13.11 7.13
C TYR A 17 -4.45 13.77 5.77
N VAL A 18 -5.51 14.05 5.04
CA VAL A 18 -5.38 14.70 3.74
C VAL A 18 -5.71 16.18 3.86
N GLY A 19 -4.71 17.04 3.68
CA GLY A 19 -4.92 18.46 3.75
C GLY A 19 -4.64 19.14 2.42
N SER A 20 -5.07 20.40 2.31
CA SER A 20 -4.87 21.20 1.10
C SER A 20 -5.72 20.67 -0.05
N ILE A 21 -6.99 20.42 0.23
CA ILE A 21 -7.93 19.97 -0.79
C ILE A 21 -8.16 21.08 -1.81
N TYR A 22 -7.75 20.81 -3.05
CA TYR A 22 -7.82 21.76 -4.15
C TYR A 22 -9.26 22.18 -4.44
N TYR A 23 -9.99 21.32 -5.14
CA TYR A 23 -11.39 21.59 -5.47
C TYR A 23 -11.99 20.38 -6.18
N GLU A 24 -11.30 19.93 -7.23
CA GLU A 24 -11.74 18.78 -8.01
C GLU A 24 -11.71 17.52 -7.17
N LEU A 25 -10.88 17.52 -6.13
CA LEU A 25 -10.79 16.41 -5.22
C LEU A 25 -11.98 16.41 -4.26
N GLY A 26 -12.98 15.61 -4.57
CA GLY A 26 -14.12 15.46 -3.69
C GLY A 26 -13.96 14.27 -2.79
N GLU A 27 -14.97 13.97 -2.00
CA GLU A 27 -14.91 12.84 -1.07
C GLU A 27 -14.75 11.54 -1.86
N ASP A 28 -15.49 11.45 -2.96
CA ASP A 28 -15.42 10.28 -3.84
C ASP A 28 -14.07 10.22 -4.52
N THR A 29 -13.55 11.37 -4.91
CA THR A 29 -12.29 11.45 -5.63
C THR A 29 -11.13 10.97 -4.74
N ILE A 30 -11.11 11.45 -3.50
CA ILE A 30 -10.05 11.11 -2.57
C ILE A 30 -10.04 9.61 -2.26
N ARG A 31 -11.21 9.05 -1.95
CA ARG A 31 -11.30 7.63 -1.63
C ARG A 31 -10.99 6.75 -2.83
N GLN A 32 -11.37 7.21 -4.03
CA GLN A 32 -11.04 6.47 -5.25
C GLN A 32 -9.55 6.56 -5.57
N ALA A 33 -8.95 7.71 -5.29
CA ALA A 33 -7.53 7.90 -5.53
C ALA A 33 -6.70 6.97 -4.65
N PHE A 34 -7.12 6.82 -3.40
CA PHE A 34 -6.41 5.96 -2.46
C PHE A 34 -7.04 4.58 -2.38
N ALA A 35 -7.95 4.30 -3.31
CA ALA A 35 -8.62 3.01 -3.35
C ALA A 35 -7.65 1.88 -3.68
N PRO A 36 -6.77 2.06 -4.70
CA PRO A 36 -5.75 1.05 -5.02
C PRO A 36 -4.75 0.84 -3.89
N PHE A 37 -4.72 1.75 -2.92
CA PHE A 37 -3.78 1.64 -1.82
C PHE A 37 -4.27 0.58 -0.83
N GLY A 38 -5.38 0.85 -0.19
CA GLY A 38 -6.05 -0.14 0.63
C GLY A 38 -7.53 0.11 0.68
N PRO A 39 -8.34 -0.93 0.97
CA PRO A 39 -9.79 -0.80 1.05
C PRO A 39 -10.19 0.28 2.05
N ILE A 40 -11.09 1.16 1.63
CA ILE A 40 -11.52 2.27 2.47
C ILE A 40 -12.40 1.78 3.62
N LYS A 41 -11.93 1.98 4.84
CA LYS A 41 -12.65 1.51 6.02
C LYS A 41 -13.60 2.59 6.51
N SER A 42 -13.16 3.84 6.47
CA SER A 42 -13.96 4.93 6.99
C SER A 42 -13.49 6.26 6.40
N ILE A 43 -14.45 7.12 6.06
CA ILE A 43 -14.13 8.44 5.52
C ILE A 43 -14.71 9.54 6.39
N ASP A 44 -13.85 10.41 6.91
CA ASP A 44 -14.30 11.58 7.65
C ASP A 44 -13.73 12.84 7.02
N MET A 45 -14.51 13.48 6.18
CA MET A 45 -14.05 14.64 5.44
C MET A 45 -14.68 15.91 5.98
N SER A 46 -13.92 17.00 5.97
CA SER A 46 -14.42 18.29 6.42
C SER A 46 -15.29 18.91 5.33
N TRP A 47 -16.54 18.46 5.27
CA TRP A 47 -17.50 18.96 4.31
C TRP A 47 -18.30 20.10 4.89
N ASP A 48 -18.44 21.17 4.12
CA ASP A 48 -19.36 22.23 4.47
C ASP A 48 -20.68 21.97 3.75
N SER A 49 -21.72 21.66 4.51
CA SER A 49 -23.02 21.39 3.93
C SER A 49 -23.70 22.69 3.51
N VAL A 50 -22.99 23.78 3.67
CA VAL A 50 -23.51 25.08 3.33
C VAL A 50 -23.31 25.39 1.84
N THR A 51 -22.06 25.30 1.39
CA THR A 51 -21.73 25.67 0.03
C THR A 51 -21.17 24.49 -0.77
N MET A 52 -20.78 23.44 -0.04
CA MET A 52 -20.31 22.19 -0.63
C MET A 52 -18.98 22.37 -1.38
N LYS A 53 -18.15 23.27 -0.87
CA LYS A 53 -16.87 23.56 -1.53
C LYS A 53 -15.75 22.76 -0.88
N HIS A 54 -16.04 22.22 0.30
CA HIS A 54 -15.16 21.26 0.99
C HIS A 54 -13.68 21.67 0.95
N LYS A 55 -13.43 22.93 1.26
CA LYS A 55 -12.06 23.45 1.29
C LYS A 55 -11.47 23.26 2.68
N GLY A 56 -10.62 22.25 2.82
CA GLY A 56 -9.99 21.99 4.10
C GLY A 56 -9.22 20.70 4.11
N PHE A 57 -9.69 19.74 4.89
CA PHE A 57 -8.97 18.50 5.12
C PHE A 57 -9.93 17.31 5.18
N ALA A 58 -9.36 16.11 5.24
CA ALA A 58 -10.13 14.89 5.33
C ALA A 58 -9.33 13.80 6.05
N PHE A 59 -10.03 12.90 6.72
CA PHE A 59 -9.42 11.76 7.37
C PHE A 59 -9.89 10.47 6.70
N VAL A 60 -8.96 9.60 6.38
CA VAL A 60 -9.31 8.34 5.71
C VAL A 60 -8.69 7.15 6.45
N GLU A 61 -9.55 6.30 6.99
CA GLU A 61 -9.08 5.06 7.60
C GLU A 61 -9.12 3.93 6.57
N TYR A 62 -8.03 3.17 6.49
CA TYR A 62 -7.94 2.05 5.56
C TYR A 62 -8.16 0.73 6.28
N GLU A 63 -8.32 -0.33 5.51
CA GLU A 63 -8.43 -1.67 6.05
C GLU A 63 -7.16 -2.04 6.80
N VAL A 64 -6.03 -1.81 6.16
CA VAL A 64 -4.73 -2.16 6.73
C VAL A 64 -3.85 -0.91 6.89
N PRO A 65 -3.00 -0.91 7.94
CA PRO A 65 -2.06 0.19 8.19
C PRO A 65 -0.98 0.25 7.11
N GLU A 66 -0.87 -0.85 6.38
CA GLU A 66 0.08 -0.98 5.29
C GLU A 66 -0.25 0.04 4.19
N ALA A 67 -1.53 0.11 3.82
CA ALA A 67 -2.01 1.06 2.85
C ALA A 67 -1.79 2.49 3.31
N ALA A 68 -2.01 2.71 4.60
CA ALA A 68 -1.82 4.03 5.19
C ALA A 68 -0.37 4.47 5.08
N GLN A 69 0.54 3.51 5.24
CA GLN A 69 1.98 3.76 5.09
C GLN A 69 2.27 4.27 3.69
N LEU A 70 1.69 3.61 2.69
CA LEU A 70 1.93 3.98 1.30
C LEU A 70 1.22 5.28 0.95
N ALA A 71 0.05 5.49 1.55
CA ALA A 71 -0.72 6.70 1.32
C ALA A 71 0.06 7.92 1.80
N LEU A 72 0.77 7.76 2.90
CA LEU A 72 1.59 8.83 3.44
C LEU A 72 2.89 8.94 2.63
N GLU A 73 3.70 7.89 2.65
CA GLU A 73 5.04 7.93 2.07
C GLU A 73 5.04 8.15 0.56
N GLN A 74 4.21 7.42 -0.15
CA GLN A 74 4.26 7.41 -1.61
C GLN A 74 3.46 8.56 -2.22
N MET A 75 2.82 9.37 -1.37
CA MET A 75 2.03 10.49 -1.87
C MET A 75 2.57 11.82 -1.33
N ASN A 76 3.10 11.81 -0.11
CA ASN A 76 3.67 13.01 0.50
C ASN A 76 4.96 13.40 -0.20
N SER A 77 5.60 12.42 -0.83
CA SER A 77 6.87 12.64 -1.49
C SER A 77 6.68 13.17 -2.91
N VAL A 78 5.43 13.32 -3.32
CA VAL A 78 5.12 13.80 -4.68
C VAL A 78 4.10 14.94 -4.63
N MET A 79 3.79 15.49 -5.80
CA MET A 79 2.81 16.56 -5.90
C MET A 79 1.64 16.12 -6.75
N LEU A 80 0.43 16.24 -6.21
CA LEU A 80 -0.77 15.85 -6.93
C LEU A 80 -1.21 16.99 -7.86
N GLY A 81 -0.62 17.01 -9.06
CA GLY A 81 -0.95 18.04 -10.01
C GLY A 81 -0.06 19.25 -9.86
N GLY A 82 -0.67 20.43 -9.90
CA GLY A 82 0.10 21.66 -9.80
C GLY A 82 0.30 22.10 -8.36
N ARG A 83 -0.30 21.40 -7.42
CA ARG A 83 -0.15 21.71 -6.01
C ARG A 83 0.22 20.49 -5.21
N ASN A 84 0.87 20.70 -4.08
CA ASN A 84 1.24 19.59 -3.20
C ASN A 84 0.26 19.50 -2.04
N ILE A 85 -0.58 18.46 -2.07
CA ILE A 85 -1.46 18.17 -0.95
C ILE A 85 -0.66 17.56 0.17
N LYS A 86 -1.07 17.79 1.41
CA LYS A 86 -0.34 17.24 2.53
C LYS A 86 -1.06 16.03 3.08
N VAL A 87 -0.48 14.86 2.86
CA VAL A 87 -1.01 13.64 3.41
C VAL A 87 -0.16 13.19 4.59
N GLY A 88 -0.82 12.95 5.71
CA GLY A 88 -0.12 12.50 6.89
C GLY A 88 0.44 13.65 7.70
N ARG A 89 0.26 13.58 9.01
CA ARG A 89 0.79 14.58 9.92
C ARG A 89 1.01 13.94 11.28
N PRO A 90 2.22 13.40 11.51
CA PRO A 90 2.55 12.69 12.75
C PRO A 90 2.64 13.60 13.96
N SER A 91 1.49 13.93 14.52
CA SER A 91 1.42 14.76 15.72
C SER A 91 1.67 13.92 16.96
N ASN A 92 1.55 12.61 16.83
CA ASN A 92 1.75 11.69 17.95
C ASN A 92 3.24 11.37 18.12
N ILE A 93 4.04 12.43 18.23
CA ILE A 93 5.49 12.30 18.39
C ILE A 93 5.82 11.65 19.72
N GLY A 94 6.57 10.56 19.69
CA GLY A 94 6.92 9.85 20.90
C GLY A 94 5.82 8.91 21.36
N GLN A 95 4.59 9.22 20.97
CA GLN A 95 3.44 8.41 21.36
C GLN A 95 3.27 7.22 20.44
N ALA A 96 3.33 7.47 19.13
CA ALA A 96 3.10 6.41 18.15
C ALA A 96 4.39 5.64 17.85
N GLN A 97 5.53 6.27 18.13
CA GLN A 97 6.83 5.68 17.82
C GLN A 97 7.04 4.30 18.48
N PRO A 98 6.89 4.18 19.82
CA PRO A 98 7.11 2.91 20.52
C PRO A 98 6.19 1.81 20.01
N ILE A 99 5.00 2.18 19.56
CA ILE A 99 4.06 1.21 19.04
C ILE A 99 4.53 0.68 17.70
N ILE A 100 4.85 1.60 16.79
CA ILE A 100 5.29 1.23 15.46
C ILE A 100 6.65 0.52 15.51
N ASP A 101 7.48 0.93 16.46
CA ASP A 101 8.79 0.32 16.64
C ASP A 101 8.65 -1.18 16.92
N GLN A 102 7.79 -1.51 17.86
CA GLN A 102 7.57 -2.91 18.25
C GLN A 102 6.97 -3.71 17.10
N LEU A 103 6.12 -3.07 16.31
CA LEU A 103 5.52 -3.69 15.15
C LEU A 103 6.59 -4.03 14.12
N ALA A 104 7.41 -3.05 13.79
CA ALA A 104 8.50 -3.23 12.84
C ALA A 104 9.53 -4.22 13.37
N GLU A 105 9.66 -4.27 14.69
CA GLU A 105 10.57 -5.20 15.36
C GLU A 105 10.18 -6.64 15.04
N GLU A 106 8.91 -6.95 15.27
CA GLU A 106 8.39 -8.28 15.04
C GLU A 106 8.21 -8.56 13.55
N ALA A 107 7.96 -7.50 12.79
CA ALA A 107 7.73 -7.63 11.35
C ALA A 107 8.96 -8.16 10.62
N ARG A 108 10.14 -7.92 11.18
CA ARG A 108 11.38 -8.38 10.55
C ARG A 108 11.46 -9.90 10.57
N ALA A 109 10.70 -10.53 11.46
CA ALA A 109 10.69 -11.98 11.55
C ALA A 109 9.95 -12.59 10.36
N PHE A 110 9.07 -11.80 9.76
CA PHE A 110 8.29 -12.26 8.62
C PHE A 110 8.88 -11.70 7.33
N ASN A 111 9.50 -10.53 7.43
CA ASN A 111 10.16 -9.88 6.29
C ASN A 111 9.23 -9.78 5.08
N ARG A 112 8.34 -8.79 5.11
CA ARG A 112 7.34 -8.63 4.05
C ARG A 112 7.40 -7.22 3.45
N ILE A 113 7.22 -7.15 2.14
CA ILE A 113 7.07 -5.89 1.46
C ILE A 113 5.63 -5.73 1.01
N TYR A 114 5.12 -4.52 1.08
CA TYR A 114 3.73 -4.26 0.75
C TYR A 114 3.62 -3.52 -0.57
N VAL A 115 2.88 -4.12 -1.50
CA VAL A 115 2.70 -3.53 -2.81
C VAL A 115 1.22 -3.24 -3.05
N ALA A 116 0.91 -1.99 -3.33
CA ALA A 116 -0.45 -1.55 -3.56
C ALA A 116 -0.56 -0.89 -4.93
N SER A 117 -1.77 -0.46 -5.27
CA SER A 117 -2.04 0.24 -6.52
C SER A 117 -1.80 -0.68 -7.72
N VAL A 118 -1.96 -1.98 -7.49
CA VAL A 118 -1.71 -2.96 -8.54
C VAL A 118 -2.83 -2.91 -9.58
N HIS A 119 -2.48 -3.14 -10.83
CA HIS A 119 -3.50 -3.19 -11.87
C HIS A 119 -4.35 -4.44 -11.65
N GLN A 120 -5.67 -4.28 -11.65
CA GLN A 120 -6.55 -5.32 -11.13
C GLN A 120 -6.57 -6.60 -11.97
N ASP A 121 -6.13 -6.52 -13.22
CA ASP A 121 -5.97 -7.72 -14.03
C ASP A 121 -4.70 -8.46 -13.64
N LEU A 122 -3.62 -7.69 -13.48
CA LEU A 122 -2.37 -8.22 -12.94
C LEU A 122 -2.63 -8.93 -11.61
N SER A 123 -2.41 -10.24 -11.61
CA SER A 123 -2.72 -11.07 -10.45
C SER A 123 -1.46 -11.33 -9.62
N ASP A 124 -1.60 -12.13 -8.55
CA ASP A 124 -0.49 -12.43 -7.65
C ASP A 124 0.72 -12.98 -8.40
N ASP A 125 0.48 -13.86 -9.37
CA ASP A 125 1.57 -14.45 -10.16
C ASP A 125 2.20 -13.41 -11.08
N ASP A 126 1.40 -12.44 -11.49
CA ASP A 126 1.90 -11.34 -12.32
C ASP A 126 2.85 -10.48 -11.51
N ILE A 127 2.37 -9.98 -10.37
CA ILE A 127 3.16 -9.09 -9.51
C ILE A 127 4.46 -9.77 -9.08
N LYS A 128 4.44 -11.10 -9.03
CA LYS A 128 5.61 -11.90 -8.69
C LYS A 128 6.78 -11.59 -9.63
N SER A 129 6.47 -11.27 -10.89
CA SER A 129 7.49 -11.02 -11.92
C SER A 129 8.55 -10.07 -11.44
N VAL A 130 8.11 -8.89 -11.10
CA VAL A 130 8.98 -7.80 -10.81
C VAL A 130 9.70 -7.98 -9.47
N PHE A 131 9.01 -8.55 -8.50
CA PHE A 131 9.62 -8.80 -7.20
C PHE A 131 10.65 -9.93 -7.29
N GLU A 132 10.35 -10.93 -8.09
CA GLU A 132 11.20 -12.11 -8.21
C GLU A 132 12.44 -11.83 -9.06
N ALA A 133 12.38 -10.81 -9.90
CA ALA A 133 13.49 -10.53 -10.80
C ALA A 133 14.62 -9.80 -10.07
N PHE A 134 14.31 -9.20 -8.92
CA PHE A 134 15.32 -8.49 -8.15
C PHE A 134 16.06 -9.43 -7.20
N GLY A 135 15.32 -10.38 -6.62
CA GLY A 135 15.92 -11.30 -5.68
C GLY A 135 15.12 -12.56 -5.51
N LYS A 136 15.29 -13.24 -4.39
CA LYS A 136 14.59 -14.50 -4.13
C LYS A 136 13.32 -14.25 -3.34
N ILE A 137 12.22 -14.79 -3.85
CA ILE A 137 10.91 -14.48 -3.31
C ILE A 137 10.37 -15.64 -2.46
N LYS A 138 9.80 -15.28 -1.31
CA LYS A 138 9.29 -16.24 -0.36
C LYS A 138 7.81 -16.54 -0.62
N SER A 139 7.00 -15.49 -0.70
CA SER A 139 5.59 -15.64 -0.95
C SER A 139 5.03 -14.44 -1.71
N CYS A 140 4.40 -14.71 -2.84
CA CYS A 140 3.72 -13.65 -3.60
C CYS A 140 2.22 -13.71 -3.32
N THR A 141 1.85 -13.37 -2.10
CA THR A 141 0.47 -13.53 -1.67
C THR A 141 -0.32 -12.22 -1.76
N LEU A 142 -1.16 -12.13 -2.77
CA LEU A 142 -2.07 -11.00 -2.91
C LEU A 142 -3.39 -11.33 -2.23
N ALA A 143 -3.83 -10.43 -1.36
CA ALA A 143 -5.06 -10.63 -0.61
C ALA A 143 -6.27 -10.57 -1.53
N ARG A 144 -7.17 -11.52 -1.38
CA ARG A 144 -8.35 -11.60 -2.21
C ARG A 144 -9.60 -11.83 -1.37
N ASP A 145 -10.72 -11.35 -1.86
CA ASP A 145 -12.00 -11.56 -1.21
C ASP A 145 -12.51 -12.97 -1.49
N PRO A 146 -12.67 -13.78 -0.44
CA PRO A 146 -13.09 -15.18 -0.56
C PRO A 146 -14.52 -15.35 -1.04
N THR A 147 -15.33 -14.30 -0.96
CA THR A 147 -16.73 -14.40 -1.32
C THR A 147 -16.96 -14.17 -2.81
N THR A 148 -16.37 -13.12 -3.36
CA THR A 148 -16.53 -12.82 -4.78
C THR A 148 -15.42 -13.45 -5.62
N GLY A 149 -14.28 -13.69 -4.99
CA GLY A 149 -13.15 -14.26 -5.70
C GLY A 149 -12.29 -13.18 -6.35
N LYS A 150 -12.38 -11.98 -5.82
CA LYS A 150 -11.66 -10.83 -6.37
C LYS A 150 -10.47 -10.47 -5.50
N HIS A 151 -9.28 -10.48 -6.08
CA HIS A 151 -8.10 -10.05 -5.36
C HIS A 151 -8.11 -8.54 -5.20
N LYS A 152 -7.74 -8.08 -4.03
CA LYS A 152 -7.68 -6.68 -3.72
C LYS A 152 -6.53 -6.03 -4.49
N GLY A 153 -6.63 -4.73 -4.71
CA GLY A 153 -5.61 -4.00 -5.44
C GLY A 153 -4.31 -3.82 -4.66
N TYR A 154 -3.98 -4.80 -3.84
CA TYR A 154 -2.73 -4.79 -3.10
C TYR A 154 -2.32 -6.23 -2.79
N GLY A 155 -1.06 -6.42 -2.43
CA GLY A 155 -0.58 -7.73 -2.08
C GLY A 155 0.61 -7.67 -1.15
N PHE A 156 0.89 -8.78 -0.50
CA PHE A 156 2.05 -8.87 0.37
C PHE A 156 3.05 -9.86 -0.19
N ILE A 157 4.22 -9.39 -0.54
CA ILE A 157 5.29 -10.27 -0.97
C ILE A 157 6.28 -10.44 0.17
N GLU A 158 6.58 -11.68 0.49
CA GLU A 158 7.52 -11.96 1.56
C GLU A 158 8.85 -12.34 0.96
N TYR A 159 9.92 -11.97 1.63
CA TYR A 159 11.26 -12.25 1.14
C TYR A 159 12.02 -13.11 2.13
N GLU A 160 12.64 -14.16 1.60
CA GLU A 160 13.48 -15.04 2.39
C GLU A 160 14.83 -14.40 2.63
N LYS A 161 15.23 -13.53 1.72
CA LYS A 161 16.51 -12.85 1.81
C LYS A 161 16.28 -11.37 2.04
N ALA A 162 16.86 -10.88 3.14
CA ALA A 162 16.68 -9.50 3.55
C ALA A 162 17.21 -8.52 2.52
N GLN A 163 18.30 -8.90 1.83
CA GLN A 163 18.89 -8.04 0.81
C GLN A 163 17.90 -7.77 -0.33
N SER A 164 17.11 -8.79 -0.69
CA SER A 164 16.15 -8.64 -1.77
C SER A 164 14.97 -7.78 -1.32
N SER A 165 14.68 -7.82 -0.03
CA SER A 165 13.57 -7.06 0.54
C SER A 165 13.90 -5.58 0.60
N GLN A 166 15.20 -5.26 0.60
CA GLN A 166 15.64 -3.87 0.70
C GLN A 166 15.44 -3.14 -0.63
N ASP A 167 15.89 -3.74 -1.71
CA ASP A 167 15.93 -3.04 -3.00
C ASP A 167 14.56 -3.04 -3.66
N ALA A 168 13.78 -4.11 -3.47
CA ALA A 168 12.46 -4.22 -4.08
C ALA A 168 11.58 -3.01 -3.71
N VAL A 169 11.83 -2.42 -2.55
CA VAL A 169 11.06 -1.27 -2.08
C VAL A 169 11.39 -0.01 -2.89
N SER A 170 12.63 0.12 -3.31
CA SER A 170 13.07 1.32 -4.00
C SER A 170 12.87 1.20 -5.52
N SER A 171 12.71 -0.02 -5.99
CA SER A 171 12.70 -0.26 -7.43
C SER A 171 11.33 -0.71 -7.96
N MET A 172 10.33 -0.80 -7.09
CA MET A 172 9.05 -1.37 -7.52
C MET A 172 7.87 -0.39 -7.39
N ASN A 173 8.13 0.84 -6.99
CA ASN A 173 7.08 1.85 -6.97
C ASN A 173 6.90 2.47 -8.35
N LEU A 174 7.90 2.27 -9.19
CA LEU A 174 7.85 2.69 -10.59
C LEU A 174 7.05 1.73 -11.48
N PHE A 175 6.68 0.56 -10.94
CA PHE A 175 6.03 -0.50 -11.72
C PHE A 175 4.91 0.05 -12.60
N ASP A 176 5.17 0.12 -13.89
CA ASP A 176 4.23 0.66 -14.87
C ASP A 176 3.34 -0.43 -15.45
N LEU A 177 2.05 -0.34 -15.14
CA LEU A 177 1.06 -1.16 -15.80
C LEU A 177 0.06 -0.26 -16.51
N GLY A 178 0.39 0.12 -17.73
CA GLY A 178 -0.52 0.90 -18.54
C GLY A 178 -0.53 2.37 -18.15
N GLY A 179 0.62 2.89 -17.72
CA GLY A 179 0.70 4.28 -17.33
C GLY A 179 0.50 4.46 -15.84
N GLN A 180 0.22 3.36 -15.15
CA GLN A 180 -0.01 3.39 -13.72
C GLN A 180 1.23 2.87 -13.00
N TYR A 181 1.71 3.64 -12.02
CA TYR A 181 2.83 3.24 -11.21
C TYR A 181 2.34 2.67 -9.89
N LEU A 182 2.71 1.43 -9.60
CA LEU A 182 2.34 0.79 -8.35
C LEU A 182 3.09 1.41 -7.18
N ARG A 183 2.84 0.91 -5.99
CA ARG A 183 3.40 1.51 -4.79
C ARG A 183 3.93 0.42 -3.87
N VAL A 184 5.17 0.54 -3.44
CA VAL A 184 5.72 -0.43 -2.51
C VAL A 184 6.22 0.22 -1.23
N GLY A 185 6.18 -0.56 -0.15
CA GLY A 185 6.66 -0.10 1.13
C GLY A 185 6.93 -1.27 2.05
N LYS A 186 6.53 -1.14 3.30
CA LYS A 186 6.79 -2.18 4.28
C LYS A 186 5.49 -2.71 4.87
N ALA A 187 5.52 -3.95 5.30
CA ALA A 187 4.39 -4.57 5.95
C ALA A 187 4.59 -4.47 7.45
N VAL A 188 3.87 -3.55 8.06
CA VAL A 188 4.12 -3.15 9.43
C VAL A 188 3.35 -4.03 10.41
N THR A 189 2.16 -4.45 10.04
CA THR A 189 1.34 -5.26 10.93
C THR A 189 1.71 -6.74 10.82
N PRO A 190 1.83 -7.44 11.96
CA PRO A 190 2.12 -8.87 12.00
C PRO A 190 0.99 -9.70 11.39
N PRO A 191 1.31 -10.52 10.37
CA PRO A 191 0.32 -11.33 9.67
C PRO A 191 -0.12 -12.55 10.47
N MET A 192 -1.05 -12.34 11.38
CA MET A 192 -1.64 -13.44 12.15
C MET A 192 -2.65 -14.19 11.28
N PRO A 193 -2.51 -15.52 11.17
CA PRO A 193 -3.37 -16.35 10.32
C PRO A 193 -4.77 -16.53 10.89
N LEU A 194 -5.76 -16.61 10.02
CA LEU A 194 -7.13 -16.82 10.44
C LEU A 194 -7.37 -18.31 10.71
N LEU A 195 -6.72 -18.82 11.74
CA LEU A 195 -6.84 -20.22 12.12
C LEU A 195 -8.07 -20.42 12.99
N THR A 196 -8.50 -19.35 13.61
CA THR A 196 -9.67 -19.38 14.48
C THR A 196 -10.92 -18.93 13.72
N PRO A 197 -12.08 -19.51 14.05
CA PRO A 197 -13.35 -19.21 13.38
C PRO A 197 -13.91 -17.84 13.78
N ALA A 198 -13.16 -16.80 13.47
CA ALA A 198 -13.58 -15.43 13.75
C ALA A 198 -14.50 -14.93 12.66
N THR A 199 -15.78 -15.24 12.78
CA THR A 199 -16.77 -14.83 11.79
C THR A 199 -18.11 -14.57 12.48
N GLY B 1 26.36 -9.31 -6.45
CA GLY B 1 25.54 -8.42 -7.30
C GLY B 1 25.72 -6.96 -6.93
N ALA B 2 24.89 -6.10 -7.49
CA ALA B 2 24.95 -4.67 -7.20
C ALA B 2 23.68 -4.19 -6.55
N MET B 3 23.45 -4.61 -5.30
CA MET B 3 22.26 -4.21 -4.57
C MET B 3 22.32 -2.73 -4.25
N GLY B 4 21.25 -2.02 -4.56
CA GLY B 4 21.25 -0.57 -4.43
C GLY B 4 21.45 0.10 -5.77
N TYR B 5 22.11 -0.63 -6.67
CA TYR B 5 22.35 -0.16 -8.03
C TYR B 5 21.53 -1.00 -9.00
N VAL B 6 20.35 -1.42 -8.56
CA VAL B 6 19.53 -2.31 -9.36
C VAL B 6 18.81 -1.57 -10.50
N ASN B 7 19.33 -1.77 -11.69
CA ASN B 7 18.63 -1.36 -12.90
C ASN B 7 18.46 -2.59 -13.78
N ASP B 8 19.54 -3.35 -13.90
CA ASP B 8 19.56 -4.58 -14.71
C ASP B 8 18.46 -5.55 -14.26
N ALA B 9 18.44 -5.85 -12.98
CA ALA B 9 17.47 -6.80 -12.43
C ALA B 9 16.04 -6.27 -12.59
N PHE B 10 15.90 -4.95 -12.54
CA PHE B 10 14.59 -4.32 -12.67
C PHE B 10 14.14 -4.32 -14.14
N LYS B 11 15.09 -4.44 -15.05
CA LYS B 11 14.76 -4.56 -16.46
C LYS B 11 14.21 -5.95 -16.74
N ASP B 12 14.83 -6.96 -16.13
CA ASP B 12 14.31 -8.32 -16.18
C ASP B 12 12.90 -8.34 -15.62
N ALA B 13 12.73 -7.61 -14.53
CA ALA B 13 11.43 -7.42 -13.90
C ALA B 13 10.39 -6.99 -14.91
N LEU B 14 10.73 -5.99 -15.70
CA LEU B 14 9.76 -5.32 -16.56
C LEU B 14 9.51 -6.06 -17.85
N GLN B 15 10.47 -6.84 -18.31
CA GLN B 15 10.21 -7.72 -19.43
C GLN B 15 9.04 -8.61 -19.05
N ARG B 16 9.12 -9.13 -17.82
CA ARG B 16 8.04 -9.91 -17.23
C ARG B 16 6.82 -9.02 -16.96
N ALA B 17 7.09 -7.78 -16.58
CA ALA B 17 6.06 -6.85 -16.08
C ALA B 17 5.00 -6.52 -17.13
N ARG B 18 5.38 -6.13 -18.31
CA ARG B 18 4.38 -5.93 -19.32
C ARG B 18 3.94 -7.23 -19.99
N GLN B 19 4.81 -8.24 -19.98
CA GLN B 19 4.40 -9.59 -20.36
C GLN B 19 3.17 -10.01 -19.55
N ILE B 20 3.22 -9.78 -18.23
CA ILE B 20 2.09 -10.11 -17.35
C ILE B 20 0.90 -9.21 -17.66
N ALA B 21 1.17 -7.95 -18.01
CA ALA B 21 0.13 -7.00 -18.35
C ALA B 21 -0.58 -7.41 -19.64
N ALA B 22 0.06 -8.25 -20.43
CA ALA B 22 -0.52 -8.72 -21.68
C ALA B 22 -1.36 -9.98 -21.47
N LYS B 23 -0.87 -10.91 -20.66
CA LYS B 23 -1.55 -12.19 -20.46
C LYS B 23 -2.52 -12.15 -19.27
N ILE B 24 -2.36 -11.11 -18.42
CA ILE B 24 -3.30 -10.80 -17.33
C ILE B 24 -3.79 -12.03 -16.53
N GLY B 25 -2.93 -12.55 -15.67
CA GLY B 25 -3.32 -13.65 -14.81
C GLY B 25 -2.86 -15.01 -15.31
N GLY B 26 -3.70 -16.02 -15.13
CA GLY B 26 -3.34 -17.36 -15.52
C GLY B 26 -3.96 -17.78 -16.85
N ASP B 27 -4.39 -19.03 -16.92
CA ASP B 27 -4.96 -19.58 -18.15
C ASP B 27 -6.44 -19.20 -18.25
N ALA B 28 -6.82 -18.65 -19.40
CA ALA B 28 -8.20 -18.21 -19.61
C ALA B 28 -8.49 -18.04 -21.10
N GLY B 29 -7.64 -18.65 -21.93
CA GLY B 29 -7.80 -18.52 -23.36
C GLY B 29 -7.61 -19.83 -24.09
N THR B 30 -8.54 -20.76 -23.89
CA THR B 30 -8.49 -22.05 -24.55
C THR B 30 -8.85 -21.90 -26.03
N SER B 31 -7.82 -21.82 -26.86
CA SER B 31 -7.99 -21.65 -28.29
C SER B 31 -6.70 -22.04 -28.99
N GLY A 1 -19.49 -2.70 19.17
CA GLY A 1 -18.80 -3.62 20.12
C GLY A 1 -17.42 -3.11 20.49
N ALA A 2 -17.36 -2.25 21.49
CA ALA A 2 -16.10 -1.71 21.96
C ALA A 2 -15.53 -2.56 23.07
N MET A 3 -14.87 -3.64 22.70
CA MET A 3 -14.33 -4.59 23.66
C MET A 3 -12.81 -4.53 23.69
N ALA A 4 -12.21 -4.44 22.51
CA ALA A 4 -10.76 -4.38 22.39
C ALA A 4 -10.29 -2.93 22.32
N GLN A 5 -10.24 -2.29 23.48
CA GLN A 5 -9.90 -0.87 23.54
C GLN A 5 -8.40 -0.68 23.68
N ARG A 6 -7.66 -1.77 23.51
CA ARG A 6 -6.20 -1.72 23.57
C ARG A 6 -5.62 -1.26 22.24
N GLN A 7 -6.50 -0.98 21.28
CA GLN A 7 -6.09 -0.59 19.95
C GLN A 7 -6.01 0.93 19.81
N ARG A 8 -5.72 1.61 20.92
CA ARG A 8 -5.67 3.08 20.93
C ARG A 8 -4.66 3.60 19.93
N ALA A 9 -3.48 2.98 19.90
CA ALA A 9 -2.43 3.38 18.99
C ALA A 9 -2.75 2.95 17.57
N LEU A 10 -3.54 1.88 17.44
CA LEU A 10 -3.89 1.34 16.14
C LEU A 10 -4.96 2.20 15.45
N ALA A 11 -5.98 2.58 16.21
CA ALA A 11 -7.10 3.36 15.68
C ALA A 11 -6.62 4.65 15.01
N ILE A 12 -5.72 5.36 15.67
CA ILE A 12 -5.18 6.61 15.12
C ILE A 12 -4.37 6.34 13.85
N MET A 13 -3.69 5.19 13.81
CA MET A 13 -2.91 4.79 12.64
C MET A 13 -3.81 4.43 11.47
N CYS A 14 -5.04 4.00 11.76
CA CYS A 14 -5.94 3.54 10.72
C CYS A 14 -6.38 4.67 9.79
N ARG A 15 -6.51 5.87 10.32
CA ARG A 15 -6.96 6.99 9.52
C ARG A 15 -5.83 7.98 9.25
N VAL A 16 -5.64 8.30 7.98
CA VAL A 16 -4.63 9.26 7.59
C VAL A 16 -5.27 10.57 7.13
N TYR A 17 -4.64 11.66 7.51
CA TYR A 17 -5.12 13.00 7.21
C TYR A 17 -4.67 13.43 5.83
N VAL A 18 -5.61 13.91 5.04
CA VAL A 18 -5.30 14.47 3.73
C VAL A 18 -5.44 15.99 3.78
N GLY A 19 -4.32 16.67 3.64
CA GLY A 19 -4.31 18.12 3.66
C GLY A 19 -3.85 18.72 2.36
N SER A 20 -4.03 20.04 2.24
CA SER A 20 -3.70 20.76 1.01
C SER A 20 -4.47 20.19 -0.18
N ILE A 21 -5.78 20.05 -0.01
CA ILE A 21 -6.64 19.51 -1.05
C ILE A 21 -7.18 20.61 -1.95
N TYR A 22 -6.61 21.82 -1.79
CA TYR A 22 -7.09 23.02 -2.49
C TYR A 22 -8.52 23.33 -2.04
N TYR A 23 -8.93 22.66 -0.96
CA TYR A 23 -10.27 22.74 -0.37
C TYR A 23 -11.39 22.75 -1.41
N GLU A 24 -11.18 22.05 -2.52
CA GLU A 24 -12.14 22.08 -3.62
C GLU A 24 -12.52 20.67 -4.07
N LEU A 25 -11.52 19.89 -4.46
CA LEU A 25 -11.72 18.53 -5.01
C LEU A 25 -12.66 17.68 -4.16
N GLY A 26 -13.58 16.99 -4.83
CA GLY A 26 -14.56 16.18 -4.15
C GLY A 26 -13.98 14.92 -3.53
N GLU A 27 -14.80 14.23 -2.75
CA GLU A 27 -14.36 13.08 -1.97
C GLU A 27 -14.06 11.88 -2.87
N ASP A 28 -14.87 11.69 -3.90
CA ASP A 28 -14.73 10.51 -4.77
C ASP A 28 -13.39 10.52 -5.50
N THR A 29 -12.84 11.70 -5.74
CA THR A 29 -11.52 11.80 -6.36
C THR A 29 -10.45 11.25 -5.42
N ILE A 30 -10.52 11.64 -4.16
CA ILE A 30 -9.59 11.18 -3.14
C ILE A 30 -9.81 9.68 -2.88
N ARG A 31 -11.08 9.29 -2.85
CA ARG A 31 -11.47 7.91 -2.64
C ARG A 31 -10.76 6.97 -3.62
N GLN A 32 -10.80 7.34 -4.89
CA GLN A 32 -10.23 6.50 -5.94
C GLN A 32 -8.71 6.61 -5.98
N ALA A 33 -8.18 7.77 -5.60
CA ALA A 33 -6.74 7.97 -5.58
C ALA A 33 -6.09 7.08 -4.53
N PHE A 34 -6.81 6.82 -3.46
CA PHE A 34 -6.31 5.98 -2.38
C PHE A 34 -6.99 4.60 -2.41
N ALA A 35 -7.70 4.32 -3.50
CA ALA A 35 -8.40 3.06 -3.65
C ALA A 35 -7.44 1.88 -3.85
N PRO A 36 -6.39 2.01 -4.69
CA PRO A 36 -5.36 0.99 -4.81
C PRO A 36 -4.47 0.93 -3.56
N PHE A 37 -4.70 1.85 -2.63
CA PHE A 37 -3.92 1.92 -1.40
C PHE A 37 -4.74 1.41 -0.23
N GLY A 38 -5.18 0.17 -0.31
CA GLY A 38 -6.03 -0.39 0.72
C GLY A 38 -7.51 -0.07 0.49
N PRO A 39 -8.41 -0.80 1.18
CA PRO A 39 -9.85 -0.55 1.10
C PRO A 39 -10.28 0.63 1.96
N ILE A 40 -11.08 1.52 1.38
CA ILE A 40 -11.57 2.69 2.08
C ILE A 40 -12.65 2.29 3.10
N LYS A 41 -12.39 2.58 4.37
CA LYS A 41 -13.34 2.22 5.43
C LYS A 41 -14.30 3.38 5.70
N SER A 42 -13.75 4.54 5.99
CA SER A 42 -14.56 5.74 6.23
C SER A 42 -13.73 7.00 6.02
N ILE A 43 -14.21 7.89 5.15
CA ILE A 43 -13.57 9.17 4.98
C ILE A 43 -14.34 10.24 5.73
N ASP A 44 -13.77 10.70 6.83
CA ASP A 44 -14.41 11.70 7.68
C ASP A 44 -14.08 13.10 7.17
N MET A 45 -15.11 13.85 6.82
CA MET A 45 -14.91 15.18 6.25
C MET A 45 -15.91 16.18 6.79
N SER A 46 -15.41 17.32 7.22
CA SER A 46 -16.26 18.43 7.59
C SER A 46 -16.20 19.51 6.53
N TRP A 47 -17.26 19.63 5.73
CA TRP A 47 -17.27 20.56 4.62
C TRP A 47 -18.70 20.87 4.20
N ASP A 48 -18.88 21.99 3.51
CA ASP A 48 -20.19 22.42 3.06
C ASP A 48 -20.54 21.73 1.75
N SER A 49 -21.29 20.64 1.86
CA SER A 49 -21.56 19.76 0.73
C SER A 49 -22.52 20.40 -0.26
N VAL A 50 -23.32 21.36 0.18
CA VAL A 50 -24.31 21.98 -0.68
C VAL A 50 -23.65 22.83 -1.78
N THR A 51 -22.52 23.43 -1.47
CA THR A 51 -21.76 24.20 -2.47
C THR A 51 -20.48 23.48 -2.85
N MET A 52 -20.26 22.33 -2.20
CA MET A 52 -19.09 21.49 -2.43
C MET A 52 -17.80 22.24 -2.10
N LYS A 53 -17.85 23.07 -1.07
CA LYS A 53 -16.69 23.80 -0.61
C LYS A 53 -16.18 23.20 0.68
N HIS A 54 -14.86 23.08 0.79
CA HIS A 54 -14.25 22.44 1.95
C HIS A 54 -13.82 23.49 2.98
N LYS A 55 -12.68 24.12 2.72
CA LYS A 55 -12.04 25.00 3.71
C LYS A 55 -11.87 24.27 5.04
N GLY A 56 -11.40 23.04 4.96
CA GLY A 56 -11.28 22.22 6.15
C GLY A 56 -10.30 21.07 5.96
N PHE A 57 -10.78 19.85 6.15
CA PHE A 57 -9.91 18.69 6.20
C PHE A 57 -10.61 17.44 5.70
N ALA A 58 -9.84 16.36 5.59
CA ALA A 58 -10.38 15.05 5.25
C ALA A 58 -9.55 13.95 5.92
N PHE A 59 -10.21 13.03 6.60
CA PHE A 59 -9.54 11.90 7.23
C PHE A 59 -10.00 10.59 6.61
N VAL A 60 -9.13 9.95 5.84
CA VAL A 60 -9.47 8.68 5.23
C VAL A 60 -8.98 7.52 6.10
N GLU A 61 -9.93 6.82 6.69
CA GLU A 61 -9.62 5.69 7.55
C GLU A 61 -9.67 4.39 6.77
N TYR A 62 -8.66 3.56 6.96
CA TYR A 62 -8.59 2.26 6.33
C TYR A 62 -8.96 1.17 7.32
N GLU A 63 -9.31 0.00 6.77
CA GLU A 63 -9.58 -1.17 7.59
C GLU A 63 -8.27 -1.95 7.79
N VAL A 64 -7.25 -1.50 7.07
CA VAL A 64 -5.95 -2.16 7.10
C VAL A 64 -4.84 -1.13 7.36
N PRO A 65 -3.99 -1.40 8.36
CA PRO A 65 -2.93 -0.47 8.78
C PRO A 65 -1.74 -0.41 7.82
N GLU A 66 -1.53 -1.45 7.01
CA GLU A 66 -0.39 -1.45 6.09
C GLU A 66 -0.54 -0.31 5.09
N ALA A 67 -1.66 -0.32 4.36
CA ALA A 67 -1.97 0.72 3.40
C ALA A 67 -2.00 2.10 4.05
N ALA A 68 -2.35 2.14 5.33
CA ALA A 68 -2.40 3.40 6.06
C ALA A 68 -1.01 4.03 6.16
N GLN A 69 -0.03 3.24 6.61
CA GLN A 69 1.35 3.71 6.71
C GLN A 69 1.93 3.91 5.32
N LEU A 70 1.58 2.98 4.42
CA LEU A 70 2.01 3.03 3.04
C LEU A 70 1.63 4.35 2.38
N ALA A 71 0.34 4.67 2.42
CA ALA A 71 -0.18 5.86 1.77
C ALA A 71 0.32 7.13 2.45
N LEU A 72 0.62 7.02 3.74
CA LEU A 72 1.06 8.15 4.55
C LEU A 72 2.26 8.86 3.91
N GLU A 73 3.37 8.16 3.81
CA GLU A 73 4.60 8.78 3.31
C GLU A 73 4.74 8.68 1.80
N GLN A 74 4.30 7.56 1.22
CA GLN A 74 4.52 7.30 -0.21
C GLN A 74 3.67 8.22 -1.09
N MET A 75 2.52 8.67 -0.57
CA MET A 75 1.68 9.60 -1.31
C MET A 75 2.09 11.03 -1.01
N ASN A 76 2.66 11.25 0.18
CA ASN A 76 3.07 12.58 0.61
C ASN A 76 4.33 13.03 -0.15
N SER A 77 4.92 12.11 -0.89
CA SER A 77 6.13 12.40 -1.65
C SER A 77 5.79 12.90 -3.06
N VAL A 78 4.51 12.84 -3.43
CA VAL A 78 4.08 13.25 -4.76
C VAL A 78 2.97 14.30 -4.68
N MET A 79 2.74 14.99 -5.78
CA MET A 79 1.70 16.00 -5.84
C MET A 79 0.55 15.50 -6.71
N LEU A 80 -0.67 15.86 -6.33
CA LEU A 80 -1.84 15.47 -7.11
C LEU A 80 -2.28 16.62 -8.01
N GLY A 81 -1.38 17.03 -8.89
CA GLY A 81 -1.70 18.09 -9.83
C GLY A 81 -1.36 19.47 -9.29
N GLY A 82 -0.08 19.82 -9.31
CA GLY A 82 0.33 21.16 -8.94
C GLY A 82 0.48 21.36 -7.45
N ARG A 83 -0.53 20.99 -6.68
CA ARG A 83 -0.52 21.20 -5.24
C ARG A 83 0.13 20.04 -4.53
N ASN A 84 1.12 20.33 -3.70
CA ASN A 84 1.75 19.33 -2.85
C ASN A 84 0.82 19.00 -1.69
N ILE A 85 0.26 17.81 -1.72
CA ILE A 85 -0.67 17.39 -0.68
C ILE A 85 0.08 17.01 0.59
N LYS A 86 -0.63 16.96 1.69
CA LYS A 86 -0.06 16.53 2.95
C LYS A 86 -0.79 15.31 3.47
N VAL A 87 -0.10 14.19 3.53
CA VAL A 87 -0.69 12.96 4.02
C VAL A 87 0.04 12.49 5.27
N GLY A 88 -0.71 12.13 6.29
CA GLY A 88 -0.13 11.64 7.52
C GLY A 88 -1.04 11.82 8.71
N ARG A 89 -0.48 12.28 9.82
CA ARG A 89 -1.26 12.54 11.03
C ARG A 89 -0.65 13.69 11.83
N PRO A 90 -0.79 14.92 11.31
CA PRO A 90 -0.22 16.11 11.93
C PRO A 90 -1.05 16.64 13.08
N SER A 91 -0.77 16.14 14.28
CA SER A 91 -1.41 16.63 15.49
C SER A 91 -0.41 16.60 16.64
N ASN A 92 -0.08 15.40 17.11
CA ASN A 92 0.96 15.23 18.12
C ASN A 92 1.88 14.10 17.70
N ILE A 93 3.15 14.43 17.49
CA ILE A 93 4.13 13.43 17.08
C ILE A 93 4.99 13.00 18.26
N GLY A 94 5.98 12.16 17.99
CA GLY A 94 6.90 11.73 19.02
C GLY A 94 6.39 10.51 19.78
N GLN A 95 5.19 10.62 20.35
CA GLN A 95 4.65 9.59 21.21
C GLN A 95 4.32 8.32 20.43
N ALA A 96 3.57 8.46 19.35
CA ALA A 96 3.16 7.32 18.54
C ALA A 96 4.19 6.97 17.47
N GLN A 97 5.33 7.64 17.51
CA GLN A 97 6.42 7.39 16.57
C GLN A 97 7.00 5.97 16.77
N PRO A 98 7.44 5.61 18.00
CA PRO A 98 8.04 4.29 18.27
C PRO A 98 7.16 3.13 17.82
N ILE A 99 5.84 3.33 17.89
CA ILE A 99 4.89 2.32 17.44
C ILE A 99 5.13 1.97 15.98
N ILE A 100 5.28 3.01 15.16
CA ILE A 100 5.57 2.82 13.74
C ILE A 100 6.90 2.13 13.55
N ASP A 101 7.89 2.59 14.31
CA ASP A 101 9.25 2.09 14.19
C ASP A 101 9.33 0.61 14.55
N GLN A 102 8.67 0.23 15.65
CA GLN A 102 8.69 -1.15 16.12
C GLN A 102 7.97 -2.07 15.15
N LEU A 103 6.86 -1.59 14.60
CA LEU A 103 6.09 -2.39 13.65
C LEU A 103 6.87 -2.56 12.35
N ALA A 104 7.53 -1.50 11.90
CA ALA A 104 8.37 -1.57 10.71
C ALA A 104 9.52 -2.55 10.92
N GLU A 105 10.06 -2.56 12.13
CA GLU A 105 11.14 -3.46 12.50
C GLU A 105 10.64 -4.90 12.51
N GLU A 106 9.44 -5.09 13.04
CA GLU A 106 8.82 -6.42 13.11
C GLU A 106 8.56 -6.93 11.69
N ALA A 107 8.11 -6.05 10.81
CA ALA A 107 7.86 -6.40 9.41
C ALA A 107 9.14 -6.91 8.75
N ARG A 108 10.26 -6.26 9.07
CA ARG A 108 11.56 -6.66 8.53
C ARG A 108 11.98 -8.00 9.11
N ALA A 109 11.55 -8.27 10.34
CA ALA A 109 11.89 -9.51 11.03
C ALA A 109 11.24 -10.70 10.33
N PHE A 110 10.08 -10.47 9.75
CA PHE A 110 9.37 -11.52 9.02
C PHE A 110 9.79 -11.53 7.56
N ASN A 111 10.59 -10.54 7.17
CA ASN A 111 11.12 -10.43 5.80
C ASN A 111 9.98 -10.16 4.80
N ARG A 112 8.91 -9.54 5.28
CA ARG A 112 7.74 -9.31 4.45
C ARG A 112 7.63 -7.86 4.02
N ILE A 113 7.31 -7.64 2.75
CA ILE A 113 7.05 -6.30 2.24
C ILE A 113 5.61 -6.20 1.73
N TYR A 114 5.18 -4.98 1.44
CA TYR A 114 3.80 -4.73 1.08
C TYR A 114 3.72 -4.14 -0.32
N VAL A 115 2.89 -4.74 -1.17
CA VAL A 115 2.74 -4.25 -2.53
C VAL A 115 1.30 -3.83 -2.80
N ALA A 116 1.11 -2.56 -3.12
CA ALA A 116 -0.21 -2.04 -3.40
C ALA A 116 -0.27 -1.39 -4.78
N SER A 117 -1.43 -0.85 -5.12
CA SER A 117 -1.67 -0.22 -6.42
C SER A 117 -1.58 -1.24 -7.55
N VAL A 118 -1.85 -2.49 -7.20
CA VAL A 118 -1.81 -3.58 -8.16
C VAL A 118 -2.98 -3.49 -9.13
N HIS A 119 -2.71 -3.67 -10.42
CA HIS A 119 -3.76 -3.67 -11.43
C HIS A 119 -4.70 -4.84 -11.15
N GLN A 120 -5.99 -4.55 -11.08
CA GLN A 120 -6.99 -5.53 -10.65
C GLN A 120 -6.96 -6.78 -11.50
N ASP A 121 -6.58 -6.62 -12.77
CA ASP A 121 -6.52 -7.73 -13.70
C ASP A 121 -5.28 -8.57 -13.44
N LEU A 122 -4.16 -7.88 -13.27
CA LEU A 122 -2.86 -8.51 -13.08
C LEU A 122 -2.79 -9.06 -11.64
N SER A 123 -2.67 -10.37 -11.51
CA SER A 123 -2.88 -11.03 -10.21
C SER A 123 -1.58 -11.51 -9.57
N ASP A 124 -1.71 -12.19 -8.43
CA ASP A 124 -0.58 -12.73 -7.67
C ASP A 124 0.40 -13.50 -8.55
N ASP A 125 -0.15 -14.35 -9.43
CA ASP A 125 0.64 -15.14 -10.37
C ASP A 125 1.53 -14.24 -11.21
N ASP A 126 1.02 -13.07 -11.52
CA ASP A 126 1.73 -12.10 -12.35
C ASP A 126 2.79 -11.34 -11.55
N ILE A 127 2.35 -10.68 -10.46
CA ILE A 127 3.21 -9.80 -9.66
C ILE A 127 4.50 -10.49 -9.20
N LYS A 128 4.44 -11.81 -9.07
CA LYS A 128 5.61 -12.63 -8.72
C LYS A 128 6.81 -12.31 -9.61
N SER A 129 6.54 -11.96 -10.86
CA SER A 129 7.58 -11.69 -11.84
C SER A 129 8.65 -10.75 -11.33
N VAL A 130 8.22 -9.55 -11.04
CA VAL A 130 9.12 -8.44 -10.82
C VAL A 130 9.84 -8.51 -9.48
N PHE A 131 9.11 -8.79 -8.41
CA PHE A 131 9.72 -8.88 -7.09
C PHE A 131 10.78 -9.98 -7.05
N GLU A 132 10.53 -11.06 -7.77
CA GLU A 132 11.45 -12.19 -7.80
C GLU A 132 12.63 -11.89 -8.72
N ALA A 133 12.43 -11.03 -9.69
CA ALA A 133 13.45 -10.74 -10.69
C ALA A 133 14.70 -10.14 -10.06
N PHE A 134 14.53 -9.30 -9.04
CA PHE A 134 15.66 -8.61 -8.45
C PHE A 134 16.38 -9.51 -7.43
N GLY A 135 15.71 -10.60 -7.05
CA GLY A 135 16.30 -11.53 -6.09
C GLY A 135 15.64 -12.89 -6.17
N LYS A 136 14.90 -13.25 -5.13
CA LYS A 136 14.12 -14.48 -5.12
C LYS A 136 12.97 -14.36 -4.12
N ILE A 137 11.77 -14.72 -4.57
CA ILE A 137 10.61 -14.68 -3.72
C ILE A 137 10.47 -15.97 -2.93
N LYS A 138 10.34 -15.81 -1.63
CA LYS A 138 10.19 -16.91 -0.70
C LYS A 138 8.75 -17.42 -0.72
N SER A 139 7.82 -16.46 -0.66
CA SER A 139 6.40 -16.75 -0.76
C SER A 139 5.63 -15.45 -0.99
N CYS A 140 4.77 -15.44 -2.00
CA CYS A 140 4.04 -14.24 -2.37
C CYS A 140 2.55 -14.52 -2.53
N THR A 141 1.72 -13.63 -2.03
CA THR A 141 0.27 -13.78 -2.14
C THR A 141 -0.42 -12.43 -2.08
N LEU A 142 -1.15 -12.09 -3.13
CA LEU A 142 -1.97 -10.89 -3.13
C LEU A 142 -3.30 -11.18 -2.46
N ALA A 143 -3.70 -10.33 -1.52
CA ALA A 143 -4.94 -10.51 -0.83
C ALA A 143 -6.11 -10.48 -1.80
N ARG A 144 -6.85 -11.57 -1.83
CA ARG A 144 -7.92 -11.73 -2.78
C ARG A 144 -9.25 -11.27 -2.22
N ASP A 145 -10.16 -10.95 -3.13
CA ASP A 145 -11.44 -10.43 -2.74
C ASP A 145 -12.55 -11.37 -3.20
N PRO A 146 -13.18 -12.07 -2.24
CA PRO A 146 -14.21 -13.08 -2.53
C PRO A 146 -15.48 -12.48 -3.15
N THR A 147 -15.73 -11.21 -2.89
CA THR A 147 -16.91 -10.56 -3.41
C THR A 147 -16.77 -10.18 -4.89
N THR A 148 -15.54 -9.94 -5.32
CA THR A 148 -15.28 -9.61 -6.72
C THR A 148 -14.85 -10.84 -7.51
N GLY A 149 -14.15 -11.75 -6.84
CA GLY A 149 -13.76 -13.00 -7.47
C GLY A 149 -12.32 -13.01 -7.94
N LYS A 150 -11.69 -11.84 -7.92
CA LYS A 150 -10.30 -11.74 -8.37
C LYS A 150 -9.36 -11.51 -7.20
N HIS A 151 -9.08 -10.24 -6.90
CA HIS A 151 -8.19 -9.88 -5.81
C HIS A 151 -8.26 -8.38 -5.56
N LYS A 152 -7.80 -7.98 -4.38
CA LYS A 152 -7.68 -6.58 -4.05
C LYS A 152 -6.37 -6.06 -4.60
N GLY A 153 -6.29 -4.76 -4.84
CA GLY A 153 -5.10 -4.18 -5.44
C GLY A 153 -3.93 -4.05 -4.48
N TYR A 154 -3.69 -5.07 -3.67
CA TYR A 154 -2.55 -5.11 -2.77
C TYR A 154 -2.28 -6.55 -2.33
N GLY A 155 -1.14 -6.77 -1.70
CA GLY A 155 -0.80 -8.09 -1.20
C GLY A 155 0.49 -8.09 -0.43
N PHE A 156 0.90 -9.27 0.03
CA PHE A 156 2.12 -9.41 0.82
C PHE A 156 3.09 -10.35 0.13
N ILE A 157 4.36 -9.97 0.13
CA ILE A 157 5.41 -10.80 -0.45
C ILE A 157 6.57 -10.94 0.52
N GLU A 158 6.95 -12.17 0.80
CA GLU A 158 8.02 -12.44 1.75
C GLU A 158 9.29 -12.86 1.01
N TYR A 159 10.41 -12.33 1.44
CA TYR A 159 11.71 -12.64 0.84
C TYR A 159 12.50 -13.58 1.72
N GLU A 160 13.41 -14.31 1.11
CA GLU A 160 14.34 -15.16 1.84
C GLU A 160 15.50 -14.33 2.36
N LYS A 161 15.68 -13.16 1.76
CA LYS A 161 16.74 -12.24 2.15
C LYS A 161 16.14 -10.87 2.42
N ALA A 162 16.32 -10.37 3.64
CA ALA A 162 15.80 -9.06 4.02
C ALA A 162 16.50 -7.94 3.25
N GLN A 163 17.70 -8.22 2.77
CA GLN A 163 18.44 -7.25 1.97
C GLN A 163 17.74 -6.96 0.66
N SER A 164 17.26 -8.01 0.00
CA SER A 164 16.58 -7.87 -1.29
C SER A 164 15.20 -7.22 -1.11
N SER A 165 14.56 -7.46 0.03
CA SER A 165 13.31 -6.80 0.36
C SER A 165 13.46 -5.28 0.29
N GLN A 166 14.58 -4.79 0.80
CA GLN A 166 14.83 -3.35 0.87
C GLN A 166 15.00 -2.73 -0.52
N ASP A 167 15.59 -3.50 -1.43
CA ASP A 167 15.76 -3.02 -2.80
C ASP A 167 14.42 -3.04 -3.52
N ALA A 168 13.66 -4.12 -3.32
CA ALA A 168 12.34 -4.25 -3.93
C ALA A 168 11.48 -3.02 -3.62
N VAL A 169 11.51 -2.58 -2.37
CA VAL A 169 10.74 -1.41 -1.94
C VAL A 169 11.18 -0.14 -2.68
N SER A 170 12.43 -0.11 -3.12
CA SER A 170 12.97 1.05 -3.79
C SER A 170 12.77 0.98 -5.31
N SER A 171 12.88 -0.22 -5.86
CA SER A 171 12.83 -0.40 -7.31
C SER A 171 11.41 -0.69 -7.82
N MET A 172 10.62 -1.42 -7.04
CA MET A 172 9.31 -1.90 -7.49
C MET A 172 8.28 -0.79 -7.64
N ASN A 173 8.61 0.39 -7.17
CA ASN A 173 7.69 1.53 -7.21
C ASN A 173 7.29 1.85 -8.66
N LEU A 174 8.28 1.83 -9.53
CA LEU A 174 8.12 2.20 -10.94
C LEU A 174 7.44 1.13 -11.77
N PHE A 175 7.24 -0.07 -11.21
CA PHE A 175 6.63 -1.20 -11.92
C PHE A 175 5.39 -0.75 -12.69
N ASP A 176 5.54 -0.59 -13.99
CA ASP A 176 4.49 -0.03 -14.80
C ASP A 176 3.64 -1.14 -15.44
N LEU A 177 2.34 -1.01 -15.25
CA LEU A 177 1.39 -1.95 -15.82
C LEU A 177 0.39 -1.21 -16.67
N GLY A 178 0.73 -1.03 -17.93
CA GLY A 178 -0.11 -0.27 -18.83
C GLY A 178 0.18 1.21 -18.70
N GLY A 179 -0.79 1.95 -18.17
CA GLY A 179 -0.61 3.38 -18.00
C GLY A 179 -0.52 3.79 -16.55
N GLN A 180 0.07 2.94 -15.73
CA GLN A 180 0.22 3.25 -14.30
C GLN A 180 1.58 2.77 -13.79
N TYR A 181 2.00 3.33 -12.67
CA TYR A 181 3.11 2.78 -11.90
C TYR A 181 2.52 2.03 -10.71
N LEU A 182 3.32 1.17 -10.09
CA LEU A 182 2.87 0.43 -8.93
C LEU A 182 3.19 1.20 -7.66
N ARG A 183 3.02 0.57 -6.51
CA ARG A 183 3.39 1.19 -5.25
C ARG A 183 3.85 0.14 -4.26
N VAL A 184 5.12 0.16 -3.93
CA VAL A 184 5.66 -0.82 -3.01
C VAL A 184 6.07 -0.16 -1.69
N GLY A 185 5.92 -0.89 -0.61
CA GLY A 185 6.29 -0.42 0.71
C GLY A 185 6.58 -1.56 1.66
N LYS A 186 6.24 -1.38 2.93
CA LYS A 186 6.54 -2.37 3.95
C LYS A 186 5.26 -2.83 4.65
N ALA A 187 5.27 -4.07 5.12
CA ALA A 187 4.06 -4.73 5.64
C ALA A 187 3.51 -4.06 6.89
N VAL A 188 4.41 -3.49 7.69
CA VAL A 188 4.05 -2.75 8.90
C VAL A 188 3.47 -3.64 10.00
N THR A 189 2.31 -4.24 9.76
CA THR A 189 1.62 -5.02 10.77
C THR A 189 1.51 -6.51 10.41
N PRO A 190 2.57 -7.29 10.69
CA PRO A 190 2.56 -8.75 10.50
C PRO A 190 1.54 -9.53 11.37
N PRO A 191 1.23 -9.14 12.65
CA PRO A 191 0.30 -9.91 13.49
C PRO A 191 -1.17 -9.71 13.14
N MET A 192 -1.48 -9.81 11.85
CA MET A 192 -2.86 -9.72 11.39
C MET A 192 -3.40 -11.11 11.09
N PRO A 193 -4.53 -11.48 11.72
CA PRO A 193 -5.15 -12.79 11.55
C PRO A 193 -5.85 -12.94 10.20
N LEU A 194 -5.06 -12.96 9.14
CA LEU A 194 -5.59 -13.14 7.80
C LEU A 194 -6.02 -14.59 7.58
N LEU A 195 -7.11 -14.77 6.85
CA LEU A 195 -7.68 -16.10 6.65
C LEU A 195 -7.68 -16.45 5.16
N THR A 196 -6.49 -16.72 4.63
CA THR A 196 -6.33 -17.12 3.25
C THR A 196 -7.05 -18.46 2.95
N PRO A 197 -6.90 -19.49 3.80
CA PRO A 197 -7.68 -20.72 3.67
C PRO A 197 -9.18 -20.46 3.88
N ALA A 198 -9.88 -20.22 2.78
CA ALA A 198 -11.31 -19.96 2.82
C ALA A 198 -12.10 -21.25 2.98
N THR A 199 -11.97 -21.85 4.15
CA THR A 199 -12.64 -23.11 4.47
C THR A 199 -12.03 -24.26 3.65
N GLY B 1 23.87 -8.31 -7.65
CA GLY B 1 22.62 -7.63 -7.21
C GLY B 1 22.76 -6.13 -7.28
N ALA B 2 21.75 -5.42 -6.78
CA ALA B 2 21.77 -3.97 -6.79
C ALA B 2 21.63 -3.42 -5.38
N MET B 3 21.71 -2.10 -5.25
CA MET B 3 21.59 -1.45 -3.94
C MET B 3 20.60 -0.29 -4.03
N GLY B 4 19.45 -0.57 -4.63
CA GLY B 4 18.48 0.47 -4.88
C GLY B 4 18.48 0.90 -6.33
N TYR B 5 17.31 0.83 -6.97
CA TYR B 5 17.16 1.15 -8.39
C TYR B 5 17.95 0.17 -9.25
N VAL B 6 17.46 -1.06 -9.31
CA VAL B 6 18.13 -2.11 -10.08
C VAL B 6 18.23 -1.73 -11.55
N ASN B 7 19.40 -1.33 -11.98
CA ASN B 7 19.64 -0.95 -13.37
C ASN B 7 20.01 -2.16 -14.21
N ASP B 8 19.43 -3.31 -13.88
CA ASP B 8 19.72 -4.53 -14.62
C ASP B 8 18.57 -5.51 -14.53
N ALA B 9 18.45 -6.19 -13.39
CA ALA B 9 17.43 -7.21 -13.19
C ALA B 9 16.02 -6.64 -13.23
N PHE B 10 15.89 -5.34 -12.97
CA PHE B 10 14.59 -4.68 -13.02
C PHE B 10 14.15 -4.53 -14.48
N LYS B 11 15.10 -4.52 -15.40
CA LYS B 11 14.76 -4.50 -16.82
C LYS B 11 14.18 -5.84 -17.21
N ASP B 12 14.77 -6.91 -16.68
CA ASP B 12 14.23 -8.27 -16.83
C ASP B 12 12.87 -8.35 -16.16
N ALA B 13 12.70 -7.57 -15.11
CA ALA B 13 11.45 -7.51 -14.37
C ALA B 13 10.29 -7.12 -15.29
N LEU B 14 10.40 -5.99 -15.99
CA LEU B 14 9.25 -5.46 -16.72
C LEU B 14 9.04 -6.11 -18.08
N GLN B 15 10.06 -6.67 -18.69
CA GLN B 15 9.82 -7.49 -19.88
C GLN B 15 8.90 -8.64 -19.48
N ARG B 16 9.13 -9.15 -18.28
CA ARG B 16 8.28 -10.16 -17.70
C ARG B 16 6.95 -9.54 -17.23
N ALA B 17 7.00 -8.28 -16.82
CA ALA B 17 5.84 -7.59 -16.26
C ALA B 17 4.79 -7.27 -17.31
N ARG B 18 5.20 -6.82 -18.45
CA ARG B 18 4.24 -6.61 -19.51
C ARG B 18 3.88 -7.92 -20.21
N GLN B 19 4.79 -8.89 -20.14
CA GLN B 19 4.43 -10.27 -20.48
C GLN B 19 3.25 -10.75 -19.62
N ILE B 20 3.34 -10.55 -18.30
CA ILE B 20 2.24 -10.94 -17.40
C ILE B 20 0.99 -10.08 -17.69
N ALA B 21 1.21 -8.82 -18.06
CA ALA B 21 0.13 -7.92 -18.41
C ALA B 21 -0.55 -8.33 -19.71
N ALA B 22 0.19 -9.05 -20.55
CA ALA B 22 -0.34 -9.49 -21.83
C ALA B 22 -1.31 -10.65 -21.67
N LYS B 23 -0.92 -11.64 -20.87
CA LYS B 23 -1.74 -12.82 -20.70
C LYS B 23 -2.80 -12.64 -19.61
N ILE B 24 -2.49 -11.81 -18.60
CA ILE B 24 -3.39 -11.54 -17.48
C ILE B 24 -3.73 -12.81 -16.71
N GLY B 25 -4.77 -13.51 -17.14
CA GLY B 25 -5.18 -14.74 -16.47
C GLY B 25 -4.26 -15.88 -16.81
N GLY B 26 -3.24 -16.08 -16.00
CA GLY B 26 -2.27 -17.13 -16.26
C GLY B 26 -2.51 -18.36 -15.41
N ASP B 27 -1.52 -18.70 -14.61
CA ASP B 27 -1.56 -19.95 -13.84
C ASP B 27 -2.20 -19.73 -12.47
N ALA B 28 -3.14 -18.81 -12.42
CA ALA B 28 -3.85 -18.50 -11.19
C ALA B 28 -5.11 -19.37 -11.07
N GLY B 29 -4.92 -20.67 -11.13
CA GLY B 29 -6.03 -21.59 -11.04
C GLY B 29 -6.58 -21.95 -12.40
N THR B 30 -7.88 -21.69 -12.59
CA THR B 30 -8.58 -21.98 -13.83
C THR B 30 -8.71 -23.50 -14.03
N SER B 31 -7.68 -24.12 -14.62
CA SER B 31 -7.64 -25.57 -14.82
C SER B 31 -6.37 -25.95 -15.56
N GLY A 1 5.62 -6.97 26.79
CA GLY A 1 4.44 -6.41 26.11
C GLY A 1 3.25 -6.30 27.05
N ALA A 2 2.33 -5.40 26.72
CA ALA A 2 1.15 -5.19 27.55
C ALA A 2 0.23 -6.41 27.52
N MET A 3 -0.69 -6.47 28.49
CA MET A 3 -1.59 -7.62 28.65
C MET A 3 -2.24 -8.02 27.34
N ALA A 4 -2.95 -7.09 26.71
CA ALA A 4 -3.57 -7.35 25.42
C ALA A 4 -2.96 -6.47 24.34
N GLN A 5 -1.78 -5.92 24.66
CA GLN A 5 -1.09 -4.96 23.81
C GLN A 5 -1.90 -3.67 23.70
N ARG A 6 -1.39 -2.61 24.32
CA ARG A 6 -2.07 -1.31 24.27
C ARG A 6 -1.93 -0.68 22.88
N GLN A 7 -2.86 -1.03 22.01
CA GLN A 7 -2.79 -0.65 20.60
C GLN A 7 -3.44 0.70 20.36
N ARG A 8 -3.21 1.64 21.27
CA ARG A 8 -3.78 2.98 21.17
C ARG A 8 -3.20 3.71 19.96
N ALA A 9 -1.97 3.37 19.60
CA ALA A 9 -1.31 3.97 18.45
C ALA A 9 -1.91 3.45 17.15
N LEU A 10 -2.49 2.25 17.19
CA LEU A 10 -3.09 1.65 16.02
C LEU A 10 -4.34 2.43 15.61
N ALA A 11 -5.07 2.93 16.60
CA ALA A 11 -6.27 3.72 16.35
C ALA A 11 -5.93 4.98 15.58
N ILE A 12 -4.71 5.47 15.74
CA ILE A 12 -4.25 6.65 15.04
C ILE A 12 -3.84 6.30 13.61
N MET A 13 -3.03 5.24 13.48
CA MET A 13 -2.45 4.89 12.19
C MET A 13 -3.50 4.43 11.18
N CYS A 14 -4.62 3.90 11.65
CA CYS A 14 -5.65 3.37 10.76
C CYS A 14 -6.38 4.48 10.00
N ARG A 15 -6.20 5.72 10.44
CA ARG A 15 -6.86 6.86 9.81
C ARG A 15 -5.84 7.92 9.43
N VAL A 16 -5.76 8.22 8.14
CA VAL A 16 -4.81 9.23 7.69
C VAL A 16 -5.45 10.60 7.62
N TYR A 17 -4.68 11.58 8.07
CA TYR A 17 -5.10 12.97 8.06
C TYR A 17 -4.78 13.59 6.72
N VAL A 18 -5.80 13.68 5.85
CA VAL A 18 -5.62 14.24 4.51
C VAL A 18 -6.03 15.70 4.50
N GLY A 19 -5.08 16.57 4.25
CA GLY A 19 -5.35 17.99 4.25
C GLY A 19 -4.89 18.68 2.98
N SER A 20 -5.06 20.00 2.96
CA SER A 20 -4.69 20.84 1.82
C SER A 20 -5.66 20.64 0.65
N ILE A 21 -5.58 19.49 -0.02
CA ILE A 21 -6.42 19.18 -1.17
C ILE A 21 -6.05 20.07 -2.37
N TYR A 22 -6.40 19.63 -3.58
CA TYR A 22 -6.13 20.42 -4.78
C TYR A 22 -6.78 21.80 -4.67
N TYR A 23 -8.11 21.83 -4.61
CA TYR A 23 -8.85 23.08 -4.49
C TYR A 23 -10.35 22.82 -4.51
N GLU A 24 -10.79 22.05 -5.49
CA GLU A 24 -12.22 21.79 -5.69
C GLU A 24 -12.48 20.31 -5.98
N LEU A 25 -11.85 19.42 -5.22
CA LEU A 25 -12.00 17.99 -5.45
C LEU A 25 -12.93 17.36 -4.42
N GLY A 26 -13.84 16.53 -4.89
CA GLY A 26 -14.85 15.95 -4.03
C GLY A 26 -14.39 14.70 -3.33
N GLU A 27 -15.30 14.10 -2.57
CA GLU A 27 -15.00 12.92 -1.76
C GLU A 27 -14.61 11.72 -2.61
N ASP A 28 -15.32 11.52 -3.72
CA ASP A 28 -15.10 10.36 -4.59
C ASP A 28 -13.72 10.38 -5.21
N THR A 29 -13.29 11.55 -5.64
CA THR A 29 -11.98 11.72 -6.26
C THR A 29 -10.88 11.24 -5.32
N ILE A 30 -10.98 11.65 -4.05
CA ILE A 30 -10.02 11.25 -3.02
C ILE A 30 -10.17 9.77 -2.68
N ARG A 31 -11.41 9.35 -2.49
CA ARG A 31 -11.72 7.97 -2.13
C ARG A 31 -11.16 6.99 -3.14
N GLN A 32 -11.38 7.26 -4.42
CA GLN A 32 -10.92 6.36 -5.47
C GLN A 32 -9.41 6.51 -5.71
N ALA A 33 -8.81 7.54 -5.15
CA ALA A 33 -7.38 7.74 -5.27
C ALA A 33 -6.63 6.86 -4.27
N PHE A 34 -7.27 6.57 -3.15
CA PHE A 34 -6.69 5.70 -2.12
C PHE A 34 -7.25 4.29 -2.23
N ALA A 35 -8.00 4.04 -3.29
CA ALA A 35 -8.65 2.75 -3.49
C ALA A 35 -7.64 1.66 -3.85
N PRO A 36 -6.67 1.95 -4.76
CA PRO A 36 -5.60 0.98 -5.07
C PRO A 36 -4.69 0.70 -3.88
N PHE A 37 -4.88 1.41 -2.78
CA PHE A 37 -4.05 1.22 -1.61
C PHE A 37 -4.58 0.11 -0.72
N GLY A 38 -5.73 0.34 -0.12
CA GLY A 38 -6.38 -0.66 0.68
C GLY A 38 -7.85 -0.34 0.89
N PRO A 39 -8.64 -1.31 1.39
CA PRO A 39 -10.07 -1.10 1.61
C PRO A 39 -10.33 0.03 2.61
N ILE A 40 -11.16 0.97 2.21
CA ILE A 40 -11.48 2.12 3.05
C ILE A 40 -12.66 1.79 3.96
N LYS A 41 -12.48 2.04 5.24
CA LYS A 41 -13.50 1.78 6.24
C LYS A 41 -14.53 2.92 6.24
N SER A 42 -14.04 4.14 6.43
CA SER A 42 -14.90 5.32 6.49
C SER A 42 -14.09 6.57 6.19
N ILE A 43 -14.74 7.58 5.65
CA ILE A 43 -14.09 8.87 5.41
C ILE A 43 -14.87 9.98 6.10
N ASP A 44 -14.31 10.49 7.17
CA ASP A 44 -14.95 11.56 7.92
C ASP A 44 -14.46 12.90 7.38
N MET A 45 -15.36 13.65 6.76
CA MET A 45 -14.98 14.88 6.09
C MET A 45 -15.95 16.01 6.41
N SER A 46 -15.44 17.05 7.03
CA SER A 46 -16.22 18.26 7.25
C SER A 46 -15.99 19.21 6.08
N TRP A 47 -17.04 19.48 5.32
CA TRP A 47 -16.91 20.30 4.11
C TRP A 47 -18.26 20.76 3.60
N ASP A 48 -18.25 21.90 2.94
CA ASP A 48 -19.42 22.41 2.25
C ASP A 48 -19.72 21.54 1.04
N SER A 49 -20.69 20.65 1.20
CA SER A 49 -21.00 19.68 0.16
C SER A 49 -22.13 20.19 -0.72
N VAL A 50 -22.54 21.42 -0.52
CA VAL A 50 -23.57 22.02 -1.36
C VAL A 50 -22.93 22.62 -2.62
N THR A 51 -21.70 23.10 -2.50
CA THR A 51 -20.95 23.56 -3.67
C THR A 51 -19.82 22.59 -4.02
N MET A 52 -19.47 21.74 -3.05
CA MET A 52 -18.51 20.64 -3.23
C MET A 52 -17.10 21.11 -3.60
N LYS A 53 -16.65 22.17 -2.95
CA LYS A 53 -15.28 22.65 -3.17
C LYS A 53 -14.32 21.86 -2.29
N HIS A 54 -14.74 21.59 -1.06
CA HIS A 54 -13.92 20.85 -0.10
C HIS A 54 -12.60 21.59 0.17
N LYS A 55 -12.74 22.74 0.80
CA LYS A 55 -11.59 23.56 1.15
C LYS A 55 -11.19 23.29 2.60
N GLY A 56 -10.75 22.07 2.85
CA GLY A 56 -10.41 21.69 4.20
C GLY A 56 -9.77 20.32 4.28
N PHE A 57 -9.89 19.69 5.44
CA PHE A 57 -9.24 18.41 5.69
C PHE A 57 -10.24 17.25 5.65
N ALA A 58 -9.72 16.04 5.67
CA ALA A 58 -10.55 14.85 5.67
C ALA A 58 -9.82 13.70 6.35
N PHE A 59 -10.56 12.85 7.05
CA PHE A 59 -9.97 11.70 7.71
C PHE A 59 -10.36 10.42 6.98
N VAL A 60 -9.39 9.82 6.29
CA VAL A 60 -9.63 8.59 5.57
C VAL A 60 -9.16 7.39 6.39
N GLU A 61 -10.10 6.60 6.86
CA GLU A 61 -9.80 5.47 7.71
C GLU A 61 -9.81 4.18 6.89
N TYR A 62 -8.75 3.39 7.01
CA TYR A 62 -8.60 2.18 6.23
C TYR A 62 -8.93 0.95 7.04
N GLU A 63 -9.20 -0.14 6.34
CA GLU A 63 -9.41 -1.44 6.96
C GLU A 63 -8.06 -2.03 7.35
N VAL A 64 -7.02 -1.64 6.63
CA VAL A 64 -5.67 -2.14 6.88
C VAL A 64 -4.70 -0.98 7.07
N PRO A 65 -4.06 -0.92 8.25
CA PRO A 65 -3.07 0.12 8.57
C PRO A 65 -1.87 0.12 7.61
N GLU A 66 -1.66 -0.99 6.92
CA GLU A 66 -0.58 -1.07 5.93
C GLU A 66 -0.75 0.01 4.86
N ALA A 67 -1.90 0.00 4.20
CA ALA A 67 -2.20 1.00 3.17
C ALA A 67 -2.28 2.39 3.77
N ALA A 68 -2.66 2.46 5.04
CA ALA A 68 -2.74 3.72 5.74
C ALA A 68 -1.35 4.37 5.85
N GLN A 69 -0.37 3.60 6.32
CA GLN A 69 1.00 4.09 6.44
C GLN A 69 1.61 4.26 5.05
N LEU A 70 1.27 3.36 4.15
CA LEU A 70 1.71 3.43 2.77
C LEU A 70 1.30 4.76 2.14
N ALA A 71 0.05 5.12 2.36
CA ALA A 71 -0.51 6.35 1.83
C ALA A 71 0.23 7.58 2.36
N LEU A 72 0.58 7.53 3.64
CA LEU A 72 1.28 8.62 4.29
C LEU A 72 2.62 8.90 3.61
N GLU A 73 3.33 7.85 3.24
CA GLU A 73 4.64 7.99 2.63
C GLU A 73 4.56 8.21 1.11
N GLN A 74 3.56 7.62 0.47
CA GLN A 74 3.47 7.65 -0.98
C GLN A 74 2.67 8.84 -1.51
N MET A 75 1.70 9.31 -0.75
CA MET A 75 0.84 10.41 -1.22
C MET A 75 1.33 11.76 -0.74
N ASN A 76 1.89 11.82 0.46
CA ASN A 76 2.38 13.08 1.02
C ASN A 76 3.62 13.56 0.26
N SER A 77 4.23 12.65 -0.50
CA SER A 77 5.38 12.98 -1.32
C SER A 77 4.98 13.37 -2.74
N VAL A 78 3.67 13.47 -2.97
CA VAL A 78 3.14 13.77 -4.30
C VAL A 78 2.15 14.95 -4.23
N MET A 79 2.13 15.76 -5.29
CA MET A 79 1.18 16.86 -5.35
C MET A 79 -0.06 16.44 -6.11
N LEU A 80 -1.22 16.74 -5.55
CA LEU A 80 -2.48 16.33 -6.15
C LEU A 80 -2.91 17.30 -7.23
N GLY A 81 -2.37 17.10 -8.43
CA GLY A 81 -2.72 17.95 -9.55
C GLY A 81 -1.85 19.19 -9.62
N GLY A 82 -1.51 19.72 -8.46
CA GLY A 82 -0.67 20.91 -8.39
C GLY A 82 -0.39 21.30 -6.96
N ARG A 83 -1.39 21.15 -6.10
CA ARG A 83 -1.23 21.43 -4.69
C ARG A 83 -0.79 20.17 -3.97
N ASN A 84 0.27 20.25 -3.19
CA ASN A 84 0.75 19.10 -2.45
C ASN A 84 -0.15 18.84 -1.25
N ILE A 85 -0.76 17.67 -1.23
CA ILE A 85 -1.65 17.31 -0.14
C ILE A 85 -0.85 16.95 1.11
N LYS A 86 -1.46 17.17 2.26
CA LYS A 86 -0.85 16.85 3.52
C LYS A 86 -1.45 15.56 4.04
N VAL A 87 -0.62 14.53 4.19
CA VAL A 87 -1.11 13.25 4.66
C VAL A 87 -0.36 12.82 5.92
N GLY A 88 -1.04 12.90 7.05
CA GLY A 88 -0.46 12.42 8.29
C GLY A 88 -0.22 13.52 9.30
N ARG A 89 0.21 13.14 10.49
CA ARG A 89 0.53 14.08 11.56
C ARG A 89 1.68 13.55 12.40
N PRO A 90 2.73 14.37 12.60
CA PRO A 90 3.82 14.04 13.50
C PRO A 90 3.48 14.36 14.95
N SER A 91 2.45 13.71 15.47
CA SER A 91 1.96 13.98 16.82
C SER A 91 2.12 12.75 17.71
N ASN A 92 2.30 13.00 19.02
CA ASN A 92 2.44 11.93 20.02
C ASN A 92 3.65 11.05 19.75
N ILE A 93 4.70 11.64 19.19
CA ILE A 93 5.91 10.91 18.86
C ILE A 93 6.77 10.69 20.10
N GLY A 94 6.29 9.80 20.94
CA GLY A 94 6.96 9.48 22.18
C GLY A 94 6.03 8.77 23.12
N GLN A 95 4.76 9.17 23.09
CA GLN A 95 3.73 8.53 23.90
C GLN A 95 3.19 7.29 23.19
N ALA A 96 2.77 7.46 21.93
CA ALA A 96 2.19 6.37 21.16
C ALA A 96 3.22 5.76 20.21
N GLN A 97 4.25 6.53 19.89
CA GLN A 97 5.31 6.10 18.96
C GLN A 97 5.93 4.74 19.35
N PRO A 98 6.30 4.53 20.65
CA PRO A 98 6.88 3.25 21.10
C PRO A 98 6.00 2.04 20.76
N ILE A 99 4.69 2.24 20.72
CA ILE A 99 3.76 1.17 20.40
C ILE A 99 3.91 0.79 18.92
N ILE A 100 4.10 1.79 18.09
CA ILE A 100 4.30 1.58 16.66
C ILE A 100 5.59 0.78 16.43
N ASP A 101 6.61 1.10 17.21
CA ASP A 101 7.89 0.43 17.12
C ASP A 101 7.74 -1.06 17.43
N GLN A 102 6.92 -1.37 18.42
CA GLN A 102 6.67 -2.75 18.82
C GLN A 102 6.01 -3.54 17.69
N LEU A 103 5.16 -2.85 16.92
CA LEU A 103 4.48 -3.48 15.81
C LEU A 103 5.42 -3.62 14.61
N ALA A 104 6.13 -2.55 14.30
CA ALA A 104 7.05 -2.53 13.18
C ALA A 104 8.18 -3.55 13.37
N GLU A 105 8.71 -3.60 14.59
CA GLU A 105 9.79 -4.53 14.92
C GLU A 105 9.33 -5.97 14.78
N GLU A 106 8.06 -6.20 15.06
CA GLU A 106 7.48 -7.53 14.99
C GLU A 106 7.36 -7.97 13.53
N ALA A 107 6.96 -7.02 12.68
CA ALA A 107 6.78 -7.30 11.26
C ALA A 107 8.11 -7.56 10.56
N ARG A 108 9.19 -6.98 11.09
CA ARG A 108 10.52 -7.15 10.53
C ARG A 108 10.98 -8.61 10.62
N ALA A 109 10.40 -9.35 11.56
CA ALA A 109 10.78 -10.74 11.80
C ALA A 109 10.26 -11.68 10.71
N PHE A 110 9.48 -11.14 9.77
CA PHE A 110 8.91 -11.93 8.70
C PHE A 110 9.52 -11.57 7.36
N ASN A 111 10.14 -10.39 7.28
CA ASN A 111 10.71 -9.88 6.01
C ASN A 111 9.66 -9.95 4.90
N ARG A 112 8.63 -9.14 5.01
CA ARG A 112 7.57 -9.10 4.01
C ARG A 112 7.30 -7.67 3.57
N ILE A 113 7.15 -7.50 2.28
CA ILE A 113 6.94 -6.20 1.67
C ILE A 113 5.49 -6.04 1.23
N TYR A 114 4.98 -4.81 1.30
CA TYR A 114 3.60 -4.53 0.98
C TYR A 114 3.52 -3.78 -0.35
N VAL A 115 2.78 -4.35 -1.30
CA VAL A 115 2.66 -3.75 -2.61
C VAL A 115 1.20 -3.49 -2.95
N ALA A 116 0.91 -2.24 -3.27
CA ALA A 116 -0.43 -1.83 -3.65
C ALA A 116 -0.43 -1.19 -5.03
N SER A 117 -1.62 -0.76 -5.47
CA SER A 117 -1.78 -0.06 -6.74
C SER A 117 -1.47 -0.98 -7.93
N VAL A 118 -1.77 -2.26 -7.78
CA VAL A 118 -1.53 -3.22 -8.85
C VAL A 118 -2.70 -3.19 -9.85
N HIS A 119 -2.41 -3.53 -11.09
CA HIS A 119 -3.44 -3.59 -12.12
C HIS A 119 -4.37 -4.76 -11.83
N GLN A 120 -5.66 -4.52 -11.98
CA GLN A 120 -6.71 -5.44 -11.52
C GLN A 120 -6.62 -6.84 -12.13
N ASP A 121 -6.21 -6.94 -13.38
CA ASP A 121 -6.05 -8.25 -14.01
C ASP A 121 -4.74 -8.91 -13.59
N LEU A 122 -3.66 -8.12 -13.61
CA LEU A 122 -2.34 -8.57 -13.18
C LEU A 122 -2.42 -9.18 -11.77
N SER A 123 -2.23 -10.49 -11.69
CA SER A 123 -2.47 -11.24 -10.47
C SER A 123 -1.17 -11.42 -9.67
N ASP A 124 -1.25 -12.12 -8.53
CA ASP A 124 -0.07 -12.42 -7.74
C ASP A 124 0.89 -13.29 -8.55
N ASP A 125 0.31 -14.08 -9.45
CA ASP A 125 1.07 -14.87 -10.42
C ASP A 125 1.98 -13.94 -11.21
N ASP A 126 1.41 -12.79 -11.57
CA ASP A 126 2.09 -11.82 -12.40
C ASP A 126 3.07 -10.97 -11.61
N ILE A 127 2.60 -10.38 -10.51
CA ILE A 127 3.43 -9.49 -9.68
C ILE A 127 4.69 -10.21 -9.20
N LYS A 128 4.60 -11.53 -9.12
CA LYS A 128 5.75 -12.36 -8.78
C LYS A 128 6.94 -12.10 -9.71
N SER A 129 6.66 -11.75 -10.97
CA SER A 129 7.69 -11.52 -11.99
C SER A 129 8.75 -10.56 -11.50
N VAL A 130 8.29 -9.36 -11.23
CA VAL A 130 9.18 -8.26 -10.93
C VAL A 130 9.89 -8.46 -9.61
N PHE A 131 9.14 -8.81 -8.57
CA PHE A 131 9.74 -9.02 -7.25
C PHE A 131 10.77 -10.13 -7.30
N GLU A 132 10.44 -11.23 -7.96
CA GLU A 132 11.31 -12.39 -7.98
C GLU A 132 12.53 -12.18 -8.87
N ALA A 133 12.42 -11.26 -9.83
CA ALA A 133 13.53 -10.99 -10.73
C ALA A 133 14.72 -10.38 -9.99
N PHE A 134 14.44 -9.64 -8.92
CA PHE A 134 15.51 -9.07 -8.12
C PHE A 134 16.01 -10.10 -7.12
N GLY A 135 15.07 -10.88 -6.58
CA GLY A 135 15.39 -11.93 -5.64
C GLY A 135 14.21 -12.87 -5.46
N LYS A 136 14.50 -14.15 -5.20
CA LYS A 136 13.44 -15.15 -5.08
C LYS A 136 12.50 -14.83 -3.93
N ILE A 137 11.21 -15.04 -4.17
CA ILE A 137 10.20 -14.74 -3.18
C ILE A 137 9.42 -16.00 -2.81
N LYS A 138 9.17 -16.17 -1.52
CA LYS A 138 8.49 -17.35 -1.02
C LYS A 138 6.99 -17.17 -1.09
N SER A 139 6.48 -16.26 -0.26
CA SER A 139 5.05 -15.99 -0.18
C SER A 139 4.67 -14.83 -1.09
N CYS A 140 3.98 -15.14 -2.17
CA CYS A 140 3.50 -14.11 -3.08
C CYS A 140 1.99 -14.21 -3.20
N THR A 141 1.29 -13.31 -2.52
CA THR A 141 -0.16 -13.37 -2.49
C THR A 141 -0.78 -11.98 -2.52
N LEU A 142 -1.52 -11.69 -3.58
CA LEU A 142 -2.36 -10.50 -3.62
C LEU A 142 -3.73 -10.88 -3.09
N ALA A 143 -4.13 -10.25 -1.99
CA ALA A 143 -5.38 -10.62 -1.32
C ALA A 143 -6.56 -10.46 -2.27
N ARG A 144 -7.29 -11.54 -2.45
CA ARG A 144 -8.43 -11.56 -3.34
C ARG A 144 -9.66 -10.97 -2.69
N ASP A 145 -10.58 -10.52 -3.51
CA ASP A 145 -11.75 -9.82 -3.03
C ASP A 145 -13.01 -10.59 -3.38
N PRO A 146 -13.71 -11.10 -2.36
CA PRO A 146 -14.95 -11.86 -2.54
C PRO A 146 -16.10 -10.99 -3.05
N THR A 147 -15.97 -9.69 -2.86
CA THR A 147 -16.99 -8.75 -3.27
C THR A 147 -17.14 -8.75 -4.79
N THR A 148 -16.03 -8.49 -5.47
CA THR A 148 -16.02 -8.44 -6.92
C THR A 148 -15.79 -9.82 -7.53
N GLY A 149 -14.97 -10.63 -6.86
CA GLY A 149 -14.61 -11.93 -7.38
C GLY A 149 -13.19 -11.95 -7.89
N LYS A 150 -12.60 -10.77 -7.98
CA LYS A 150 -11.22 -10.62 -8.44
C LYS A 150 -10.29 -10.54 -7.24
N HIS A 151 -9.11 -9.97 -7.45
CA HIS A 151 -8.19 -9.72 -6.34
C HIS A 151 -8.14 -8.24 -6.05
N LYS A 152 -7.90 -7.87 -4.80
CA LYS A 152 -7.78 -6.49 -4.42
C LYS A 152 -6.47 -5.93 -4.97
N GLY A 153 -6.44 -4.62 -5.18
CA GLY A 153 -5.27 -3.98 -5.76
C GLY A 153 -4.06 -3.87 -4.83
N TYR A 154 -3.87 -4.86 -3.96
CA TYR A 154 -2.72 -4.89 -3.07
C TYR A 154 -2.42 -6.32 -2.62
N GLY A 155 -1.23 -6.54 -2.08
CA GLY A 155 -0.86 -7.84 -1.57
C GLY A 155 0.47 -7.82 -0.85
N PHE A 156 0.94 -8.99 -0.43
CA PHE A 156 2.19 -9.11 0.30
C PHE A 156 3.16 -10.06 -0.41
N ILE A 157 4.44 -9.71 -0.39
CA ILE A 157 5.49 -10.56 -0.92
C ILE A 157 6.56 -10.81 0.15
N GLU A 158 6.98 -12.06 0.27
CA GLU A 158 8.00 -12.42 1.26
C GLU A 158 9.32 -12.76 0.56
N TYR A 159 10.38 -12.10 0.99
CA TYR A 159 11.69 -12.28 0.35
C TYR A 159 12.57 -13.25 1.13
N GLU A 160 13.36 -14.02 0.37
CA GLU A 160 14.33 -14.95 0.95
C GLU A 160 15.54 -14.20 1.51
N LYS A 161 15.87 -13.08 0.88
CA LYS A 161 17.01 -12.28 1.29
C LYS A 161 16.54 -10.98 1.92
N ALA A 162 17.40 -10.38 2.72
CA ALA A 162 17.07 -9.09 3.33
C ALA A 162 17.35 -7.94 2.38
N GLN A 163 18.46 -8.03 1.66
CA GLN A 163 18.86 -6.98 0.72
C GLN A 163 17.85 -6.84 -0.41
N SER A 164 17.32 -7.96 -0.89
CA SER A 164 16.41 -7.96 -2.02
C SER A 164 15.13 -7.19 -1.70
N SER A 165 14.68 -7.27 -0.44
CA SER A 165 13.51 -6.53 0.01
C SER A 165 13.73 -5.02 -0.16
N GLN A 166 14.94 -4.57 0.13
CA GLN A 166 15.30 -3.16 0.02
C GLN A 166 15.40 -2.74 -1.44
N ASP A 167 15.96 -3.62 -2.27
CA ASP A 167 16.04 -3.37 -3.70
C ASP A 167 14.65 -3.27 -4.32
N ALA A 168 13.79 -4.22 -3.96
CA ALA A 168 12.42 -4.25 -4.47
C ALA A 168 11.66 -3.00 -4.09
N VAL A 169 11.65 -2.66 -2.81
CA VAL A 169 10.86 -1.54 -2.31
C VAL A 169 11.29 -0.21 -2.94
N SER A 170 12.54 -0.14 -3.37
CA SER A 170 13.06 1.08 -3.96
C SER A 170 12.73 1.19 -5.46
N SER A 171 12.37 0.08 -6.08
CA SER A 171 12.15 0.06 -7.52
C SER A 171 10.70 -0.26 -7.89
N MET A 172 10.06 -1.11 -7.11
CA MET A 172 8.74 -1.65 -7.42
C MET A 172 7.63 -0.60 -7.43
N ASN A 173 7.96 0.62 -7.08
CA ASN A 173 7.00 1.72 -7.14
C ASN A 173 6.71 2.06 -8.60
N LEU A 174 7.74 1.93 -9.42
CA LEU A 174 7.69 2.32 -10.82
C LEU A 174 6.95 1.31 -11.70
N PHE A 175 6.61 0.14 -11.15
CA PHE A 175 5.99 -0.93 -11.94
C PHE A 175 4.75 -0.39 -12.68
N ASP A 176 4.89 -0.21 -13.99
CA ASP A 176 3.83 0.34 -14.80
C ASP A 176 3.06 -0.77 -15.50
N LEU A 177 1.78 -0.87 -15.22
CA LEU A 177 0.91 -1.78 -15.93
C LEU A 177 -0.16 -1.01 -16.67
N GLY A 178 0.16 -0.58 -17.88
CA GLY A 178 -0.82 0.07 -18.72
C GLY A 178 -1.07 1.51 -18.31
N GLY A 179 -0.07 2.14 -17.68
CA GLY A 179 -0.21 3.54 -17.33
C GLY A 179 -0.16 3.80 -15.84
N GLN A 180 -0.38 2.77 -15.04
CA GLN A 180 -0.38 2.94 -13.59
C GLN A 180 0.87 2.34 -12.96
N TYR A 181 1.50 3.12 -12.10
CA TYR A 181 2.66 2.68 -11.34
C TYR A 181 2.21 2.16 -9.98
N LEU A 182 2.79 1.05 -9.54
CA LEU A 182 2.44 0.45 -8.26
C LEU A 182 3.00 1.24 -7.09
N ARG A 183 2.87 0.71 -5.89
CA ARG A 183 3.29 1.40 -4.68
C ARG A 183 3.77 0.38 -3.66
N VAL A 184 5.04 0.45 -3.28
CA VAL A 184 5.58 -0.51 -2.34
C VAL A 184 6.05 0.14 -1.04
N GLY A 185 5.89 -0.60 0.04
CA GLY A 185 6.34 -0.18 1.34
C GLY A 185 6.63 -1.36 2.23
N LYS A 186 6.74 -1.15 3.53
CA LYS A 186 6.98 -2.24 4.45
C LYS A 186 5.66 -2.83 4.92
N ALA A 187 5.72 -3.97 5.60
CA ALA A 187 4.51 -4.59 6.15
C ALA A 187 3.88 -3.69 7.21
N VAL A 188 4.73 -2.95 7.93
CA VAL A 188 4.31 -2.02 8.98
C VAL A 188 3.79 -2.79 10.20
N THR A 189 2.64 -3.40 10.05
CA THR A 189 2.06 -4.20 11.11
C THR A 189 2.04 -5.66 10.70
N PRO A 190 2.36 -6.58 11.63
CA PRO A 190 2.35 -8.02 11.34
C PRO A 190 0.92 -8.57 11.31
N PRO A 191 0.39 -8.85 10.11
CA PRO A 191 -0.99 -9.34 9.96
C PRO A 191 -1.10 -10.82 10.28
N MET A 192 0.03 -11.49 10.28
CA MET A 192 0.08 -12.92 10.55
C MET A 192 1.24 -13.26 11.48
N PRO A 193 1.17 -12.83 12.76
CA PRO A 193 2.20 -13.12 13.76
C PRO A 193 1.97 -14.50 14.38
N LEU A 194 2.95 -14.98 15.13
CA LEU A 194 2.79 -16.27 15.80
C LEU A 194 2.61 -16.08 17.31
N LEU A 195 1.61 -16.72 17.85
CA LEU A 195 1.32 -16.65 19.27
C LEU A 195 1.51 -18.01 19.92
N THR A 196 2.73 -18.29 20.33
CA THR A 196 3.04 -19.56 20.96
C THR A 196 3.60 -19.31 22.37
N PRO A 197 3.21 -20.17 23.34
CA PRO A 197 3.72 -20.09 24.70
C PRO A 197 5.23 -20.28 24.74
N ALA A 198 5.95 -19.20 25.02
CA ALA A 198 7.41 -19.24 25.04
C ALA A 198 7.91 -19.76 26.38
N THR A 199 7.69 -21.04 26.61
CA THR A 199 8.12 -21.68 27.83
C THR A 199 9.10 -22.81 27.51
N GLY B 1 13.50 9.07 -20.08
CA GLY B 1 14.13 9.21 -18.75
C GLY B 1 14.46 7.86 -18.14
N ALA B 2 15.30 7.86 -17.12
CA ALA B 2 15.65 6.63 -16.44
C ALA B 2 15.09 6.61 -15.03
N MET B 3 14.33 5.56 -14.73
CA MET B 3 13.74 5.39 -13.40
C MET B 3 13.88 3.93 -12.97
N GLY B 4 14.80 3.68 -12.05
CA GLY B 4 15.04 2.33 -11.60
C GLY B 4 16.29 2.21 -10.75
N TYR B 5 16.10 2.28 -9.43
CA TYR B 5 17.19 2.16 -8.48
C TYR B 5 18.00 0.88 -8.70
N VAL B 6 17.29 -0.23 -8.91
CA VAL B 6 17.92 -1.51 -9.14
C VAL B 6 18.60 -1.56 -10.51
N ASN B 7 17.88 -1.06 -11.50
CA ASN B 7 18.35 -1.02 -12.89
C ASN B 7 18.49 -2.41 -13.47
N ASP B 8 19.59 -3.09 -13.15
CA ASP B 8 19.97 -4.34 -13.80
C ASP B 8 18.91 -5.43 -13.64
N ALA B 9 18.72 -5.91 -12.41
CA ALA B 9 17.76 -6.97 -12.15
C ALA B 9 16.33 -6.51 -12.42
N PHE B 10 16.12 -5.20 -12.36
CA PHE B 10 14.80 -4.63 -12.58
C PHE B 10 14.45 -4.64 -14.06
N LYS B 11 15.47 -4.81 -14.91
CA LYS B 11 15.25 -4.95 -16.34
C LYS B 11 14.61 -6.30 -16.63
N ASP B 12 15.14 -7.35 -16.02
CA ASP B 12 14.55 -8.70 -16.13
C ASP B 12 13.13 -8.65 -15.61
N ALA B 13 12.97 -7.90 -14.52
CA ALA B 13 11.68 -7.69 -13.89
C ALA B 13 10.63 -7.29 -14.92
N LEU B 14 10.94 -6.24 -15.67
CA LEU B 14 9.95 -5.60 -16.54
C LEU B 14 9.75 -6.31 -17.86
N GLN B 15 10.69 -7.16 -18.25
CA GLN B 15 10.48 -8.02 -19.40
C GLN B 15 9.35 -8.98 -19.06
N ARG B 16 9.43 -9.52 -17.86
CA ARG B 16 8.38 -10.36 -17.31
C ARG B 16 7.14 -9.51 -17.01
N ALA B 17 7.37 -8.29 -16.55
CA ALA B 17 6.32 -7.37 -16.09
C ALA B 17 5.31 -7.03 -17.18
N ARG B 18 5.76 -6.63 -18.33
CA ARG B 18 4.80 -6.37 -19.38
C ARG B 18 4.36 -7.64 -20.10
N GLN B 19 5.20 -8.67 -20.08
CA GLN B 19 4.76 -9.98 -20.55
C GLN B 19 3.52 -10.42 -19.77
N ILE B 20 3.55 -10.25 -18.45
CA ILE B 20 2.39 -10.58 -17.61
C ILE B 20 1.23 -9.65 -17.93
N ALA B 21 1.54 -8.40 -18.29
CA ALA B 21 0.54 -7.41 -18.66
C ALA B 21 -0.14 -7.74 -19.99
N ALA B 22 0.58 -8.48 -20.82
CA ALA B 22 0.05 -8.90 -22.12
C ALA B 22 -0.73 -10.19 -21.99
N LYS B 23 -0.43 -10.95 -20.95
CA LYS B 23 -1.06 -12.24 -20.71
C LYS B 23 -2.31 -12.10 -19.85
N ILE B 24 -2.23 -11.26 -18.81
CA ILE B 24 -3.34 -10.97 -17.90
C ILE B 24 -4.15 -12.21 -17.53
N GLY B 25 -3.46 -13.23 -17.05
CA GLY B 25 -4.12 -14.46 -16.66
C GLY B 25 -3.31 -15.23 -15.63
N GLY B 26 -3.92 -15.50 -14.49
CA GLY B 26 -3.24 -16.23 -13.43
C GLY B 26 -3.07 -17.69 -13.78
N ASP B 27 -2.37 -18.42 -12.92
CA ASP B 27 -2.12 -19.84 -13.18
C ASP B 27 -2.64 -20.69 -12.03
N ALA B 28 -3.36 -21.75 -12.38
CA ALA B 28 -3.89 -22.67 -11.39
C ALA B 28 -2.81 -23.66 -10.94
N GLY B 29 -1.77 -23.12 -10.32
CA GLY B 29 -0.70 -23.94 -9.81
C GLY B 29 -0.98 -24.47 -8.43
N THR B 30 0.07 -24.78 -7.69
CA THR B 30 -0.09 -25.32 -6.35
C THR B 30 -0.10 -24.21 -5.31
N SER B 31 -1.14 -24.22 -4.48
CA SER B 31 -1.26 -23.26 -3.40
C SER B 31 -1.99 -23.91 -2.22
N GLY A 1 -19.14 -8.60 22.61
CA GLY A 1 -18.17 -8.85 21.51
C GLY A 1 -16.76 -8.50 21.91
N ALA A 2 -15.83 -8.66 20.99
CA ALA A 2 -14.42 -8.39 21.27
C ALA A 2 -14.11 -6.90 21.13
N MET A 3 -14.95 -6.07 21.74
CA MET A 3 -14.81 -4.62 21.65
C MET A 3 -13.76 -4.12 22.63
N ALA A 4 -13.12 -5.05 23.33
CA ALA A 4 -12.02 -4.72 24.22
C ALA A 4 -10.70 -4.73 23.45
N GLN A 5 -10.74 -5.28 22.24
CA GLN A 5 -9.55 -5.42 21.40
C GLN A 5 -9.44 -4.29 20.38
N ARG A 6 -10.00 -3.13 20.72
CA ARG A 6 -9.88 -1.96 19.88
C ARG A 6 -8.53 -1.30 20.12
N GLN A 7 -7.55 -1.69 19.32
CA GLN A 7 -6.18 -1.23 19.50
C GLN A 7 -6.05 0.25 19.16
N ARG A 8 -5.68 1.04 20.17
CA ARG A 8 -5.51 2.48 20.01
C ARG A 8 -4.43 2.78 18.98
N ALA A 9 -3.38 1.98 18.99
CA ALA A 9 -2.29 2.14 18.05
C ALA A 9 -2.79 2.04 16.62
N LEU A 10 -3.51 0.97 16.32
CA LEU A 10 -4.03 0.72 14.98
C LEU A 10 -5.07 1.77 14.61
N ALA A 11 -5.88 2.18 15.59
CA ALA A 11 -6.92 3.19 15.37
C ALA A 11 -6.32 4.51 14.90
N ILE A 12 -5.14 4.84 15.41
CA ILE A 12 -4.46 6.06 15.02
C ILE A 12 -3.70 5.87 13.71
N MET A 13 -3.06 4.71 13.55
CA MET A 13 -2.23 4.43 12.38
C MET A 13 -3.06 4.31 11.11
N CYS A 14 -4.25 3.72 11.22
CA CYS A 14 -5.08 3.48 10.05
C CYS A 14 -5.76 4.76 9.56
N ARG A 15 -5.80 5.77 10.44
CA ARG A 15 -6.44 7.04 10.10
C ARG A 15 -5.41 8.06 9.65
N VAL A 16 -5.29 8.24 8.34
CA VAL A 16 -4.35 9.20 7.79
C VAL A 16 -5.03 10.53 7.49
N TYR A 17 -4.33 11.60 7.80
CA TYR A 17 -4.82 12.95 7.61
C TYR A 17 -4.48 13.46 6.21
N VAL A 18 -5.51 13.81 5.45
CA VAL A 18 -5.31 14.37 4.12
C VAL A 18 -5.83 15.80 4.07
N GLY A 19 -4.91 16.74 3.95
CA GLY A 19 -5.31 18.14 3.88
C GLY A 19 -4.68 18.87 2.72
N SER A 20 -5.46 19.06 1.67
CA SER A 20 -5.03 19.76 0.46
C SER A 20 -6.09 19.52 -0.61
N ILE A 21 -7.31 19.93 -0.30
CA ILE A 21 -8.46 19.60 -1.12
C ILE A 21 -8.57 20.55 -2.31
N TYR A 22 -7.87 21.70 -2.20
CA TYR A 22 -7.87 22.72 -3.25
C TYR A 22 -9.26 23.33 -3.38
N TYR A 23 -10.15 22.64 -4.06
CA TYR A 23 -11.54 23.06 -4.22
C TYR A 23 -12.30 22.05 -5.06
N GLU A 24 -11.76 21.78 -6.25
CA GLU A 24 -12.42 20.92 -7.22
C GLU A 24 -11.98 19.47 -7.06
N LEU A 25 -11.75 19.06 -5.83
CA LEU A 25 -11.41 17.68 -5.52
C LEU A 25 -12.39 17.12 -4.51
N GLY A 26 -13.18 16.15 -4.93
CA GLY A 26 -14.16 15.56 -4.04
C GLY A 26 -13.56 14.48 -3.17
N GLU A 27 -14.23 14.17 -2.07
CA GLU A 27 -13.77 13.13 -1.16
C GLU A 27 -13.88 11.77 -1.83
N ASP A 28 -14.83 11.65 -2.74
CA ASP A 28 -14.98 10.45 -3.56
C ASP A 28 -13.77 10.29 -4.48
N THR A 29 -13.33 11.41 -5.05
CA THR A 29 -12.13 11.43 -5.89
C THR A 29 -10.93 10.95 -5.09
N ILE A 30 -10.84 11.42 -3.85
CA ILE A 30 -9.78 11.01 -2.94
C ILE A 30 -9.89 9.52 -2.64
N ARG A 31 -11.11 9.05 -2.41
CA ARG A 31 -11.37 7.65 -2.08
C ARG A 31 -10.89 6.73 -3.20
N GLN A 32 -11.12 7.14 -4.44
CA GLN A 32 -10.74 6.33 -5.58
C GLN A 32 -9.24 6.40 -5.83
N ALA A 33 -8.60 7.43 -5.31
CA ALA A 33 -7.16 7.60 -5.47
C ALA A 33 -6.41 6.65 -4.55
N PHE A 34 -6.90 6.49 -3.33
CA PHE A 34 -6.26 5.61 -2.35
C PHE A 34 -6.90 4.22 -2.37
N ALA A 35 -7.77 3.99 -3.34
CA ALA A 35 -8.47 2.72 -3.47
C ALA A 35 -7.51 1.57 -3.81
N PRO A 36 -6.56 1.77 -4.76
CA PRO A 36 -5.56 0.75 -5.07
C PRO A 36 -4.60 0.48 -3.92
N PHE A 37 -4.62 1.36 -2.92
CA PHE A 37 -3.70 1.26 -1.80
C PHE A 37 -4.17 0.23 -0.79
N GLY A 38 -5.28 0.52 -0.12
CA GLY A 38 -5.86 -0.43 0.79
C GLY A 38 -7.37 -0.26 0.87
N PRO A 39 -8.08 -1.20 1.50
CA PRO A 39 -9.53 -1.14 1.64
C PRO A 39 -9.95 0.00 2.55
N ILE A 40 -10.37 1.10 1.94
CA ILE A 40 -10.90 2.23 2.69
C ILE A 40 -12.23 1.83 3.30
N LYS A 41 -12.24 1.65 4.61
CA LYS A 41 -13.43 1.20 5.30
C LYS A 41 -14.43 2.34 5.45
N SER A 42 -13.90 3.56 5.58
CA SER A 42 -14.73 4.73 5.75
C SER A 42 -13.90 6.01 5.71
N ILE A 43 -14.31 6.97 4.89
CA ILE A 43 -13.68 8.27 4.88
C ILE A 43 -14.60 9.28 5.54
N ASP A 44 -14.06 10.08 6.45
CA ASP A 44 -14.84 11.08 7.16
C ASP A 44 -14.38 12.47 6.78
N MET A 45 -15.26 13.23 6.14
CA MET A 45 -14.94 14.57 5.72
C MET A 45 -16.13 15.49 5.93
N SER A 46 -15.90 16.60 6.61
CA SER A 46 -16.96 17.56 6.87
C SER A 46 -16.63 18.90 6.23
N TRP A 47 -17.55 19.39 5.40
CA TRP A 47 -17.35 20.63 4.68
C TRP A 47 -18.69 21.13 4.15
N ASP A 48 -18.75 22.42 3.84
CA ASP A 48 -19.99 23.05 3.37
C ASP A 48 -20.31 22.62 1.94
N SER A 49 -21.10 21.56 1.83
CA SER A 49 -21.48 21.00 0.55
C SER A 49 -22.43 21.94 -0.19
N VAL A 50 -23.10 22.79 0.57
CA VAL A 50 -24.09 23.70 0.01
C VAL A 50 -23.46 24.72 -0.94
N THR A 51 -22.19 25.02 -0.74
CA THR A 51 -21.49 25.95 -1.60
C THR A 51 -20.27 25.29 -2.24
N MET A 52 -20.14 23.98 -2.01
CA MET A 52 -19.04 23.18 -2.53
C MET A 52 -17.69 23.69 -2.02
N LYS A 53 -17.70 24.32 -0.85
CA LYS A 53 -16.49 24.86 -0.25
C LYS A 53 -15.83 23.83 0.64
N HIS A 54 -14.71 23.29 0.17
CA HIS A 54 -13.98 22.29 0.92
C HIS A 54 -13.07 22.93 1.95
N LYS A 55 -13.68 23.42 3.02
CA LYS A 55 -12.92 24.06 4.10
C LYS A 55 -12.19 23.01 4.91
N GLY A 56 -12.93 21.99 5.34
CA GLY A 56 -12.38 20.96 6.18
C GLY A 56 -11.52 19.99 5.42
N PHE A 57 -10.85 19.11 6.16
CA PHE A 57 -9.94 18.15 5.57
C PHE A 57 -10.59 16.77 5.54
N ALA A 58 -9.95 15.84 4.86
CA ALA A 58 -10.48 14.49 4.74
C ALA A 58 -9.70 13.55 5.65
N PHE A 59 -10.43 12.79 6.45
CA PHE A 59 -9.84 11.78 7.30
C PHE A 59 -10.21 10.40 6.78
N VAL A 60 -9.25 9.73 6.21
CA VAL A 60 -9.51 8.43 5.62
C VAL A 60 -8.83 7.32 6.42
N GLU A 61 -9.64 6.35 6.84
CA GLU A 61 -9.13 5.23 7.60
C GLU A 61 -9.24 3.94 6.79
N TYR A 62 -8.15 3.21 6.74
CA TYR A 62 -8.13 1.93 6.04
C TYR A 62 -8.40 0.81 7.02
N GLU A 63 -8.76 -0.35 6.49
CA GLU A 63 -8.93 -1.53 7.32
C GLU A 63 -7.55 -2.12 7.65
N VAL A 64 -6.55 -1.67 6.90
CA VAL A 64 -5.17 -2.11 7.09
C VAL A 64 -4.23 -0.91 7.21
N PRO A 65 -3.39 -0.87 8.26
CA PRO A 65 -2.46 0.24 8.50
C PRO A 65 -1.30 0.28 7.52
N GLU A 66 -1.09 -0.82 6.80
CA GLU A 66 -0.03 -0.92 5.82
C GLU A 66 -0.21 0.14 4.72
N ALA A 67 -1.41 0.18 4.13
CA ALA A 67 -1.73 1.16 3.11
C ALA A 67 -1.70 2.58 3.67
N ALA A 68 -1.87 2.70 4.98
CA ALA A 68 -1.88 4.00 5.63
C ALA A 68 -0.47 4.61 5.62
N GLN A 69 0.50 3.83 6.07
CA GLN A 69 1.89 4.26 6.07
C GLN A 69 2.33 4.50 4.62
N LEU A 70 1.88 3.62 3.74
CA LEU A 70 2.19 3.69 2.33
C LEU A 70 1.68 5.00 1.74
N ALA A 71 0.42 5.30 2.00
CA ALA A 71 -0.22 6.51 1.48
C ALA A 71 0.47 7.76 1.99
N LEU A 72 1.05 7.67 3.18
CA LEU A 72 1.76 8.79 3.77
C LEU A 72 2.94 9.20 2.89
N GLU A 73 3.87 8.29 2.68
CA GLU A 73 5.10 8.62 1.97
C GLU A 73 4.93 8.59 0.45
N GLN A 74 4.17 7.62 -0.04
CA GLN A 74 4.07 7.39 -1.49
C GLN A 74 3.04 8.29 -2.16
N MET A 75 2.38 9.16 -1.38
CA MET A 75 1.44 10.12 -1.97
C MET A 75 1.84 11.56 -1.63
N ASN A 76 2.36 11.76 -0.43
CA ASN A 76 2.75 13.11 0.02
C ASN A 76 3.95 13.62 -0.78
N SER A 77 4.80 12.70 -1.20
CA SER A 77 5.99 13.06 -1.96
C SER A 77 5.68 13.19 -3.45
N VAL A 78 4.47 12.78 -3.83
CA VAL A 78 4.06 12.83 -5.23
C VAL A 78 2.94 13.85 -5.42
N MET A 79 3.32 15.07 -5.70
CA MET A 79 2.35 16.14 -5.93
C MET A 79 1.64 15.94 -7.27
N LEU A 80 0.33 15.74 -7.20
CA LEU A 80 -0.49 15.48 -8.38
C LEU A 80 -0.36 16.59 -9.41
N GLY A 81 -0.20 17.82 -8.94
CA GLY A 81 0.00 18.93 -9.84
C GLY A 81 -0.48 20.24 -9.25
N GLY A 82 0.34 21.27 -9.36
CA GLY A 82 -0.05 22.58 -8.91
C GLY A 82 0.28 22.82 -7.45
N ARG A 83 -0.35 22.04 -6.59
CA ARG A 83 -0.14 22.17 -5.15
C ARG A 83 0.31 20.83 -4.57
N ASN A 84 1.01 20.88 -3.45
CA ASN A 84 1.45 19.68 -2.77
C ASN A 84 0.39 19.22 -1.78
N ILE A 85 0.00 17.96 -1.87
CA ILE A 85 -0.96 17.40 -0.93
C ILE A 85 -0.22 16.80 0.26
N LYS A 86 -0.67 17.13 1.47
CA LYS A 86 -0.05 16.58 2.66
C LYS A 86 -0.90 15.46 3.23
N VAL A 87 -0.32 14.27 3.24
CA VAL A 87 -1.01 13.08 3.70
C VAL A 87 -0.22 12.41 4.83
N GLY A 88 -0.92 12.06 5.89
CA GLY A 88 -0.30 11.31 6.96
C GLY A 88 -0.05 12.15 8.19
N ARG A 89 1.19 12.14 8.65
CA ARG A 89 1.59 12.82 9.89
C ARG A 89 0.74 12.35 11.08
N PRO A 90 0.90 11.07 11.48
CA PRO A 90 0.12 10.47 12.55
C PRO A 90 0.70 10.79 13.92
N SER A 91 0.36 9.94 14.90
CA SER A 91 0.84 10.09 16.28
C SER A 91 0.14 11.27 16.96
N ASN A 92 -0.59 10.96 18.03
CA ASN A 92 -1.32 11.98 18.78
C ASN A 92 -0.34 12.81 19.62
N ILE A 93 0.33 12.18 20.58
CA ILE A 93 1.35 12.85 21.36
C ILE A 93 2.57 11.94 21.55
N GLY A 94 3.27 11.68 20.45
CA GLY A 94 4.54 10.96 20.52
C GLY A 94 4.40 9.46 20.73
N GLN A 95 3.55 9.07 21.68
CA GLN A 95 3.44 7.68 22.14
C GLN A 95 3.08 6.68 21.04
N ALA A 96 2.70 7.16 19.87
CA ALA A 96 2.31 6.28 18.78
C ALA A 96 3.53 5.80 17.99
N GLN A 97 4.56 6.64 17.93
CA GLN A 97 5.76 6.33 17.16
C GLN A 97 6.51 5.10 17.69
N PRO A 98 6.81 5.02 19.02
CA PRO A 98 7.52 3.86 19.59
C PRO A 98 6.85 2.54 19.25
N ILE A 99 5.52 2.56 19.13
CA ILE A 99 4.76 1.37 18.76
C ILE A 99 5.12 0.95 17.34
N ILE A 100 5.19 1.93 16.45
CA ILE A 100 5.55 1.68 15.06
C ILE A 100 6.96 1.11 14.97
N ASP A 101 7.88 1.68 15.74
CA ASP A 101 9.26 1.20 15.79
C ASP A 101 9.31 -0.25 16.26
N GLN A 102 8.56 -0.56 17.31
CA GLN A 102 8.49 -1.92 17.85
C GLN A 102 7.96 -2.89 16.80
N LEU A 103 6.88 -2.49 16.14
CA LEU A 103 6.22 -3.36 15.17
C LEU A 103 7.05 -3.52 13.91
N ALA A 104 7.84 -2.50 13.59
CA ALA A 104 8.73 -2.55 12.44
C ALA A 104 9.78 -3.64 12.62
N GLU A 105 10.29 -3.77 13.84
CA GLU A 105 11.26 -4.80 14.16
C GLU A 105 10.60 -6.16 14.13
N GLU A 106 9.32 -6.21 14.49
CA GLU A 106 8.54 -7.43 14.41
C GLU A 106 8.38 -7.82 12.95
N ALA A 107 8.10 -6.83 12.11
CA ALA A 107 7.94 -7.03 10.68
C ALA A 107 9.23 -7.57 10.04
N ARG A 108 10.37 -7.18 10.59
CA ARG A 108 11.66 -7.65 10.08
C ARG A 108 11.85 -9.14 10.37
N ALA A 109 11.09 -9.66 11.32
CA ALA A 109 11.14 -11.08 11.64
C ALA A 109 10.32 -11.88 10.65
N PHE A 110 9.51 -11.17 9.87
CA PHE A 110 8.71 -11.80 8.82
C PHE A 110 9.33 -11.53 7.46
N ASN A 111 10.12 -10.46 7.41
CA ASN A 111 10.79 -10.00 6.18
C ASN A 111 9.76 -9.70 5.09
N ARG A 112 8.63 -9.15 5.51
CA ARG A 112 7.52 -8.88 4.60
C ARG A 112 7.54 -7.44 4.13
N ILE A 113 7.27 -7.25 2.85
CA ILE A 113 7.09 -5.93 2.29
C ILE A 113 5.67 -5.79 1.75
N TYR A 114 5.21 -4.56 1.61
CA TYR A 114 3.83 -4.30 1.24
C TYR A 114 3.76 -3.75 -0.18
N VAL A 115 2.94 -4.35 -1.01
CA VAL A 115 2.76 -3.88 -2.37
C VAL A 115 1.30 -3.51 -2.62
N ALA A 116 1.08 -2.25 -2.96
CA ALA A 116 -0.25 -1.79 -3.29
C ALA A 116 -0.28 -1.17 -4.68
N SER A 117 -1.44 -0.65 -5.05
CA SER A 117 -1.66 0.00 -6.34
C SER A 117 -1.56 -1.03 -7.46
N VAL A 118 -1.79 -2.29 -7.11
CA VAL A 118 -1.73 -3.37 -8.07
C VAL A 118 -2.96 -3.33 -8.97
N HIS A 119 -2.73 -3.39 -10.28
CA HIS A 119 -3.81 -3.36 -11.24
C HIS A 119 -4.69 -4.61 -11.03
N GLN A 120 -6.00 -4.41 -10.95
CA GLN A 120 -6.92 -5.44 -10.49
C GLN A 120 -6.88 -6.71 -11.35
N ASP A 121 -6.56 -6.58 -12.62
CA ASP A 121 -6.47 -7.72 -13.51
C ASP A 121 -5.15 -8.48 -13.31
N LEU A 122 -4.05 -7.73 -13.25
CA LEU A 122 -2.73 -8.28 -13.01
C LEU A 122 -2.70 -8.98 -11.64
N SER A 123 -2.59 -10.30 -11.65
CA SER A 123 -2.79 -11.09 -10.44
C SER A 123 -1.52 -11.26 -9.61
N ASP A 124 -1.62 -12.01 -8.50
CA ASP A 124 -0.50 -12.18 -7.57
C ASP A 124 0.64 -12.97 -8.20
N ASP A 125 0.29 -13.96 -9.00
CA ASP A 125 1.29 -14.74 -9.75
C ASP A 125 2.06 -13.82 -10.69
N ASP A 126 1.36 -12.83 -11.18
CA ASP A 126 1.92 -11.84 -12.08
C ASP A 126 2.94 -10.98 -11.37
N ILE A 127 2.51 -10.37 -10.27
CA ILE A 127 3.38 -9.46 -9.50
C ILE A 127 4.63 -10.18 -9.00
N LYS A 128 4.57 -11.50 -8.93
CA LYS A 128 5.72 -12.31 -8.57
C LYS A 128 6.88 -12.07 -9.54
N SER A 129 6.55 -11.79 -10.80
CA SER A 129 7.54 -11.55 -11.85
C SER A 129 8.60 -10.58 -11.40
N VAL A 130 8.14 -9.41 -11.07
CA VAL A 130 9.00 -8.30 -10.76
C VAL A 130 9.75 -8.52 -9.45
N PHE A 131 9.04 -8.84 -8.38
CA PHE A 131 9.66 -9.02 -7.07
C PHE A 131 10.72 -10.12 -7.10
N GLU A 132 10.50 -11.16 -7.90
CA GLU A 132 11.43 -12.29 -7.92
C GLU A 132 12.69 -11.96 -8.70
N ALA A 133 12.54 -11.15 -9.74
CA ALA A 133 13.67 -10.78 -10.58
C ALA A 133 14.68 -9.92 -9.82
N PHE A 134 14.27 -9.41 -8.65
CA PHE A 134 15.12 -8.57 -7.84
C PHE A 134 15.94 -9.40 -6.86
N GLY A 135 15.60 -10.68 -6.72
CA GLY A 135 16.30 -11.53 -5.79
C GLY A 135 15.67 -12.91 -5.67
N LYS A 136 15.10 -13.20 -4.51
CA LYS A 136 14.44 -14.48 -4.27
C LYS A 136 13.25 -14.32 -3.35
N ILE A 137 12.08 -14.69 -3.84
CA ILE A 137 10.84 -14.55 -3.08
C ILE A 137 10.62 -15.76 -2.19
N LYS A 138 10.24 -15.49 -0.94
CA LYS A 138 9.89 -16.54 0.00
C LYS A 138 8.41 -16.87 -0.16
N SER A 139 7.59 -15.83 -0.20
CA SER A 139 6.14 -15.98 -0.39
C SER A 139 5.59 -14.77 -1.14
N CYS A 140 4.80 -15.00 -2.17
CA CYS A 140 4.12 -13.92 -2.88
C CYS A 140 2.62 -14.14 -2.79
N THR A 141 1.93 -13.27 -2.06
CA THR A 141 0.50 -13.44 -1.84
C THR A 141 -0.25 -12.12 -1.88
N LEU A 142 -1.01 -11.92 -2.95
CA LEU A 142 -1.97 -10.83 -3.02
C LEU A 142 -3.32 -11.32 -2.53
N ALA A 143 -3.93 -10.57 -1.62
CA ALA A 143 -5.22 -10.94 -1.06
C ALA A 143 -6.31 -10.90 -2.11
N ARG A 144 -7.42 -11.55 -1.84
CA ARG A 144 -8.53 -11.60 -2.77
C ARG A 144 -9.80 -11.08 -2.13
N ASP A 145 -10.73 -10.67 -2.97
CA ASP A 145 -11.98 -10.09 -2.52
C ASP A 145 -13.12 -11.07 -2.74
N PRO A 146 -13.48 -11.84 -1.70
CA PRO A 146 -14.49 -12.90 -1.81
C PRO A 146 -15.90 -12.34 -2.00
N THR A 147 -16.12 -11.11 -1.59
CA THR A 147 -17.44 -10.50 -1.61
C THR A 147 -17.84 -10.07 -3.02
N THR A 148 -16.87 -9.72 -3.85
CA THR A 148 -17.16 -9.30 -5.21
C THR A 148 -16.57 -10.29 -6.22
N GLY A 149 -15.61 -11.08 -5.78
CA GLY A 149 -14.97 -12.04 -6.67
C GLY A 149 -13.77 -11.43 -7.39
N LYS A 150 -12.98 -10.68 -6.66
CA LYS A 150 -11.85 -9.95 -7.23
C LYS A 150 -10.56 -10.29 -6.51
N HIS A 151 -9.48 -9.66 -6.94
CA HIS A 151 -8.22 -9.74 -6.22
C HIS A 151 -7.90 -8.35 -5.68
N LYS A 152 -7.55 -8.29 -4.40
CA LYS A 152 -7.24 -7.01 -3.75
C LYS A 152 -5.99 -6.42 -4.39
N GLY A 153 -6.01 -5.12 -4.66
CA GLY A 153 -4.88 -4.45 -5.29
C GLY A 153 -3.71 -4.24 -4.34
N TYR A 154 -3.56 -5.13 -3.36
CA TYR A 154 -2.47 -5.04 -2.40
C TYR A 154 -2.16 -6.43 -1.85
N GLY A 155 -0.97 -6.60 -1.32
CA GLY A 155 -0.58 -7.86 -0.75
C GLY A 155 0.79 -7.80 -0.08
N PHE A 156 1.30 -8.96 0.31
CA PHE A 156 2.58 -9.03 1.01
C PHE A 156 3.51 -10.01 0.33
N ILE A 157 4.75 -9.59 0.13
CA ILE A 157 5.79 -10.47 -0.39
C ILE A 157 6.87 -10.63 0.66
N GLU A 158 7.27 -11.87 0.89
CA GLU A 158 8.31 -12.17 1.86
C GLU A 158 9.61 -12.49 1.15
N TYR A 159 10.72 -12.09 1.73
CA TYR A 159 12.03 -12.37 1.19
C TYR A 159 12.84 -13.18 2.18
N GLU A 160 13.61 -14.13 1.67
CA GLU A 160 14.53 -14.88 2.50
C GLU A 160 15.81 -14.08 2.68
N LYS A 161 16.17 -13.33 1.66
CA LYS A 161 17.30 -12.41 1.72
C LYS A 161 16.77 -11.01 2.02
N ALA A 162 17.10 -10.49 3.19
CA ALA A 162 16.64 -9.18 3.62
C ALA A 162 17.17 -8.08 2.69
N GLN A 163 18.30 -8.35 2.07
CA GLN A 163 18.89 -7.41 1.13
C GLN A 163 18.05 -7.31 -0.14
N SER A 164 17.47 -8.43 -0.56
CA SER A 164 16.65 -8.45 -1.77
C SER A 164 15.37 -7.65 -1.54
N SER A 165 14.95 -7.57 -0.28
CA SER A 165 13.77 -6.79 0.09
C SER A 165 13.98 -5.31 -0.23
N GLN A 166 15.23 -4.86 -0.16
CA GLN A 166 15.53 -3.45 -0.39
C GLN A 166 15.44 -3.10 -1.87
N ASP A 167 15.97 -3.98 -2.73
CA ASP A 167 15.91 -3.78 -4.18
C ASP A 167 14.48 -3.55 -4.63
N ALA A 168 13.58 -4.38 -4.11
CA ALA A 168 12.18 -4.32 -4.47
C ALA A 168 11.57 -2.95 -4.12
N VAL A 169 11.90 -2.45 -2.94
CA VAL A 169 11.32 -1.19 -2.45
C VAL A 169 11.71 0.00 -3.35
N SER A 170 12.95 0.02 -3.81
CA SER A 170 13.42 1.13 -4.62
C SER A 170 13.11 0.93 -6.10
N SER A 171 12.50 -0.19 -6.45
CA SER A 171 12.20 -0.49 -7.85
C SER A 171 10.70 -0.55 -8.12
N MET A 172 9.97 -1.24 -7.24
CA MET A 172 8.60 -1.64 -7.51
C MET A 172 7.64 -0.45 -7.67
N ASN A 173 8.02 0.69 -7.15
CA ASN A 173 7.18 1.88 -7.24
C ASN A 173 6.93 2.25 -8.70
N LEU A 174 7.95 2.07 -9.52
CA LEU A 174 7.91 2.43 -10.93
C LEU A 174 7.16 1.40 -11.79
N PHE A 175 6.83 0.24 -11.22
CA PHE A 175 6.20 -0.86 -11.97
C PHE A 175 5.04 -0.36 -12.84
N ASP A 176 5.27 -0.31 -14.15
CA ASP A 176 4.29 0.18 -15.12
C ASP A 176 3.26 -0.87 -15.46
N LEU A 177 2.04 -0.69 -14.98
CA LEU A 177 0.92 -1.50 -15.42
C LEU A 177 -0.08 -0.64 -16.17
N GLY A 178 0.15 -0.48 -17.46
CA GLY A 178 -0.68 0.39 -18.26
C GLY A 178 -0.20 1.82 -18.19
N GLY A 179 -1.02 2.70 -17.65
CA GLY A 179 -0.62 4.08 -17.49
C GLY A 179 -0.42 4.44 -16.03
N GLN A 180 -0.15 3.44 -15.20
CA GLN A 180 0.02 3.67 -13.78
C GLN A 180 1.35 3.13 -13.29
N TYR A 181 1.86 3.75 -12.24
CA TYR A 181 3.03 3.28 -11.54
C TYR A 181 2.59 2.70 -10.19
N LEU A 182 3.17 1.57 -9.84
CA LEU A 182 2.79 0.83 -8.64
C LEU A 182 3.17 1.59 -7.37
N ARG A 183 2.93 0.97 -6.22
CA ARG A 183 3.30 1.57 -4.94
C ARG A 183 3.82 0.50 -3.99
N VAL A 184 5.10 0.57 -3.66
CA VAL A 184 5.71 -0.42 -2.79
C VAL A 184 6.17 0.21 -1.47
N GLY A 185 6.09 -0.58 -0.41
CA GLY A 185 6.56 -0.15 0.89
C GLY A 185 6.90 -1.34 1.76
N LYS A 186 6.94 -1.14 3.06
CA LYS A 186 7.24 -2.24 3.97
C LYS A 186 6.00 -2.67 4.72
N ALA A 187 6.07 -3.76 5.46
CA ALA A 187 4.91 -4.26 6.20
C ALA A 187 4.43 -3.27 7.24
N VAL A 188 5.39 -2.63 7.93
CA VAL A 188 5.09 -1.67 9.02
C VAL A 188 4.54 -2.41 10.24
N THR A 189 3.37 -2.98 10.09
CA THR A 189 2.70 -3.71 11.14
C THR A 189 2.69 -5.21 10.83
N PRO A 190 2.48 -6.06 11.84
CA PRO A 190 2.31 -7.48 11.66
C PRO A 190 0.83 -7.87 11.54
N PRO A 191 0.34 -8.01 10.30
CA PRO A 191 -1.08 -8.32 10.05
C PRO A 191 -1.44 -9.75 10.45
N MET A 192 -2.59 -9.89 11.08
CA MET A 192 -3.07 -11.20 11.51
C MET A 192 -4.27 -11.63 10.69
N PRO A 193 -4.15 -12.74 9.95
CA PRO A 193 -5.24 -13.28 9.12
C PRO A 193 -6.34 -13.93 9.95
N LEU A 194 -7.00 -13.13 10.77
CA LEU A 194 -8.07 -13.60 11.63
C LEU A 194 -9.43 -13.26 11.03
N LEU A 195 -10.21 -14.29 10.71
CA LEU A 195 -11.53 -14.10 10.15
C LEU A 195 -12.56 -13.92 11.26
N THR A 196 -12.85 -12.66 11.56
CA THR A 196 -13.88 -12.32 12.53
C THR A 196 -15.28 -12.78 12.06
N PRO A 197 -15.69 -12.46 10.81
CA PRO A 197 -16.98 -12.90 10.27
C PRO A 197 -17.09 -14.41 10.15
N ALA A 198 -18.31 -14.91 10.30
CA ALA A 198 -18.64 -16.33 10.19
C ALA A 198 -18.10 -17.14 11.37
N THR A 199 -18.99 -17.87 12.01
CA THR A 199 -18.64 -18.70 13.15
C THR A 199 -19.56 -19.92 13.22
N GLY B 1 24.87 -3.61 -14.66
CA GLY B 1 24.27 -2.29 -14.35
C GLY B 1 24.94 -1.16 -15.10
N ALA B 2 24.14 -0.39 -15.82
CA ALA B 2 24.66 0.76 -16.55
C ALA B 2 24.39 2.06 -15.80
N MET B 3 24.44 1.98 -14.47
CA MET B 3 24.16 3.13 -13.62
C MET B 3 24.62 2.84 -12.20
N GLY B 4 23.99 1.86 -11.58
CA GLY B 4 24.37 1.45 -10.25
C GLY B 4 23.67 0.17 -9.86
N TYR B 5 22.46 0.29 -9.33
CA TYR B 5 21.66 -0.86 -8.94
C TYR B 5 20.29 -0.74 -9.58
N VAL B 6 19.46 -1.78 -9.47
CA VAL B 6 18.10 -1.76 -10.03
C VAL B 6 18.10 -1.86 -11.56
N ASN B 7 19.14 -1.31 -12.19
CA ASN B 7 19.25 -1.24 -13.65
C ASN B 7 18.94 -2.57 -14.34
N ASP B 8 19.42 -3.66 -13.78
CA ASP B 8 19.29 -4.95 -14.44
C ASP B 8 18.12 -5.74 -13.87
N ALA B 9 18.09 -5.85 -12.55
CA ALA B 9 17.10 -6.67 -11.88
C ALA B 9 15.67 -6.23 -12.19
N PHE B 10 15.44 -4.93 -12.14
CA PHE B 10 14.09 -4.39 -12.33
C PHE B 10 13.70 -4.42 -13.81
N LYS B 11 14.69 -4.48 -14.69
CA LYS B 11 14.42 -4.54 -16.12
C LYS B 11 14.11 -5.97 -16.53
N ASP B 12 14.79 -6.92 -15.89
CA ASP B 12 14.43 -8.33 -16.00
C ASP B 12 12.99 -8.47 -15.54
N ALA B 13 12.73 -7.84 -14.40
CA ALA B 13 11.41 -7.77 -13.81
C ALA B 13 10.35 -7.37 -14.82
N LEU B 14 10.65 -6.33 -15.60
CA LEU B 14 9.65 -5.71 -16.47
C LEU B 14 9.44 -6.44 -17.78
N GLN B 15 10.40 -7.24 -18.19
CA GLN B 15 10.17 -8.12 -19.31
C GLN B 15 9.09 -9.11 -18.91
N ARG B 16 9.20 -9.59 -17.68
CA ARG B 16 8.19 -10.43 -17.08
C ARG B 16 6.92 -9.61 -16.82
N ALA B 17 7.12 -8.35 -16.44
CA ALA B 17 6.05 -7.46 -16.00
C ALA B 17 5.05 -7.14 -17.10
N ARG B 18 5.49 -6.90 -18.30
CA ARG B 18 4.53 -6.75 -19.36
C ARG B 18 4.05 -8.08 -19.91
N GLN B 19 4.86 -9.13 -19.79
CA GLN B 19 4.38 -10.49 -20.08
C GLN B 19 3.13 -10.80 -19.23
N ILE B 20 3.17 -10.44 -17.95
CA ILE B 20 2.01 -10.60 -17.08
C ILE B 20 0.90 -9.63 -17.49
N ALA B 21 1.30 -8.47 -17.99
CA ALA B 21 0.36 -7.49 -18.50
C ALA B 21 -0.19 -7.90 -19.87
N ALA B 22 0.32 -8.99 -20.39
CA ALA B 22 -0.20 -9.56 -21.62
C ALA B 22 -1.32 -10.55 -21.32
N LYS B 23 -1.15 -11.30 -20.23
CA LYS B 23 -2.14 -12.31 -19.84
C LYS B 23 -3.42 -11.70 -19.30
N ILE B 24 -3.41 -10.37 -19.10
CA ILE B 24 -4.50 -9.61 -18.44
C ILE B 24 -5.89 -10.25 -18.62
N GLY B 25 -6.45 -10.65 -17.49
CA GLY B 25 -7.75 -11.30 -17.48
C GLY B 25 -7.93 -12.13 -16.22
N GLY B 26 -7.50 -13.37 -16.26
CA GLY B 26 -7.48 -14.22 -15.09
C GLY B 26 -8.86 -14.57 -14.56
N ASP B 27 -8.98 -14.61 -13.24
CA ASP B 27 -10.22 -15.03 -12.58
C ASP B 27 -11.17 -13.84 -12.39
N ALA B 28 -10.61 -12.67 -12.16
CA ALA B 28 -11.40 -11.47 -11.92
C ALA B 28 -11.97 -10.94 -13.23
N GLY B 29 -13.17 -11.39 -13.56
CA GLY B 29 -13.81 -10.96 -14.79
C GLY B 29 -15.18 -10.38 -14.55
N THR B 30 -15.22 -9.14 -14.09
CA THR B 30 -16.47 -8.44 -13.91
C THR B 30 -17.04 -8.03 -15.26
N SER B 31 -16.36 -7.10 -15.92
CA SER B 31 -16.74 -6.63 -17.24
C SER B 31 -15.65 -5.72 -17.80
N GLY A 1 -13.22 -4.19 35.47
CA GLY A 1 -12.22 -5.24 35.18
C GLY A 1 -10.83 -4.66 35.06
N ALA A 2 -9.86 -5.50 34.74
CA ALA A 2 -8.48 -5.06 34.60
C ALA A 2 -8.20 -4.57 33.19
N MET A 3 -8.66 -3.34 32.91
CA MET A 3 -8.47 -2.64 31.63
C MET A 3 -9.20 -3.34 30.47
N ALA A 4 -9.62 -2.54 29.51
CA ALA A 4 -10.25 -3.05 28.30
C ALA A 4 -9.81 -2.22 27.11
N GLN A 5 -8.72 -1.49 27.30
CA GLN A 5 -8.21 -0.58 26.28
C GLN A 5 -6.87 -1.08 25.77
N ARG A 6 -6.77 -1.29 24.47
CA ARG A 6 -5.52 -1.73 23.86
C ARG A 6 -5.53 -1.43 22.36
N GLN A 7 -4.34 -1.54 21.76
CA GLN A 7 -4.12 -1.32 20.32
C GLN A 7 -4.89 -0.10 19.77
N ARG A 8 -5.00 0.92 20.59
CA ARG A 8 -5.72 2.14 20.21
C ARG A 8 -4.94 2.91 19.15
N ALA A 9 -3.61 2.77 19.19
CA ALA A 9 -2.75 3.43 18.23
C ALA A 9 -3.02 2.94 16.81
N LEU A 10 -3.50 1.71 16.70
CA LEU A 10 -3.79 1.10 15.41
C LEU A 10 -4.95 1.83 14.73
N ALA A 11 -5.89 2.32 15.53
CA ALA A 11 -7.02 3.06 15.01
C ALA A 11 -6.58 4.39 14.43
N ILE A 12 -5.49 4.92 14.97
CA ILE A 12 -4.94 6.18 14.50
C ILE A 12 -4.06 5.98 13.28
N MET A 13 -3.24 4.93 13.32
CA MET A 13 -2.28 4.67 12.25
C MET A 13 -2.95 4.21 10.96
N CYS A 14 -4.14 3.61 11.06
CA CYS A 14 -4.84 3.11 9.90
C CYS A 14 -5.70 4.18 9.23
N ARG A 15 -5.60 5.41 9.70
CA ARG A 15 -6.40 6.49 9.12
C ARG A 15 -5.50 7.63 8.67
N VAL A 16 -5.72 8.08 7.44
CA VAL A 16 -5.00 9.24 6.94
C VAL A 16 -5.89 10.46 6.99
N TYR A 17 -5.28 11.59 7.25
CA TYR A 17 -6.00 12.84 7.36
C TYR A 17 -5.75 13.69 6.12
N VAL A 18 -6.82 14.15 5.49
CA VAL A 18 -6.70 15.06 4.36
C VAL A 18 -7.26 16.42 4.76
N GLY A 19 -6.38 17.40 4.90
CA GLY A 19 -6.82 18.73 5.29
C GLY A 19 -6.67 19.73 4.18
N SER A 20 -7.52 20.76 4.21
CA SER A 20 -7.50 21.82 3.20
C SER A 20 -7.77 21.26 1.81
N ILE A 21 -8.97 20.73 1.63
CA ILE A 21 -9.38 20.16 0.35
C ILE A 21 -9.21 21.17 -0.77
N TYR A 22 -8.58 20.73 -1.87
CA TYR A 22 -8.24 21.60 -2.99
C TYR A 22 -9.39 22.54 -3.36
N TYR A 23 -10.46 21.97 -3.92
CA TYR A 23 -11.63 22.72 -4.33
C TYR A 23 -12.58 21.82 -5.12
N GLU A 24 -12.08 21.32 -6.25
CA GLU A 24 -12.88 20.50 -7.14
C GLU A 24 -12.93 19.04 -6.66
N LEU A 25 -11.91 18.64 -5.91
CA LEU A 25 -11.79 17.27 -5.43
C LEU A 25 -12.95 16.90 -4.52
N GLY A 26 -13.69 15.87 -4.89
CA GLY A 26 -14.81 15.42 -4.09
C GLY A 26 -14.50 14.11 -3.37
N GLU A 27 -15.50 13.56 -2.69
CA GLU A 27 -15.31 12.32 -1.94
C GLU A 27 -15.02 11.17 -2.89
N ASP A 28 -15.66 11.20 -4.05
CA ASP A 28 -15.44 10.18 -5.08
C ASP A 28 -14.01 10.22 -5.58
N THR A 29 -13.50 11.43 -5.76
CA THR A 29 -12.15 11.64 -6.23
C THR A 29 -11.14 11.02 -5.25
N ILE A 30 -11.31 11.35 -3.98
CA ILE A 30 -10.41 10.89 -2.94
C ILE A 30 -10.34 9.37 -2.87
N ARG A 31 -11.49 8.70 -2.79
CA ARG A 31 -11.51 7.24 -2.64
C ARG A 31 -10.90 6.53 -3.85
N GLN A 32 -11.11 7.08 -5.04
CA GLN A 32 -10.55 6.48 -6.25
C GLN A 32 -9.06 6.81 -6.39
N ALA A 33 -8.63 7.89 -5.75
CA ALA A 33 -7.22 8.28 -5.80
C ALA A 33 -6.39 7.38 -4.89
N PHE A 34 -6.96 7.01 -3.75
CA PHE A 34 -6.27 6.15 -2.80
C PHE A 34 -6.63 4.69 -3.04
N ALA A 35 -7.21 4.42 -4.21
CA ALA A 35 -7.65 3.08 -4.56
C ALA A 35 -6.46 2.16 -4.84
N PRO A 36 -5.43 2.62 -5.58
CA PRO A 36 -4.20 1.84 -5.79
C PRO A 36 -3.39 1.67 -4.51
N PHE A 37 -3.82 2.30 -3.42
CA PHE A 37 -3.09 2.22 -2.17
C PHE A 37 -3.62 1.08 -1.31
N GLY A 38 -4.78 1.29 -0.71
CA GLY A 38 -5.44 0.25 0.04
C GLY A 38 -6.95 0.34 -0.08
N PRO A 39 -7.69 -0.54 0.60
CA PRO A 39 -9.14 -0.56 0.53
C PRO A 39 -9.76 0.49 1.44
N ILE A 40 -10.75 1.20 0.91
CA ILE A 40 -11.45 2.23 1.67
C ILE A 40 -12.35 1.59 2.72
N LYS A 41 -11.95 1.74 3.98
CA LYS A 41 -12.73 1.24 5.11
C LYS A 41 -13.88 2.21 5.40
N SER A 42 -13.53 3.45 5.64
CA SER A 42 -14.52 4.49 5.93
C SER A 42 -13.94 5.87 5.61
N ILE A 43 -14.72 6.71 4.97
CA ILE A 43 -14.31 8.09 4.69
C ILE A 43 -15.27 9.05 5.33
N ASP A 44 -14.78 9.81 6.30
CA ASP A 44 -15.61 10.81 6.97
C ASP A 44 -15.06 12.19 6.70
N MET A 45 -15.74 12.94 5.86
CA MET A 45 -15.29 14.28 5.51
C MET A 45 -16.29 15.33 5.97
N SER A 46 -15.78 16.45 6.44
CA SER A 46 -16.61 17.58 6.82
C SER A 46 -16.97 18.37 5.56
N TRP A 47 -18.20 18.22 5.11
CA TRP A 47 -18.63 18.81 3.86
C TRP A 47 -19.15 20.24 4.06
N ASP A 48 -18.46 21.19 3.45
CA ASP A 48 -18.94 22.57 3.42
C ASP A 48 -20.05 22.70 2.39
N SER A 49 -21.28 22.54 2.84
CA SER A 49 -22.43 22.63 1.95
C SER A 49 -23.02 24.03 1.97
N VAL A 50 -22.37 24.94 2.69
CA VAL A 50 -22.84 26.31 2.80
C VAL A 50 -22.49 27.09 1.54
N THR A 51 -21.21 27.09 1.19
CA THR A 51 -20.75 27.77 -0.01
C THR A 51 -20.07 26.76 -0.96
N MET A 52 -20.13 25.48 -0.55
CA MET A 52 -19.60 24.34 -1.32
C MET A 52 -18.22 24.60 -1.91
N LYS A 53 -17.36 25.28 -1.16
CA LYS A 53 -16.00 25.52 -1.62
C LYS A 53 -15.05 24.58 -0.89
N HIS A 54 -15.64 23.65 -0.13
CA HIS A 54 -14.91 22.56 0.50
C HIS A 54 -14.06 23.04 1.67
N LYS A 55 -14.65 23.89 2.50
CA LYS A 55 -14.00 24.33 3.73
C LYS A 55 -14.08 23.23 4.79
N GLY A 56 -13.18 22.27 4.71
CA GLY A 56 -13.18 21.19 5.67
C GLY A 56 -12.04 20.22 5.47
N PHE A 57 -12.19 19.02 6.04
CA PHE A 57 -11.15 18.01 5.99
C PHE A 57 -11.80 16.62 5.89
N ALA A 58 -10.99 15.62 5.58
CA ALA A 58 -11.49 14.27 5.39
C ALA A 58 -10.64 13.25 6.13
N PHE A 59 -11.29 12.28 6.75
CA PHE A 59 -10.60 11.17 7.38
C PHE A 59 -10.80 9.91 6.56
N VAL A 60 -9.71 9.33 6.07
CA VAL A 60 -9.77 8.13 5.25
C VAL A 60 -9.16 6.95 6.00
N GLU A 61 -10.00 6.01 6.39
CA GLU A 61 -9.53 4.83 7.10
C GLU A 61 -9.32 3.66 6.15
N TYR A 62 -8.28 2.89 6.41
CA TYR A 62 -8.00 1.67 5.65
C TYR A 62 -8.10 0.47 6.55
N GLU A 63 -8.28 -0.70 5.96
CA GLU A 63 -8.29 -1.95 6.73
C GLU A 63 -6.87 -2.49 6.88
N VAL A 64 -5.92 -1.79 6.27
CA VAL A 64 -4.52 -2.15 6.37
C VAL A 64 -3.68 -0.91 6.67
N PRO A 65 -2.86 -0.98 7.72
CA PRO A 65 -1.99 0.13 8.15
C PRO A 65 -0.89 0.39 7.14
N GLU A 66 -0.64 -0.59 6.28
CA GLU A 66 0.34 -0.47 5.22
C GLU A 66 -0.05 0.64 4.25
N ALA A 67 -1.26 0.55 3.68
CA ALA A 67 -1.77 1.56 2.77
C ALA A 67 -1.87 2.91 3.47
N ALA A 68 -2.14 2.87 4.76
CA ALA A 68 -2.25 4.09 5.55
C ALA A 68 -0.91 4.82 5.59
N GLN A 69 0.15 4.10 5.94
CA GLN A 69 1.49 4.68 5.93
C GLN A 69 1.91 5.04 4.51
N LEU A 70 1.62 4.15 3.58
CA LEU A 70 1.98 4.31 2.18
C LEU A 70 1.39 5.60 1.62
N ALA A 71 0.10 5.80 1.88
CA ALA A 71 -0.59 7.00 1.42
C ALA A 71 -0.02 8.24 2.10
N LEU A 72 0.34 8.09 3.37
CA LEU A 72 0.90 9.19 4.15
C LEU A 72 2.18 9.74 3.51
N GLU A 73 3.18 8.89 3.37
CA GLU A 73 4.49 9.34 2.93
C GLU A 73 4.49 9.75 1.45
N GLN A 74 3.68 9.06 0.63
CA GLN A 74 3.64 9.34 -0.79
C GLN A 74 2.89 10.65 -1.08
N MET A 75 1.74 10.83 -0.44
CA MET A 75 0.94 12.04 -0.67
C MET A 75 1.57 13.25 0.03
N ASN A 76 2.46 12.99 0.98
CA ASN A 76 3.20 14.05 1.63
C ASN A 76 4.31 14.54 0.71
N SER A 77 4.78 13.66 -0.15
CA SER A 77 5.85 13.98 -1.08
C SER A 77 5.28 14.53 -2.39
N VAL A 78 4.23 13.89 -2.89
CA VAL A 78 3.62 14.28 -4.14
C VAL A 78 2.54 15.33 -3.90
N MET A 79 2.71 16.49 -4.51
CA MET A 79 1.74 17.57 -4.37
C MET A 79 0.54 17.29 -5.26
N LEU A 80 -0.59 17.03 -4.63
CA LEU A 80 -1.82 16.68 -5.34
C LEU A 80 -2.48 17.95 -5.90
N GLY A 81 -2.33 18.17 -7.20
CA GLY A 81 -2.90 19.35 -7.82
C GLY A 81 -1.94 20.52 -7.79
N GLY A 82 -2.44 21.69 -7.42
CA GLY A 82 -1.61 22.87 -7.34
C GLY A 82 -1.20 23.18 -5.91
N ARG A 83 -1.41 22.21 -5.03
CA ARG A 83 -1.08 22.37 -3.62
C ARG A 83 -0.68 21.03 -3.03
N ASN A 84 -0.01 21.06 -1.90
CA ASN A 84 0.30 19.84 -1.18
C ASN A 84 -0.73 19.65 -0.06
N ILE A 85 -1.46 18.54 -0.14
CA ILE A 85 -2.48 18.24 0.85
C ILE A 85 -1.84 18.04 2.22
N LYS A 86 -2.61 18.23 3.27
CA LYS A 86 -2.09 18.11 4.61
C LYS A 86 -2.47 16.76 5.18
N VAL A 87 -1.49 15.90 5.33
CA VAL A 87 -1.71 14.53 5.78
C VAL A 87 -0.67 14.12 6.81
N GLY A 88 -1.14 13.57 7.92
CA GLY A 88 -0.25 13.06 8.93
C GLY A 88 0.00 14.04 10.05
N ARG A 89 -0.67 13.85 11.17
CA ARG A 89 -0.47 14.70 12.33
C ARG A 89 -0.78 13.93 13.61
N PRO A 90 0.22 13.22 14.16
CA PRO A 90 0.07 12.46 15.39
C PRO A 90 0.04 13.38 16.61
N SER A 91 -1.15 13.63 17.14
CA SER A 91 -1.31 14.47 18.32
C SER A 91 -0.84 13.74 19.57
N ASN A 92 -0.78 12.42 19.50
CA ASN A 92 -0.31 11.60 20.59
C ASN A 92 1.15 11.18 20.35
N ILE A 93 1.88 12.04 19.64
CA ILE A 93 3.26 11.77 19.31
C ILE A 93 4.12 11.70 20.56
N GLY A 94 5.04 10.76 20.58
CA GLY A 94 5.87 10.55 21.75
C GLY A 94 5.79 9.12 22.24
N GLN A 95 4.63 8.75 22.77
CA GLN A 95 4.40 7.38 23.21
C GLN A 95 3.99 6.50 22.03
N ALA A 96 3.41 7.12 21.00
CA ALA A 96 2.92 6.40 19.83
C ALA A 96 4.08 5.87 19.00
N GLN A 97 5.18 6.62 18.95
CA GLN A 97 6.32 6.25 18.11
C GLN A 97 6.90 4.87 18.48
N PRO A 98 7.27 4.64 19.76
CA PRO A 98 7.81 3.34 20.21
C PRO A 98 6.89 2.18 19.86
N ILE A 99 5.59 2.44 19.79
CA ILE A 99 4.62 1.42 19.44
C ILE A 99 4.71 1.08 17.95
N ILE A 100 4.64 2.12 17.12
CA ILE A 100 4.68 1.93 15.68
C ILE A 100 6.03 1.37 15.26
N ASP A 101 7.10 1.90 15.85
CA ASP A 101 8.45 1.48 15.52
C ASP A 101 8.63 0.00 15.89
N GLN A 102 8.04 -0.40 17.01
CA GLN A 102 8.06 -1.78 17.45
C GLN A 102 7.39 -2.69 16.41
N LEU A 103 6.20 -2.30 15.97
CA LEU A 103 5.47 -3.07 14.98
C LEU A 103 6.28 -3.20 13.70
N ALA A 104 6.84 -2.08 13.24
CA ALA A 104 7.64 -2.05 12.02
C ALA A 104 8.88 -2.93 12.13
N GLU A 105 9.48 -2.99 13.32
CA GLU A 105 10.68 -3.79 13.52
C GLU A 105 10.35 -5.28 13.54
N GLU A 106 9.23 -5.62 14.17
CA GLU A 106 8.81 -7.02 14.25
C GLU A 106 8.41 -7.52 12.87
N ALA A 107 7.87 -6.61 12.06
CA ALA A 107 7.52 -6.94 10.69
C ALA A 107 8.75 -7.28 9.87
N ARG A 108 9.90 -6.71 10.26
CA ARG A 108 11.16 -6.99 9.58
C ARG A 108 11.57 -8.44 9.77
N ALA A 109 11.11 -9.03 10.88
CA ALA A 109 11.44 -10.41 11.21
C ALA A 109 10.80 -11.37 10.22
N PHE A 110 9.63 -11.01 9.71
CA PHE A 110 8.91 -11.84 8.77
C PHE A 110 9.24 -11.41 7.34
N ASN A 111 9.60 -10.13 7.23
CA ASN A 111 10.20 -9.55 6.03
C ASN A 111 9.25 -9.62 4.83
N ARG A 112 7.99 -9.28 5.07
CA ARG A 112 7.03 -9.19 3.98
C ARG A 112 6.91 -7.75 3.53
N ILE A 113 6.86 -7.54 2.23
CA ILE A 113 6.81 -6.21 1.67
C ILE A 113 5.41 -5.92 1.15
N TYR A 114 5.11 -4.65 0.96
CA TYR A 114 3.78 -4.24 0.55
C TYR A 114 3.79 -3.75 -0.89
N VAL A 115 3.06 -4.43 -1.74
CA VAL A 115 2.99 -4.08 -3.14
C VAL A 115 1.67 -3.41 -3.45
N ALA A 116 1.70 -2.15 -3.84
CA ALA A 116 0.49 -1.42 -4.17
C ALA A 116 0.56 -0.91 -5.60
N SER A 117 -0.51 -0.25 -6.04
CA SER A 117 -0.62 0.30 -7.38
C SER A 117 -0.60 -0.82 -8.42
N VAL A 118 -1.15 -1.97 -8.03
CA VAL A 118 -1.18 -3.14 -8.88
C VAL A 118 -2.34 -3.04 -9.88
N HIS A 119 -2.05 -3.31 -11.15
CA HIS A 119 -3.07 -3.30 -12.19
C HIS A 119 -4.08 -4.41 -11.91
N GLN A 120 -5.36 -4.04 -11.91
CA GLN A 120 -6.45 -4.93 -11.48
C GLN A 120 -6.47 -6.24 -12.28
N ASP A 121 -6.07 -6.18 -13.54
CA ASP A 121 -6.08 -7.35 -14.42
C ASP A 121 -4.91 -8.26 -14.11
N LEU A 122 -3.84 -7.69 -13.59
CA LEU A 122 -2.60 -8.42 -13.36
C LEU A 122 -2.56 -8.94 -11.93
N SER A 123 -2.51 -10.25 -11.76
CA SER A 123 -2.70 -10.87 -10.43
C SER A 123 -1.37 -11.19 -9.73
N ASP A 124 -1.46 -11.82 -8.56
CA ASP A 124 -0.28 -12.12 -7.74
C ASP A 124 0.71 -13.03 -8.47
N ASP A 125 0.20 -14.01 -9.20
CA ASP A 125 1.06 -14.89 -9.99
C ASP A 125 1.88 -14.07 -10.98
N ASP A 126 1.24 -13.04 -11.51
CA ASP A 126 1.88 -12.11 -12.41
C ASP A 126 2.95 -11.31 -11.69
N ILE A 127 2.54 -10.60 -10.63
CA ILE A 127 3.43 -9.72 -9.86
C ILE A 127 4.68 -10.47 -9.38
N LYS A 128 4.53 -11.78 -9.18
CA LYS A 128 5.63 -12.65 -8.77
C LYS A 128 6.84 -12.51 -9.70
N SER A 129 6.57 -12.24 -10.98
CA SER A 129 7.62 -12.18 -12.00
C SER A 129 8.75 -11.25 -11.61
N VAL A 130 8.39 -9.99 -11.47
CA VAL A 130 9.36 -8.94 -11.28
C VAL A 130 10.13 -9.10 -9.98
N PHE A 131 9.41 -9.41 -8.90
CA PHE A 131 10.03 -9.53 -7.59
C PHE A 131 10.96 -10.74 -7.52
N GLU A 132 10.59 -11.83 -8.19
CA GLU A 132 11.39 -13.04 -8.15
C GLU A 132 12.62 -12.92 -9.05
N ALA A 133 12.50 -12.12 -10.10
CA ALA A 133 13.61 -11.93 -11.03
C ALA A 133 14.79 -11.25 -10.35
N PHE A 134 14.52 -10.51 -9.28
CA PHE A 134 15.58 -9.87 -8.51
C PHE A 134 16.06 -10.84 -7.42
N GLY A 135 15.10 -11.37 -6.65
CA GLY A 135 15.41 -12.27 -5.57
C GLY A 135 14.31 -13.28 -5.35
N LYS A 136 14.65 -14.37 -4.68
CA LYS A 136 13.70 -15.47 -4.48
C LYS A 136 12.57 -15.07 -3.54
N ILE A 137 11.34 -15.36 -3.96
CA ILE A 137 10.15 -15.07 -3.16
C ILE A 137 9.72 -16.30 -2.38
N LYS A 138 9.41 -16.11 -1.10
CA LYS A 138 8.95 -17.21 -0.26
C LYS A 138 7.43 -17.32 -0.30
N SER A 139 6.77 -16.18 -0.27
CA SER A 139 5.31 -16.14 -0.33
C SER A 139 4.85 -14.99 -1.23
N CYS A 140 3.94 -15.27 -2.14
CA CYS A 140 3.46 -14.26 -3.07
C CYS A 140 1.94 -14.25 -3.13
N THR A 141 1.32 -13.43 -2.28
CA THR A 141 -0.13 -13.41 -2.18
C THR A 141 -0.68 -11.98 -2.23
N LEU A 142 -1.46 -11.68 -3.24
CA LEU A 142 -2.15 -10.40 -3.33
C LEU A 142 -3.52 -10.52 -2.66
N ALA A 143 -3.82 -9.59 -1.78
CA ALA A 143 -5.03 -9.65 -0.96
C ALA A 143 -6.28 -9.46 -1.81
N ARG A 144 -6.90 -10.57 -2.18
CA ARG A 144 -8.14 -10.54 -2.92
C ARG A 144 -9.30 -10.31 -1.95
N ASP A 145 -10.35 -9.66 -2.43
CA ASP A 145 -11.48 -9.31 -1.59
C ASP A 145 -12.38 -10.52 -1.38
N PRO A 146 -12.89 -10.69 -0.15
CA PRO A 146 -13.66 -11.87 0.26
C PRO A 146 -15.06 -11.98 -0.36
N THR A 147 -15.62 -10.88 -0.85
CA THR A 147 -17.02 -10.89 -1.25
C THR A 147 -17.19 -11.01 -2.77
N THR A 148 -16.37 -10.32 -3.55
CA THR A 148 -16.47 -10.39 -4.99
C THR A 148 -15.35 -11.22 -5.62
N GLY A 149 -14.33 -11.52 -4.84
CA GLY A 149 -13.28 -12.42 -5.30
C GLY A 149 -12.24 -11.73 -6.16
N LYS A 150 -12.28 -10.42 -6.21
CA LYS A 150 -11.34 -9.65 -7.02
C LYS A 150 -10.10 -9.36 -6.20
N HIS A 151 -8.93 -9.49 -6.80
CA HIS A 151 -7.72 -9.13 -6.08
C HIS A 151 -7.64 -7.61 -6.00
N LYS A 152 -7.48 -7.09 -4.81
CA LYS A 152 -7.31 -5.66 -4.62
C LYS A 152 -5.96 -5.26 -5.18
N GLY A 153 -5.81 -3.98 -5.52
CA GLY A 153 -4.59 -3.48 -6.14
C GLY A 153 -3.40 -3.40 -5.18
N TYR A 154 -3.32 -4.35 -4.24
CA TYR A 154 -2.20 -4.45 -3.33
C TYR A 154 -2.02 -5.91 -2.90
N GLY A 155 -0.79 -6.25 -2.53
CA GLY A 155 -0.50 -7.60 -2.09
C GLY A 155 0.77 -7.65 -1.26
N PHE A 156 1.12 -8.84 -0.80
CA PHE A 156 2.28 -9.01 0.04
C PHE A 156 3.28 -9.98 -0.57
N ILE A 157 4.49 -9.50 -0.80
CA ILE A 157 5.57 -10.33 -1.28
C ILE A 157 6.54 -10.60 -0.15
N GLU A 158 6.80 -11.87 0.13
CA GLU A 158 7.64 -12.23 1.26
C GLU A 158 9.02 -12.66 0.79
N TYR A 159 10.03 -11.91 1.23
CA TYR A 159 11.42 -12.24 0.92
C TYR A 159 12.07 -12.92 2.12
N GLU A 160 12.87 -13.93 1.83
CA GLU A 160 13.66 -14.58 2.88
C GLU A 160 14.89 -13.74 3.19
N LYS A 161 15.35 -13.01 2.18
CA LYS A 161 16.54 -12.20 2.31
C LYS A 161 16.15 -10.75 2.51
N ALA A 162 16.53 -10.21 3.66
CA ALA A 162 16.22 -8.84 4.01
C ALA A 162 16.83 -7.85 3.03
N GLN A 163 18.04 -8.16 2.58
CA GLN A 163 18.73 -7.34 1.61
C GLN A 163 18.04 -7.40 0.24
N SER A 164 17.61 -8.59 -0.14
CA SER A 164 16.94 -8.77 -1.44
C SER A 164 15.63 -7.98 -1.46
N SER A 165 15.02 -7.82 -0.29
CA SER A 165 13.84 -6.98 -0.14
C SER A 165 14.18 -5.54 -0.54
N GLN A 166 15.35 -5.07 -0.11
CA GLN A 166 15.78 -3.70 -0.38
C GLN A 166 16.04 -3.51 -1.88
N ASP A 167 16.64 -4.52 -2.51
CA ASP A 167 16.86 -4.51 -3.95
C ASP A 167 15.54 -4.27 -4.69
N ALA A 168 14.53 -5.07 -4.33
CA ALA A 168 13.22 -5.00 -4.96
C ALA A 168 12.55 -3.65 -4.72
N VAL A 169 12.46 -3.25 -3.45
CA VAL A 169 11.76 -2.01 -3.08
C VAL A 169 12.38 -0.79 -3.78
N SER A 170 13.68 -0.82 -3.99
CA SER A 170 14.37 0.30 -4.62
C SER A 170 14.03 0.43 -6.10
N SER A 171 13.54 -0.66 -6.70
CA SER A 171 13.35 -0.68 -8.15
C SER A 171 11.88 -0.81 -8.55
N MET A 172 11.07 -1.45 -7.71
CA MET A 172 9.72 -1.86 -8.09
C MET A 172 8.72 -0.71 -8.18
N ASN A 173 9.13 0.50 -7.88
CA ASN A 173 8.25 1.66 -8.06
C ASN A 173 8.06 1.91 -9.57
N LEU A 174 9.15 1.73 -10.29
CA LEU A 174 9.21 2.05 -11.71
C LEU A 174 8.52 0.99 -12.58
N PHE A 175 8.13 -0.12 -11.98
CA PHE A 175 7.47 -1.22 -12.71
C PHE A 175 6.26 -0.68 -13.48
N ASP A 176 6.48 -0.42 -14.77
CA ASP A 176 5.42 0.11 -15.62
C ASP A 176 4.52 -1.02 -16.07
N LEU A 177 3.27 -0.94 -15.65
CA LEU A 177 2.31 -1.96 -15.95
C LEU A 177 1.11 -1.38 -16.69
N GLY A 178 1.22 -1.27 -18.01
CA GLY A 178 0.15 -0.73 -18.80
C GLY A 178 0.02 0.78 -18.67
N GLY A 179 1.16 1.44 -18.50
CA GLY A 179 1.17 2.89 -18.41
C GLY A 179 1.12 3.40 -17.00
N GLN A 180 1.12 2.50 -16.03
CA GLN A 180 1.12 2.89 -14.63
C GLN A 180 2.33 2.30 -13.90
N TYR A 181 3.02 3.15 -13.15
CA TYR A 181 4.15 2.71 -12.34
C TYR A 181 3.64 2.12 -11.04
N LEU A 182 4.19 0.96 -10.68
CA LEU A 182 3.82 0.27 -9.46
C LEU A 182 4.27 1.07 -8.24
N ARG A 183 4.02 0.55 -7.06
CA ARG A 183 4.35 1.25 -5.84
C ARG A 183 4.72 0.24 -4.77
N VAL A 184 5.98 0.21 -4.38
CA VAL A 184 6.44 -0.81 -3.47
C VAL A 184 6.88 -0.22 -2.13
N GLY A 185 6.50 -0.90 -1.06
CA GLY A 185 6.92 -0.54 0.28
C GLY A 185 7.15 -1.76 1.12
N LYS A 186 6.83 -1.68 2.40
CA LYS A 186 7.02 -2.80 3.31
C LYS A 186 5.80 -2.93 4.20
N ALA A 187 5.48 -4.16 4.60
CA ALA A 187 4.41 -4.39 5.54
C ALA A 187 4.84 -3.89 6.90
N VAL A 188 4.08 -2.95 7.45
CA VAL A 188 4.46 -2.30 8.69
C VAL A 188 3.86 -3.02 9.88
N THR A 189 2.85 -3.83 9.62
CA THR A 189 2.19 -4.60 10.66
C THR A 189 2.54 -6.08 10.54
N PRO A 190 3.05 -6.68 11.62
CA PRO A 190 3.30 -8.12 11.68
C PRO A 190 2.04 -8.92 11.34
N PRO A 191 2.12 -9.73 10.26
CA PRO A 191 0.97 -10.47 9.72
C PRO A 191 0.26 -11.33 10.77
N MET A 192 -1.02 -11.04 10.99
CA MET A 192 -1.84 -11.80 11.91
C MET A 192 -2.78 -12.76 11.15
N PRO A 193 -3.59 -12.26 10.18
CA PRO A 193 -4.51 -13.10 9.42
C PRO A 193 -3.82 -13.77 8.22
N LEU A 194 -4.33 -14.93 7.85
CA LEU A 194 -3.78 -15.67 6.72
C LEU A 194 -4.66 -15.46 5.49
N LEU A 195 -4.03 -15.31 4.33
CA LEU A 195 -4.76 -15.08 3.08
C LEU A 195 -4.84 -16.35 2.26
N THR A 196 -4.31 -17.44 2.82
CA THR A 196 -4.32 -18.72 2.15
C THR A 196 -5.47 -19.58 2.65
N PRO A 197 -5.98 -20.50 1.82
CA PRO A 197 -7.12 -21.35 2.16
C PRO A 197 -6.75 -22.46 3.15
N ALA A 198 -6.53 -22.05 4.41
CA ALA A 198 -6.21 -22.98 5.51
C ALA A 198 -4.81 -23.57 5.37
N THR A 199 -4.13 -23.20 4.30
CA THR A 199 -2.77 -23.67 4.05
C THR A 199 -1.97 -22.57 3.38
N GLY B 1 25.00 -6.81 -8.65
CA GLY B 1 24.29 -5.79 -7.86
C GLY B 1 24.87 -5.66 -6.46
N ALA B 2 25.54 -4.54 -6.21
CA ALA B 2 26.19 -4.31 -4.93
C ALA B 2 25.22 -3.76 -3.89
N MET B 3 24.29 -4.63 -3.46
CA MET B 3 23.37 -4.33 -2.36
C MET B 3 22.46 -3.15 -2.67
N GLY B 4 21.31 -3.43 -3.27
CA GLY B 4 20.35 -2.38 -3.56
C GLY B 4 20.34 -1.98 -5.03
N TYR B 5 21.35 -2.44 -5.76
CA TYR B 5 21.46 -2.11 -7.18
C TYR B 5 20.98 -3.28 -8.04
N VAL B 6 19.96 -3.03 -8.83
CA VAL B 6 19.42 -4.04 -9.73
C VAL B 6 19.53 -3.57 -11.18
N ASN B 7 20.28 -4.30 -11.98
CA ASN B 7 20.45 -3.94 -13.39
C ASN B 7 19.66 -4.89 -14.30
N ASP B 8 20.23 -6.06 -14.55
CA ASP B 8 19.65 -7.00 -15.50
C ASP B 8 18.57 -7.84 -14.85
N ALA B 9 18.58 -7.90 -13.52
CA ALA B 9 17.56 -8.63 -12.79
C ALA B 9 16.20 -7.97 -12.97
N PHE B 10 16.18 -6.64 -13.02
CA PHE B 10 14.96 -5.89 -13.22
C PHE B 10 14.58 -5.92 -14.70
N LYS B 11 15.55 -6.24 -15.54
CA LYS B 11 15.32 -6.41 -16.95
C LYS B 11 14.59 -7.72 -17.20
N ASP B 12 15.08 -8.80 -16.58
CA ASP B 12 14.41 -10.08 -16.62
C ASP B 12 13.02 -9.93 -16.04
N ALA B 13 12.93 -9.10 -15.02
CA ALA B 13 11.69 -8.77 -14.36
C ALA B 13 10.61 -8.35 -15.35
N LEU B 14 10.93 -7.35 -16.17
CA LEU B 14 9.92 -6.71 -17.01
C LEU B 14 9.64 -7.49 -18.29
N GLN B 15 10.55 -8.35 -18.68
CA GLN B 15 10.27 -9.27 -19.75
C GLN B 15 9.14 -10.19 -19.31
N ARG B 16 9.24 -10.64 -18.05
CA ARG B 16 8.18 -11.39 -17.43
C ARG B 16 6.97 -10.49 -17.20
N ALA B 17 7.23 -9.24 -16.84
CA ALA B 17 6.20 -8.29 -16.42
C ALA B 17 5.18 -7.99 -17.52
N ARG B 18 5.63 -7.81 -18.72
CA ARG B 18 4.67 -7.67 -19.80
C ARG B 18 4.15 -9.01 -20.30
N GLN B 19 4.95 -10.06 -20.15
CA GLN B 19 4.47 -11.41 -20.40
C GLN B 19 3.25 -11.72 -19.52
N ILE B 20 3.31 -11.30 -18.26
CA ILE B 20 2.19 -11.46 -17.33
C ILE B 20 1.03 -10.58 -17.77
N ALA B 21 1.35 -9.39 -18.27
CA ALA B 21 0.33 -8.48 -18.81
C ALA B 21 -0.30 -9.05 -20.07
N ALA B 22 0.35 -10.05 -20.65
CA ALA B 22 -0.17 -10.73 -21.83
C ALA B 22 -1.08 -11.89 -21.45
N LYS B 23 -0.68 -12.66 -20.44
CA LYS B 23 -1.47 -13.81 -20.04
C LYS B 23 -2.62 -13.41 -19.13
N ILE B 24 -2.38 -12.41 -18.26
CA ILE B 24 -3.40 -11.82 -17.39
C ILE B 24 -3.99 -12.83 -16.40
N GLY B 25 -4.78 -13.76 -16.88
CA GLY B 25 -5.42 -14.73 -16.02
C GLY B 25 -4.48 -15.84 -15.60
N GLY B 26 -3.59 -15.54 -14.66
CA GLY B 26 -2.67 -16.54 -14.16
C GLY B 26 -3.28 -17.40 -13.07
N ASP B 27 -4.51 -17.84 -13.31
CA ASP B 27 -5.22 -18.68 -12.36
C ASP B 27 -4.69 -20.11 -12.43
N ALA B 28 -4.96 -20.77 -13.56
CA ALA B 28 -4.51 -22.12 -13.79
C ALA B 28 -4.47 -22.42 -15.28
N GLY B 29 -3.51 -23.22 -15.69
CA GLY B 29 -3.41 -23.61 -17.08
C GLY B 29 -2.41 -22.79 -17.85
N THR B 30 -2.87 -21.66 -18.39
CA THR B 30 -2.06 -20.82 -19.28
C THR B 30 -1.88 -21.51 -20.64
N SER B 31 -2.73 -21.13 -21.59
CA SER B 31 -2.74 -21.70 -22.94
C SER B 31 -3.09 -23.19 -22.88
N GLY A 1 -14.56 -4.25 30.40
CA GLY A 1 -14.49 -3.00 29.63
C GLY A 1 -13.15 -2.79 28.98
N ALA A 2 -12.88 -3.57 27.93
CA ALA A 2 -11.67 -3.44 27.12
C ALA A 2 -10.39 -3.57 27.95
N MET A 3 -9.94 -4.80 28.17
CA MET A 3 -8.68 -5.02 28.85
C MET A 3 -7.53 -4.87 27.87
N ALA A 4 -7.82 -5.13 26.60
CA ALA A 4 -6.84 -4.98 25.55
C ALA A 4 -7.27 -3.89 24.59
N GLN A 5 -6.68 -2.71 24.73
CA GLN A 5 -7.01 -1.57 23.88
C GLN A 5 -6.32 -1.70 22.52
N ARG A 6 -5.40 -2.66 22.44
CA ARG A 6 -4.73 -3.05 21.20
C ARG A 6 -3.86 -1.91 20.67
N GLN A 7 -3.25 -1.15 21.60
CA GLN A 7 -2.36 -0.04 21.27
C GLN A 7 -3.12 1.10 20.60
N ARG A 8 -3.41 2.13 21.39
CA ARG A 8 -4.18 3.29 20.93
C ARG A 8 -3.49 3.96 19.74
N ALA A 9 -2.16 3.88 19.70
CA ALA A 9 -1.39 4.48 18.62
C ALA A 9 -1.80 3.88 17.28
N LEU A 10 -2.03 2.57 17.25
CA LEU A 10 -2.37 1.86 16.02
C LEU A 10 -3.73 2.32 15.50
N ALA A 11 -4.63 2.65 16.42
CA ALA A 11 -5.95 3.15 16.05
C ALA A 11 -5.83 4.47 15.30
N ILE A 12 -4.87 5.29 15.71
CA ILE A 12 -4.60 6.56 15.04
C ILE A 12 -3.85 6.32 13.74
N MET A 13 -2.96 5.33 13.77
CA MET A 13 -2.16 4.97 12.59
C MET A 13 -3.04 4.54 11.42
N CYS A 14 -4.22 4.04 11.72
CA CYS A 14 -5.13 3.55 10.68
C CYS A 14 -5.76 4.70 9.90
N ARG A 15 -5.74 5.90 10.47
CA ARG A 15 -6.39 7.04 9.83
C ARG A 15 -5.38 8.13 9.51
N VAL A 16 -5.30 8.51 8.24
CA VAL A 16 -4.40 9.57 7.84
C VAL A 16 -5.15 10.90 7.70
N TYR A 17 -4.59 11.92 8.32
CA TYR A 17 -5.12 13.27 8.21
C TYR A 17 -4.80 13.87 6.85
N VAL A 18 -5.82 14.20 6.10
CA VAL A 18 -5.64 14.81 4.79
C VAL A 18 -6.03 16.28 4.85
N GLY A 19 -5.05 17.15 4.70
CA GLY A 19 -5.31 18.57 4.78
C GLY A 19 -5.38 19.23 3.41
N SER A 20 -5.66 20.53 3.41
CA SER A 20 -5.77 21.33 2.20
C SER A 20 -7.06 21.01 1.43
N ILE A 21 -7.04 19.90 0.70
CA ILE A 21 -8.17 19.46 -0.12
C ILE A 21 -8.40 20.40 -1.32
N TYR A 22 -8.21 19.86 -2.52
CA TYR A 22 -8.47 20.60 -3.75
C TYR A 22 -9.98 20.75 -3.93
N TYR A 23 -10.44 21.89 -4.44
CA TYR A 23 -11.88 22.17 -4.49
C TYR A 23 -12.65 21.05 -5.18
N GLU A 24 -12.31 20.75 -6.42
CA GLU A 24 -13.02 19.72 -7.17
C GLU A 24 -12.31 18.37 -7.01
N LEU A 25 -11.76 18.15 -5.83
CA LEU A 25 -11.21 16.85 -5.48
C LEU A 25 -12.14 16.22 -4.46
N GLY A 26 -13.05 15.38 -4.94
CA GLY A 26 -14.11 14.87 -4.09
C GLY A 26 -13.64 13.78 -3.16
N GLU A 27 -14.52 13.37 -2.26
CA GLU A 27 -14.20 12.31 -1.31
C GLU A 27 -14.00 10.99 -2.05
N ASP A 28 -14.78 10.80 -3.11
CA ASP A 28 -14.68 9.61 -3.92
C ASP A 28 -13.47 9.71 -4.85
N THR A 29 -13.13 10.94 -5.21
CA THR A 29 -11.94 11.20 -6.00
C THR A 29 -10.69 10.88 -5.17
N ILE A 30 -10.67 11.39 -3.94
CA ILE A 30 -9.62 11.04 -2.97
C ILE A 30 -9.60 9.54 -2.76
N ARG A 31 -10.79 8.96 -2.64
CA ARG A 31 -10.96 7.53 -2.51
C ARG A 31 -10.20 6.78 -3.60
N GLN A 32 -10.41 7.19 -4.84
CA GLN A 32 -9.79 6.52 -5.99
C GLN A 32 -8.30 6.87 -6.10
N ALA A 33 -7.92 8.04 -5.60
CA ALA A 33 -6.52 8.43 -5.60
C ALA A 33 -5.71 7.58 -4.63
N PHE A 34 -6.33 7.23 -3.51
CA PHE A 34 -5.70 6.40 -2.50
C PHE A 34 -6.19 4.95 -2.61
N ALA A 35 -6.89 4.67 -3.70
CA ALA A 35 -7.47 3.35 -3.95
C ALA A 35 -6.41 2.31 -4.28
N PRO A 36 -5.35 2.66 -5.05
CA PRO A 36 -4.25 1.75 -5.31
C PRO A 36 -3.53 1.30 -4.05
N PHE A 37 -3.76 2.00 -2.94
CA PHE A 37 -3.02 1.73 -1.72
C PHE A 37 -3.57 0.53 -0.97
N GLY A 38 -4.73 0.69 -0.35
CA GLY A 38 -5.33 -0.40 0.40
C GLY A 38 -6.82 -0.21 0.60
N PRO A 39 -7.44 -1.07 1.42
CA PRO A 39 -8.88 -1.03 1.66
C PRO A 39 -9.27 0.14 2.53
N ILE A 40 -9.84 1.17 1.91
CA ILE A 40 -10.33 2.32 2.63
C ILE A 40 -11.58 1.94 3.42
N LYS A 41 -11.48 2.06 4.73
CA LYS A 41 -12.55 1.65 5.62
C LYS A 41 -13.51 2.81 5.88
N SER A 42 -12.97 4.02 5.95
CA SER A 42 -13.79 5.20 6.23
C SER A 42 -13.15 6.44 5.63
N ILE A 43 -14.00 7.32 5.11
CA ILE A 43 -13.55 8.62 4.61
C ILE A 43 -14.33 9.72 5.29
N ASP A 44 -13.67 10.44 6.18
CA ASP A 44 -14.32 11.50 6.93
C ASP A 44 -13.90 12.86 6.39
N MET A 45 -14.84 13.78 6.33
CA MET A 45 -14.57 15.11 5.79
C MET A 45 -15.63 16.10 6.26
N SER A 46 -15.20 17.33 6.54
CA SER A 46 -16.12 18.40 6.87
C SER A 46 -16.86 18.86 5.61
N TRP A 47 -18.10 18.40 5.46
CA TRP A 47 -18.90 18.74 4.29
C TRP A 47 -19.68 20.03 4.51
N ASP A 48 -20.08 20.65 3.41
CA ASP A 48 -20.90 21.86 3.47
C ASP A 48 -22.11 21.72 2.57
N SER A 49 -23.20 21.20 3.15
CA SER A 49 -24.52 21.16 2.52
C SER A 49 -24.50 20.67 1.07
N VAL A 50 -25.38 21.24 0.25
CA VAL A 50 -25.53 20.80 -1.14
C VAL A 50 -24.47 21.41 -2.05
N THR A 51 -23.89 22.53 -1.63
CA THR A 51 -22.92 23.23 -2.46
C THR A 51 -21.65 22.40 -2.66
N MET A 52 -21.37 21.52 -1.71
CA MET A 52 -20.25 20.57 -1.79
C MET A 52 -18.90 21.29 -1.75
N LYS A 53 -18.90 22.56 -1.36
CA LYS A 53 -17.66 23.30 -1.18
C LYS A 53 -16.93 22.75 0.04
N HIS A 54 -15.71 22.27 -0.17
CA HIS A 54 -14.96 21.63 0.88
C HIS A 54 -13.49 22.00 0.81
N LYS A 55 -12.95 22.38 1.97
CA LYS A 55 -11.56 22.81 2.09
C LYS A 55 -11.17 22.84 3.56
N GLY A 56 -10.13 22.11 3.91
CA GLY A 56 -9.71 22.09 5.30
C GLY A 56 -9.11 20.76 5.71
N PHE A 57 -9.93 19.89 6.28
CA PHE A 57 -9.44 18.65 6.82
C PHE A 57 -10.31 17.46 6.42
N ALA A 58 -9.65 16.34 6.20
CA ALA A 58 -10.32 15.09 5.92
C ALA A 58 -9.57 13.96 6.62
N PHE A 59 -10.21 12.82 6.79
CA PHE A 59 -9.59 11.68 7.44
C PHE A 59 -9.84 10.41 6.64
N VAL A 60 -8.78 9.85 6.08
CA VAL A 60 -8.89 8.60 5.34
C VAL A 60 -8.41 7.46 6.22
N GLU A 61 -9.33 6.60 6.59
CA GLU A 61 -9.05 5.50 7.50
C GLU A 61 -9.01 4.18 6.73
N TYR A 62 -7.90 3.48 6.86
CA TYR A 62 -7.70 2.20 6.18
C TYR A 62 -7.90 1.05 7.14
N GLU A 63 -8.11 -0.14 6.58
CA GLU A 63 -8.22 -1.35 7.37
C GLU A 63 -6.84 -1.84 7.78
N VAL A 64 -5.82 -1.38 7.05
CA VAL A 64 -4.44 -1.77 7.31
C VAL A 64 -3.53 -0.54 7.34
N PRO A 65 -2.64 -0.47 8.33
CA PRO A 65 -1.72 0.67 8.50
C PRO A 65 -0.65 0.73 7.41
N GLU A 66 -0.53 -0.36 6.66
CA GLU A 66 0.43 -0.43 5.55
C GLU A 66 0.08 0.59 4.46
N ALA A 67 -1.19 0.58 4.04
CA ALA A 67 -1.69 1.54 3.07
C ALA A 67 -1.59 2.96 3.63
N ALA A 68 -1.74 3.06 4.95
CA ALA A 68 -1.61 4.34 5.64
C ALA A 68 -0.17 4.85 5.55
N GLN A 69 0.78 3.93 5.67
CA GLN A 69 2.20 4.26 5.54
C GLN A 69 2.49 4.84 4.17
N LEU A 70 2.02 4.17 3.13
CA LEU A 70 2.23 4.61 1.76
C LEU A 70 1.55 5.95 1.52
N ALA A 71 0.35 6.09 2.05
CA ALA A 71 -0.41 7.32 1.91
C ALA A 71 0.33 8.48 2.59
N LEU A 72 0.81 8.24 3.79
CA LEU A 72 1.51 9.27 4.57
C LEU A 72 2.84 9.65 3.93
N GLU A 73 3.66 8.65 3.63
CA GLU A 73 5.00 8.89 3.14
C GLU A 73 5.03 9.35 1.68
N GLN A 74 4.30 8.66 0.82
CA GLN A 74 4.39 8.90 -0.62
C GLN A 74 3.60 10.13 -1.04
N MET A 75 2.34 10.21 -0.62
CA MET A 75 1.45 11.28 -1.09
C MET A 75 1.88 12.65 -0.57
N ASN A 76 2.39 12.70 0.65
CA ASN A 76 2.79 13.98 1.23
C ASN A 76 4.11 14.47 0.63
N SER A 77 4.85 13.56 0.02
CA SER A 77 6.13 13.90 -0.60
C SER A 77 5.93 14.28 -2.06
N VAL A 78 4.73 14.09 -2.57
CA VAL A 78 4.42 14.38 -3.96
C VAL A 78 3.35 15.47 -4.05
N MET A 79 3.59 16.48 -4.87
CA MET A 79 2.62 17.53 -5.05
C MET A 79 1.58 17.07 -6.07
N LEU A 80 0.52 16.44 -5.54
CA LEU A 80 -0.51 15.78 -6.34
C LEU A 80 -0.87 16.54 -7.60
N GLY A 81 -1.32 17.78 -7.46
CA GLY A 81 -1.68 18.58 -8.61
C GLY A 81 -1.60 20.05 -8.31
N GLY A 82 -0.45 20.65 -8.58
CA GLY A 82 -0.25 22.07 -8.34
C GLY A 82 0.02 22.36 -6.88
N ARG A 83 -0.90 21.94 -6.03
CA ARG A 83 -0.76 22.12 -4.59
C ARG A 83 -0.41 20.79 -3.94
N ASN A 84 0.32 20.85 -2.84
CA ASN A 84 0.71 19.64 -2.13
C ASN A 84 -0.22 19.37 -0.97
N ILE A 85 -0.91 18.24 -1.02
CA ILE A 85 -1.80 17.84 0.04
C ILE A 85 -1.02 17.28 1.23
N LYS A 86 -1.58 17.44 2.41
CA LYS A 86 -0.94 16.96 3.63
C LYS A 86 -1.60 15.66 4.04
N VAL A 87 -0.83 14.58 4.09
CA VAL A 87 -1.39 13.28 4.42
C VAL A 87 -0.67 12.67 5.62
N GLY A 88 -1.41 12.51 6.70
CA GLY A 88 -0.88 11.90 7.89
C GLY A 88 -0.61 12.91 8.98
N ARG A 89 0.09 12.48 10.02
CA ARG A 89 0.50 13.36 11.12
C ARG A 89 -0.71 14.05 11.78
N PRO A 90 -1.67 13.26 12.33
CA PRO A 90 -2.87 13.81 12.95
C PRO A 90 -2.60 14.35 14.36
N SER A 91 -1.77 13.64 15.11
CA SER A 91 -1.44 14.03 16.48
C SER A 91 -0.32 13.15 17.01
N ASN A 92 0.48 13.69 17.93
CA ASN A 92 1.59 12.95 18.53
C ASN A 92 2.58 12.50 17.46
N ILE A 93 3.10 13.47 16.71
CA ILE A 93 3.98 13.18 15.58
C ILE A 93 5.33 12.64 16.04
N GLY A 94 5.67 12.92 17.29
CA GLY A 94 6.92 12.43 17.84
C GLY A 94 6.73 11.16 18.64
N GLN A 95 5.54 11.02 19.23
CA GLN A 95 5.21 9.86 20.04
C GLN A 95 4.94 8.64 19.16
N ALA A 96 4.37 8.88 17.98
CA ALA A 96 4.00 7.81 17.08
C ALA A 96 5.22 7.19 16.41
N GLN A 97 6.27 7.99 16.24
CA GLN A 97 7.47 7.54 15.52
C GLN A 97 8.06 6.25 16.09
N PRO A 98 8.39 6.19 17.40
CA PRO A 98 8.91 4.95 18.01
C PRO A 98 7.96 3.78 17.83
N ILE A 99 6.66 4.06 17.91
CA ILE A 99 5.64 3.03 17.75
C ILE A 99 5.69 2.44 16.35
N ILE A 100 5.87 3.31 15.37
CA ILE A 100 6.02 2.88 13.98
C ILE A 100 7.17 1.90 13.87
N ASP A 101 8.32 2.29 14.42
CA ASP A 101 9.52 1.47 14.36
C ASP A 101 9.34 0.15 15.10
N GLN A 102 8.75 0.19 16.28
CA GLN A 102 8.60 -1.02 17.10
C GLN A 102 7.73 -2.05 16.39
N LEU A 103 6.67 -1.59 15.75
CA LEU A 103 5.76 -2.47 15.05
C LEU A 103 6.35 -2.93 13.71
N ALA A 104 6.93 -1.99 12.98
CA ALA A 104 7.52 -2.29 11.67
C ALA A 104 8.67 -3.27 11.78
N GLU A 105 9.50 -3.09 12.81
CA GLU A 105 10.64 -3.99 13.02
C GLU A 105 10.15 -5.38 13.41
N GLU A 106 9.00 -5.43 14.07
CA GLU A 106 8.40 -6.70 14.46
C GLU A 106 7.84 -7.41 13.24
N ALA A 107 7.09 -6.69 12.41
CA ALA A 107 6.55 -7.25 11.19
C ALA A 107 7.67 -7.59 10.20
N ARG A 108 8.78 -6.88 10.34
CA ARG A 108 9.97 -7.10 9.52
C ARG A 108 10.53 -8.50 9.75
N ALA A 109 10.22 -9.08 10.90
CA ALA A 109 10.68 -10.44 11.24
C ALA A 109 10.04 -11.46 10.32
N PHE A 110 8.90 -11.11 9.75
CA PHE A 110 8.19 -12.00 8.84
C PHE A 110 8.66 -11.77 7.42
N ASN A 111 9.37 -10.64 7.26
CA ASN A 111 9.99 -10.24 6.00
C ASN A 111 8.96 -10.14 4.87
N ARG A 112 7.82 -9.52 5.17
CA ARG A 112 6.81 -9.29 4.16
C ARG A 112 6.75 -7.81 3.81
N ILE A 113 6.66 -7.53 2.52
CA ILE A 113 6.58 -6.17 2.04
C ILE A 113 5.23 -5.89 1.43
N TYR A 114 4.93 -4.62 1.21
CA TYR A 114 3.60 -4.21 0.77
C TYR A 114 3.63 -3.70 -0.66
N VAL A 115 2.84 -4.33 -1.53
CA VAL A 115 2.76 -3.90 -2.91
C VAL A 115 1.39 -3.32 -3.23
N ALA A 116 1.38 -2.07 -3.66
CA ALA A 116 0.15 -1.38 -3.98
C ALA A 116 0.19 -0.89 -5.44
N SER A 117 -0.92 -0.30 -5.88
CA SER A 117 -1.04 0.28 -7.23
C SER A 117 -1.04 -0.83 -8.29
N VAL A 118 -1.43 -2.03 -7.89
CA VAL A 118 -1.47 -3.17 -8.79
C VAL A 118 -2.67 -3.06 -9.73
N HIS A 119 -2.44 -3.32 -11.02
CA HIS A 119 -3.50 -3.21 -12.00
C HIS A 119 -4.44 -4.40 -11.91
N GLN A 120 -5.73 -4.13 -12.08
CA GLN A 120 -6.79 -5.12 -11.91
C GLN A 120 -6.74 -6.25 -12.94
N ASP A 121 -5.95 -6.09 -13.99
CA ASP A 121 -5.93 -7.06 -15.09
C ASP A 121 -5.16 -8.32 -14.74
N LEU A 122 -3.97 -8.12 -14.17
CA LEU A 122 -3.07 -9.23 -13.87
C LEU A 122 -3.13 -9.58 -12.38
N SER A 123 -2.72 -10.78 -12.03
CA SER A 123 -2.96 -11.33 -10.70
C SER A 123 -1.68 -11.51 -9.88
N ASP A 124 -1.84 -12.05 -8.67
CA ASP A 124 -0.72 -12.32 -7.75
C ASP A 124 0.38 -13.15 -8.42
N ASP A 125 -0.02 -14.24 -9.07
CA ASP A 125 0.93 -15.10 -9.80
C ASP A 125 1.73 -14.28 -10.80
N ASP A 126 1.12 -13.24 -11.31
CA ASP A 126 1.74 -12.38 -12.31
C ASP A 126 2.74 -11.42 -11.68
N ILE A 127 2.27 -10.67 -10.70
CA ILE A 127 3.11 -9.66 -10.03
C ILE A 127 4.32 -10.32 -9.36
N LYS A 128 4.24 -11.63 -9.17
CA LYS A 128 5.37 -12.42 -8.69
C LYS A 128 6.62 -12.21 -9.55
N SER A 129 6.40 -11.95 -10.84
CA SER A 129 7.49 -11.79 -11.81
C SER A 129 8.51 -10.79 -11.34
N VAL A 130 8.03 -9.58 -11.19
CA VAL A 130 8.87 -8.45 -10.89
C VAL A 130 9.50 -8.57 -9.52
N PHE A 131 8.78 -9.14 -8.57
CA PHE A 131 9.31 -9.30 -7.23
C PHE A 131 10.36 -10.40 -7.16
N GLU A 132 10.17 -11.46 -7.94
CA GLU A 132 11.11 -12.57 -7.90
C GLU A 132 12.38 -12.26 -8.68
N ALA A 133 12.24 -11.46 -9.72
CA ALA A 133 13.37 -11.15 -10.59
C ALA A 133 14.43 -10.31 -9.88
N PHE A 134 14.02 -9.61 -8.82
CA PHE A 134 14.95 -8.79 -8.06
C PHE A 134 15.67 -9.63 -7.00
N GLY A 135 14.98 -10.65 -6.50
CA GLY A 135 15.57 -11.52 -5.50
C GLY A 135 14.70 -12.71 -5.16
N LYS A 136 15.26 -13.67 -4.44
CA LYS A 136 14.56 -14.90 -4.07
C LYS A 136 13.28 -14.61 -3.28
N ILE A 137 12.14 -14.78 -3.95
CA ILE A 137 10.84 -14.59 -3.32
C ILE A 137 10.38 -15.90 -2.68
N LYS A 138 9.74 -15.79 -1.53
CA LYS A 138 9.31 -16.95 -0.77
C LYS A 138 7.82 -17.20 -0.95
N SER A 139 7.04 -16.14 -0.88
CA SER A 139 5.60 -16.24 -1.01
C SER A 139 5.03 -15.00 -1.67
N CYS A 140 4.10 -15.20 -2.59
CA CYS A 140 3.42 -14.10 -3.24
C CYS A 140 1.94 -14.18 -2.97
N THR A 141 1.39 -13.16 -2.33
CA THR A 141 -0.03 -13.14 -2.02
C THR A 141 -0.62 -11.76 -2.28
N LEU A 142 -1.33 -11.64 -3.38
CA LEU A 142 -2.02 -10.41 -3.70
C LEU A 142 -3.40 -10.48 -3.08
N ALA A 143 -3.77 -9.44 -2.35
CA ALA A 143 -5.01 -9.43 -1.60
C ALA A 143 -6.20 -9.66 -2.52
N ARG A 144 -6.86 -10.78 -2.34
CA ARG A 144 -7.95 -11.17 -3.19
C ARG A 144 -9.28 -10.67 -2.64
N ASP A 145 -10.26 -10.51 -3.51
CA ASP A 145 -11.50 -9.91 -3.11
C ASP A 145 -12.70 -10.77 -3.50
N PRO A 146 -13.41 -11.31 -2.50
CA PRO A 146 -14.60 -12.12 -2.73
C PRO A 146 -15.78 -11.29 -3.25
N THR A 147 -15.73 -9.98 -3.05
CA THR A 147 -16.79 -9.09 -3.47
C THR A 147 -16.90 -9.10 -5.00
N THR A 148 -15.80 -8.81 -5.68
CA THR A 148 -15.75 -8.87 -7.13
C THR A 148 -15.52 -10.31 -7.59
N GLY A 149 -14.72 -11.03 -6.81
CA GLY A 149 -14.34 -12.38 -7.18
C GLY A 149 -12.92 -12.43 -7.69
N LYS A 150 -12.27 -11.27 -7.72
CA LYS A 150 -10.92 -11.16 -8.25
C LYS A 150 -9.93 -10.83 -7.15
N HIS A 151 -9.48 -9.58 -7.10
CA HIS A 151 -8.47 -9.16 -6.14
C HIS A 151 -8.47 -7.64 -6.02
N LYS A 152 -7.84 -7.15 -4.97
CA LYS A 152 -7.61 -5.72 -4.79
C LYS A 152 -6.28 -5.35 -5.41
N GLY A 153 -6.11 -4.09 -5.76
CA GLY A 153 -4.88 -3.62 -6.36
C GLY A 153 -3.74 -3.47 -5.37
N TYR A 154 -3.63 -4.41 -4.45
CA TYR A 154 -2.55 -4.42 -3.46
C TYR A 154 -2.35 -5.83 -2.92
N GLY A 155 -1.23 -6.06 -2.26
CA GLY A 155 -0.95 -7.36 -1.68
C GLY A 155 0.31 -7.37 -0.85
N PHE A 156 0.74 -8.55 -0.45
CA PHE A 156 1.94 -8.72 0.35
C PHE A 156 2.91 -9.68 -0.32
N ILE A 157 4.18 -9.34 -0.29
CA ILE A 157 5.22 -10.20 -0.83
C ILE A 157 6.17 -10.64 0.26
N GLU A 158 6.33 -11.94 0.43
CA GLU A 158 7.19 -12.48 1.46
C GLU A 158 8.46 -13.05 0.81
N TYR A 159 9.61 -12.69 1.35
CA TYR A 159 10.88 -13.15 0.81
C TYR A 159 11.58 -14.10 1.77
N GLU A 160 12.41 -14.98 1.21
CA GLU A 160 13.24 -15.88 1.99
C GLU A 160 14.57 -15.21 2.31
N LYS A 161 14.92 -14.23 1.48
CA LYS A 161 16.11 -13.43 1.70
C LYS A 161 15.67 -11.99 1.96
N ALA A 162 15.99 -11.49 3.16
CA ALA A 162 15.57 -10.14 3.57
C ALA A 162 16.15 -9.07 2.66
N GLN A 163 17.27 -9.39 2.02
CA GLN A 163 17.91 -8.48 1.08
C GLN A 163 17.05 -8.28 -0.16
N SER A 164 16.33 -9.33 -0.56
CA SER A 164 15.46 -9.26 -1.73
C SER A 164 14.37 -8.22 -1.50
N SER A 165 13.88 -8.19 -0.26
CA SER A 165 12.86 -7.26 0.14
C SER A 165 13.35 -5.82 -0.05
N GLN A 166 14.62 -5.59 0.25
CA GLN A 166 15.21 -4.27 0.10
C GLN A 166 15.26 -3.86 -1.38
N ASP A 167 15.70 -4.79 -2.23
CA ASP A 167 15.79 -4.54 -3.66
C ASP A 167 14.42 -4.19 -4.23
N ALA A 168 13.41 -4.95 -3.82
CA ALA A 168 12.05 -4.74 -4.29
C ALA A 168 11.55 -3.35 -3.89
N VAL A 169 11.63 -3.03 -2.61
CA VAL A 169 11.16 -1.74 -2.10
C VAL A 169 11.87 -0.57 -2.79
N SER A 170 13.08 -0.82 -3.26
CA SER A 170 13.86 0.21 -3.91
C SER A 170 13.32 0.57 -5.30
N SER A 171 13.04 -0.43 -6.13
CA SER A 171 12.78 -0.15 -7.54
C SER A 171 11.37 -0.52 -8.00
N MET A 172 10.63 -1.28 -7.19
CA MET A 172 9.35 -1.84 -7.63
C MET A 172 8.32 -0.78 -8.00
N ASN A 173 8.37 0.36 -7.32
CA ASN A 173 7.37 1.40 -7.51
C ASN A 173 7.45 2.03 -8.91
N LEU A 174 8.61 1.91 -9.55
CA LEU A 174 8.81 2.48 -10.88
C LEU A 174 8.15 1.65 -11.99
N PHE A 175 7.68 0.45 -11.67
CA PHE A 175 7.06 -0.37 -12.70
C PHE A 175 5.73 0.24 -13.12
N ASP A 176 5.73 0.86 -14.30
CA ASP A 176 4.52 1.43 -14.87
C ASP A 176 3.66 0.32 -15.44
N LEU A 177 2.81 -0.24 -14.60
CA LEU A 177 2.01 -1.38 -14.94
C LEU A 177 0.64 -0.93 -15.47
N GLY A 178 0.59 -0.68 -16.77
CA GLY A 178 -0.66 -0.31 -17.39
C GLY A 178 -0.96 1.18 -17.27
N GLY A 179 0.08 2.00 -17.36
CA GLY A 179 -0.11 3.44 -17.33
C GLY A 179 0.00 4.02 -15.94
N GLN A 180 0.36 3.19 -14.98
CA GLN A 180 0.52 3.67 -13.60
C GLN A 180 1.72 3.00 -12.93
N TYR A 181 2.57 3.81 -12.31
CA TYR A 181 3.69 3.30 -11.54
C TYR A 181 3.19 2.56 -10.31
N LEU A 182 3.72 1.38 -10.08
CA LEU A 182 3.41 0.60 -8.89
C LEU A 182 3.83 1.35 -7.63
N ARG A 183 3.65 0.72 -6.50
CA ARG A 183 3.97 1.35 -5.23
C ARG A 183 4.40 0.29 -4.24
N VAL A 184 5.60 0.41 -3.73
CA VAL A 184 6.12 -0.60 -2.82
C VAL A 184 6.47 0.01 -1.46
N GLY A 185 6.05 -0.66 -0.41
CA GLY A 185 6.36 -0.24 0.94
C GLY A 185 6.65 -1.41 1.83
N LYS A 186 6.32 -1.28 3.11
CA LYS A 186 6.64 -2.31 4.08
C LYS A 186 5.39 -2.71 4.86
N ALA A 187 5.56 -3.66 5.76
CA ALA A 187 4.48 -4.08 6.64
C ALA A 187 4.75 -3.51 8.00
N VAL A 188 3.85 -2.67 8.46
CA VAL A 188 4.05 -1.95 9.69
C VAL A 188 3.41 -2.70 10.85
N THR A 189 2.30 -3.37 10.58
CA THR A 189 1.71 -4.24 11.58
C THR A 189 1.95 -5.69 11.17
N PRO A 190 2.38 -6.54 12.13
CA PRO A 190 2.62 -7.96 11.88
C PRO A 190 1.36 -8.67 11.36
N PRO A 191 1.45 -9.27 10.17
CA PRO A 191 0.34 -9.98 9.54
C PRO A 191 -0.14 -11.15 10.38
N MET A 192 -1.17 -10.91 11.18
CA MET A 192 -1.74 -11.95 12.03
C MET A 192 -2.72 -12.80 11.22
N PRO A 193 -2.70 -14.13 11.45
CA PRO A 193 -3.54 -15.09 10.72
C PRO A 193 -5.00 -15.07 11.17
N LEU A 194 -5.57 -13.88 11.28
CA LEU A 194 -6.98 -13.74 11.62
C LEU A 194 -7.80 -13.84 10.34
N LEU A 195 -8.26 -15.05 10.05
CA LEU A 195 -8.94 -15.31 8.80
C LEU A 195 -10.45 -15.30 8.99
N THR A 196 -11.06 -14.16 8.74
CA THR A 196 -12.51 -14.02 8.79
C THR A 196 -13.14 -14.76 7.61
N PRO A 197 -14.34 -15.34 7.80
CA PRO A 197 -15.05 -16.02 6.73
C PRO A 197 -15.51 -15.04 5.64
N ALA A 198 -14.62 -14.79 4.69
CA ALA A 198 -14.90 -13.87 3.60
C ALA A 198 -15.44 -14.61 2.39
N THR A 199 -16.56 -15.30 2.59
CA THR A 199 -17.21 -16.03 1.51
C THR A 199 -18.73 -15.92 1.64
N GLY B 1 22.09 11.60 -4.46
CA GLY B 1 21.72 10.43 -5.29
C GLY B 1 20.53 9.69 -4.74
N ALA B 2 19.67 9.20 -5.62
CA ALA B 2 18.48 8.48 -5.20
C ALA B 2 18.78 6.98 -5.10
N MET B 3 19.07 6.52 -3.89
CA MET B 3 19.38 5.12 -3.65
C MET B 3 18.11 4.28 -3.63
N GLY B 4 17.53 4.09 -4.81
CA GLY B 4 16.33 3.30 -4.92
C GLY B 4 16.01 2.90 -6.35
N TYR B 5 16.79 1.97 -6.88
CA TYR B 5 16.55 1.45 -8.23
C TYR B 5 17.36 0.18 -8.46
N VAL B 6 16.85 -0.69 -9.33
CA VAL B 6 17.51 -1.95 -9.65
C VAL B 6 18.01 -1.94 -11.09
N ASN B 7 19.20 -2.48 -11.30
CA ASN B 7 19.79 -2.55 -12.63
C ASN B 7 19.82 -3.98 -13.13
N ASP B 8 19.23 -4.20 -14.31
CA ASP B 8 19.28 -5.48 -15.02
C ASP B 8 18.35 -6.53 -14.43
N ALA B 9 18.31 -6.63 -13.11
CA ALA B 9 17.37 -7.54 -12.45
C ALA B 9 15.94 -7.05 -12.65
N PHE B 10 15.79 -5.73 -12.77
CA PHE B 10 14.50 -5.12 -13.01
C PHE B 10 14.14 -5.25 -14.49
N LYS B 11 15.14 -5.53 -15.31
CA LYS B 11 14.94 -5.76 -16.73
C LYS B 11 14.33 -7.15 -16.93
N ASP B 12 14.86 -8.12 -16.21
CA ASP B 12 14.29 -9.48 -16.18
C ASP B 12 12.84 -9.38 -15.71
N ALA B 13 12.68 -8.58 -14.65
CA ALA B 13 11.38 -8.29 -14.07
C ALA B 13 10.35 -7.93 -15.12
N LEU B 14 10.69 -6.96 -15.97
CA LEU B 14 9.70 -6.34 -16.84
C LEU B 14 9.41 -7.14 -18.10
N GLN B 15 10.33 -7.99 -18.53
CA GLN B 15 10.02 -8.88 -19.61
C GLN B 15 8.92 -9.84 -19.15
N ARG B 16 9.04 -10.25 -17.89
CA ARG B 16 8.00 -11.01 -17.22
C ARG B 16 6.77 -10.12 -16.96
N ALA B 17 7.05 -8.89 -16.55
CA ALA B 17 6.03 -7.93 -16.16
C ALA B 17 5.03 -7.62 -17.27
N ARG B 18 5.50 -7.42 -18.47
CA ARG B 18 4.55 -7.25 -19.55
C ARG B 18 4.00 -8.57 -20.06
N GLN B 19 4.76 -9.66 -19.89
CA GLN B 19 4.21 -10.99 -20.15
C GLN B 19 2.92 -11.18 -19.35
N ILE B 20 2.99 -10.84 -18.06
CA ILE B 20 1.84 -10.96 -17.17
C ILE B 20 0.73 -9.99 -17.61
N ALA B 21 1.14 -8.85 -18.17
CA ALA B 21 0.19 -7.87 -18.68
C ALA B 21 -0.46 -8.34 -19.98
N ALA B 22 0.22 -9.19 -20.71
CA ALA B 22 -0.28 -9.72 -21.97
C ALA B 22 -1.18 -10.92 -21.72
N LYS B 23 -0.74 -11.78 -20.82
CA LYS B 23 -1.50 -12.97 -20.45
C LYS B 23 -2.78 -12.55 -19.73
N ILE B 24 -2.67 -11.54 -18.86
CA ILE B 24 -3.80 -10.94 -18.16
C ILE B 24 -4.41 -11.88 -17.12
N GLY B 25 -5.24 -12.82 -17.56
CA GLY B 25 -5.95 -13.67 -16.62
C GLY B 25 -5.80 -15.14 -16.93
N GLY B 26 -6.18 -15.98 -15.97
CA GLY B 26 -6.04 -17.42 -16.14
C GLY B 26 -5.19 -18.02 -15.06
N ASP B 27 -5.80 -18.87 -14.24
CA ASP B 27 -5.09 -19.53 -13.13
C ASP B 27 -3.99 -20.43 -13.67
N ALA B 28 -2.84 -20.41 -13.01
CA ALA B 28 -1.68 -21.16 -13.47
C ALA B 28 -1.28 -22.22 -12.44
N GLY B 29 -2.24 -22.67 -11.66
CA GLY B 29 -1.98 -23.69 -10.66
C GLY B 29 -2.04 -25.08 -11.26
N THR B 30 -0.88 -25.64 -11.57
CA THR B 30 -0.79 -26.98 -12.11
C THR B 30 -0.82 -28.02 -11.01
N SER B 31 -1.72 -28.98 -11.12
CA SER B 31 -1.85 -30.02 -10.12
C SER B 31 -0.88 -31.17 -10.42
N GLY A 1 -20.50 -3.12 26.11
CA GLY A 1 -20.72 -4.13 25.06
C GLY A 1 -19.45 -4.89 24.72
N ALA A 2 -19.47 -5.63 23.63
CA ALA A 2 -18.32 -6.43 23.22
C ALA A 2 -17.32 -5.57 22.46
N MET A 3 -16.12 -5.46 23.02
CA MET A 3 -15.06 -4.68 22.39
C MET A 3 -13.75 -5.47 22.44
N ALA A 4 -12.67 -4.86 21.98
CA ALA A 4 -11.37 -5.52 22.00
C ALA A 4 -10.68 -5.31 23.34
N GLN A 5 -10.26 -4.08 23.58
CA GLN A 5 -9.55 -3.71 24.80
C GLN A 5 -9.20 -2.22 24.75
N ARG A 6 -8.29 -1.87 23.85
CA ARG A 6 -7.86 -0.50 23.67
C ARG A 6 -7.07 -0.38 22.37
N GLN A 7 -7.70 0.11 21.31
CA GLN A 7 -7.07 0.18 20.00
C GLN A 7 -6.64 1.62 19.69
N ARG A 8 -5.84 2.21 20.56
CA ARG A 8 -5.43 3.59 20.39
C ARG A 8 -4.44 3.73 19.24
N ALA A 9 -3.63 2.71 19.03
CA ALA A 9 -2.63 2.73 17.95
C ALA A 9 -3.32 2.69 16.59
N LEU A 10 -4.20 1.72 16.41
CA LEU A 10 -4.88 1.53 15.14
C LEU A 10 -5.70 2.75 14.76
N ALA A 11 -6.31 3.37 15.77
CA ALA A 11 -7.16 4.53 15.55
C ALA A 11 -6.41 5.64 14.82
N ILE A 12 -5.22 5.95 15.30
CA ILE A 12 -4.42 7.02 14.72
C ILE A 12 -3.60 6.57 13.51
N MET A 13 -3.01 5.37 13.58
CA MET A 13 -2.06 4.93 12.56
C MET A 13 -2.77 4.59 11.26
N CYS A 14 -4.02 4.17 11.33
CA CYS A 14 -4.77 3.79 10.14
C CYS A 14 -5.55 4.98 9.59
N ARG A 15 -5.33 6.15 10.17
CA ARG A 15 -6.08 7.33 9.80
C ARG A 15 -5.16 8.43 9.26
N VAL A 16 -5.11 8.56 7.94
CA VAL A 16 -4.34 9.61 7.32
C VAL A 16 -5.28 10.64 6.69
N TYR A 17 -5.10 11.89 7.05
CA TYR A 17 -5.96 12.94 6.53
C TYR A 17 -5.37 13.54 5.26
N VAL A 18 -6.25 14.00 4.37
CA VAL A 18 -5.84 14.64 3.13
C VAL A 18 -6.20 16.11 3.16
N GLY A 19 -5.19 16.95 3.22
CA GLY A 19 -5.40 18.39 3.25
C GLY A 19 -4.80 19.08 2.05
N SER A 20 -4.91 20.41 2.01
CA SER A 20 -4.42 21.22 0.90
C SER A 20 -5.13 20.86 -0.41
N ILE A 21 -6.37 20.40 -0.27
CA ILE A 21 -7.17 19.98 -1.41
C ILE A 21 -7.55 21.20 -2.25
N TYR A 22 -7.66 21.02 -3.57
CA TYR A 22 -7.94 22.14 -4.46
C TYR A 22 -9.25 22.85 -4.11
N TYR A 23 -10.37 22.20 -4.43
CA TYR A 23 -11.69 22.80 -4.24
C TYR A 23 -12.79 21.81 -4.59
N GLU A 24 -12.89 21.48 -5.87
CA GLU A 24 -14.01 20.71 -6.39
C GLU A 24 -13.87 19.22 -6.03
N LEU A 25 -12.62 18.78 -5.86
CA LEU A 25 -12.35 17.40 -5.43
C LEU A 25 -13.09 17.07 -4.14
N GLY A 26 -13.85 15.99 -4.18
CA GLY A 26 -14.60 15.57 -3.01
C GLY A 26 -14.01 14.33 -2.38
N GLU A 27 -14.72 13.77 -1.40
CA GLU A 27 -14.25 12.58 -0.70
C GLU A 27 -14.29 11.38 -1.64
N ASP A 28 -15.18 11.44 -2.62
CA ASP A 28 -15.28 10.40 -3.64
C ASP A 28 -13.99 10.30 -4.45
N THR A 29 -13.42 11.45 -4.79
CA THR A 29 -12.17 11.50 -5.52
C THR A 29 -11.04 10.88 -4.70
N ILE A 30 -10.98 11.26 -3.43
CA ILE A 30 -9.99 10.73 -2.50
C ILE A 30 -10.18 9.22 -2.32
N ARG A 31 -11.45 8.82 -2.26
CA ARG A 31 -11.85 7.43 -2.14
C ARG A 31 -11.24 6.58 -3.26
N GLN A 32 -11.27 7.13 -4.47
CA GLN A 32 -10.72 6.45 -5.64
C GLN A 32 -9.19 6.53 -5.68
N ALA A 33 -8.65 7.63 -5.20
CA ALA A 33 -7.21 7.86 -5.24
C ALA A 33 -6.46 6.89 -4.35
N PHE A 34 -6.99 6.65 -3.15
CA PHE A 34 -6.35 5.77 -2.19
C PHE A 34 -6.96 4.36 -2.25
N ALA A 35 -7.74 4.12 -3.29
CA ALA A 35 -8.40 2.84 -3.48
C ALA A 35 -7.41 1.72 -3.78
N PRO A 36 -6.42 1.94 -4.68
CA PRO A 36 -5.39 0.94 -4.97
C PRO A 36 -4.44 0.71 -3.80
N PHE A 37 -4.59 1.48 -2.73
CA PHE A 37 -3.71 1.34 -1.58
C PHE A 37 -4.23 0.25 -0.66
N GLY A 38 -5.28 0.58 0.08
CA GLY A 38 -5.92 -0.40 0.93
C GLY A 38 -7.41 -0.14 1.02
N PRO A 39 -8.18 -1.08 1.56
CA PRO A 39 -9.63 -0.94 1.68
C PRO A 39 -10.00 0.20 2.62
N ILE A 40 -10.74 1.16 2.11
CA ILE A 40 -11.22 2.28 2.90
C ILE A 40 -12.24 1.79 3.92
N LYS A 41 -11.92 1.98 5.19
CA LYS A 41 -12.82 1.61 6.27
C LYS A 41 -13.79 2.75 6.55
N SER A 42 -13.25 3.95 6.62
CA SER A 42 -14.05 5.14 6.89
C SER A 42 -13.46 6.36 6.19
N ILE A 43 -14.31 7.22 5.66
CA ILE A 43 -13.87 8.51 5.16
C ILE A 43 -14.66 9.62 5.84
N ASP A 44 -13.99 10.32 6.73
CA ASP A 44 -14.65 11.37 7.49
C ASP A 44 -14.23 12.73 6.96
N MET A 45 -15.15 13.41 6.29
CA MET A 45 -14.83 14.68 5.66
C MET A 45 -15.87 15.73 6.00
N SER A 46 -15.43 16.81 6.64
CA SER A 46 -16.32 17.89 7.02
C SER A 46 -16.40 18.92 5.90
N TRP A 47 -17.24 18.67 4.92
CA TRP A 47 -17.46 19.61 3.84
C TRP A 47 -18.92 19.59 3.42
N ASP A 48 -19.39 20.71 2.88
CA ASP A 48 -20.75 20.81 2.40
C ASP A 48 -20.81 20.46 0.92
N SER A 49 -21.53 19.40 0.59
CA SER A 49 -21.60 18.90 -0.77
C SER A 49 -22.51 19.78 -1.65
N VAL A 50 -23.23 20.71 -1.03
CA VAL A 50 -24.14 21.57 -1.76
C VAL A 50 -23.38 22.74 -2.41
N THR A 51 -22.69 23.50 -1.59
CA THR A 51 -21.89 24.62 -2.08
C THR A 51 -20.56 24.13 -2.65
N MET A 52 -20.08 23.02 -2.08
CA MET A 52 -18.85 22.35 -2.51
C MET A 52 -17.59 23.14 -2.16
N LYS A 53 -17.76 24.38 -1.72
CA LYS A 53 -16.63 25.20 -1.31
C LYS A 53 -16.28 24.88 0.14
N HIS A 54 -15.10 24.31 0.33
CA HIS A 54 -14.71 23.82 1.65
C HIS A 54 -13.24 24.07 1.91
N LYS A 55 -12.91 24.35 3.17
CA LYS A 55 -11.52 24.44 3.58
C LYS A 55 -11.23 23.41 4.66
N GLY A 56 -12.16 22.48 4.80
CA GLY A 56 -11.95 21.34 5.66
C GLY A 56 -11.36 20.17 4.90
N PHE A 57 -10.64 19.32 5.61
CA PHE A 57 -9.97 18.18 5.00
C PHE A 57 -10.68 16.87 5.34
N ALA A 58 -10.23 15.79 4.74
CA ALA A 58 -10.86 14.48 4.92
C ALA A 58 -9.95 13.52 5.65
N PHE A 59 -10.54 12.62 6.40
CA PHE A 59 -9.79 11.59 7.11
C PHE A 59 -9.97 10.24 6.42
N VAL A 60 -8.89 9.70 5.88
CA VAL A 60 -8.92 8.40 5.23
C VAL A 60 -8.52 7.32 6.23
N GLU A 61 -9.49 6.52 6.64
CA GLU A 61 -9.29 5.46 7.61
C GLU A 61 -9.21 4.13 6.88
N TYR A 62 -8.09 3.45 7.01
CA TYR A 62 -7.83 2.21 6.29
C TYR A 62 -8.21 0.97 7.10
N GLU A 63 -8.61 -0.06 6.37
CA GLU A 63 -8.83 -1.38 6.95
C GLU A 63 -7.48 -2.03 7.24
N VAL A 64 -6.48 -1.64 6.47
CA VAL A 64 -5.13 -2.20 6.61
C VAL A 64 -4.11 -1.09 6.90
N PRO A 65 -3.42 -1.20 8.05
CA PRO A 65 -2.41 -0.22 8.48
C PRO A 65 -1.23 -0.11 7.51
N GLU A 66 -0.97 -1.16 6.75
CA GLU A 66 0.13 -1.15 5.78
C GLU A 66 -0.06 -0.02 4.78
N ALA A 67 -1.26 0.04 4.19
CA ALA A 67 -1.58 1.05 3.20
C ALA A 67 -1.63 2.43 3.83
N ALA A 68 -1.88 2.47 5.13
CA ALA A 68 -1.94 3.73 5.85
C ALA A 68 -0.58 4.41 5.84
N GLN A 69 0.48 3.66 6.15
CA GLN A 69 1.83 4.22 6.11
C GLN A 69 2.26 4.47 4.66
N LEU A 70 1.91 3.56 3.77
CA LEU A 70 2.24 3.72 2.35
C LEU A 70 1.63 5.00 1.80
N ALA A 71 0.40 5.28 2.19
CA ALA A 71 -0.27 6.51 1.78
C ALA A 71 0.49 7.73 2.30
N LEU A 72 0.89 7.65 3.56
CA LEU A 72 1.60 8.74 4.22
C LEU A 72 2.95 9.01 3.54
N GLU A 73 3.65 7.94 3.21
CA GLU A 73 4.98 8.06 2.63
C GLU A 73 4.92 8.38 1.13
N GLN A 74 4.09 7.66 0.39
CA GLN A 74 4.08 7.77 -1.06
C GLN A 74 3.31 8.99 -1.55
N MET A 75 2.09 9.16 -1.06
CA MET A 75 1.20 10.19 -1.57
C MET A 75 1.62 11.59 -1.11
N ASN A 76 2.27 11.65 0.04
CA ASN A 76 2.73 12.93 0.58
C ASN A 76 4.06 13.32 -0.07
N SER A 77 4.72 12.37 -0.70
CA SER A 77 5.98 12.63 -1.37
C SER A 77 5.73 13.16 -2.78
N VAL A 78 4.61 12.77 -3.37
CA VAL A 78 4.23 13.22 -4.71
C VAL A 78 3.20 14.34 -4.62
N MET A 79 2.86 14.91 -5.77
CA MET A 79 1.84 15.95 -5.83
C MET A 79 0.61 15.42 -6.55
N LEU A 80 -0.48 15.26 -5.82
CA LEU A 80 -1.73 14.78 -6.41
C LEU A 80 -2.30 15.85 -7.34
N GLY A 81 -2.16 15.60 -8.64
CA GLY A 81 -2.65 16.54 -9.63
C GLY A 81 -1.72 17.73 -9.77
N GLY A 82 -1.82 18.65 -8.83
CA GLY A 82 -0.97 19.83 -8.82
C GLY A 82 -1.04 20.56 -7.49
N ARG A 83 -1.17 19.80 -6.42
CA ARG A 83 -1.32 20.36 -5.09
C ARG A 83 -0.24 19.85 -4.15
N ASN A 84 0.19 20.71 -3.24
CA ASN A 84 1.09 20.29 -2.17
C ASN A 84 0.26 19.78 -1.02
N ILE A 85 -0.33 18.62 -1.23
CA ILE A 85 -1.32 18.06 -0.32
C ILE A 85 -0.71 17.62 0.99
N LYS A 86 -1.55 17.57 2.00
CA LYS A 86 -1.18 17.05 3.30
C LYS A 86 -1.72 15.64 3.45
N VAL A 87 -0.84 14.65 3.44
CA VAL A 87 -1.26 13.28 3.60
C VAL A 87 -0.56 12.65 4.80
N GLY A 88 -1.36 12.18 5.75
CA GLY A 88 -0.81 11.61 6.94
C GLY A 88 -0.25 12.69 7.85
N ARG A 89 1.01 12.54 8.25
CA ARG A 89 1.67 13.50 9.13
C ARG A 89 0.82 13.74 10.39
N PRO A 90 0.86 12.78 11.33
CA PRO A 90 -0.03 12.75 12.49
C PRO A 90 0.02 14.03 13.33
N SER A 91 -1.13 14.69 13.45
CA SER A 91 -1.26 15.86 14.29
C SER A 91 -1.22 15.45 15.77
N ASN A 92 -1.46 14.16 16.02
CA ASN A 92 -1.37 13.62 17.37
C ASN A 92 0.08 13.39 17.77
N ILE A 93 0.99 13.85 16.91
CA ILE A 93 2.43 13.78 17.14
C ILE A 93 2.96 12.35 17.05
N GLY A 94 2.64 11.53 18.03
CA GLY A 94 3.11 10.16 18.04
C GLY A 94 2.78 9.46 19.33
N GLN A 95 1.51 9.54 19.72
CA GLN A 95 1.03 8.94 20.97
C GLN A 95 1.34 7.45 21.02
N ALA A 96 1.02 6.74 19.95
CA ALA A 96 1.26 5.31 19.88
C ALA A 96 2.35 5.00 18.87
N GLN A 97 3.13 6.02 18.50
CA GLN A 97 4.20 5.84 17.53
C GLN A 97 5.30 4.87 18.06
N PRO A 98 5.78 5.04 19.32
CA PRO A 98 6.86 4.22 19.88
C PRO A 98 6.68 2.72 19.70
N ILE A 99 5.47 2.23 19.94
CA ILE A 99 5.21 0.80 19.85
C ILE A 99 5.15 0.31 18.40
N ILE A 100 4.84 1.23 17.49
CA ILE A 100 4.80 0.89 16.07
C ILE A 100 6.19 0.54 15.56
N ASP A 101 7.20 1.25 16.05
CA ASP A 101 8.59 0.94 15.71
C ASP A 101 8.92 -0.50 16.12
N GLN A 102 8.50 -0.86 17.33
CA GLN A 102 8.69 -2.21 17.85
C GLN A 102 8.09 -3.24 16.91
N LEU A 103 6.88 -2.95 16.45
CA LEU A 103 6.16 -3.83 15.54
C LEU A 103 6.94 -4.00 14.23
N ALA A 104 7.42 -2.89 13.69
CA ALA A 104 8.13 -2.89 12.42
C ALA A 104 9.45 -3.66 12.51
N GLU A 105 10.12 -3.54 13.64
CA GLU A 105 11.40 -4.22 13.84
C GLU A 105 11.20 -5.73 13.88
N GLU A 106 10.08 -6.18 14.41
CA GLU A 106 9.74 -7.60 14.41
C GLU A 106 9.32 -8.03 13.02
N ALA A 107 8.54 -7.18 12.37
CA ALA A 107 8.04 -7.49 11.04
C ALA A 107 9.19 -7.63 10.06
N ARG A 108 10.25 -6.88 10.29
CA ARG A 108 11.47 -6.96 9.50
C ARG A 108 12.03 -8.39 9.51
N ALA A 109 11.95 -9.04 10.66
CA ALA A 109 12.49 -10.39 10.82
C ALA A 109 11.67 -11.43 10.07
N PHE A 110 10.49 -11.04 9.61
CA PHE A 110 9.61 -11.95 8.90
C PHE A 110 9.83 -11.86 7.40
N ASN A 111 10.65 -10.89 7.00
CA ASN A 111 11.08 -10.74 5.60
C ASN A 111 9.92 -10.46 4.65
N ARG A 112 8.85 -9.86 5.16
CA ARG A 112 7.71 -9.53 4.33
C ARG A 112 7.70 -8.06 3.96
N ILE A 113 7.41 -7.78 2.70
CA ILE A 113 7.26 -6.42 2.23
C ILE A 113 5.87 -6.23 1.65
N TYR A 114 5.45 -4.98 1.53
CA TYR A 114 4.08 -4.67 1.14
C TYR A 114 4.05 -3.95 -0.20
N VAL A 115 3.14 -4.35 -1.07
CA VAL A 115 3.00 -3.74 -2.38
C VAL A 115 1.54 -3.36 -2.65
N ALA A 116 1.32 -2.10 -2.95
CA ALA A 116 -0.01 -1.60 -3.26
C ALA A 116 -0.05 -0.97 -4.65
N SER A 117 -1.21 -0.47 -5.03
CA SER A 117 -1.44 0.19 -6.31
C SER A 117 -1.38 -0.79 -7.47
N VAL A 118 -1.54 -2.07 -7.14
CA VAL A 118 -1.49 -3.14 -8.13
C VAL A 118 -2.67 -3.02 -9.11
N HIS A 119 -2.39 -3.28 -10.38
CA HIS A 119 -3.42 -3.19 -11.41
C HIS A 119 -4.51 -4.22 -11.15
N GLN A 120 -5.76 -3.77 -11.22
CA GLN A 120 -6.94 -4.60 -10.87
C GLN A 120 -6.84 -6.05 -11.37
N ASP A 121 -6.64 -6.22 -12.68
CA ASP A 121 -6.58 -7.55 -13.29
C ASP A 121 -5.23 -8.22 -13.09
N LEU A 122 -4.15 -7.49 -13.35
CA LEU A 122 -2.77 -8.00 -13.22
C LEU A 122 -2.56 -8.54 -11.80
N SER A 123 -2.41 -9.85 -11.69
CA SER A 123 -2.56 -10.55 -10.42
C SER A 123 -1.24 -10.82 -9.70
N ASP A 124 -1.32 -11.49 -8.55
CA ASP A 124 -0.16 -11.80 -7.71
C ASP A 124 0.87 -12.64 -8.48
N ASP A 125 0.38 -13.65 -9.20
CA ASP A 125 1.24 -14.52 -10.01
C ASP A 125 2.00 -13.68 -11.03
N ASP A 126 1.37 -12.57 -11.43
CA ASP A 126 1.97 -11.65 -12.37
C ASP A 126 2.99 -10.76 -11.67
N ILE A 127 2.57 -10.10 -10.59
CA ILE A 127 3.43 -9.20 -9.81
C ILE A 127 4.71 -9.92 -9.38
N LYS A 128 4.62 -11.23 -9.24
CA LYS A 128 5.76 -12.09 -8.92
C LYS A 128 6.92 -11.87 -9.90
N SER A 129 6.59 -11.54 -11.15
CA SER A 129 7.59 -11.34 -12.21
C SER A 129 8.71 -10.42 -11.77
N VAL A 130 8.31 -9.23 -11.38
CA VAL A 130 9.24 -8.16 -11.08
C VAL A 130 9.94 -8.40 -9.74
N PHE A 131 9.19 -8.82 -8.73
CA PHE A 131 9.78 -9.10 -7.43
C PHE A 131 10.85 -10.18 -7.54
N GLU A 132 10.48 -11.31 -8.14
CA GLU A 132 11.40 -12.45 -8.24
C GLU A 132 12.58 -12.12 -9.15
N ALA A 133 12.38 -11.17 -10.05
CA ALA A 133 13.43 -10.76 -10.98
C ALA A 133 14.59 -10.12 -10.23
N PHE A 134 14.28 -9.41 -9.15
CA PHE A 134 15.31 -8.75 -8.35
C PHE A 134 15.93 -9.75 -7.39
N GLY A 135 15.08 -10.57 -6.78
CA GLY A 135 15.55 -11.58 -5.87
C GLY A 135 14.61 -12.77 -5.83
N LYS A 136 15.14 -13.96 -5.60
CA LYS A 136 14.33 -15.16 -5.60
C LYS A 136 13.28 -15.10 -4.50
N ILE A 137 12.04 -15.22 -4.92
CA ILE A 137 10.90 -14.97 -4.06
C ILE A 137 10.49 -16.22 -3.29
N LYS A 138 10.12 -16.03 -2.03
CA LYS A 138 9.74 -17.13 -1.15
C LYS A 138 8.25 -17.39 -1.22
N SER A 139 7.47 -16.32 -1.23
CA SER A 139 6.02 -16.43 -1.31
C SER A 139 5.41 -15.11 -1.75
N CYS A 140 4.31 -15.20 -2.50
CA CYS A 140 3.60 -14.02 -2.97
C CYS A 140 2.10 -14.24 -2.83
N THR A 141 1.42 -13.29 -2.22
CA THR A 141 -0.03 -13.39 -2.04
C THR A 141 -0.68 -12.01 -2.02
N LEU A 142 -1.57 -11.77 -2.97
CA LEU A 142 -2.32 -10.53 -3.02
C LEU A 142 -3.70 -10.74 -2.43
N ALA A 143 -4.09 -9.85 -1.53
CA ALA A 143 -5.35 -9.97 -0.81
C ALA A 143 -6.52 -9.94 -1.78
N ARG A 144 -7.49 -10.82 -1.54
CA ARG A 144 -8.64 -10.95 -2.42
C ARG A 144 -9.80 -10.11 -1.93
N ASP A 145 -10.70 -9.78 -2.85
CA ASP A 145 -11.84 -8.94 -2.55
C ASP A 145 -13.09 -9.78 -2.35
N PRO A 146 -13.55 -9.88 -1.10
CA PRO A 146 -14.69 -10.73 -0.72
C PRO A 146 -16.05 -10.24 -1.25
N THR A 147 -16.13 -8.98 -1.65
CA THR A 147 -17.41 -8.41 -2.02
C THR A 147 -17.65 -8.51 -3.53
N THR A 148 -16.64 -8.95 -4.26
CA THR A 148 -16.76 -9.10 -5.70
C THR A 148 -16.22 -10.44 -6.20
N GLY A 149 -15.09 -10.86 -5.65
CA GLY A 149 -14.51 -12.13 -6.06
C GLY A 149 -13.11 -11.97 -6.63
N LYS A 150 -12.81 -10.78 -7.15
CA LYS A 150 -11.49 -10.51 -7.73
C LYS A 150 -10.48 -10.16 -6.63
N HIS A 151 -9.24 -9.90 -7.02
CA HIS A 151 -8.21 -9.57 -6.04
C HIS A 151 -8.11 -8.07 -5.86
N LYS A 152 -7.70 -7.66 -4.66
CA LYS A 152 -7.46 -6.25 -4.37
C LYS A 152 -6.12 -5.84 -4.94
N GLY A 153 -5.96 -4.55 -5.22
CA GLY A 153 -4.72 -4.05 -5.81
C GLY A 153 -3.59 -3.90 -4.80
N TYR A 154 -3.41 -4.90 -3.94
CA TYR A 154 -2.29 -4.91 -3.01
C TYR A 154 -2.05 -6.32 -2.48
N GLY A 155 -0.86 -6.56 -1.95
CA GLY A 155 -0.53 -7.87 -1.43
C GLY A 155 0.79 -7.87 -0.67
N PHE A 156 1.23 -9.06 -0.29
CA PHE A 156 2.47 -9.20 0.48
C PHE A 156 3.43 -10.14 -0.24
N ILE A 157 4.72 -9.82 -0.17
CA ILE A 157 5.76 -10.70 -0.69
C ILE A 157 6.76 -11.01 0.40
N GLU A 158 7.09 -12.28 0.56
CA GLU A 158 8.05 -12.70 1.56
C GLU A 158 9.30 -13.23 0.86
N TYR A 159 10.46 -12.92 1.42
CA TYR A 159 11.72 -13.32 0.82
C TYR A 159 12.52 -14.21 1.76
N GLU A 160 13.28 -15.13 1.19
CA GLU A 160 14.18 -15.99 1.94
C GLU A 160 15.45 -15.24 2.27
N LYS A 161 15.72 -14.20 1.48
CA LYS A 161 16.91 -13.39 1.65
C LYS A 161 16.50 -11.94 1.87
N ALA A 162 16.78 -11.44 3.07
CA ALA A 162 16.39 -10.09 3.48
C ALA A 162 16.89 -9.02 2.51
N GLN A 163 18.00 -9.31 1.85
CA GLN A 163 18.55 -8.40 0.85
C GLN A 163 17.53 -8.10 -0.24
N SER A 164 16.90 -9.15 -0.78
CA SER A 164 15.98 -9.01 -1.91
C SER A 164 14.79 -8.14 -1.55
N SER A 165 14.38 -8.18 -0.28
CA SER A 165 13.32 -7.32 0.20
C SER A 165 13.68 -5.84 0.02
N GLN A 166 14.94 -5.53 0.28
CA GLN A 166 15.43 -4.15 0.19
C GLN A 166 15.58 -3.73 -1.27
N ASP A 167 16.12 -4.62 -2.09
CA ASP A 167 16.29 -4.35 -3.51
C ASP A 167 14.93 -4.18 -4.19
N ALA A 168 13.94 -4.88 -3.67
CA ALA A 168 12.59 -4.83 -4.22
C ALA A 168 11.92 -3.49 -3.89
N VAL A 169 11.87 -3.14 -2.61
CA VAL A 169 11.15 -1.95 -2.17
C VAL A 169 11.68 -0.67 -2.81
N SER A 170 12.95 -0.67 -3.20
CA SER A 170 13.56 0.51 -3.78
C SER A 170 13.30 0.61 -5.29
N SER A 171 12.93 -0.50 -5.91
CA SER A 171 12.77 -0.53 -7.36
C SER A 171 11.31 -0.78 -7.77
N MET A 172 10.59 -1.56 -6.97
CA MET A 172 9.25 -2.03 -7.30
C MET A 172 8.23 -0.90 -7.45
N ASN A 173 8.52 0.24 -6.87
CA ASN A 173 7.61 1.39 -6.90
C ASN A 173 7.31 1.79 -8.34
N LEU A 174 8.32 1.65 -9.19
CA LEU A 174 8.24 2.09 -10.58
C LEU A 174 7.43 1.13 -11.46
N PHE A 175 7.05 -0.03 -10.92
CA PHE A 175 6.37 -1.05 -11.72
C PHE A 175 5.09 -0.48 -12.35
N ASP A 176 5.18 -0.16 -13.63
CA ASP A 176 4.07 0.45 -14.35
C ASP A 176 3.21 -0.60 -15.03
N LEU A 177 1.92 -0.59 -14.72
CA LEU A 177 0.98 -1.47 -15.38
C LEU A 177 -0.14 -0.67 -16.04
N GLY A 178 0.10 -0.24 -17.27
CA GLY A 178 -0.93 0.46 -18.01
C GLY A 178 -0.94 1.95 -17.75
N GLY A 179 0.19 2.49 -17.30
CA GLY A 179 0.26 3.92 -17.05
C GLY A 179 0.19 4.26 -15.57
N GLN A 180 0.21 3.24 -14.73
CA GLN A 180 0.20 3.47 -13.29
C GLN A 180 1.37 2.76 -12.63
N TYR A 181 2.09 3.48 -11.79
CA TYR A 181 3.20 2.93 -11.03
C TYR A 181 2.68 2.35 -9.73
N LEU A 182 3.29 1.25 -9.30
CA LEU A 182 2.93 0.64 -8.03
C LEU A 182 3.48 1.44 -6.87
N ARG A 183 3.31 0.90 -5.67
CA ARG A 183 3.80 1.55 -4.46
C ARG A 183 4.20 0.49 -3.46
N VAL A 184 5.49 0.41 -3.16
CA VAL A 184 5.97 -0.61 -2.24
C VAL A 184 6.52 0.00 -0.96
N GLY A 185 6.48 -0.79 0.10
CA GLY A 185 7.00 -0.35 1.38
C GLY A 185 7.13 -1.50 2.36
N LYS A 186 7.01 -1.20 3.63
CA LYS A 186 7.14 -2.21 4.68
C LYS A 186 5.77 -2.73 5.08
N ALA A 187 5.75 -3.92 5.65
CA ALA A 187 4.51 -4.51 6.15
C ALA A 187 4.03 -3.77 7.38
N VAL A 188 4.97 -3.13 8.08
CA VAL A 188 4.69 -2.29 9.24
C VAL A 188 4.22 -3.12 10.44
N THR A 189 3.02 -3.66 10.35
CA THR A 189 2.47 -4.50 11.41
C THR A 189 2.83 -5.96 11.18
N PRO A 190 3.29 -6.65 12.23
CA PRO A 190 3.76 -8.04 12.13
C PRO A 190 2.64 -9.01 11.82
N PRO A 191 2.77 -9.76 10.71
CA PRO A 191 1.81 -10.78 10.31
C PRO A 191 1.87 -12.00 11.24
N MET A 192 1.31 -11.84 12.43
CA MET A 192 1.29 -12.91 13.42
C MET A 192 0.29 -13.99 13.01
N PRO A 193 0.76 -15.24 12.88
CA PRO A 193 -0.08 -16.39 12.52
C PRO A 193 -0.97 -16.84 13.68
N LEU A 194 -1.80 -15.94 14.16
CA LEU A 194 -2.67 -16.21 15.29
C LEU A 194 -3.92 -16.95 14.83
N LEU A 195 -3.72 -18.18 14.37
CA LEU A 195 -4.82 -19.02 13.89
C LEU A 195 -5.20 -20.05 14.95
N THR A 196 -4.80 -19.79 16.18
CA THR A 196 -5.04 -20.68 17.30
C THR A 196 -6.49 -20.65 17.83
N PRO A 197 -7.24 -19.50 17.77
CA PRO A 197 -8.64 -19.45 18.19
C PRO A 197 -9.48 -20.60 17.64
N ALA A 198 -9.83 -21.54 18.51
CA ALA A 198 -10.61 -22.69 18.11
C ALA A 198 -12.02 -22.57 18.67
N THR A 199 -12.87 -21.85 17.97
CA THR A 199 -14.24 -21.64 18.39
C THR A 199 -15.08 -22.89 18.09
N GLY B 1 17.92 10.57 -3.63
CA GLY B 1 17.73 10.06 -2.25
C GLY B 1 18.27 8.64 -2.09
N ALA B 2 17.74 7.92 -1.13
CA ALA B 2 18.15 6.55 -0.87
C ALA B 2 17.71 5.60 -1.99
N MET B 3 18.64 5.25 -2.87
CA MET B 3 18.36 4.36 -3.98
C MET B 3 18.87 2.96 -3.69
N GLY B 4 18.23 1.97 -4.31
CA GLY B 4 18.64 0.60 -4.14
C GLY B 4 19.85 0.28 -5.00
N TYR B 5 20.21 -1.00 -5.08
CA TYR B 5 21.38 -1.41 -5.85
C TYR B 5 20.96 -2.25 -7.05
N VAL B 6 19.78 -1.97 -7.57
CA VAL B 6 19.22 -2.76 -8.65
C VAL B 6 19.41 -2.07 -10.00
N ASN B 7 20.20 -2.71 -10.85
CA ASN B 7 20.30 -2.32 -12.24
C ASN B 7 20.27 -3.57 -13.10
N ASP B 8 19.62 -3.46 -14.27
CA ASP B 8 19.49 -4.58 -15.22
C ASP B 8 18.51 -5.64 -14.71
N ALA B 9 18.58 -5.99 -13.43
CA ALA B 9 17.65 -6.94 -12.84
C ALA B 9 16.21 -6.43 -12.94
N PHE B 10 16.04 -5.13 -12.79
CA PHE B 10 14.72 -4.52 -12.91
C PHE B 10 14.31 -4.47 -14.38
N LYS B 11 15.27 -4.57 -15.28
CA LYS B 11 14.97 -4.62 -16.70
C LYS B 11 14.38 -5.98 -17.04
N ASP B 12 14.96 -7.03 -16.45
CA ASP B 12 14.39 -8.39 -16.52
C ASP B 12 12.99 -8.36 -15.95
N ALA B 13 12.83 -7.59 -14.89
CA ALA B 13 11.56 -7.42 -14.23
C ALA B 13 10.47 -7.06 -15.22
N LEU B 14 10.70 -6.01 -16.01
CA LEU B 14 9.64 -5.48 -16.87
C LEU B 14 9.47 -6.28 -18.15
N GLN B 15 10.45 -7.09 -18.50
CA GLN B 15 10.26 -8.03 -19.59
C GLN B 15 9.13 -8.97 -19.21
N ARG B 16 9.20 -9.46 -17.98
CA ARG B 16 8.16 -10.31 -17.42
C ARG B 16 6.92 -9.47 -17.09
N ALA B 17 7.15 -8.21 -16.73
CA ALA B 17 6.10 -7.30 -16.26
C ALA B 17 5.10 -6.93 -17.34
N ARG B 18 5.55 -6.58 -18.52
CA ARG B 18 4.60 -6.35 -19.58
C ARG B 18 4.12 -7.64 -20.20
N GLN B 19 4.92 -8.70 -20.11
CA GLN B 19 4.44 -10.04 -20.42
C GLN B 19 3.16 -10.33 -19.62
N ILE B 20 3.20 -10.09 -18.31
CA ILE B 20 2.04 -10.28 -17.45
C ILE B 20 0.96 -9.25 -17.76
N ALA B 21 1.37 -8.10 -18.31
CA ALA B 21 0.45 -7.06 -18.71
C ALA B 21 -0.16 -7.35 -20.08
N ALA B 22 0.40 -8.33 -20.77
CA ALA B 22 -0.09 -8.72 -22.08
C ALA B 22 -1.19 -9.76 -21.94
N LYS B 23 -1.09 -10.57 -20.89
CA LYS B 23 -2.10 -11.59 -20.62
C LYS B 23 -3.37 -10.98 -20.02
N ILE B 24 -3.33 -9.67 -19.76
CA ILE B 24 -4.48 -8.95 -19.23
C ILE B 24 -5.69 -9.13 -20.13
N GLY B 25 -6.74 -9.74 -19.58
CA GLY B 25 -7.93 -10.00 -20.36
C GLY B 25 -8.07 -11.47 -20.68
N GLY B 26 -7.03 -12.24 -20.40
CA GLY B 26 -7.05 -13.65 -20.67
C GLY B 26 -6.67 -13.95 -22.11
N ASP B 27 -7.51 -13.50 -23.02
CA ASP B 27 -7.28 -13.64 -24.46
C ASP B 27 -7.08 -15.12 -24.82
N ALA B 28 -7.90 -15.97 -24.21
CA ALA B 28 -7.86 -17.43 -24.41
C ALA B 28 -6.67 -18.07 -23.70
N GLY B 29 -5.53 -17.38 -23.73
CA GLY B 29 -4.35 -17.88 -23.06
C GLY B 29 -3.53 -18.80 -23.94
N THR B 30 -4.16 -19.83 -24.47
CA THR B 30 -3.49 -20.79 -25.32
C THR B 30 -4.33 -21.08 -26.56
N SER B 31 -3.68 -21.16 -27.71
CA SER B 31 -4.36 -21.48 -28.95
C SER B 31 -3.41 -22.26 -29.85
N GLY A 1 1.46 4.66 32.33
CA GLY A 1 0.44 3.64 31.99
C GLY A 1 -0.69 4.21 31.18
N ALA A 2 -1.35 3.37 30.40
CA ALA A 2 -2.45 3.82 29.56
C ALA A 2 -3.46 2.70 29.40
N MET A 3 -4.74 3.06 29.31
CA MET A 3 -5.79 2.08 29.14
C MET A 3 -6.50 2.27 27.81
N ALA A 4 -7.53 1.46 27.57
CA ALA A 4 -8.27 1.46 26.31
C ALA A 4 -7.37 0.98 25.17
N GLN A 5 -6.70 -0.15 25.41
CA GLN A 5 -5.79 -0.73 24.43
C GLN A 5 -6.55 -1.15 23.17
N ARG A 6 -7.15 -2.33 23.17
CA ARG A 6 -8.01 -2.77 22.07
C ARG A 6 -7.33 -2.65 20.70
N GLN A 7 -6.01 -2.86 20.68
CA GLN A 7 -5.21 -2.75 19.44
C GLN A 7 -5.33 -1.34 18.83
N ARG A 8 -5.51 -0.34 19.69
CA ARG A 8 -5.71 1.03 19.26
C ARG A 8 -4.49 1.57 18.55
N ALA A 9 -3.33 1.04 18.91
CA ALA A 9 -2.07 1.44 18.27
C ALA A 9 -2.14 1.27 16.75
N LEU A 10 -2.83 0.23 16.32
CA LEU A 10 -3.03 -0.02 14.89
C LEU A 10 -4.09 0.92 14.35
N ALA A 11 -5.17 1.09 15.10
CA ALA A 11 -6.31 1.90 14.68
C ALA A 11 -5.94 3.36 14.46
N ILE A 12 -5.02 3.89 15.26
CA ILE A 12 -4.60 5.28 15.12
C ILE A 12 -3.68 5.45 13.92
N MET A 13 -2.84 4.44 13.66
CA MET A 13 -1.90 4.48 12.55
C MET A 13 -2.63 4.40 11.21
N CYS A 14 -3.71 3.62 11.16
CA CYS A 14 -4.41 3.38 9.90
C CYS A 14 -5.36 4.52 9.52
N ARG A 15 -5.34 5.60 10.28
CA ARG A 15 -6.20 6.75 9.98
C ARG A 15 -5.35 7.93 9.51
N VAL A 16 -5.23 8.09 8.20
CA VAL A 16 -4.36 9.12 7.64
C VAL A 16 -5.13 10.41 7.37
N TYR A 17 -4.45 11.52 7.58
CA TYR A 17 -5.02 12.84 7.38
C TYR A 17 -4.63 13.38 6.01
N VAL A 18 -5.63 13.80 5.25
CA VAL A 18 -5.41 14.41 3.96
C VAL A 18 -5.69 15.90 4.03
N GLY A 19 -4.63 16.70 3.92
CA GLY A 19 -4.78 18.14 3.98
C GLY A 19 -4.08 18.81 2.82
N SER A 20 -4.14 20.14 2.78
CA SER A 20 -3.54 20.91 1.70
C SER A 20 -4.10 20.48 0.34
N ILE A 21 -5.37 20.10 0.33
CA ILE A 21 -6.03 19.59 -0.86
C ILE A 21 -6.29 20.73 -1.85
N TYR A 22 -6.57 20.40 -3.10
CA TYR A 22 -6.88 21.41 -4.10
C TYR A 22 -8.05 22.27 -3.66
N TYR A 23 -9.26 21.69 -3.70
CA TYR A 23 -10.48 22.37 -3.32
C TYR A 23 -11.69 21.50 -3.64
N GLU A 24 -11.93 21.29 -4.93
CA GLU A 24 -13.08 20.55 -5.41
C GLU A 24 -12.92 19.04 -5.19
N LEU A 25 -11.66 18.61 -5.03
CA LEU A 25 -11.36 17.20 -4.80
C LEU A 25 -12.07 16.72 -3.54
N GLY A 26 -13.07 15.86 -3.73
CA GLY A 26 -13.90 15.46 -2.62
C GLY A 26 -13.69 14.02 -2.20
N GLU A 27 -14.72 13.42 -1.62
CA GLU A 27 -14.63 12.07 -1.08
C GLU A 27 -14.29 11.07 -2.18
N ASP A 28 -15.04 11.11 -3.27
CA ASP A 28 -14.87 10.12 -4.34
C ASP A 28 -13.52 10.29 -5.02
N THR A 29 -12.98 11.51 -4.98
CA THR A 29 -11.67 11.78 -5.52
C THR A 29 -10.60 11.07 -4.71
N ILE A 30 -10.62 11.31 -3.40
CA ILE A 30 -9.66 10.70 -2.48
C ILE A 30 -9.87 9.19 -2.43
N ARG A 31 -11.14 8.79 -2.45
CA ARG A 31 -11.53 7.38 -2.38
C ARG A 31 -10.94 6.59 -3.54
N GLN A 32 -10.90 7.20 -4.72
CA GLN A 32 -10.33 6.55 -5.89
C GLN A 32 -8.81 6.59 -5.89
N ALA A 33 -8.26 7.75 -5.54
CA ALA A 33 -6.81 7.93 -5.55
C ALA A 33 -6.14 7.02 -4.54
N PHE A 34 -6.80 6.80 -3.41
CA PHE A 34 -6.27 5.96 -2.36
C PHE A 34 -6.99 4.63 -2.30
N ALA A 35 -7.67 4.28 -3.40
CA ALA A 35 -8.41 3.03 -3.49
C ALA A 35 -7.49 1.81 -3.44
N PRO A 36 -6.35 1.83 -4.17
CA PRO A 36 -5.37 0.74 -4.11
C PRO A 36 -4.65 0.67 -2.75
N PHE A 37 -4.93 1.64 -1.89
CA PHE A 37 -4.30 1.69 -0.57
C PHE A 37 -5.20 1.02 0.46
N GLY A 38 -5.48 -0.26 0.25
CA GLY A 38 -6.33 -0.99 1.16
C GLY A 38 -7.81 -0.70 0.96
N PRO A 39 -8.70 -1.39 1.68
CA PRO A 39 -10.13 -1.16 1.62
C PRO A 39 -10.55 0.06 2.45
N ILE A 40 -11.11 1.05 1.80
CA ILE A 40 -11.60 2.25 2.48
C ILE A 40 -12.68 1.86 3.48
N LYS A 41 -12.45 2.12 4.75
CA LYS A 41 -13.43 1.81 5.78
C LYS A 41 -14.37 2.99 5.97
N SER A 42 -13.80 4.17 6.14
CA SER A 42 -14.57 5.36 6.38
C SER A 42 -13.76 6.62 6.08
N ILE A 43 -14.44 7.66 5.62
CA ILE A 43 -13.80 8.94 5.34
C ILE A 43 -14.60 10.06 5.97
N ASP A 44 -14.07 10.63 7.04
CA ASP A 44 -14.70 11.77 7.68
C ASP A 44 -14.03 13.05 7.20
N MET A 45 -14.80 13.91 6.56
CA MET A 45 -14.25 15.10 5.94
C MET A 45 -15.20 16.27 6.08
N SER A 46 -14.66 17.47 6.19
CA SER A 46 -15.46 18.67 6.38
C SER A 46 -16.10 19.12 5.06
N TRP A 47 -17.42 18.95 4.99
CA TRP A 47 -18.20 19.47 3.89
C TRP A 47 -18.96 20.70 4.34
N ASP A 48 -19.31 21.55 3.42
CA ASP A 48 -20.11 22.73 3.74
C ASP A 48 -21.56 22.51 3.35
N SER A 49 -22.28 21.91 4.31
CA SER A 49 -23.71 21.64 4.21
C SER A 49 -24.21 21.32 2.78
N VAL A 50 -24.95 22.25 2.20
CA VAL A 50 -25.65 22.01 0.93
C VAL A 50 -24.79 22.29 -0.30
N THR A 51 -23.83 23.21 -0.18
CA THR A 51 -23.10 23.68 -1.35
C THR A 51 -22.14 22.64 -1.91
N MET A 52 -21.57 21.82 -1.02
CA MET A 52 -20.60 20.79 -1.43
C MET A 52 -19.41 21.44 -2.14
N LYS A 53 -18.92 22.51 -1.55
CA LYS A 53 -17.80 23.25 -2.12
C LYS A 53 -16.51 22.74 -1.49
N HIS A 54 -16.62 22.26 -0.26
CA HIS A 54 -15.53 21.59 0.43
C HIS A 54 -14.31 22.51 0.62
N LYS A 55 -14.43 23.41 1.56
CA LYS A 55 -13.27 24.14 2.06
C LYS A 55 -12.87 23.54 3.40
N GLY A 56 -12.15 22.43 3.35
CA GLY A 56 -11.80 21.74 4.58
C GLY A 56 -10.84 20.60 4.35
N PHE A 57 -10.86 19.64 5.24
CA PHE A 57 -9.88 18.56 5.25
C PHE A 57 -10.59 17.21 5.24
N ALA A 58 -9.81 16.14 5.13
CA ALA A 58 -10.38 14.80 5.08
C ALA A 58 -9.56 13.80 5.89
N PHE A 59 -10.22 13.00 6.69
CA PHE A 59 -9.57 11.89 7.39
C PHE A 59 -10.09 10.58 6.84
N VAL A 60 -9.19 9.77 6.31
CA VAL A 60 -9.58 8.48 5.77
C VAL A 60 -8.96 7.35 6.58
N GLU A 61 -9.81 6.52 7.16
CA GLU A 61 -9.36 5.44 8.02
C GLU A 61 -9.45 4.11 7.28
N TYR A 62 -8.37 3.35 7.31
CA TYR A 62 -8.32 2.06 6.68
C TYR A 62 -8.26 0.96 7.72
N GLU A 63 -8.40 -0.28 7.26
CA GLU A 63 -8.28 -1.43 8.13
C GLU A 63 -6.93 -2.09 7.90
N VAL A 64 -6.05 -1.36 7.24
CA VAL A 64 -4.72 -1.85 6.91
C VAL A 64 -3.66 -0.80 7.23
N PRO A 65 -2.90 -1.01 8.31
CA PRO A 65 -1.82 -0.10 8.75
C PRO A 65 -0.75 0.11 7.69
N GLU A 66 -0.56 -0.88 6.82
CA GLU A 66 0.48 -0.80 5.78
C GLU A 66 0.22 0.38 4.85
N ALA A 67 -0.96 0.37 4.22
CA ALA A 67 -1.34 1.41 3.29
C ALA A 67 -1.39 2.78 3.96
N ALA A 68 -1.61 2.80 5.26
CA ALA A 68 -1.65 4.04 6.02
C ALA A 68 -0.29 4.75 5.96
N GLN A 69 0.78 4.02 6.29
CA GLN A 69 2.11 4.59 6.24
C GLN A 69 2.57 4.71 4.79
N LEU A 70 2.11 3.78 3.97
CA LEU A 70 2.38 3.81 2.53
C LEU A 70 1.93 5.13 1.92
N ALA A 71 0.70 5.51 2.22
CA ALA A 71 0.12 6.74 1.72
C ALA A 71 0.88 7.94 2.27
N LEU A 72 1.24 7.87 3.55
CA LEU A 72 1.93 8.94 4.25
C LEU A 72 3.28 9.23 3.57
N GLU A 73 4.00 8.18 3.21
CA GLU A 73 5.32 8.33 2.62
C GLU A 73 5.25 8.69 1.15
N GLN A 74 4.40 7.99 0.41
CA GLN A 74 4.39 8.10 -1.05
C GLN A 74 3.56 9.28 -1.56
N MET A 75 2.32 9.39 -1.09
CA MET A 75 1.41 10.39 -1.65
C MET A 75 1.74 11.79 -1.18
N ASN A 76 2.30 11.89 0.02
CA ASN A 76 2.73 13.17 0.56
C ASN A 76 3.89 13.74 -0.26
N SER A 77 4.61 12.85 -0.92
CA SER A 77 5.77 13.24 -1.73
C SER A 77 5.38 13.50 -3.18
N VAL A 78 4.11 13.30 -3.51
CA VAL A 78 3.66 13.44 -4.90
C VAL A 78 2.61 14.55 -5.01
N MET A 79 2.71 15.32 -6.09
CA MET A 79 1.74 16.38 -6.34
C MET A 79 0.70 15.93 -7.35
N LEU A 80 -0.55 15.88 -6.92
CA LEU A 80 -1.64 15.53 -7.81
C LEU A 80 -2.08 16.76 -8.59
N GLY A 81 -2.01 16.68 -9.92
CA GLY A 81 -2.27 17.83 -10.74
C GLY A 81 -1.16 18.86 -10.62
N GLY A 82 -1.30 19.73 -9.64
CA GLY A 82 -0.25 20.68 -9.31
C GLY A 82 -0.27 21.03 -7.84
N ARG A 83 -1.06 20.29 -7.08
CA ARG A 83 -1.26 20.56 -5.67
C ARG A 83 -0.40 19.65 -4.80
N ASN A 84 0.28 20.24 -3.84
CA ASN A 84 1.09 19.47 -2.90
C ASN A 84 0.21 18.99 -1.74
N ILE A 85 -0.38 17.83 -1.91
CA ILE A 85 -1.26 17.29 -0.89
C ILE A 85 -0.47 16.80 0.32
N LYS A 86 -1.02 17.02 1.50
CA LYS A 86 -0.39 16.55 2.72
C LYS A 86 -1.11 15.30 3.20
N VAL A 87 -0.45 14.16 3.10
CA VAL A 87 -1.03 12.90 3.53
C VAL A 87 -0.27 12.37 4.73
N GLY A 88 -0.92 12.38 5.88
CA GLY A 88 -0.29 11.92 7.09
C GLY A 88 0.12 13.06 7.99
N ARG A 89 -0.57 13.20 9.11
CA ARG A 89 -0.26 14.24 10.07
C ARG A 89 0.38 13.65 11.32
N PRO A 90 1.65 13.96 11.57
CA PRO A 90 2.37 13.53 12.78
C PRO A 90 1.79 14.18 14.04
N SER A 91 0.65 13.66 14.47
CA SER A 91 -0.09 14.25 15.58
C SER A 91 0.44 13.76 16.93
N ASN A 92 1.10 12.61 16.93
CA ASN A 92 1.55 12.02 18.17
C ASN A 92 3.05 11.79 18.14
N ILE A 93 3.77 12.49 19.00
CA ILE A 93 5.21 12.34 19.11
C ILE A 93 5.59 12.14 20.57
N GLY A 94 5.79 10.88 20.96
CA GLY A 94 6.15 10.60 22.33
C GLY A 94 5.43 9.38 22.89
N GLN A 95 4.12 9.34 22.68
CA GLN A 95 3.31 8.25 23.23
C GLN A 95 3.40 7.01 22.35
N ALA A 96 3.04 7.16 21.09
CA ALA A 96 3.02 6.03 20.16
C ALA A 96 4.34 5.90 19.42
N GLN A 97 5.15 6.95 19.47
CA GLN A 97 6.41 7.01 18.74
C GLN A 97 7.33 5.82 19.08
N PRO A 98 7.59 5.53 20.38
CA PRO A 98 8.41 4.38 20.78
C PRO A 98 7.76 3.06 20.39
N ILE A 99 6.43 3.02 20.45
CA ILE A 99 5.67 1.83 20.10
C ILE A 99 5.87 1.48 18.64
N ILE A 100 5.87 2.50 17.79
CA ILE A 100 6.10 2.32 16.37
C ILE A 100 7.47 1.70 16.12
N ASP A 101 8.48 2.22 16.82
CA ASP A 101 9.85 1.70 16.67
C ASP A 101 9.90 0.22 17.03
N GLN A 102 9.20 -0.14 18.11
CA GLN A 102 9.17 -1.52 18.58
C GLN A 102 8.61 -2.47 17.53
N LEU A 103 7.44 -2.14 16.98
CA LEU A 103 6.79 -3.01 16.02
C LEU A 103 7.46 -2.96 14.64
N ALA A 104 8.07 -1.83 14.31
CA ALA A 104 8.79 -1.69 13.05
C ALA A 104 10.10 -2.46 13.10
N GLU A 105 10.77 -2.39 14.25
CA GLU A 105 12.02 -3.11 14.46
C GLU A 105 11.79 -4.62 14.36
N GLU A 106 10.72 -5.08 14.98
CA GLU A 106 10.40 -6.49 14.99
C GLU A 106 9.95 -6.95 13.60
N ALA A 107 9.34 -6.04 12.85
CA ALA A 107 8.88 -6.34 11.50
C ALA A 107 10.04 -6.66 10.57
N ARG A 108 11.23 -6.19 10.92
CA ARG A 108 12.43 -6.44 10.11
C ARG A 108 12.72 -7.94 10.00
N ALA A 109 12.40 -8.68 11.06
CA ALA A 109 12.63 -10.12 11.07
C ALA A 109 11.72 -10.83 10.06
N PHE A 110 10.53 -10.27 9.87
CA PHE A 110 9.54 -10.86 8.97
C PHE A 110 9.75 -10.35 7.55
N ASN A 111 10.34 -9.15 7.43
CA ASN A 111 10.72 -8.56 6.13
C ASN A 111 9.69 -8.80 5.03
N ARG A 112 8.42 -8.55 5.36
CA ARG A 112 7.35 -8.67 4.39
C ARG A 112 7.19 -7.34 3.66
N ILE A 113 7.03 -7.40 2.35
CA ILE A 113 6.92 -6.19 1.55
C ILE A 113 5.47 -5.96 1.12
N TYR A 114 5.09 -4.70 1.02
CA TYR A 114 3.74 -4.33 0.66
C TYR A 114 3.73 -3.69 -0.71
N VAL A 115 2.73 -4.03 -1.51
CA VAL A 115 2.61 -3.47 -2.86
C VAL A 115 1.18 -3.05 -3.14
N ALA A 116 1.01 -1.80 -3.54
CA ALA A 116 -0.30 -1.25 -3.83
C ALA A 116 -0.34 -0.70 -5.25
N SER A 117 -1.50 -0.17 -5.63
CA SER A 117 -1.71 0.41 -6.95
C SER A 117 -1.60 -0.69 -8.00
N VAL A 118 -1.88 -1.91 -7.58
CA VAL A 118 -1.76 -3.07 -8.45
C VAL A 118 -2.84 -3.07 -9.52
N HIS A 119 -2.42 -3.26 -10.76
CA HIS A 119 -3.32 -3.23 -11.90
C HIS A 119 -4.41 -4.28 -11.77
N GLN A 120 -5.66 -3.87 -11.97
CA GLN A 120 -6.83 -4.71 -11.67
C GLN A 120 -6.74 -6.14 -12.22
N ASP A 121 -6.42 -6.28 -13.49
CA ASP A 121 -6.30 -7.61 -14.11
C ASP A 121 -5.00 -8.29 -13.70
N LEU A 122 -3.90 -7.54 -13.77
CA LEU A 122 -2.58 -8.03 -13.44
C LEU A 122 -2.52 -8.43 -11.95
N SER A 123 -2.60 -9.74 -11.69
CA SER A 123 -2.79 -10.27 -10.34
C SER A 123 -1.47 -10.56 -9.65
N ASP A 124 -1.52 -11.10 -8.44
CA ASP A 124 -0.31 -11.39 -7.67
C ASP A 124 0.61 -12.37 -8.37
N ASP A 125 0.02 -13.39 -9.01
CA ASP A 125 0.78 -14.33 -9.83
C ASP A 125 1.56 -13.58 -10.91
N ASP A 126 1.01 -12.47 -11.35
CA ASP A 126 1.66 -11.60 -12.32
C ASP A 126 2.73 -10.75 -11.63
N ILE A 127 2.31 -10.05 -10.57
CA ILE A 127 3.20 -9.17 -9.80
C ILE A 127 4.47 -9.90 -9.36
N LYS A 128 4.33 -11.21 -9.19
CA LYS A 128 5.45 -12.08 -8.82
C LYS A 128 6.66 -11.86 -9.75
N SER A 129 6.39 -11.51 -11.01
CA SER A 129 7.43 -11.30 -12.01
C SER A 129 8.54 -10.42 -11.50
N VAL A 130 8.16 -9.21 -11.17
CA VAL A 130 9.10 -8.17 -10.85
C VAL A 130 9.71 -8.39 -9.47
N PHE A 131 8.91 -8.90 -8.54
CA PHE A 131 9.41 -9.15 -7.18
C PHE A 131 10.42 -10.29 -7.18
N GLU A 132 10.08 -11.41 -7.82
CA GLU A 132 10.96 -12.57 -7.82
C GLU A 132 12.10 -12.39 -8.83
N ALA A 133 11.99 -11.38 -9.68
CA ALA A 133 13.05 -11.09 -10.64
C ALA A 133 14.29 -10.54 -9.95
N PHE A 134 14.09 -9.89 -8.81
CA PHE A 134 15.22 -9.34 -8.07
C PHE A 134 15.65 -10.35 -7.01
N GLY A 135 14.74 -10.61 -6.08
CA GLY A 135 15.01 -11.55 -5.01
C GLY A 135 14.06 -12.74 -5.07
N LYS A 136 14.26 -13.71 -4.19
CA LYS A 136 13.44 -14.90 -4.20
C LYS A 136 12.25 -14.77 -3.27
N ILE A 137 11.06 -14.83 -3.86
CA ILE A 137 9.82 -14.80 -3.10
C ILE A 137 9.59 -16.14 -2.42
N LYS A 138 9.14 -16.10 -1.18
CA LYS A 138 8.77 -17.31 -0.46
C LYS A 138 7.29 -17.59 -0.69
N SER A 139 6.48 -16.55 -0.58
CA SER A 139 5.05 -16.65 -0.82
C SER A 139 4.49 -15.27 -1.17
N CYS A 140 3.70 -15.21 -2.24
CA CYS A 140 3.09 -13.94 -2.64
C CYS A 140 1.58 -14.08 -2.65
N THR A 141 0.90 -13.16 -1.98
CA THR A 141 -0.55 -13.18 -1.86
C THR A 141 -1.15 -11.79 -1.91
N LEU A 142 -1.85 -11.49 -2.98
CA LEU A 142 -2.59 -10.24 -3.09
C LEU A 142 -4.07 -10.48 -2.82
N ALA A 143 -4.57 -9.87 -1.76
CA ALA A 143 -5.94 -10.10 -1.30
C ALA A 143 -6.96 -9.91 -2.41
N ARG A 144 -7.61 -11.00 -2.81
CA ARG A 144 -8.65 -10.93 -3.82
C ARG A 144 -10.01 -10.89 -3.15
N ASP A 145 -10.92 -10.15 -3.75
CA ASP A 145 -12.25 -9.98 -3.20
C ASP A 145 -13.18 -11.07 -3.71
N PRO A 146 -13.72 -11.90 -2.81
CA PRO A 146 -14.55 -13.05 -3.17
C PRO A 146 -15.90 -12.68 -3.76
N THR A 147 -16.37 -11.47 -3.49
CA THR A 147 -17.68 -11.05 -3.94
C THR A 147 -17.63 -10.41 -5.33
N THR A 148 -16.43 -10.01 -5.75
CA THR A 148 -16.23 -9.49 -7.10
C THR A 148 -15.59 -10.56 -7.98
N GLY A 149 -14.68 -11.33 -7.40
CA GLY A 149 -14.04 -12.39 -8.14
C GLY A 149 -12.65 -12.01 -8.63
N LYS A 150 -12.24 -10.79 -8.30
CA LYS A 150 -10.95 -10.28 -8.74
C LYS A 150 -10.16 -9.75 -7.55
N HIS A 151 -8.85 -9.67 -7.70
CA HIS A 151 -7.99 -9.19 -6.63
C HIS A 151 -8.13 -7.69 -6.45
N LYS A 152 -7.98 -7.24 -5.22
CA LYS A 152 -7.95 -5.81 -4.93
C LYS A 152 -6.57 -5.27 -5.28
N GLY A 153 -6.50 -3.97 -5.56
CA GLY A 153 -5.26 -3.37 -6.04
C GLY A 153 -4.17 -3.21 -4.99
N TYR A 154 -3.97 -4.23 -4.16
CA TYR A 154 -2.90 -4.24 -3.17
C TYR A 154 -2.67 -5.67 -2.69
N GLY A 155 -1.50 -5.93 -2.11
CA GLY A 155 -1.22 -7.26 -1.59
C GLY A 155 0.13 -7.33 -0.90
N PHE A 156 0.53 -8.53 -0.52
CA PHE A 156 1.76 -8.74 0.22
C PHE A 156 2.65 -9.77 -0.46
N ILE A 157 3.95 -9.50 -0.47
CA ILE A 157 4.93 -10.49 -0.90
C ILE A 157 5.86 -10.79 0.28
N GLU A 158 6.02 -12.07 0.58
CA GLU A 158 6.83 -12.48 1.70
C GLU A 158 8.16 -13.05 1.20
N TYR A 159 9.24 -12.36 1.53
CA TYR A 159 10.57 -12.80 1.15
C TYR A 159 11.16 -13.66 2.25
N GLU A 160 12.07 -14.55 1.87
CA GLU A 160 12.77 -15.38 2.84
C GLU A 160 14.07 -14.71 3.27
N LYS A 161 14.53 -13.76 2.46
CA LYS A 161 15.74 -13.02 2.75
C LYS A 161 15.43 -11.53 2.82
N ALA A 162 15.80 -10.91 3.94
CA ALA A 162 15.56 -9.49 4.17
C ALA A 162 16.26 -8.62 3.12
N GLN A 163 17.31 -9.17 2.51
CA GLN A 163 18.03 -8.47 1.46
C GLN A 163 17.13 -8.23 0.25
N SER A 164 16.37 -9.25 -0.14
CA SER A 164 15.52 -9.15 -1.32
C SER A 164 14.41 -8.13 -1.12
N SER A 165 13.92 -8.01 0.11
CA SER A 165 12.91 -7.02 0.43
C SER A 165 13.45 -5.60 0.19
N GLN A 166 14.75 -5.43 0.37
CA GLN A 166 15.38 -4.11 0.23
C GLN A 166 15.50 -3.69 -1.23
N ASP A 167 15.91 -4.61 -2.10
CA ASP A 167 16.05 -4.27 -3.51
C ASP A 167 14.68 -4.16 -4.18
N ALA A 168 13.70 -4.90 -3.64
CA ALA A 168 12.33 -4.81 -4.12
C ALA A 168 11.73 -3.43 -3.86
N VAL A 169 11.76 -2.99 -2.60
CA VAL A 169 11.17 -1.71 -2.22
C VAL A 169 11.80 -0.56 -3.00
N SER A 170 13.04 -0.73 -3.43
CA SER A 170 13.76 0.30 -4.15
C SER A 170 13.31 0.38 -5.62
N SER A 171 12.70 -0.70 -6.12
CA SER A 171 12.41 -0.79 -7.54
C SER A 171 10.91 -0.82 -7.83
N MET A 172 10.12 -1.41 -6.94
CA MET A 172 8.73 -1.76 -7.23
C MET A 172 7.77 -0.56 -7.22
N ASN A 173 8.30 0.64 -7.06
CA ASN A 173 7.47 1.83 -7.16
C ASN A 173 7.30 2.20 -8.63
N LEU A 174 8.38 2.04 -9.38
CA LEU A 174 8.44 2.38 -10.80
C LEU A 174 7.72 1.35 -11.67
N PHE A 175 7.31 0.24 -11.07
CA PHE A 175 6.62 -0.84 -11.77
C PHE A 175 5.40 -0.29 -12.53
N ASP A 176 5.61 0.05 -13.80
CA ASP A 176 4.58 0.67 -14.63
C ASP A 176 3.78 -0.39 -15.36
N LEU A 177 2.48 -0.35 -15.20
CA LEU A 177 1.60 -1.30 -15.85
C LEU A 177 0.48 -0.58 -16.59
N GLY A 178 0.77 -0.18 -17.82
CA GLY A 178 -0.25 0.47 -18.64
C GLY A 178 -0.41 1.93 -18.31
N GLY A 179 0.71 2.63 -18.16
CA GLY A 179 0.65 4.07 -17.95
C GLY A 179 0.46 4.44 -16.49
N GLN A 180 0.71 3.48 -15.60
CA GLN A 180 0.59 3.73 -14.17
C GLN A 180 1.72 3.04 -13.41
N TYR A 181 2.38 3.78 -12.54
CA TYR A 181 3.41 3.24 -11.68
C TYR A 181 2.77 2.75 -10.39
N LEU A 182 3.14 1.55 -9.96
CA LEU A 182 2.63 1.00 -8.72
C LEU A 182 3.23 1.70 -7.52
N ARG A 183 3.08 1.11 -6.36
CA ARG A 183 3.46 1.76 -5.12
C ARG A 183 3.95 0.73 -4.12
N VAL A 184 5.20 0.81 -3.74
CA VAL A 184 5.80 -0.18 -2.87
C VAL A 184 5.98 0.36 -1.45
N GLY A 185 5.86 -0.53 -0.48
CA GLY A 185 6.03 -0.15 0.91
C GLY A 185 6.49 -1.33 1.74
N LYS A 186 6.23 -1.28 3.05
CA LYS A 186 6.65 -2.34 3.94
C LYS A 186 5.46 -2.84 4.76
N ALA A 187 5.65 -3.90 5.54
CA ALA A 187 4.58 -4.44 6.37
C ALA A 187 4.03 -3.39 7.34
N VAL A 188 4.95 -2.64 7.96
CA VAL A 188 4.60 -1.52 8.82
C VAL A 188 4.20 -2.01 10.21
N THR A 189 3.25 -2.92 10.26
CA THR A 189 2.82 -3.48 11.51
C THR A 189 2.58 -4.98 11.39
N PRO A 190 3.26 -5.79 12.20
CA PRO A 190 3.11 -7.24 12.22
C PRO A 190 2.00 -7.68 13.17
N PRO A 191 0.91 -8.26 12.63
CA PRO A 191 -0.18 -8.80 13.44
C PRO A 191 0.27 -9.99 14.27
N MET A 192 0.10 -9.88 15.58
CA MET A 192 0.55 -10.93 16.49
C MET A 192 -0.57 -11.94 16.78
N PRO A 193 -0.42 -13.18 16.31
CA PRO A 193 -1.38 -14.24 16.58
C PRO A 193 -1.11 -14.95 17.92
N LEU A 194 0.13 -14.86 18.39
CA LEU A 194 0.52 -15.56 19.61
C LEU A 194 0.83 -14.55 20.73
N LEU A 195 -0.17 -14.31 21.56
CA LEU A 195 -0.04 -13.36 22.66
C LEU A 195 -1.19 -13.54 23.63
N THR A 196 -1.12 -12.88 24.78
CA THR A 196 -2.21 -12.90 25.72
C THR A 196 -3.01 -11.60 25.62
N PRO A 197 -4.23 -11.67 25.09
CA PRO A 197 -5.09 -10.50 24.89
C PRO A 197 -5.61 -9.92 26.20
N ALA A 198 -5.20 -8.71 26.51
CA ALA A 198 -5.60 -8.05 27.74
C ALA A 198 -6.71 -7.06 27.47
N THR A 199 -7.78 -7.54 26.85
CA THR A 199 -8.93 -6.70 26.55
C THR A 199 -10.21 -7.54 26.67
N GLY B 1 21.25 8.73 -11.89
CA GLY B 1 21.49 7.32 -12.23
C GLY B 1 20.93 6.37 -11.19
N ALA B 2 20.91 5.09 -11.52
CA ALA B 2 20.42 4.07 -10.60
C ALA B 2 21.57 3.53 -9.76
N MET B 3 21.24 2.82 -8.69
CA MET B 3 22.27 2.28 -7.80
C MET B 3 21.74 1.09 -7.01
N GLY B 4 22.61 0.52 -6.19
CA GLY B 4 22.23 -0.62 -5.37
C GLY B 4 22.20 -1.90 -6.17
N TYR B 5 21.02 -2.47 -6.30
CA TYR B 5 20.87 -3.69 -7.08
C TYR B 5 20.07 -3.39 -8.35
N VAL B 6 19.59 -2.15 -8.46
CA VAL B 6 18.79 -1.77 -9.61
C VAL B 6 19.67 -1.55 -10.83
N ASN B 7 19.73 -2.56 -11.66
CA ASN B 7 20.41 -2.48 -12.94
C ASN B 7 20.04 -3.69 -13.77
N ASP B 8 20.48 -4.86 -13.32
CA ASP B 8 20.30 -6.08 -14.09
C ASP B 8 18.95 -6.73 -13.81
N ALA B 9 18.74 -7.11 -12.55
CA ALA B 9 17.55 -7.88 -12.17
C ALA B 9 16.25 -7.16 -12.50
N PHE B 10 16.26 -5.83 -12.43
CA PHE B 10 15.06 -5.06 -12.69
C PHE B 10 14.74 -5.07 -14.18
N LYS B 11 15.74 -5.23 -15.02
CA LYS B 11 15.52 -5.37 -16.45
C LYS B 11 14.70 -6.63 -16.72
N ASP B 12 15.13 -7.72 -16.10
CA ASP B 12 14.41 -8.99 -16.17
C ASP B 12 12.99 -8.81 -15.67
N ALA B 13 12.86 -7.96 -14.66
CA ALA B 13 11.59 -7.68 -14.02
C ALA B 13 10.53 -7.26 -15.02
N LEU B 14 10.80 -6.21 -15.79
CA LEU B 14 9.78 -5.63 -16.66
C LEU B 14 9.58 -6.42 -17.93
N GLN B 15 10.57 -7.21 -18.30
CA GLN B 15 10.39 -8.17 -19.37
C GLN B 15 9.21 -9.08 -19.02
N ARG B 16 9.22 -9.53 -17.78
CA ARG B 16 8.14 -10.33 -17.24
C ARG B 16 6.92 -9.46 -16.96
N ALA B 17 7.17 -8.22 -16.57
CA ALA B 17 6.12 -7.28 -16.16
C ALA B 17 5.14 -6.95 -17.28
N ARG B 18 5.63 -6.69 -18.46
CA ARG B 18 4.73 -6.50 -19.56
C ARG B 18 4.25 -7.81 -20.16
N GLN B 19 5.05 -8.87 -20.03
CA GLN B 19 4.58 -10.21 -20.37
C GLN B 19 3.31 -10.55 -19.57
N ILE B 20 3.32 -10.26 -18.27
CA ILE B 20 2.15 -10.48 -17.41
C ILE B 20 1.00 -9.55 -17.82
N ALA B 21 1.34 -8.34 -18.23
CA ALA B 21 0.35 -7.38 -18.70
C ALA B 21 -0.18 -7.75 -20.08
N ALA B 22 0.48 -8.71 -20.73
CA ALA B 22 0.06 -9.16 -22.04
C ALA B 22 -0.97 -10.28 -21.93
N LYS B 23 -0.69 -11.28 -21.11
CA LYS B 23 -1.58 -12.43 -20.98
C LYS B 23 -2.71 -12.17 -19.99
N ILE B 24 -2.47 -11.32 -18.98
CA ILE B 24 -3.53 -10.90 -18.06
C ILE B 24 -4.00 -12.05 -17.16
N GLY B 25 -3.61 -11.99 -15.89
CA GLY B 25 -4.00 -13.00 -14.93
C GLY B 25 -5.33 -12.68 -14.25
N GLY B 26 -6.13 -11.85 -14.91
CA GLY B 26 -7.42 -11.48 -14.36
C GLY B 26 -8.56 -11.95 -15.23
N ASP B 27 -9.09 -11.05 -16.04
CA ASP B 27 -10.19 -11.39 -16.93
C ASP B 27 -9.72 -11.32 -18.39
N ALA B 28 -9.98 -12.38 -19.14
CA ALA B 28 -9.61 -12.43 -20.54
C ALA B 28 -10.85 -12.46 -21.41
N GLY B 29 -11.38 -11.28 -21.71
CA GLY B 29 -12.58 -11.19 -22.52
C GLY B 29 -12.31 -11.49 -23.98
N THR B 30 -11.65 -10.57 -24.67
CA THR B 30 -11.36 -10.72 -26.07
C THR B 30 -9.93 -11.22 -26.27
N SER B 31 -9.78 -12.52 -26.45
CA SER B 31 -8.47 -13.12 -26.66
C SER B 31 -8.62 -14.57 -27.12
N GLY A 1 4.87 -7.00 31.40
CA GLY A 1 4.08 -7.28 30.19
C GLY A 1 3.70 -6.01 29.45
N ALA A 2 3.19 -6.16 28.24
CA ALA A 2 2.80 -5.01 27.42
C ALA A 2 1.55 -5.32 26.61
N MET A 3 0.54 -5.87 27.27
CA MET A 3 -0.70 -6.25 26.59
C MET A 3 -1.85 -5.33 26.99
N ALA A 4 -1.55 -4.33 27.81
CA ALA A 4 -2.56 -3.42 28.32
C ALA A 4 -2.86 -2.30 27.32
N GLN A 5 -3.53 -2.65 26.24
CA GLN A 5 -4.03 -1.67 25.28
C GLN A 5 -5.14 -2.28 24.45
N ARG A 6 -6.01 -1.43 23.91
CA ARG A 6 -7.13 -1.90 23.09
C ARG A 6 -6.83 -1.72 21.62
N GLN A 7 -5.59 -2.07 21.22
CA GLN A 7 -5.14 -1.97 19.83
C GLN A 7 -5.32 -0.55 19.29
N ARG A 8 -5.20 0.43 20.20
CA ARG A 8 -5.39 1.84 19.87
C ARG A 8 -4.38 2.32 18.83
N ALA A 9 -3.20 1.71 18.84
CA ALA A 9 -2.14 2.07 17.90
C ALA A 9 -2.55 1.76 16.46
N LEU A 10 -3.27 0.65 16.28
CA LEU A 10 -3.68 0.20 14.96
C LEU A 10 -4.78 1.08 14.40
N ALA A 11 -5.59 1.65 15.29
CA ALA A 11 -6.68 2.53 14.87
C ALA A 11 -6.14 3.82 14.27
N ILE A 12 -5.00 4.26 14.79
CA ILE A 12 -4.38 5.49 14.30
C ILE A 12 -3.57 5.23 13.03
N MET A 13 -2.86 4.11 13.01
CA MET A 13 -2.00 3.76 11.88
C MET A 13 -2.78 3.58 10.57
N CYS A 14 -4.05 3.25 10.68
CA CYS A 14 -4.87 3.02 9.49
C CYS A 14 -5.61 4.29 9.07
N ARG A 15 -5.32 5.42 9.72
CA ARG A 15 -6.03 6.65 9.43
C ARG A 15 -5.07 7.79 9.12
N VAL A 16 -5.29 8.45 7.99
CA VAL A 16 -4.47 9.58 7.60
C VAL A 16 -5.31 10.85 7.45
N TYR A 17 -4.72 11.96 7.86
CA TYR A 17 -5.35 13.27 7.74
C TYR A 17 -5.04 13.86 6.37
N VAL A 18 -6.08 14.16 5.60
CA VAL A 18 -5.90 14.78 4.29
C VAL A 18 -6.40 16.21 4.31
N GLY A 19 -5.48 17.15 4.22
CA GLY A 19 -5.84 18.55 4.19
C GLY A 19 -5.63 19.15 2.82
N SER A 20 -5.98 20.43 2.69
CA SER A 20 -5.87 21.14 1.42
C SER A 20 -6.81 20.55 0.37
N ILE A 21 -8.06 20.35 0.76
CA ILE A 21 -9.07 19.80 -0.14
C ILE A 21 -9.45 20.82 -1.20
N TYR A 22 -9.18 22.09 -0.89
CA TYR A 22 -9.37 23.21 -1.82
C TYR A 22 -10.85 23.43 -2.13
N TYR A 23 -11.39 22.67 -3.08
CA TYR A 23 -12.76 22.86 -3.53
C TYR A 23 -13.18 21.77 -4.50
N GLU A 24 -12.41 21.63 -5.58
CA GLU A 24 -12.76 20.73 -6.67
C GLU A 24 -12.28 19.31 -6.42
N LEU A 25 -11.79 19.07 -5.21
CA LEU A 25 -11.35 17.73 -4.82
C LEU A 25 -12.41 17.09 -3.93
N GLY A 26 -12.87 15.91 -4.33
CA GLY A 26 -13.91 15.24 -3.58
C GLY A 26 -13.56 13.79 -3.30
N GLU A 27 -14.54 13.02 -2.85
CA GLU A 27 -14.33 11.60 -2.56
C GLU A 27 -13.87 10.88 -3.81
N ASP A 28 -14.40 11.31 -4.95
CA ASP A 28 -14.02 10.75 -6.25
C ASP A 28 -12.53 10.90 -6.48
N THR A 29 -12.01 12.06 -6.12
CA THR A 29 -10.61 12.36 -6.33
C THR A 29 -9.74 11.58 -5.35
N ILE A 30 -10.22 11.50 -4.11
CA ILE A 30 -9.51 10.79 -3.05
C ILE A 30 -9.44 9.29 -3.36
N ARG A 31 -10.58 8.74 -3.77
CA ARG A 31 -10.70 7.31 -4.02
C ARG A 31 -9.75 6.86 -5.15
N GLN A 32 -9.59 7.71 -6.15
CA GLN A 32 -8.74 7.39 -7.29
C GLN A 32 -7.26 7.54 -6.95
N ALA A 33 -6.95 8.55 -6.13
CA ALA A 33 -5.58 8.88 -5.80
C ALA A 33 -4.99 7.92 -4.77
N PHE A 34 -5.79 7.54 -3.79
CA PHE A 34 -5.30 6.71 -2.69
C PHE A 34 -5.57 5.22 -2.93
N ALA A 35 -6.09 4.90 -4.10
CA ALA A 35 -6.32 3.52 -4.49
C ALA A 35 -5.00 2.76 -4.70
N PRO A 36 -3.99 3.41 -5.35
CA PRO A 36 -2.62 2.88 -5.46
C PRO A 36 -1.97 2.55 -4.11
N PHE A 37 -2.66 2.81 -3.00
CA PHE A 37 -2.08 2.54 -1.70
C PHE A 37 -2.76 1.36 -1.02
N GLY A 38 -4.00 1.54 -0.60
CA GLY A 38 -4.74 0.45 -0.01
C GLY A 38 -6.21 0.53 -0.31
N PRO A 39 -7.03 -0.26 0.39
CA PRO A 39 -8.47 -0.27 0.21
C PRO A 39 -9.15 0.86 0.95
N ILE A 40 -9.74 1.79 0.20
CA ILE A 40 -10.52 2.86 0.80
C ILE A 40 -11.69 2.28 1.59
N LYS A 41 -11.59 2.34 2.91
CA LYS A 41 -12.59 1.71 3.76
C LYS A 41 -13.59 2.74 4.28
N SER A 42 -13.08 3.76 4.93
CA SER A 42 -13.94 4.79 5.51
C SER A 42 -13.35 6.17 5.23
N ILE A 43 -14.22 7.14 4.99
CA ILE A 43 -13.79 8.51 4.74
C ILE A 43 -14.62 9.48 5.56
N ASP A 44 -14.02 10.05 6.59
CA ASP A 44 -14.66 11.08 7.37
C ASP A 44 -14.34 12.42 6.76
N MET A 45 -15.25 12.93 5.93
CA MET A 45 -15.00 14.17 5.21
C MET A 45 -16.14 15.16 5.44
N SER A 46 -15.76 16.40 5.66
CA SER A 46 -16.74 17.46 5.83
C SER A 46 -17.28 17.89 4.48
N TRP A 47 -18.57 17.67 4.28
CA TRP A 47 -19.25 18.15 3.10
C TRP A 47 -20.22 19.25 3.49
N ASP A 48 -19.78 20.48 3.31
CA ASP A 48 -20.59 21.63 3.68
C ASP A 48 -21.60 21.93 2.59
N SER A 49 -22.76 21.29 2.72
CA SER A 49 -23.79 21.28 1.69
C SER A 49 -24.26 22.69 1.34
N VAL A 50 -24.38 23.55 2.34
CA VAL A 50 -24.92 24.90 2.15
C VAL A 50 -24.16 25.69 1.09
N THR A 51 -22.87 25.42 0.96
CA THR A 51 -22.05 26.13 -0.01
C THR A 51 -21.46 25.18 -1.04
N MET A 52 -21.58 23.88 -0.78
CA MET A 52 -20.97 22.84 -1.61
C MET A 52 -19.46 22.97 -1.60
N LYS A 53 -18.95 23.54 -0.51
CA LYS A 53 -17.53 23.73 -0.32
C LYS A 53 -17.02 22.80 0.77
N HIS A 54 -15.76 22.96 1.15
CA HIS A 54 -15.17 22.16 2.19
C HIS A 54 -14.55 23.05 3.24
N LYS A 55 -15.32 23.30 4.30
CA LYS A 55 -14.84 24.08 5.43
C LYS A 55 -14.07 23.17 6.37
N GLY A 56 -14.30 21.87 6.21
CA GLY A 56 -13.57 20.88 6.96
C GLY A 56 -12.75 19.99 6.04
N PHE A 57 -11.89 19.17 6.63
CA PHE A 57 -10.98 18.33 5.86
C PHE A 57 -11.41 16.86 5.93
N ALA A 58 -10.71 16.00 5.20
CA ALA A 58 -11.10 14.61 5.08
C ALA A 58 -10.11 13.68 5.78
N PHE A 59 -10.65 12.71 6.50
CA PHE A 59 -9.84 11.69 7.14
C PHE A 59 -10.03 10.36 6.42
N VAL A 60 -8.97 9.86 5.80
CA VAL A 60 -9.04 8.62 5.05
C VAL A 60 -8.60 7.46 5.92
N GLU A 61 -9.45 6.44 6.01
CA GLU A 61 -9.15 5.29 6.83
C GLU A 61 -9.12 4.02 5.98
N TYR A 62 -8.07 3.24 6.14
CA TYR A 62 -7.90 2.00 5.39
C TYR A 62 -8.08 0.80 6.32
N GLU A 63 -7.97 -0.39 5.74
CA GLU A 63 -7.96 -1.61 6.53
C GLU A 63 -6.51 -2.02 6.81
N VAL A 64 -5.59 -1.25 6.26
CA VAL A 64 -4.17 -1.56 6.31
C VAL A 64 -3.36 -0.32 6.68
N PRO A 65 -2.53 -0.42 7.73
CA PRO A 65 -1.64 0.67 8.16
C PRO A 65 -0.58 1.00 7.12
N GLU A 66 -0.09 -0.05 6.45
CA GLU A 66 0.91 0.10 5.39
C GLU A 66 0.42 1.02 4.28
N ALA A 67 -0.82 0.82 3.84
CA ALA A 67 -1.44 1.68 2.85
C ALA A 67 -1.44 3.14 3.30
N ALA A 68 -1.75 3.35 4.56
CA ALA A 68 -1.80 4.69 5.13
C ALA A 68 -0.41 5.32 5.15
N GLN A 69 0.59 4.53 5.50
CA GLN A 69 1.96 5.02 5.55
C GLN A 69 2.43 5.44 4.15
N LEU A 70 2.19 4.56 3.17
CA LEU A 70 2.59 4.84 1.79
C LEU A 70 1.85 6.07 1.27
N ALA A 71 0.57 6.16 1.61
CA ALA A 71 -0.24 7.32 1.24
C ALA A 71 0.36 8.59 1.82
N LEU A 72 0.77 8.51 3.07
CA LEU A 72 1.33 9.63 3.80
C LEU A 72 2.65 10.08 3.15
N GLU A 73 3.46 9.12 2.75
CA GLU A 73 4.77 9.44 2.19
C GLU A 73 4.70 9.84 0.72
N GLN A 74 4.00 9.07 -0.09
CA GLN A 74 4.04 9.26 -1.53
C GLN A 74 3.24 10.47 -1.98
N MET A 75 2.06 10.68 -1.38
CA MET A 75 1.22 11.81 -1.78
C MET A 75 1.69 13.11 -1.13
N ASN A 76 2.66 13.01 -0.25
CA ASN A 76 3.31 14.18 0.31
C ASN A 76 4.51 14.55 -0.57
N SER A 77 4.98 13.55 -1.32
CA SER A 77 6.10 13.75 -2.24
C SER A 77 5.60 14.16 -3.62
N VAL A 78 4.38 13.74 -3.94
CA VAL A 78 3.79 14.06 -5.24
C VAL A 78 2.58 14.96 -5.07
N MET A 79 2.71 16.21 -5.50
CA MET A 79 1.62 17.17 -5.40
C MET A 79 0.75 17.10 -6.65
N LEU A 80 -0.55 17.16 -6.45
CA LEU A 80 -1.49 17.14 -7.57
C LEU A 80 -1.52 18.52 -8.23
N GLY A 81 -1.70 18.52 -9.55
CA GLY A 81 -1.74 19.77 -10.31
C GLY A 81 -3.00 20.56 -10.07
N GLY A 82 -3.13 21.10 -8.88
CA GLY A 82 -4.28 21.89 -8.51
C GLY A 82 -4.10 22.54 -7.16
N ARG A 83 -3.63 21.75 -6.20
CA ARG A 83 -3.32 22.24 -4.87
C ARG A 83 -2.31 21.32 -4.20
N ASN A 84 -1.34 21.91 -3.52
CA ASN A 84 -0.38 21.12 -2.75
C ASN A 84 -1.06 20.59 -1.49
N ILE A 85 -1.60 19.38 -1.61
CA ILE A 85 -2.33 18.76 -0.52
C ILE A 85 -1.42 18.35 0.63
N LYS A 86 -2.01 18.20 1.81
CA LYS A 86 -1.28 17.75 2.98
C LYS A 86 -1.81 16.40 3.44
N VAL A 87 -1.01 15.37 3.26
CA VAL A 87 -1.43 14.02 3.59
C VAL A 87 -0.63 13.46 4.75
N GLY A 88 -1.29 13.26 5.87
CA GLY A 88 -0.65 12.62 7.00
C GLY A 88 -0.42 13.53 8.17
N ARG A 89 -0.75 13.04 9.35
CA ARG A 89 -0.47 13.72 10.61
C ARG A 89 -0.57 12.72 11.75
N PRO A 90 0.56 12.13 12.15
CA PRO A 90 0.60 11.09 13.18
C PRO A 90 -0.01 11.53 14.49
N SER A 91 0.25 12.79 14.87
CA SER A 91 -0.31 13.41 16.07
C SER A 91 0.30 12.83 17.35
N ASN A 92 0.29 11.51 17.48
CA ASN A 92 0.79 10.85 18.67
C ASN A 92 2.22 10.36 18.43
N ILE A 93 3.14 11.29 18.22
CA ILE A 93 4.54 10.95 18.03
C ILE A 93 5.24 10.92 19.38
N GLY A 94 4.72 10.11 20.29
CA GLY A 94 5.30 10.01 21.61
C GLY A 94 4.92 8.72 22.29
N GLN A 95 3.62 8.46 22.39
CA GLN A 95 3.13 7.24 23.03
C GLN A 95 3.17 6.08 22.04
N ALA A 96 2.64 6.31 20.86
CA ALA A 96 2.50 5.25 19.86
C ALA A 96 3.84 4.90 19.22
N GLN A 97 4.71 5.90 19.05
CA GLN A 97 5.98 5.72 18.33
C GLN A 97 6.80 4.53 18.85
N PRO A 98 7.09 4.43 20.16
CA PRO A 98 7.85 3.30 20.72
C PRO A 98 7.20 1.95 20.42
N ILE A 99 5.87 1.96 20.34
CA ILE A 99 5.11 0.75 20.05
C ILE A 99 5.28 0.36 18.58
N ILE A 100 5.24 1.38 17.72
CA ILE A 100 5.40 1.16 16.29
C ILE A 100 6.79 0.62 15.98
N ASP A 101 7.78 1.15 16.68
CA ASP A 101 9.16 0.69 16.53
C ASP A 101 9.27 -0.81 16.81
N GLN A 102 8.55 -1.26 17.82
CA GLN A 102 8.53 -2.68 18.18
C GLN A 102 7.82 -3.49 17.10
N LEU A 103 6.65 -3.00 16.69
CA LEU A 103 5.87 -3.66 15.65
C LEU A 103 6.69 -3.82 14.37
N ALA A 104 7.43 -2.78 14.02
CA ALA A 104 8.24 -2.79 12.82
C ALA A 104 9.36 -3.83 12.93
N GLU A 105 9.87 -4.03 14.12
CA GLU A 105 10.97 -4.96 14.33
C GLU A 105 10.49 -6.40 14.23
N GLU A 106 9.36 -6.71 14.85
CA GLU A 106 8.82 -8.06 14.80
C GLU A 106 8.26 -8.34 13.40
N ALA A 107 7.82 -7.29 12.71
CA ALA A 107 7.33 -7.42 11.36
C ALA A 107 8.47 -7.74 10.39
N ARG A 108 9.63 -7.10 10.61
CA ARG A 108 10.78 -7.31 9.75
C ARG A 108 11.36 -8.71 9.99
N ALA A 109 11.04 -9.29 11.14
CA ALA A 109 11.48 -10.63 11.48
C ALA A 109 10.84 -11.65 10.56
N PHE A 110 9.69 -11.30 10.00
CA PHE A 110 9.00 -12.18 9.07
C PHE A 110 9.44 -11.86 7.65
N ASN A 111 10.05 -10.69 7.50
CA ASN A 111 10.62 -10.22 6.23
C ASN A 111 9.53 -10.12 5.16
N ARG A 112 8.38 -9.62 5.56
CA ARG A 112 7.27 -9.44 4.63
C ARG A 112 7.17 -7.97 4.24
N ILE A 113 6.96 -7.72 2.95
CA ILE A 113 6.87 -6.37 2.45
C ILE A 113 5.48 -6.11 1.86
N TYR A 114 5.18 -4.85 1.59
CA TYR A 114 3.86 -4.44 1.17
C TYR A 114 3.91 -3.82 -0.23
N VAL A 115 3.29 -4.48 -1.18
CA VAL A 115 3.25 -3.97 -2.55
C VAL A 115 1.84 -3.49 -2.89
N ALA A 116 1.76 -2.21 -3.25
CA ALA A 116 0.50 -1.58 -3.58
C ALA A 116 0.54 -1.00 -5.00
N SER A 117 -0.58 -0.38 -5.39
CA SER A 117 -0.73 0.23 -6.71
C SER A 117 -0.82 -0.87 -7.78
N VAL A 118 -1.07 -2.09 -7.32
CA VAL A 118 -1.16 -3.24 -8.20
C VAL A 118 -2.31 -3.06 -9.17
N HIS A 119 -2.00 -3.12 -10.46
CA HIS A 119 -3.01 -2.94 -11.49
C HIS A 119 -4.09 -4.00 -11.35
N GLN A 120 -5.35 -3.59 -11.47
CA GLN A 120 -6.48 -4.42 -11.05
C GLN A 120 -6.62 -5.72 -11.85
N ASP A 121 -6.06 -5.76 -13.07
CA ASP A 121 -6.26 -6.92 -13.94
C ASP A 121 -5.35 -8.09 -13.57
N LEU A 122 -4.06 -7.84 -13.37
CA LEU A 122 -3.10 -8.92 -13.15
C LEU A 122 -3.08 -9.36 -11.67
N SER A 123 -2.82 -10.66 -11.46
CA SER A 123 -3.05 -11.32 -10.17
C SER A 123 -1.74 -11.65 -9.43
N ASP A 124 -1.88 -12.34 -8.29
CA ASP A 124 -0.75 -12.69 -7.42
C ASP A 124 0.39 -13.36 -8.19
N ASP A 125 0.06 -14.39 -8.97
CA ASP A 125 1.05 -15.11 -9.77
C ASP A 125 1.78 -14.15 -10.70
N ASP A 126 1.09 -13.10 -11.09
CA ASP A 126 1.63 -12.12 -12.02
C ASP A 126 2.63 -11.19 -11.32
N ILE A 127 2.20 -10.53 -10.26
CA ILE A 127 3.07 -9.59 -9.53
C ILE A 127 4.29 -10.32 -8.98
N LYS A 128 4.14 -11.63 -8.80
CA LYS A 128 5.23 -12.50 -8.40
C LYS A 128 6.42 -12.38 -9.37
N SER A 129 6.13 -12.11 -10.65
CA SER A 129 7.16 -12.00 -11.69
C SER A 129 8.30 -11.10 -11.27
N VAL A 130 7.96 -9.86 -11.02
CA VAL A 130 8.94 -8.83 -10.79
C VAL A 130 9.69 -9.05 -9.49
N PHE A 131 8.96 -9.34 -8.42
CA PHE A 131 9.58 -9.57 -7.12
C PHE A 131 10.51 -10.78 -7.16
N GLU A 132 10.08 -11.84 -7.82
CA GLU A 132 10.85 -13.08 -7.87
C GLU A 132 12.02 -12.96 -8.84
N ALA A 133 11.91 -12.06 -9.81
CA ALA A 133 12.95 -11.89 -10.82
C ALA A 133 14.23 -11.34 -10.19
N PHE A 134 14.07 -10.59 -9.10
CA PHE A 134 15.23 -10.04 -8.40
C PHE A 134 15.78 -11.11 -7.46
N GLY A 135 14.90 -11.62 -6.60
CA GLY A 135 15.30 -12.63 -5.64
C GLY A 135 14.22 -13.68 -5.47
N LYS A 136 14.61 -14.87 -5.04
CA LYS A 136 13.68 -15.99 -4.94
C LYS A 136 12.60 -15.74 -3.89
N ILE A 137 11.39 -16.16 -4.24
CA ILE A 137 10.22 -15.89 -3.43
C ILE A 137 10.06 -16.94 -2.35
N LYS A 138 9.54 -16.52 -1.20
CA LYS A 138 9.25 -17.45 -0.11
C LYS A 138 7.75 -17.64 0.02
N SER A 139 7.03 -16.52 0.10
CA SER A 139 5.59 -16.52 0.17
C SER A 139 5.03 -15.34 -0.61
N CYS A 140 3.91 -15.54 -1.28
CA CYS A 140 3.25 -14.45 -1.98
C CYS A 140 1.74 -14.61 -1.92
N THR A 141 1.04 -13.54 -1.60
CA THR A 141 -0.40 -13.53 -1.59
C THR A 141 -0.92 -12.13 -1.90
N LEU A 142 -1.38 -11.95 -3.13
CA LEU A 142 -1.96 -10.68 -3.55
C LEU A 142 -3.43 -10.64 -3.13
N ALA A 143 -3.81 -9.55 -2.47
CA ALA A 143 -5.15 -9.43 -1.91
C ALA A 143 -6.20 -9.30 -3.01
N ARG A 144 -7.30 -10.00 -2.83
CA ARG A 144 -8.42 -9.92 -3.75
C ARG A 144 -9.73 -10.01 -2.97
N ASP A 145 -10.80 -9.51 -3.58
CA ASP A 145 -12.11 -9.48 -2.96
C ASP A 145 -12.70 -10.88 -2.88
N PRO A 146 -12.76 -11.45 -1.68
CA PRO A 146 -13.20 -12.84 -1.49
C PRO A 146 -14.70 -13.02 -1.78
N THR A 147 -15.47 -11.98 -1.51
CA THR A 147 -16.92 -12.03 -1.70
C THR A 147 -17.31 -11.45 -3.06
N THR A 148 -16.32 -10.94 -3.79
CA THR A 148 -16.59 -10.31 -5.08
C THR A 148 -15.98 -11.12 -6.23
N GLY A 149 -14.76 -11.61 -6.02
CA GLY A 149 -14.09 -12.38 -7.05
C GLY A 149 -13.03 -11.58 -7.77
N LYS A 150 -13.08 -10.26 -7.59
CA LYS A 150 -12.10 -9.37 -8.21
C LYS A 150 -10.89 -9.23 -7.29
N HIS A 151 -9.93 -8.41 -7.68
CA HIS A 151 -8.66 -8.34 -6.98
C HIS A 151 -8.32 -6.91 -6.55
N LYS A 152 -7.81 -6.80 -5.32
CA LYS A 152 -7.44 -5.51 -4.73
C LYS A 152 -6.09 -5.03 -5.24
N GLY A 153 -5.91 -3.73 -5.33
CA GLY A 153 -4.68 -3.17 -5.87
C GLY A 153 -3.52 -3.17 -4.86
N TYR A 154 -3.38 -4.24 -4.10
CA TYR A 154 -2.29 -4.37 -3.13
C TYR A 154 -2.16 -5.81 -2.66
N GLY A 155 -1.02 -6.14 -2.07
CA GLY A 155 -0.81 -7.49 -1.56
C GLY A 155 0.42 -7.57 -0.68
N PHE A 156 0.67 -8.75 -0.12
CA PHE A 156 1.81 -8.96 0.76
C PHE A 156 2.74 -10.03 0.19
N ILE A 157 4.03 -9.75 0.21
CA ILE A 157 5.03 -10.68 -0.32
C ILE A 157 6.15 -10.89 0.68
N GLU A 158 6.62 -12.12 0.80
CA GLU A 158 7.61 -12.50 1.79
C GLU A 158 8.84 -13.10 1.14
N TYR A 159 10.01 -12.62 1.55
CA TYR A 159 11.28 -13.13 1.04
C TYR A 159 11.95 -14.00 2.10
N GLU A 160 12.78 -14.94 1.65
CA GLU A 160 13.55 -15.78 2.56
C GLU A 160 14.84 -15.09 2.95
N LYS A 161 15.20 -14.08 2.17
CA LYS A 161 16.41 -13.31 2.42
C LYS A 161 16.04 -11.83 2.56
N ALA A 162 16.42 -11.23 3.68
CA ALA A 162 16.12 -9.83 3.92
C ALA A 162 16.89 -8.93 2.98
N GLN A 163 18.01 -9.44 2.47
CA GLN A 163 18.80 -8.75 1.47
C GLN A 163 17.99 -8.53 0.20
N SER A 164 17.18 -9.53 -0.15
CA SER A 164 16.40 -9.49 -1.37
C SER A 164 15.23 -8.52 -1.26
N SER A 165 14.64 -8.44 -0.07
CA SER A 165 13.55 -7.53 0.19
C SER A 165 13.97 -6.07 -0.04
N GLN A 166 15.22 -5.77 0.27
CA GLN A 166 15.72 -4.39 0.20
C GLN A 166 15.91 -3.91 -1.24
N ASP A 167 16.36 -4.79 -2.13
CA ASP A 167 16.53 -4.39 -3.52
C ASP A 167 15.19 -4.40 -4.25
N ALA A 168 14.26 -5.21 -3.77
CA ALA A 168 12.91 -5.22 -4.30
C ALA A 168 12.20 -3.90 -4.01
N VAL A 169 12.20 -3.50 -2.74
CA VAL A 169 11.49 -2.28 -2.32
C VAL A 169 12.04 -1.03 -2.99
N SER A 170 13.30 -1.05 -3.38
CA SER A 170 13.92 0.12 -3.99
C SER A 170 13.65 0.18 -5.50
N SER A 171 13.16 -0.92 -6.07
CA SER A 171 12.91 -0.96 -7.51
C SER A 171 11.42 -1.12 -7.84
N MET A 172 10.68 -1.81 -6.98
CA MET A 172 9.29 -2.16 -7.27
C MET A 172 8.34 -0.97 -7.27
N ASN A 173 8.85 0.21 -6.94
CA ASN A 173 8.04 1.43 -7.06
C ASN A 173 7.94 1.81 -8.54
N LEU A 174 9.00 1.49 -9.26
CA LEU A 174 9.09 1.75 -10.69
C LEU A 174 8.30 0.73 -11.50
N PHE A 175 7.85 -0.34 -10.82
CA PHE A 175 7.09 -1.42 -11.46
C PHE A 175 5.93 -0.86 -12.27
N ASP A 176 6.09 -0.88 -13.58
CA ASP A 176 5.10 -0.33 -14.49
C ASP A 176 4.04 -1.35 -14.84
N LEU A 177 2.79 -0.98 -14.62
CA LEU A 177 1.68 -1.82 -15.00
C LEU A 177 0.64 -1.01 -15.77
N GLY A 178 0.85 -0.92 -17.08
CA GLY A 178 -0.12 -0.27 -17.94
C GLY A 178 0.13 1.23 -18.06
N GLY A 179 1.31 1.68 -17.65
CA GLY A 179 1.64 3.08 -17.75
C GLY A 179 1.51 3.81 -16.42
N GLN A 180 1.63 3.06 -15.34
CA GLN A 180 1.60 3.64 -14.01
C GLN A 180 2.62 2.96 -13.12
N TYR A 181 3.26 3.75 -12.26
CA TYR A 181 4.24 3.21 -11.34
C TYR A 181 3.55 2.60 -10.13
N LEU A 182 4.06 1.47 -9.68
CA LEU A 182 3.56 0.82 -8.50
C LEU A 182 4.11 1.49 -7.25
N ARG A 183 3.78 0.95 -6.09
CA ARG A 183 4.21 1.54 -4.83
C ARG A 183 4.56 0.44 -3.85
N VAL A 184 5.81 0.32 -3.50
CA VAL A 184 6.23 -0.75 -2.61
C VAL A 184 6.82 -0.19 -1.32
N GLY A 185 6.37 -0.72 -0.20
CA GLY A 185 6.86 -0.29 1.08
C GLY A 185 7.14 -1.48 1.97
N LYS A 186 7.23 -1.22 3.27
CA LYS A 186 7.53 -2.26 4.23
C LYS A 186 6.34 -2.51 5.14
N ALA A 187 6.41 -3.58 5.90
CA ALA A 187 5.39 -3.89 6.87
C ALA A 187 5.75 -3.24 8.18
N VAL A 188 4.94 -2.28 8.56
CA VAL A 188 5.18 -1.50 9.76
C VAL A 188 4.65 -2.24 10.97
N THR A 189 3.59 -2.99 10.74
CA THR A 189 3.00 -3.82 11.77
C THR A 189 2.73 -5.20 11.18
N PRO A 190 2.96 -6.27 11.94
CA PRO A 190 2.69 -7.64 11.49
C PRO A 190 1.20 -7.86 11.18
N PRO A 191 0.86 -7.98 9.89
CA PRO A 191 -0.52 -8.14 9.46
C PRO A 191 -1.04 -9.55 9.69
N MET A 192 -1.23 -9.89 10.96
CA MET A 192 -1.75 -11.19 11.35
C MET A 192 -3.26 -11.11 11.57
N PRO A 193 -4.05 -11.72 10.68
CA PRO A 193 -5.52 -11.66 10.72
C PRO A 193 -6.09 -12.23 12.02
N LEU A 194 -7.05 -11.54 12.59
CA LEU A 194 -7.68 -11.97 13.82
C LEU A 194 -9.14 -12.34 13.55
N LEU A 195 -9.46 -13.62 13.73
CA LEU A 195 -10.79 -14.11 13.40
C LEU A 195 -11.72 -14.08 14.61
N THR A 196 -11.14 -13.87 15.79
CA THR A 196 -11.92 -13.87 17.02
C THR A 196 -12.12 -12.45 17.56
N PRO A 197 -13.36 -11.98 17.62
CA PRO A 197 -13.71 -10.68 18.18
C PRO A 197 -13.83 -10.73 19.70
N ALA A 198 -12.97 -9.98 20.39
CA ALA A 198 -12.96 -9.96 21.84
C ALA A 198 -13.99 -8.98 22.39
N THR A 199 -15.22 -9.10 21.92
CA THR A 199 -16.31 -8.27 22.40
C THR A 199 -17.64 -8.99 22.18
N GLY B 1 17.67 10.35 -13.41
CA GLY B 1 16.52 9.45 -13.56
C GLY B 1 16.72 8.13 -12.85
N ALA B 2 15.87 7.16 -13.15
CA ALA B 2 15.95 5.86 -12.52
C ALA B 2 16.95 4.96 -13.22
N MET B 3 18.21 5.06 -12.81
CA MET B 3 19.29 4.22 -13.35
C MET B 3 20.18 3.74 -12.23
N GLY B 4 21.13 2.87 -12.56
CA GLY B 4 22.11 2.42 -11.58
C GLY B 4 21.60 1.31 -10.68
N TYR B 5 20.50 1.56 -9.98
CA TYR B 5 19.96 0.60 -9.03
C TYR B 5 19.13 -0.47 -9.72
N VAL B 6 19.67 -1.69 -9.68
CA VAL B 6 18.98 -2.88 -10.21
C VAL B 6 18.61 -2.69 -11.69
N ASN B 7 19.55 -2.20 -12.47
CA ASN B 7 19.33 -2.02 -13.91
C ASN B 7 19.62 -3.32 -14.67
N ASP B 8 19.47 -4.44 -13.97
CA ASP B 8 19.78 -5.75 -14.54
C ASP B 8 18.71 -6.77 -14.17
N ALA B 9 18.53 -7.00 -12.87
CA ALA B 9 17.53 -7.96 -12.40
C ALA B 9 16.11 -7.45 -12.65
N PHE B 10 15.93 -6.14 -12.50
CA PHE B 10 14.63 -5.52 -12.69
C PHE B 10 14.26 -5.52 -14.17
N LYS B 11 15.25 -5.72 -15.03
CA LYS B 11 15.00 -5.83 -16.47
C LYS B 11 14.15 -7.06 -16.75
N ASP B 12 14.60 -8.19 -16.20
CA ASP B 12 13.88 -9.45 -16.31
C ASP B 12 12.47 -9.28 -15.75
N ALA B 13 12.40 -8.51 -14.67
CA ALA B 13 11.16 -8.21 -13.97
C ALA B 13 10.06 -7.76 -14.93
N LEU B 14 10.29 -6.68 -15.67
CA LEU B 14 9.21 -6.08 -16.47
C LEU B 14 8.99 -6.80 -17.78
N GLN B 15 9.96 -7.59 -18.20
CA GLN B 15 9.74 -8.51 -19.30
C GLN B 15 8.55 -9.40 -18.94
N ARG B 16 8.61 -9.90 -17.72
CA ARG B 16 7.53 -10.68 -17.16
C ARG B 16 6.34 -9.79 -16.80
N ALA B 17 6.63 -8.58 -16.33
CA ALA B 17 5.58 -7.65 -15.85
C ALA B 17 4.57 -7.29 -16.94
N ARG B 18 5.02 -6.98 -18.12
CA ARG B 18 4.07 -6.74 -19.17
C ARG B 18 3.54 -8.04 -19.79
N GLN B 19 4.32 -9.12 -19.72
CA GLN B 19 3.79 -10.43 -20.08
C GLN B 19 2.56 -10.75 -19.22
N ILE B 20 2.66 -10.49 -17.92
CA ILE B 20 1.56 -10.74 -16.98
C ILE B 20 0.41 -9.78 -17.27
N ALA B 21 0.74 -8.59 -17.75
CA ALA B 21 -0.27 -7.61 -18.15
C ALA B 21 -1.03 -8.08 -19.39
N ALA B 22 -0.31 -8.56 -20.38
CA ALA B 22 -0.91 -9.03 -21.62
C ALA B 22 -1.67 -10.33 -21.39
N LYS B 23 -1.18 -11.12 -20.44
CA LYS B 23 -1.81 -12.39 -20.08
C LYS B 23 -3.14 -12.12 -19.34
N ILE B 24 -3.29 -10.88 -18.87
CA ILE B 24 -4.50 -10.43 -18.17
C ILE B 24 -4.49 -10.90 -16.71
N GLY B 25 -4.53 -12.21 -16.49
CA GLY B 25 -4.51 -12.73 -15.14
C GLY B 25 -5.42 -13.93 -14.97
N GLY B 26 -6.55 -13.72 -14.31
CA GLY B 26 -7.47 -14.81 -14.04
C GLY B 26 -8.53 -14.95 -15.11
N ASP B 27 -8.29 -14.32 -16.25
CA ASP B 27 -9.22 -14.35 -17.36
C ASP B 27 -8.49 -14.82 -18.61
N ALA B 28 -8.45 -16.12 -18.81
CA ALA B 28 -7.67 -16.70 -19.91
C ALA B 28 -8.56 -17.43 -20.92
N GLY B 29 -9.57 -16.72 -21.41
CA GLY B 29 -10.42 -17.27 -22.46
C GLY B 29 -11.16 -18.53 -22.08
N THR B 30 -12.29 -18.37 -21.40
CA THR B 30 -13.14 -19.51 -21.06
C THR B 30 -13.88 -20.00 -22.31
N SER B 31 -13.17 -20.73 -23.15
CA SER B 31 -13.72 -21.26 -24.38
C SER B 31 -12.76 -22.31 -24.93
N GLY A 1 -1.35 -0.16 34.82
CA GLY A 1 -2.08 0.60 33.78
C GLY A 1 -1.64 0.21 32.39
N ALA A 2 -2.18 0.91 31.39
CA ALA A 2 -1.83 0.68 29.99
C ALA A 2 -2.19 -0.74 29.54
N MET A 3 -3.49 -1.00 29.43
CA MET A 3 -3.97 -2.28 28.90
C MET A 3 -4.34 -2.16 27.44
N ALA A 4 -3.85 -1.10 26.80
CA ALA A 4 -4.06 -0.90 25.37
C ALA A 4 -3.09 -1.75 24.58
N GLN A 5 -3.53 -2.96 24.23
CA GLN A 5 -2.68 -3.92 23.55
C GLN A 5 -2.23 -3.39 22.19
N ARG A 6 -3.19 -3.11 21.32
CA ARG A 6 -2.88 -2.58 19.99
C ARG A 6 -4.10 -1.97 19.32
N GLN A 7 -5.09 -1.58 20.10
CA GLN A 7 -6.25 -0.89 19.52
C GLN A 7 -6.03 0.61 19.49
N ARG A 8 -5.84 1.21 20.67
CA ARG A 8 -5.66 2.66 20.78
C ARG A 8 -4.58 3.18 19.85
N ALA A 9 -3.45 2.49 19.81
CA ALA A 9 -2.32 2.91 18.99
C ALA A 9 -2.62 2.75 17.51
N LEU A 10 -3.10 1.57 17.13
CA LEU A 10 -3.36 1.27 15.73
C LEU A 10 -4.53 2.08 15.18
N ALA A 11 -5.44 2.48 16.07
CA ALA A 11 -6.58 3.30 15.66
C ALA A 11 -6.11 4.59 15.01
N ILE A 12 -4.99 5.12 15.49
CA ILE A 12 -4.40 6.31 14.93
C ILE A 12 -3.57 5.96 13.70
N MET A 13 -2.90 4.81 13.77
CA MET A 13 -2.00 4.36 12.72
C MET A 13 -2.75 3.95 11.45
N CYS A 14 -3.99 3.48 11.61
CA CYS A 14 -4.75 2.95 10.49
C CYS A 14 -5.41 4.05 9.67
N ARG A 15 -5.17 5.30 10.01
CA ARG A 15 -5.80 6.39 9.29
C ARG A 15 -4.83 7.53 9.05
N VAL A 16 -4.92 8.12 7.87
CA VAL A 16 -4.02 9.21 7.49
C VAL A 16 -4.76 10.55 7.48
N TYR A 17 -4.06 11.58 7.94
CA TYR A 17 -4.58 12.93 7.91
C TYR A 17 -4.33 13.55 6.54
N VAL A 18 -5.41 13.87 5.84
CA VAL A 18 -5.32 14.58 4.58
C VAL A 18 -5.66 16.04 4.79
N GLY A 19 -4.67 16.91 4.66
CA GLY A 19 -4.88 18.33 4.86
C GLY A 19 -4.82 19.11 3.57
N SER A 20 -5.64 20.17 3.50
CA SER A 20 -5.68 21.08 2.36
C SER A 20 -6.40 20.45 1.16
N ILE A 21 -5.93 19.28 0.76
CA ILE A 21 -6.52 18.52 -0.35
C ILE A 21 -6.29 19.21 -1.69
N TYR A 22 -7.11 20.20 -1.99
CA TYR A 22 -7.10 20.89 -3.28
C TYR A 22 -8.21 21.92 -3.31
N TYR A 23 -9.39 21.46 -3.67
CA TYR A 23 -10.60 22.28 -3.71
C TYR A 23 -11.74 21.43 -4.24
N GLU A 24 -11.75 21.25 -5.56
CA GLU A 24 -12.84 20.55 -6.23
C GLU A 24 -12.55 19.05 -6.33
N LEU A 25 -12.08 18.47 -5.24
CA LEU A 25 -11.91 17.04 -5.17
C LEU A 25 -13.06 16.42 -4.41
N GLY A 26 -13.74 15.48 -5.03
CA GLY A 26 -14.87 14.84 -4.41
C GLY A 26 -14.43 13.70 -3.51
N GLU A 27 -15.37 13.16 -2.75
CA GLU A 27 -15.08 12.07 -1.84
C GLU A 27 -14.65 10.84 -2.63
N ASP A 28 -15.41 10.50 -3.67
CA ASP A 28 -15.08 9.36 -4.52
C ASP A 28 -13.73 9.58 -5.22
N THR A 29 -13.42 10.85 -5.49
CA THR A 29 -12.15 11.20 -6.10
C THR A 29 -10.98 10.75 -5.22
N ILE A 30 -11.05 11.08 -3.94
CA ILE A 30 -10.04 10.67 -2.98
C ILE A 30 -10.18 9.19 -2.66
N ARG A 31 -11.43 8.72 -2.65
CA ARG A 31 -11.73 7.31 -2.43
C ARG A 31 -10.99 6.43 -3.44
N GLN A 32 -11.03 6.83 -4.70
CA GLN A 32 -10.38 6.07 -5.76
C GLN A 32 -8.87 6.23 -5.72
N ALA A 33 -8.40 7.40 -5.27
CA ALA A 33 -6.97 7.66 -5.18
C ALA A 33 -6.33 6.72 -4.16
N PHE A 34 -7.05 6.46 -3.07
CA PHE A 34 -6.56 5.57 -2.03
C PHE A 34 -7.19 4.18 -2.15
N ALA A 35 -7.87 3.94 -3.27
CA ALA A 35 -8.57 2.68 -3.50
C ALA A 35 -7.58 1.51 -3.68
N PRO A 36 -6.50 1.69 -4.47
CA PRO A 36 -5.46 0.67 -4.59
C PRO A 36 -4.61 0.57 -3.33
N PHE A 37 -4.80 1.52 -2.40
CA PHE A 37 -4.02 1.55 -1.17
C PHE A 37 -4.83 1.01 -0.01
N GLY A 38 -5.16 -0.27 -0.07
CA GLY A 38 -5.91 -0.90 1.00
C GLY A 38 -7.40 -0.70 0.83
N PRO A 39 -8.22 -1.29 1.73
CA PRO A 39 -9.66 -1.15 1.69
C PRO A 39 -10.15 0.02 2.52
N ILE A 40 -10.74 1.01 1.86
CA ILE A 40 -11.31 2.17 2.52
C ILE A 40 -12.34 1.74 3.56
N LYS A 41 -12.06 2.00 4.83
CA LYS A 41 -12.93 1.55 5.90
C LYS A 41 -13.89 2.66 6.32
N SER A 42 -13.33 3.81 6.67
CA SER A 42 -14.13 4.92 7.14
C SER A 42 -13.67 6.22 6.46
N ILE A 43 -14.63 7.04 6.05
CA ILE A 43 -14.33 8.30 5.39
C ILE A 43 -14.90 9.47 6.18
N ASP A 44 -14.06 10.44 6.50
CA ASP A 44 -14.53 11.65 7.17
C ASP A 44 -13.97 12.89 6.49
N MET A 45 -14.85 13.81 6.11
CA MET A 45 -14.44 15.01 5.40
C MET A 45 -15.33 16.19 5.74
N SER A 46 -14.74 17.38 5.74
CA SER A 46 -15.50 18.61 5.81
C SER A 46 -16.06 18.93 4.43
N TRP A 47 -17.36 19.23 4.36
CA TRP A 47 -18.01 19.50 3.08
C TRP A 47 -18.88 20.75 3.12
N ASP A 48 -19.00 21.40 1.97
CA ASP A 48 -19.97 22.45 1.77
C ASP A 48 -20.85 22.12 0.58
N SER A 49 -21.95 21.42 0.86
CA SER A 49 -22.95 21.07 -0.15
C SER A 49 -22.39 20.12 -1.22
N VAL A 50 -23.21 19.85 -2.23
CA VAL A 50 -22.79 19.01 -3.36
C VAL A 50 -21.72 19.74 -4.19
N THR A 51 -21.68 21.06 -4.06
CA THR A 51 -20.77 21.92 -4.81
C THR A 51 -19.29 21.72 -4.44
N MET A 52 -19.03 20.67 -3.64
CA MET A 52 -17.68 20.20 -3.30
C MET A 52 -16.72 21.31 -2.89
N LYS A 53 -17.22 22.29 -2.14
CA LYS A 53 -16.36 23.30 -1.56
C LYS A 53 -15.94 22.85 -0.16
N HIS A 54 -14.68 23.05 0.20
CA HIS A 54 -14.18 22.61 1.51
C HIS A 54 -12.77 23.13 1.80
N LYS A 55 -11.76 22.49 1.22
CA LYS A 55 -10.35 22.82 1.50
C LYS A 55 -10.06 22.75 3.01
N GLY A 56 -10.69 21.81 3.69
CA GLY A 56 -10.47 21.67 5.12
C GLY A 56 -9.55 20.50 5.41
N PHE A 57 -10.13 19.44 5.96
CA PHE A 57 -9.37 18.23 6.22
C PHE A 57 -10.14 17.00 5.76
N ALA A 58 -9.44 15.89 5.68
CA ALA A 58 -10.05 14.62 5.34
C ALA A 58 -9.36 13.51 6.11
N PHE A 59 -10.13 12.60 6.67
CA PHE A 59 -9.57 11.48 7.39
C PHE A 59 -9.85 10.19 6.65
N VAL A 60 -8.82 9.62 6.05
CA VAL A 60 -8.95 8.34 5.38
C VAL A 60 -8.61 7.23 6.36
N GLU A 61 -9.63 6.57 6.87
CA GLU A 61 -9.46 5.59 7.93
C GLU A 61 -9.61 4.18 7.39
N TYR A 62 -8.61 3.35 7.65
CA TYR A 62 -8.62 1.96 7.22
C TYR A 62 -8.79 1.05 8.42
N GLU A 63 -8.77 -0.24 8.15
CA GLU A 63 -8.78 -1.25 9.20
C GLU A 63 -7.41 -1.92 9.26
N VAL A 64 -6.52 -1.49 8.36
CA VAL A 64 -5.17 -2.03 8.28
C VAL A 64 -4.15 -0.89 8.14
N PRO A 65 -3.20 -0.82 9.07
CA PRO A 65 -2.16 0.20 9.07
C PRO A 65 -1.20 0.10 7.87
N GLU A 66 -1.12 -1.09 7.25
CA GLU A 66 -0.28 -1.29 6.08
C GLU A 66 -0.59 -0.25 5.01
N ALA A 67 -1.82 -0.30 4.50
CA ALA A 67 -2.31 0.65 3.53
C ALA A 67 -2.11 2.10 3.97
N ALA A 68 -2.40 2.37 5.24
CA ALA A 68 -2.34 3.72 5.77
C ALA A 68 -0.92 4.27 5.69
N GLN A 69 0.04 3.51 6.21
CA GLN A 69 1.43 3.94 6.23
C GLN A 69 1.99 4.02 4.82
N LEU A 70 1.54 3.10 3.97
CA LEU A 70 1.99 3.06 2.58
C LEU A 70 1.52 4.31 1.85
N ALA A 71 0.23 4.58 1.96
CA ALA A 71 -0.37 5.75 1.32
C ALA A 71 0.24 7.03 1.88
N LEU A 72 0.54 6.99 3.18
CA LEU A 72 1.18 8.11 3.87
C LEU A 72 2.51 8.45 3.21
N GLU A 73 3.44 7.50 3.21
CA GLU A 73 4.79 7.77 2.74
C GLU A 73 4.83 8.04 1.23
N GLN A 74 4.04 7.30 0.47
CA GLN A 74 4.07 7.42 -0.99
C GLN A 74 3.54 8.77 -1.47
N MET A 75 2.38 9.19 -0.97
CA MET A 75 1.75 10.41 -1.47
C MET A 75 2.31 11.65 -0.79
N ASN A 76 2.97 11.47 0.35
CA ASN A 76 3.64 12.58 1.01
C ASN A 76 4.85 13.02 0.20
N SER A 77 5.49 12.05 -0.43
CA SER A 77 6.66 12.31 -1.26
C SER A 77 6.22 12.62 -2.69
N VAL A 78 5.29 11.83 -3.20
CA VAL A 78 4.77 12.01 -4.54
C VAL A 78 3.43 12.73 -4.48
N MET A 79 3.46 14.05 -4.62
CA MET A 79 2.27 14.87 -4.50
C MET A 79 1.27 14.58 -5.61
N LEU A 80 0.06 15.10 -5.45
CA LEU A 80 -1.01 14.90 -6.41
C LEU A 80 -0.84 15.85 -7.60
N GLY A 81 0.14 15.55 -8.45
CA GLY A 81 0.44 16.42 -9.57
C GLY A 81 1.12 17.69 -9.10
N GLY A 82 0.53 18.83 -9.44
CA GLY A 82 1.08 20.09 -9.01
C GLY A 82 0.47 20.57 -7.71
N ARG A 83 -0.26 19.67 -7.05
CA ARG A 83 -0.93 20.02 -5.81
C ARG A 83 -0.18 19.44 -4.62
N ASN A 84 0.26 20.32 -3.72
CA ASN A 84 0.91 19.89 -2.50
C ASN A 84 -0.13 19.43 -1.49
N ILE A 85 -0.08 18.15 -1.15
CA ILE A 85 -1.01 17.58 -0.20
C ILE A 85 -0.29 17.22 1.10
N LYS A 86 -0.98 17.39 2.21
CA LYS A 86 -0.46 16.96 3.49
C LYS A 86 -1.12 15.65 3.88
N VAL A 87 -0.35 14.58 3.87
CA VAL A 87 -0.86 13.26 4.23
C VAL A 87 0.10 12.53 5.16
N GLY A 88 -0.26 12.46 6.42
CA GLY A 88 0.55 11.72 7.38
C GLY A 88 0.94 12.55 8.57
N ARG A 89 1.92 12.06 9.33
CA ARG A 89 2.41 12.71 10.55
C ARG A 89 1.28 12.91 11.56
N PRO A 90 1.05 11.90 12.43
CA PRO A 90 -0.07 11.88 13.38
C PRO A 90 -0.07 13.06 14.36
N SER A 91 1.07 13.76 14.44
CA SER A 91 1.21 14.94 15.30
C SER A 91 1.31 14.54 16.77
N ASN A 92 0.25 13.91 17.30
CA ASN A 92 0.22 13.50 18.69
C ASN A 92 0.91 12.15 18.87
N ILE A 93 2.24 12.17 18.74
CA ILE A 93 3.03 10.97 18.89
C ILE A 93 3.59 10.89 20.31
N GLY A 94 4.45 9.92 20.56
CA GLY A 94 5.03 9.77 21.88
C GLY A 94 4.41 8.63 22.66
N GLN A 95 3.09 8.60 22.70
CA GLN A 95 2.38 7.55 23.42
C GLN A 95 2.37 6.28 22.60
N ALA A 96 2.13 6.42 21.30
CA ALA A 96 2.13 5.28 20.39
C ALA A 96 3.47 5.17 19.67
N GLN A 97 4.42 6.01 20.08
CA GLN A 97 5.74 6.05 19.45
C GLN A 97 6.48 4.71 19.60
N PRO A 98 6.55 4.14 20.83
CA PRO A 98 7.16 2.82 21.03
C PRO A 98 6.52 1.75 20.15
N ILE A 99 5.21 1.87 19.97
CA ILE A 99 4.44 0.91 19.18
C ILE A 99 4.90 0.96 17.73
N ILE A 100 5.16 2.17 17.24
CA ILE A 100 5.67 2.36 15.89
C ILE A 100 6.97 1.58 15.70
N ASP A 101 7.88 1.73 16.66
CA ASP A 101 9.17 1.07 16.62
C ASP A 101 9.01 -0.45 16.71
N GLN A 102 8.25 -0.89 17.72
CA GLN A 102 8.06 -2.31 17.99
C GLN A 102 7.48 -3.05 16.78
N LEU A 103 6.48 -2.46 16.14
CA LEU A 103 5.84 -3.08 15.00
C LEU A 103 6.76 -3.11 13.79
N ALA A 104 7.22 -1.93 13.39
CA ALA A 104 8.00 -1.78 12.17
C ALA A 104 9.31 -2.56 12.22
N GLU A 105 9.88 -2.68 13.41
CA GLU A 105 11.14 -3.38 13.58
C GLU A 105 10.92 -4.90 13.48
N GLU A 106 9.90 -5.39 14.17
CA GLU A 106 9.61 -6.82 14.18
C GLU A 106 9.21 -7.31 12.79
N ALA A 107 8.60 -6.43 12.00
CA ALA A 107 8.20 -6.76 10.64
C ALA A 107 9.42 -7.06 9.77
N ARG A 108 10.57 -6.51 10.15
CA ARG A 108 11.81 -6.70 9.39
C ARG A 108 12.27 -8.15 9.46
N ALA A 109 11.88 -8.83 10.53
CA ALA A 109 12.27 -10.22 10.75
C ALA A 109 11.54 -11.16 9.78
N PHE A 110 10.47 -10.67 9.18
CA PHE A 110 9.68 -11.46 8.25
C PHE A 110 9.98 -11.06 6.81
N ASN A 111 10.71 -9.95 6.67
CA ASN A 111 11.15 -9.43 5.37
C ASN A 111 9.98 -9.24 4.41
N ARG A 112 8.81 -8.96 4.95
CA ARG A 112 7.61 -8.90 4.12
C ARG A 112 7.36 -7.48 3.64
N ILE A 113 7.01 -7.37 2.37
CA ILE A 113 6.77 -6.10 1.73
C ILE A 113 5.30 -5.98 1.37
N TYR A 114 4.78 -4.76 1.42
CA TYR A 114 3.39 -4.51 1.12
C TYR A 114 3.28 -3.80 -0.22
N VAL A 115 2.53 -4.42 -1.13
CA VAL A 115 2.39 -3.91 -2.48
C VAL A 115 0.96 -3.45 -2.77
N ALA A 116 0.82 -2.20 -3.15
CA ALA A 116 -0.47 -1.65 -3.50
C ALA A 116 -0.46 -1.11 -4.92
N SER A 117 -1.60 -0.61 -5.38
CA SER A 117 -1.76 -0.02 -6.72
C SER A 117 -1.64 -1.10 -7.79
N VAL A 118 -1.95 -2.32 -7.41
CA VAL A 118 -1.90 -3.46 -8.32
C VAL A 118 -2.99 -3.32 -9.39
N HIS A 119 -2.65 -3.65 -10.63
CA HIS A 119 -3.60 -3.56 -11.71
C HIS A 119 -4.71 -4.58 -11.52
N GLN A 120 -5.95 -4.14 -11.63
CA GLN A 120 -7.10 -4.94 -11.21
C GLN A 120 -7.09 -6.36 -11.78
N ASP A 121 -6.77 -6.52 -13.06
CA ASP A 121 -6.70 -7.85 -13.66
C ASP A 121 -5.39 -8.56 -13.34
N LEU A 122 -4.28 -7.85 -13.49
CA LEU A 122 -2.94 -8.39 -13.26
C LEU A 122 -2.84 -8.99 -11.85
N SER A 123 -2.66 -10.30 -11.77
CA SER A 123 -2.83 -11.05 -10.53
C SER A 123 -1.50 -11.24 -9.77
N ASP A 124 -1.55 -11.99 -8.67
CA ASP A 124 -0.39 -12.16 -7.78
C ASP A 124 0.78 -12.82 -8.51
N ASP A 125 0.51 -13.85 -9.29
CA ASP A 125 1.57 -14.52 -10.04
C ASP A 125 2.13 -13.59 -11.11
N ASP A 126 1.30 -12.66 -11.58
CA ASP A 126 1.77 -11.59 -12.46
C ASP A 126 2.76 -10.71 -11.69
N ILE A 127 2.29 -10.13 -10.59
CA ILE A 127 3.10 -9.23 -9.76
C ILE A 127 4.39 -9.91 -9.29
N LYS A 128 4.35 -11.24 -9.21
CA LYS A 128 5.52 -12.03 -8.83
C LYS A 128 6.71 -11.77 -9.76
N SER A 129 6.42 -11.49 -11.03
CA SER A 129 7.45 -11.27 -12.05
C SER A 129 8.51 -10.31 -11.58
N VAL A 130 8.05 -9.14 -11.22
CA VAL A 130 8.92 -8.05 -10.90
C VAL A 130 9.58 -8.25 -9.55
N PHE A 131 8.80 -8.57 -8.53
CA PHE A 131 9.34 -8.76 -7.19
C PHE A 131 10.38 -9.88 -7.15
N GLU A 132 10.09 -10.97 -7.86
CA GLU A 132 10.98 -12.13 -7.85
C GLU A 132 12.23 -11.87 -8.68
N ALA A 133 12.12 -10.97 -9.66
CA ALA A 133 13.24 -10.65 -10.53
C ALA A 133 14.39 -10.03 -9.75
N PHE A 134 14.08 -9.30 -8.69
CA PHE A 134 15.12 -8.72 -7.85
C PHE A 134 15.48 -9.70 -6.74
N GLY A 135 14.49 -10.06 -5.93
CA GLY A 135 14.70 -10.97 -4.83
C GLY A 135 13.72 -12.13 -4.87
N LYS A 136 14.11 -13.25 -4.29
CA LYS A 136 13.27 -14.44 -4.35
C LYS A 136 12.19 -14.44 -3.28
N ILE A 137 11.02 -14.91 -3.67
CA ILE A 137 9.82 -14.83 -2.84
C ILE A 137 9.49 -16.17 -2.21
N LYS A 138 9.18 -16.16 -0.91
CA LYS A 138 8.78 -17.35 -0.19
C LYS A 138 7.30 -17.60 -0.39
N SER A 139 6.51 -16.54 -0.23
CA SER A 139 5.07 -16.62 -0.42
C SER A 139 4.57 -15.30 -0.98
N CYS A 140 3.67 -15.39 -1.95
CA CYS A 140 3.09 -14.21 -2.57
C CYS A 140 1.58 -14.36 -2.66
N THR A 141 0.85 -13.31 -2.32
CA THR A 141 -0.59 -13.35 -2.38
C THR A 141 -1.18 -11.94 -2.48
N LEU A 142 -2.21 -11.81 -3.30
CA LEU A 142 -2.98 -10.58 -3.38
C LEU A 142 -4.36 -10.84 -2.80
N ALA A 143 -4.80 -9.98 -1.88
CA ALA A 143 -6.08 -10.15 -1.24
C ALA A 143 -7.22 -10.08 -2.25
N ARG A 144 -8.15 -11.00 -2.15
CA ARG A 144 -9.26 -11.07 -3.09
C ARG A 144 -10.43 -10.22 -2.63
N ASP A 145 -11.25 -9.85 -3.59
CA ASP A 145 -12.44 -9.06 -3.34
C ASP A 145 -13.67 -9.92 -3.62
N PRO A 146 -14.26 -10.49 -2.55
CA PRO A 146 -15.41 -11.39 -2.67
C PRO A 146 -16.66 -10.65 -3.09
N THR A 147 -16.67 -9.35 -2.82
CA THR A 147 -17.81 -8.51 -3.09
C THR A 147 -18.08 -8.41 -4.60
N THR A 148 -17.04 -8.17 -5.37
CA THR A 148 -17.19 -8.05 -6.81
C THR A 148 -16.91 -9.38 -7.51
N GLY A 149 -15.99 -10.16 -6.94
CA GLY A 149 -15.59 -11.40 -7.57
C GLY A 149 -14.27 -11.25 -8.29
N LYS A 150 -13.33 -10.58 -7.65
CA LYS A 150 -12.04 -10.27 -8.24
C LYS A 150 -10.97 -10.24 -7.17
N HIS A 151 -9.80 -9.72 -7.49
CA HIS A 151 -8.77 -9.53 -6.48
C HIS A 151 -8.55 -8.02 -6.28
N LYS A 152 -8.21 -7.66 -5.05
CA LYS A 152 -8.00 -6.26 -4.71
C LYS A 152 -6.65 -5.80 -5.27
N GLY A 153 -6.54 -4.51 -5.56
CA GLY A 153 -5.30 -3.96 -6.08
C GLY A 153 -4.22 -3.78 -5.03
N TYR A 154 -4.06 -4.76 -4.16
CA TYR A 154 -3.00 -4.76 -3.15
C TYR A 154 -2.79 -6.17 -2.60
N GLY A 155 -1.63 -6.40 -2.02
CA GLY A 155 -1.33 -7.70 -1.45
C GLY A 155 -0.04 -7.71 -0.67
N PHE A 156 0.48 -8.90 -0.40
CA PHE A 156 1.68 -9.05 0.41
C PHE A 156 2.70 -9.94 -0.29
N ILE A 157 3.95 -9.55 -0.25
CA ILE A 157 5.04 -10.34 -0.79
C ILE A 157 6.03 -10.68 0.33
N GLU A 158 6.36 -11.95 0.47
CA GLU A 158 7.26 -12.38 1.51
C GLU A 158 8.65 -12.69 0.95
N TYR A 159 9.62 -11.89 1.34
CA TYR A 159 11.00 -12.12 0.97
C TYR A 159 11.71 -12.91 2.06
N GLU A 160 12.78 -13.58 1.70
CA GLU A 160 13.62 -14.25 2.68
C GLU A 160 14.75 -13.33 3.11
N LYS A 161 14.98 -12.29 2.31
CA LYS A 161 16.07 -11.38 2.56
C LYS A 161 15.56 -9.94 2.58
N ALA A 162 15.74 -9.29 3.72
CA ALA A 162 15.28 -7.92 3.92
C ALA A 162 15.97 -6.96 2.94
N GLN A 163 17.16 -7.35 2.49
CA GLN A 163 17.91 -6.55 1.53
C GLN A 163 17.15 -6.49 0.20
N SER A 164 16.58 -7.63 -0.19
CA SER A 164 15.84 -7.70 -1.44
C SER A 164 14.52 -6.94 -1.32
N SER A 165 13.92 -6.99 -0.13
CA SER A 165 12.73 -6.21 0.16
C SER A 165 12.96 -4.72 -0.12
N GLN A 166 14.07 -4.18 0.38
CA GLN A 166 14.36 -2.75 0.26
C GLN A 166 14.55 -2.35 -1.20
N ASP A 167 15.22 -3.19 -1.97
CA ASP A 167 15.41 -2.92 -3.40
C ASP A 167 14.07 -2.89 -4.11
N ALA A 168 13.22 -3.89 -3.80
CA ALA A 168 11.88 -3.95 -4.36
C ALA A 168 11.09 -2.69 -3.99
N VAL A 169 11.21 -2.26 -2.74
CA VAL A 169 10.54 -1.04 -2.28
C VAL A 169 10.99 0.19 -3.08
N SER A 170 12.26 0.21 -3.46
CA SER A 170 12.84 1.37 -4.12
C SER A 170 12.68 1.29 -5.64
N SER A 171 12.16 0.17 -6.12
CA SER A 171 12.01 -0.02 -7.56
C SER A 171 10.54 -0.15 -7.96
N MET A 172 9.80 -0.96 -7.22
CA MET A 172 8.45 -1.35 -7.59
C MET A 172 7.45 -0.19 -7.60
N ASN A 173 7.82 0.93 -7.00
CA ASN A 173 6.94 2.10 -7.03
C ASN A 173 6.95 2.73 -8.42
N LEU A 174 8.04 2.53 -9.14
CA LEU A 174 8.14 2.96 -10.53
C LEU A 174 7.47 2.02 -11.51
N PHE A 175 7.04 0.85 -11.03
CA PHE A 175 6.46 -0.20 -11.88
C PHE A 175 5.25 0.32 -12.65
N ASP A 176 5.49 0.81 -13.87
CA ASP A 176 4.43 1.35 -14.72
C ASP A 176 3.65 0.20 -15.34
N LEU A 177 2.47 -0.03 -14.80
CA LEU A 177 1.66 -1.14 -15.23
C LEU A 177 0.39 -0.64 -15.92
N GLY A 178 0.49 -0.41 -17.21
CA GLY A 178 -0.66 -0.05 -18.02
C GLY A 178 -1.31 1.25 -17.59
N GLY A 179 -0.51 2.25 -17.26
CA GLY A 179 -1.07 3.56 -16.98
C GLY A 179 -0.78 4.05 -15.57
N GLN A 180 -0.47 3.14 -14.66
CA GLN A 180 -0.19 3.55 -13.29
C GLN A 180 1.06 2.89 -12.75
N TYR A 181 1.87 3.69 -12.06
CA TYR A 181 3.04 3.19 -11.36
C TYR A 181 2.60 2.54 -10.06
N LEU A 182 3.06 1.32 -9.84
CA LEU A 182 2.76 0.57 -8.63
C LEU A 182 3.28 1.32 -7.41
N ARG A 183 2.91 0.88 -6.22
CA ARG A 183 3.31 1.56 -5.01
C ARG A 183 3.59 0.55 -3.91
N VAL A 184 4.85 0.46 -3.51
CA VAL A 184 5.26 -0.55 -2.53
C VAL A 184 5.95 0.07 -1.32
N GLY A 185 6.13 -0.74 -0.29
CA GLY A 185 6.81 -0.31 0.90
C GLY A 185 6.82 -1.38 1.96
N LYS A 186 7.12 -1.01 3.19
CA LYS A 186 7.14 -1.97 4.28
C LYS A 186 5.73 -2.37 4.68
N ALA A 187 5.58 -3.61 5.14
CA ALA A 187 4.30 -4.09 5.64
C ALA A 187 3.96 -3.40 6.96
N VAL A 188 4.98 -2.79 7.56
CA VAL A 188 4.84 -1.98 8.77
C VAL A 188 4.56 -2.85 10.00
N THR A 189 3.43 -3.51 10.01
CA THR A 189 3.07 -4.40 11.10
C THR A 189 3.41 -5.84 10.74
N PRO A 190 4.05 -6.58 11.66
CA PRO A 190 4.37 -7.99 11.45
C PRO A 190 3.12 -8.85 11.30
N PRO A 191 2.88 -9.36 10.08
CA PRO A 191 1.70 -10.17 9.80
C PRO A 191 1.70 -11.51 10.54
N MET A 192 0.80 -11.62 11.51
CA MET A 192 0.60 -12.82 12.33
C MET A 192 1.93 -13.48 12.77
N PRO A 193 2.61 -12.91 13.77
CA PRO A 193 3.76 -13.56 14.39
C PRO A 193 3.34 -14.82 15.11
N LEU A 194 2.08 -14.82 15.55
CA LEU A 194 1.43 -15.97 16.15
C LEU A 194 0.16 -16.27 15.37
N LEU A 195 -0.78 -16.98 15.98
CA LEU A 195 -2.06 -17.29 15.36
C LEU A 195 -1.86 -18.15 14.11
N THR A 196 -0.85 -19.00 14.15
CA THR A 196 -0.58 -19.91 13.05
C THR A 196 -1.20 -21.28 13.33
N PRO A 197 -2.31 -21.60 12.63
CA PRO A 197 -3.03 -22.86 12.82
C PRO A 197 -2.32 -24.04 12.14
N ALA A 198 -1.10 -24.29 12.55
CA ALA A 198 -0.32 -25.39 12.01
C ALA A 198 -0.49 -26.64 12.86
N THR A 199 -1.31 -27.57 12.37
CA THR A 199 -1.55 -28.81 13.07
C THR A 199 -1.61 -29.98 12.09
N GLY B 1 27.71 -0.11 -2.42
CA GLY B 1 27.49 -1.38 -1.68
C GLY B 1 26.58 -2.33 -2.43
N ALA B 2 26.48 -3.56 -1.96
CA ALA B 2 25.71 -4.59 -2.65
C ALA B 2 24.24 -4.56 -2.24
N MET B 3 23.68 -3.36 -2.12
CA MET B 3 22.27 -3.19 -1.77
C MET B 3 21.39 -3.86 -2.81
N GLY B 4 21.65 -3.52 -4.07
CA GLY B 4 20.88 -4.03 -5.16
C GLY B 4 21.04 -3.17 -6.40
N TYR B 5 21.47 -3.76 -7.49
CA TYR B 5 21.62 -3.04 -8.73
C TYR B 5 20.30 -3.03 -9.47
N VAL B 6 19.51 -2.01 -9.17
CA VAL B 6 18.14 -1.93 -9.61
C VAL B 6 18.04 -1.79 -11.13
N ASN B 7 18.99 -1.10 -11.74
CA ASN B 7 18.99 -0.92 -13.20
C ASN B 7 19.53 -2.15 -13.90
N ASP B 8 19.59 -3.25 -13.14
CA ASP B 8 19.99 -4.55 -13.68
C ASP B 8 18.87 -5.55 -13.50
N ALA B 9 18.37 -5.66 -12.27
CA ALA B 9 17.33 -6.62 -11.94
C ALA B 9 15.95 -6.13 -12.34
N PHE B 10 15.67 -4.85 -12.11
CA PHE B 10 14.36 -4.29 -12.36
C PHE B 10 14.06 -4.24 -13.86
N LYS B 11 15.11 -4.30 -14.67
CA LYS B 11 14.94 -4.37 -16.11
C LYS B 11 14.35 -5.73 -16.48
N ASP B 12 14.93 -6.79 -15.93
CA ASP B 12 14.43 -8.15 -16.11
C ASP B 12 13.00 -8.21 -15.63
N ALA B 13 12.77 -7.53 -14.52
CA ALA B 13 11.45 -7.42 -13.91
C ALA B 13 10.41 -7.00 -14.92
N LEU B 14 10.68 -5.91 -15.64
CA LEU B 14 9.66 -5.28 -16.48
C LEU B 14 9.48 -5.97 -17.81
N GLN B 15 10.47 -6.73 -18.24
CA GLN B 15 10.28 -7.60 -19.39
C GLN B 15 9.16 -8.56 -19.07
N ARG B 16 9.21 -9.09 -17.85
CA ARG B 16 8.17 -9.96 -17.33
C ARG B 16 6.91 -9.14 -16.98
N ALA B 17 7.12 -7.88 -16.60
CA ALA B 17 6.05 -7.02 -16.12
C ALA B 17 5.01 -6.72 -17.18
N ARG B 18 5.42 -6.30 -18.35
CA ARG B 18 4.44 -6.12 -19.40
C ARG B 18 4.07 -7.43 -20.06
N GLN B 19 4.95 -8.42 -20.01
CA GLN B 19 4.57 -9.79 -20.36
C GLN B 19 3.30 -10.19 -19.60
N ILE B 20 3.31 -9.99 -18.28
CA ILE B 20 2.13 -10.30 -17.44
C ILE B 20 0.97 -9.36 -17.79
N ALA B 21 1.29 -8.14 -18.19
CA ALA B 21 0.29 -7.16 -18.58
C ALA B 21 -0.42 -7.57 -19.86
N ALA B 22 0.24 -8.42 -20.65
CA ALA B 22 -0.36 -8.95 -21.86
C ALA B 22 -1.13 -10.23 -21.54
N LYS B 23 -0.71 -10.91 -20.49
CA LYS B 23 -1.33 -12.15 -20.05
C LYS B 23 -2.67 -11.87 -19.39
N ILE B 24 -2.66 -11.02 -18.36
CA ILE B 24 -3.88 -10.56 -17.70
C ILE B 24 -4.60 -11.69 -16.96
N GLY B 25 -4.48 -11.69 -15.65
CA GLY B 25 -5.20 -12.65 -14.84
C GLY B 25 -4.33 -13.80 -14.39
N GLY B 26 -4.81 -14.55 -13.41
CA GLY B 26 -4.07 -15.70 -12.92
C GLY B 26 -4.31 -16.94 -13.74
N ASP B 27 -3.67 -18.03 -13.35
CA ASP B 27 -3.81 -19.29 -14.06
C ASP B 27 -5.11 -19.98 -13.68
N ALA B 28 -6.13 -19.80 -14.51
CA ALA B 28 -7.42 -20.40 -14.26
C ALA B 28 -7.42 -21.87 -14.67
N GLY B 29 -6.49 -22.24 -15.54
CA GLY B 29 -6.39 -23.61 -16.00
C GLY B 29 -7.54 -23.99 -16.89
N THR B 30 -8.34 -24.95 -16.46
CA THR B 30 -9.49 -25.38 -17.21
C THR B 30 -10.74 -24.64 -16.78
N SER B 31 -10.63 -23.33 -16.66
CA SER B 31 -11.76 -22.50 -16.28
C SER B 31 -11.91 -21.37 -17.29
N GLY A 1 -17.11 -0.03 20.87
CA GLY A 1 -15.63 -0.11 20.89
C GLY A 1 -15.00 0.90 21.83
N ALA A 2 -15.36 0.84 23.11
CA ALA A 2 -14.83 1.77 24.10
C ALA A 2 -13.62 1.18 24.82
N MET A 3 -12.47 1.23 24.16
CA MET A 3 -11.18 0.84 24.77
C MET A 3 -11.16 -0.63 25.20
N ALA A 4 -12.10 -1.41 24.68
CA ALA A 4 -12.18 -2.82 25.02
C ALA A 4 -11.03 -3.59 24.37
N GLN A 5 -10.79 -3.32 23.10
CA GLN A 5 -9.70 -3.96 22.38
C GLN A 5 -8.47 -3.07 22.41
N ARG A 6 -7.30 -3.70 22.30
CA ARG A 6 -6.04 -2.98 22.34
C ARG A 6 -5.73 -2.35 20.98
N GLN A 7 -6.71 -1.62 20.46
CA GLN A 7 -6.60 -0.99 19.15
C GLN A 7 -6.21 0.48 19.29
N ARG A 8 -5.64 0.81 20.45
CA ARG A 8 -5.21 2.16 20.75
C ARG A 8 -4.29 2.73 19.68
N ALA A 9 -3.25 1.97 19.33
CA ALA A 9 -2.28 2.42 18.35
C ALA A 9 -2.83 2.33 16.93
N LEU A 10 -3.65 1.32 16.67
CA LEU A 10 -4.18 1.09 15.33
C LEU A 10 -5.20 2.14 14.94
N ALA A 11 -5.95 2.64 15.93
CA ALA A 11 -7.00 3.62 15.68
C ALA A 11 -6.48 4.81 14.87
N ILE A 12 -5.36 5.37 15.30
CA ILE A 12 -4.78 6.52 14.61
C ILE A 12 -4.01 6.11 13.36
N MET A 13 -3.34 4.96 13.43
CA MET A 13 -2.49 4.49 12.34
C MET A 13 -3.30 4.03 11.12
N CYS A 14 -4.53 3.60 11.33
CA CYS A 14 -5.33 3.04 10.25
C CYS A 14 -5.93 4.14 9.37
N ARG A 15 -5.87 5.39 9.82
CA ARG A 15 -6.46 6.48 9.08
C ARG A 15 -5.46 7.60 8.85
N VAL A 16 -5.40 8.09 7.62
CA VAL A 16 -4.53 9.20 7.29
C VAL A 16 -5.28 10.52 7.37
N TYR A 17 -4.61 11.51 7.94
CA TYR A 17 -5.17 12.84 8.08
C TYR A 17 -4.85 13.68 6.86
N VAL A 18 -5.85 13.91 6.03
CA VAL A 18 -5.67 14.74 4.85
C VAL A 18 -6.29 16.11 5.09
N GLY A 19 -5.45 17.13 5.21
CA GLY A 19 -5.96 18.46 5.44
C GLY A 19 -5.31 19.49 4.56
N SER A 20 -6.03 19.86 3.50
CA SER A 20 -5.63 20.83 2.49
C SER A 20 -6.30 20.45 1.18
N ILE A 21 -7.61 20.24 1.25
CA ILE A 21 -8.37 19.62 0.16
C ILE A 21 -8.58 20.55 -1.02
N TYR A 22 -7.47 20.86 -1.72
CA TYR A 22 -7.48 21.56 -3.01
C TYR A 22 -8.54 22.65 -3.08
N TYR A 23 -9.73 22.27 -3.57
CA TYR A 23 -10.89 23.14 -3.58
C TYR A 23 -12.07 22.40 -4.20
N GLU A 24 -12.02 22.21 -5.52
CA GLU A 24 -13.11 21.57 -6.24
C GLU A 24 -12.90 20.05 -6.32
N LEU A 25 -12.51 19.44 -5.22
CA LEU A 25 -12.41 18.00 -5.16
C LEU A 25 -13.62 17.44 -4.42
N GLY A 26 -13.84 16.14 -4.54
CA GLY A 26 -14.91 15.52 -3.80
C GLY A 26 -14.39 14.33 -3.04
N GLU A 27 -15.25 13.71 -2.24
CA GLU A 27 -14.88 12.49 -1.54
C GLU A 27 -14.52 11.42 -2.56
N ASP A 28 -15.30 11.40 -3.64
CA ASP A 28 -15.06 10.52 -4.78
C ASP A 28 -13.61 10.59 -5.23
N THR A 29 -13.13 11.82 -5.42
CA THR A 29 -11.78 12.05 -5.89
C THR A 29 -10.74 11.42 -4.97
N ILE A 30 -10.92 11.66 -3.67
CA ILE A 30 -9.99 11.16 -2.67
C ILE A 30 -10.09 9.64 -2.55
N ARG A 31 -11.30 9.12 -2.58
CA ARG A 31 -11.54 7.69 -2.52
C ARG A 31 -10.85 6.98 -3.67
N GLN A 32 -10.97 7.54 -4.88
CA GLN A 32 -10.41 6.92 -6.07
C GLN A 32 -8.90 7.12 -6.13
N ALA A 33 -8.40 8.12 -5.42
CA ALA A 33 -6.96 8.37 -5.37
C ALA A 33 -6.27 7.37 -4.46
N PHE A 34 -6.88 7.07 -3.32
CA PHE A 34 -6.29 6.14 -2.35
C PHE A 34 -6.86 4.74 -2.53
N ALA A 35 -7.54 4.53 -3.65
CA ALA A 35 -8.18 3.24 -3.95
C ALA A 35 -7.14 2.16 -4.28
N PRO A 36 -6.11 2.48 -5.10
CA PRO A 36 -5.02 1.54 -5.36
C PRO A 36 -4.16 1.27 -4.12
N PHE A 37 -4.44 1.96 -3.03
CA PHE A 37 -3.66 1.80 -1.82
C PHE A 37 -4.18 0.62 -1.00
N GLY A 38 -5.21 0.87 -0.21
CA GLY A 38 -5.82 -0.19 0.56
C GLY A 38 -7.33 -0.22 0.39
N PRO A 39 -8.02 -1.10 1.11
CA PRO A 39 -9.48 -1.20 1.04
C PRO A 39 -10.15 -0.04 1.76
N ILE A 40 -10.90 0.76 1.02
CA ILE A 40 -11.56 1.93 1.59
C ILE A 40 -12.49 1.53 2.73
N LYS A 41 -12.07 1.86 3.94
CA LYS A 41 -12.81 1.51 5.14
C LYS A 41 -13.85 2.58 5.45
N SER A 42 -13.39 3.82 5.56
CA SER A 42 -14.28 4.94 5.81
C SER A 42 -13.54 6.25 5.56
N ILE A 43 -14.24 7.24 5.04
CA ILE A 43 -13.66 8.55 4.81
C ILE A 43 -14.54 9.63 5.46
N ASP A 44 -14.05 10.19 6.55
CA ASP A 44 -14.78 11.23 7.26
C ASP A 44 -14.25 12.59 6.86
N MET A 45 -15.11 13.42 6.27
CA MET A 45 -14.69 14.73 5.80
C MET A 45 -15.58 15.82 6.37
N SER A 46 -14.96 16.91 6.81
CA SER A 46 -15.68 18.09 7.24
C SER A 46 -15.70 19.10 6.11
N TRP A 47 -16.87 19.34 5.52
CA TRP A 47 -16.97 20.31 4.42
C TRP A 47 -18.42 20.69 4.17
N ASP A 48 -18.60 21.83 3.52
CA ASP A 48 -19.92 22.39 3.25
C ASP A 48 -20.46 21.88 1.93
N SER A 49 -21.71 21.43 1.93
CA SER A 49 -22.32 20.87 0.74
C SER A 49 -23.24 21.88 0.06
N VAL A 50 -23.26 23.10 0.57
CA VAL A 50 -24.07 24.17 -0.01
C VAL A 50 -23.30 24.85 -1.14
N THR A 51 -22.02 25.09 -0.89
CA THR A 51 -21.16 25.72 -1.86
C THR A 51 -19.99 24.82 -2.24
N MET A 52 -20.02 23.59 -1.70
CA MET A 52 -18.99 22.58 -1.93
C MET A 52 -17.62 23.08 -1.48
N LYS A 53 -17.60 23.94 -0.48
CA LYS A 53 -16.35 24.43 0.07
C LYS A 53 -15.89 23.51 1.18
N HIS A 54 -14.65 23.06 1.11
CA HIS A 54 -14.13 22.10 2.07
C HIS A 54 -13.67 22.79 3.34
N LYS A 55 -14.66 23.18 4.14
CA LYS A 55 -14.43 23.83 5.41
C LYS A 55 -14.03 22.81 6.48
N GLY A 56 -12.89 22.16 6.28
CA GLY A 56 -12.42 21.18 7.23
C GLY A 56 -11.43 20.22 6.61
N PHE A 57 -11.30 19.05 7.22
CA PHE A 57 -10.29 18.07 6.82
C PHE A 57 -10.94 16.73 6.50
N ALA A 58 -10.15 15.79 6.00
CA ALA A 58 -10.65 14.47 5.66
C ALA A 58 -9.80 13.36 6.26
N PHE A 59 -10.46 12.34 6.80
CA PHE A 59 -9.77 11.20 7.38
C PHE A 59 -10.03 9.95 6.55
N VAL A 60 -9.00 9.42 5.92
CA VAL A 60 -9.13 8.23 5.10
C VAL A 60 -8.65 7.00 5.86
N GLU A 61 -9.58 6.13 6.20
CA GLU A 61 -9.28 4.95 7.01
C GLU A 61 -9.18 3.70 6.15
N TYR A 62 -8.23 2.83 6.47
CA TYR A 62 -8.04 1.57 5.76
C TYR A 62 -8.13 0.40 6.73
N GLU A 63 -8.13 -0.81 6.19
CA GLU A 63 -8.10 -2.01 7.01
C GLU A 63 -6.67 -2.34 7.44
N VAL A 64 -5.71 -1.92 6.63
CA VAL A 64 -4.30 -2.13 6.93
C VAL A 64 -3.55 -0.79 6.99
N PRO A 65 -2.68 -0.64 8.00
CA PRO A 65 -1.92 0.59 8.23
C PRO A 65 -0.78 0.76 7.22
N GLU A 66 -0.48 -0.30 6.49
CA GLU A 66 0.52 -0.26 5.44
C GLU A 66 0.12 0.75 4.37
N ALA A 67 -1.14 0.67 3.94
CA ALA A 67 -1.65 1.60 2.94
C ALA A 67 -1.64 3.03 3.46
N ALA A 68 -1.72 3.16 4.79
CA ALA A 68 -1.74 4.46 5.43
C ALA A 68 -0.38 5.15 5.32
N GLN A 69 0.69 4.44 5.68
CA GLN A 69 2.03 5.01 5.63
C GLN A 69 2.43 5.28 4.18
N LEU A 70 2.02 4.40 3.27
CA LEU A 70 2.26 4.62 1.85
C LEU A 70 1.52 5.86 1.38
N ALA A 71 0.28 6.01 1.82
CA ALA A 71 -0.52 7.18 1.46
C ALA A 71 0.16 8.47 1.94
N LEU A 72 0.76 8.39 3.13
CA LEU A 72 1.45 9.53 3.71
C LEU A 72 2.60 9.97 2.80
N GLU A 73 3.54 9.06 2.58
CA GLU A 73 4.76 9.39 1.83
C GLU A 73 4.48 9.66 0.35
N GLN A 74 3.73 8.78 -0.29
CA GLN A 74 3.59 8.83 -1.74
C GLN A 74 2.75 10.01 -2.20
N MET A 75 1.80 10.44 -1.39
CA MET A 75 0.98 11.58 -1.74
C MET A 75 1.68 12.89 -1.38
N ASN A 76 2.52 12.84 -0.35
CA ASN A 76 3.27 14.02 0.06
C ASN A 76 4.44 14.27 -0.89
N SER A 77 4.79 13.26 -1.67
CA SER A 77 5.86 13.38 -2.65
C SER A 77 5.40 14.12 -3.90
N VAL A 78 4.09 14.29 -4.04
CA VAL A 78 3.53 14.93 -5.22
C VAL A 78 2.68 16.13 -4.83
N MET A 79 2.74 17.17 -5.65
CA MET A 79 1.94 18.37 -5.43
C MET A 79 0.69 18.31 -6.33
N LEU A 80 -0.45 18.00 -5.73
CA LEU A 80 -1.67 17.73 -6.47
C LEU A 80 -2.15 18.95 -7.28
N GLY A 81 -1.85 20.14 -6.79
CA GLY A 81 -2.26 21.35 -7.49
C GLY A 81 -1.46 22.56 -7.07
N GLY A 82 -2.07 23.72 -7.14
CA GLY A 82 -1.39 24.95 -6.76
C GLY A 82 -1.27 25.13 -5.26
N ARG A 83 -1.33 24.02 -4.54
CA ARG A 83 -1.20 24.02 -3.09
C ARG A 83 -0.76 22.64 -2.64
N ASN A 84 -0.06 22.59 -1.52
CA ASN A 84 0.48 21.32 -1.01
C ASN A 84 -0.61 20.53 -0.30
N ILE A 85 -0.60 19.22 -0.50
CA ILE A 85 -1.53 18.36 0.21
C ILE A 85 -0.85 17.71 1.40
N LYS A 86 -1.50 17.76 2.55
CA LYS A 86 -0.98 17.16 3.76
C LYS A 86 -1.69 15.86 4.07
N VAL A 87 -0.95 14.77 4.07
CA VAL A 87 -1.51 13.46 4.36
C VAL A 87 -0.75 12.79 5.50
N GLY A 88 -1.37 12.74 6.67
CA GLY A 88 -0.76 12.08 7.81
C GLY A 88 -0.80 12.93 9.06
N ARG A 89 -0.65 12.28 10.22
CA ARG A 89 -0.64 12.97 11.51
C ARG A 89 -2.02 13.56 11.82
N PRO A 90 -2.92 12.74 12.36
CA PRO A 90 -4.31 13.16 12.66
C PRO A 90 -4.38 14.20 13.76
N SER A 91 -3.91 13.86 14.95
CA SER A 91 -3.99 14.75 16.09
C SER A 91 -2.85 14.48 17.07
N ASN A 92 -2.82 13.27 17.60
CA ASN A 92 -1.82 12.89 18.60
C ASN A 92 -0.56 12.37 17.92
N ILE A 93 0.59 12.86 18.35
CA ILE A 93 1.85 12.48 17.76
C ILE A 93 2.94 12.36 18.83
N GLY A 94 3.75 11.32 18.74
CA GLY A 94 4.83 11.12 19.69
C GLY A 94 4.42 10.23 20.85
N GLN A 95 3.20 10.43 21.34
CA GLN A 95 2.69 9.69 22.50
C GLN A 95 2.66 8.18 22.24
N ALA A 96 2.44 7.80 20.98
CA ALA A 96 2.43 6.39 20.60
C ALA A 96 3.57 6.08 19.64
N GLN A 97 4.50 7.00 19.53
CA GLN A 97 5.60 6.90 18.58
C GLN A 97 6.53 5.72 18.90
N PRO A 98 7.00 5.56 20.16
CA PRO A 98 7.93 4.47 20.54
C PRO A 98 7.43 3.10 20.12
N ILE A 99 6.11 2.91 20.17
CA ILE A 99 5.50 1.65 19.80
C ILE A 99 5.66 1.39 18.32
N ILE A 100 5.45 2.44 17.54
CA ILE A 100 5.57 2.36 16.08
C ILE A 100 7.01 1.98 15.69
N ASP A 101 7.98 2.66 16.28
CA ASP A 101 9.38 2.39 15.98
C ASP A 101 9.77 0.97 16.39
N GLN A 102 9.15 0.46 17.46
CA GLN A 102 9.44 -0.88 17.93
C GLN A 102 8.87 -1.94 16.99
N LEU A 103 7.62 -1.78 16.59
CA LEU A 103 6.97 -2.78 15.72
C LEU A 103 7.58 -2.76 14.32
N ALA A 104 8.21 -1.65 13.96
CA ALA A 104 8.93 -1.56 12.69
C ALA A 104 10.09 -2.54 12.66
N GLU A 105 10.80 -2.62 13.77
CA GLU A 105 11.90 -3.57 13.91
C GLU A 105 11.38 -5.00 13.95
N GLU A 106 10.22 -5.18 14.58
CA GLU A 106 9.61 -6.49 14.70
C GLU A 106 9.21 -7.02 13.34
N ALA A 107 8.76 -6.12 12.46
CA ALA A 107 8.34 -6.48 11.11
C ALA A 107 9.50 -7.10 10.31
N ARG A 108 10.72 -6.84 10.75
CA ARG A 108 11.91 -7.40 10.10
C ARG A 108 11.93 -8.92 10.20
N ALA A 109 11.21 -9.45 11.18
CA ALA A 109 11.16 -10.90 11.40
C ALA A 109 10.12 -11.55 10.49
N PHE A 110 9.31 -10.73 9.84
CA PHE A 110 8.25 -11.24 8.98
C PHE A 110 8.70 -11.27 7.52
N ASN A 111 9.77 -10.52 7.24
CA ASN A 111 10.46 -10.57 5.94
C ASN A 111 9.53 -10.24 4.77
N ARG A 112 8.48 -9.48 5.02
CA ARG A 112 7.48 -9.23 3.99
C ARG A 112 7.35 -7.75 3.68
N ILE A 113 7.12 -7.46 2.42
CA ILE A 113 6.95 -6.09 1.94
C ILE A 113 5.54 -5.88 1.41
N TYR A 114 5.19 -4.64 1.14
CA TYR A 114 3.83 -4.28 0.76
C TYR A 114 3.79 -3.81 -0.69
N VAL A 115 2.84 -4.32 -1.45
CA VAL A 115 2.67 -3.95 -2.86
C VAL A 115 1.32 -3.28 -3.07
N ALA A 116 1.34 -2.07 -3.61
CA ALA A 116 0.12 -1.32 -3.85
C ALA A 116 0.00 -0.94 -5.32
N SER A 117 -1.19 -0.44 -5.69
CA SER A 117 -1.54 -0.05 -7.05
C SER A 117 -1.28 -1.17 -8.06
N VAL A 118 -1.68 -2.39 -7.68
CA VAL A 118 -1.53 -3.55 -8.52
C VAL A 118 -2.63 -3.58 -9.59
N HIS A 119 -2.30 -4.07 -10.77
CA HIS A 119 -3.28 -4.19 -11.84
C HIS A 119 -4.30 -5.25 -11.47
N GLN A 120 -5.57 -4.88 -11.59
CA GLN A 120 -6.68 -5.65 -11.03
C GLN A 120 -6.73 -7.09 -11.55
N ASP A 121 -6.41 -7.33 -12.81
CA ASP A 121 -6.32 -8.69 -13.34
C ASP A 121 -5.00 -9.36 -12.97
N LEU A 122 -3.92 -8.62 -13.18
CA LEU A 122 -2.56 -9.10 -12.91
C LEU A 122 -2.41 -9.47 -11.43
N SER A 123 -2.31 -10.77 -11.16
CA SER A 123 -2.41 -11.29 -9.79
C SER A 123 -1.04 -11.52 -9.16
N ASP A 124 -1.02 -12.06 -7.93
CA ASP A 124 0.23 -12.32 -7.21
C ASP A 124 1.14 -13.25 -8.00
N ASP A 125 0.56 -14.24 -8.66
CA ASP A 125 1.33 -15.14 -9.52
C ASP A 125 2.06 -14.35 -10.60
N ASP A 126 1.42 -13.29 -11.05
CA ASP A 126 1.99 -12.40 -12.05
C ASP A 126 3.07 -11.53 -11.40
N ILE A 127 2.71 -10.83 -10.33
CA ILE A 127 3.61 -9.90 -9.63
C ILE A 127 4.92 -10.60 -9.23
N LYS A 128 4.86 -11.92 -9.07
CA LYS A 128 6.06 -12.71 -8.78
C LYS A 128 7.19 -12.43 -9.76
N SER A 129 6.84 -12.16 -11.02
CA SER A 129 7.83 -11.97 -12.08
C SER A 129 8.91 -11.02 -11.68
N VAL A 130 8.49 -9.83 -11.34
CA VAL A 130 9.40 -8.74 -11.10
C VAL A 130 10.11 -8.89 -9.75
N PHE A 131 9.37 -9.23 -8.71
CA PHE A 131 9.96 -9.36 -7.38
C PHE A 131 10.90 -10.56 -7.29
N GLU A 132 10.53 -11.66 -7.94
CA GLU A 132 11.32 -12.88 -7.89
C GLU A 132 12.53 -12.80 -8.84
N ALA A 133 12.42 -11.98 -9.88
CA ALA A 133 13.48 -11.87 -10.87
C ALA A 133 14.76 -11.30 -10.25
N PHE A 134 14.60 -10.37 -9.31
CA PHE A 134 15.77 -9.71 -8.71
C PHE A 134 16.44 -10.66 -7.71
N GLY A 135 15.66 -11.55 -7.14
CA GLY A 135 16.17 -12.49 -6.17
C GLY A 135 15.40 -13.80 -6.17
N LYS A 136 14.64 -14.03 -5.12
CA LYS A 136 13.75 -15.18 -5.05
C LYS A 136 12.63 -14.91 -4.04
N ILE A 137 11.42 -15.32 -4.38
CA ILE A 137 10.27 -15.08 -3.51
C ILE A 137 10.02 -16.28 -2.60
N LYS A 138 9.84 -15.99 -1.32
CA LYS A 138 9.56 -17.01 -0.32
C LYS A 138 8.05 -17.24 -0.21
N SER A 139 7.30 -16.15 -0.22
CA SER A 139 5.85 -16.22 -0.17
C SER A 139 5.26 -15.06 -0.96
N CYS A 140 4.15 -15.31 -1.63
CA CYS A 140 3.50 -14.28 -2.45
C CYS A 140 1.99 -14.47 -2.42
N THR A 141 1.28 -13.43 -2.02
CA THR A 141 -0.18 -13.48 -1.98
C THR A 141 -0.78 -12.07 -2.05
N LEU A 142 -1.69 -11.88 -2.99
CA LEU A 142 -2.45 -10.64 -3.09
C LEU A 142 -3.86 -10.87 -2.56
N ALA A 143 -4.25 -10.08 -1.57
CA ALA A 143 -5.54 -10.26 -0.92
C ALA A 143 -6.69 -10.06 -1.89
N ARG A 144 -7.66 -10.94 -1.80
CA ARG A 144 -8.78 -10.94 -2.72
C ARG A 144 -10.01 -10.31 -2.09
N ASP A 145 -10.92 -9.86 -2.93
CA ASP A 145 -12.21 -9.43 -2.46
C ASP A 145 -13.26 -10.44 -2.90
N PRO A 146 -13.79 -11.21 -1.94
CA PRO A 146 -14.73 -12.29 -2.20
C PRO A 146 -16.02 -11.78 -2.82
N THR A 147 -16.46 -10.63 -2.33
CA THR A 147 -17.71 -10.02 -2.73
C THR A 147 -17.71 -9.73 -4.24
N THR A 148 -16.60 -9.21 -4.74
CA THR A 148 -16.49 -8.85 -6.14
C THR A 148 -15.95 -10.03 -6.97
N GLY A 149 -15.26 -10.94 -6.31
CA GLY A 149 -14.69 -12.10 -7.00
C GLY A 149 -13.39 -11.76 -7.69
N LYS A 150 -12.76 -10.69 -7.23
CA LYS A 150 -11.54 -10.18 -7.85
C LYS A 150 -10.52 -9.86 -6.76
N HIS A 151 -9.24 -10.00 -7.06
CA HIS A 151 -8.22 -9.70 -6.06
C HIS A 151 -8.06 -8.19 -5.93
N LYS A 152 -7.83 -7.74 -4.71
CA LYS A 152 -7.66 -6.32 -4.43
C LYS A 152 -6.34 -5.85 -5.02
N GLY A 153 -6.26 -4.57 -5.36
CA GLY A 153 -5.08 -4.03 -6.03
C GLY A 153 -3.91 -3.79 -5.09
N TYR A 154 -3.69 -4.72 -4.17
CA TYR A 154 -2.55 -4.66 -3.26
C TYR A 154 -2.27 -6.05 -2.70
N GLY A 155 -1.07 -6.26 -2.19
CA GLY A 155 -0.70 -7.55 -1.65
C GLY A 155 0.61 -7.51 -0.90
N PHE A 156 1.11 -8.67 -0.50
CA PHE A 156 2.35 -8.77 0.25
C PHE A 156 3.33 -9.73 -0.42
N ILE A 157 4.59 -9.31 -0.47
CA ILE A 157 5.65 -10.16 -0.99
C ILE A 157 6.62 -10.51 0.13
N GLU A 158 6.74 -11.79 0.43
CA GLU A 158 7.63 -12.22 1.50
C GLU A 158 8.89 -12.85 0.93
N TYR A 159 10.02 -12.38 1.42
CA TYR A 159 11.31 -12.90 1.00
C TYR A 159 11.92 -13.76 2.10
N GLU A 160 12.88 -14.58 1.74
CA GLU A 160 13.61 -15.37 2.71
C GLU A 160 14.84 -14.58 3.14
N LYS A 161 15.23 -13.66 2.27
CA LYS A 161 16.37 -12.80 2.53
C LYS A 161 15.91 -11.38 2.74
N ALA A 162 16.13 -10.88 3.95
CA ALA A 162 15.67 -9.55 4.31
C ALA A 162 16.30 -8.48 3.43
N GLN A 163 17.54 -8.73 3.01
CA GLN A 163 18.24 -7.82 2.12
C GLN A 163 17.63 -7.83 0.73
N SER A 164 17.14 -9.00 0.30
CA SER A 164 16.54 -9.13 -1.01
C SER A 164 15.31 -8.22 -1.12
N SER A 165 14.56 -8.16 -0.02
CA SER A 165 13.40 -7.28 0.06
C SER A 165 13.80 -5.82 -0.15
N GLN A 166 14.90 -5.43 0.48
CA GLN A 166 15.35 -4.04 0.46
C GLN A 166 15.80 -3.63 -0.92
N ASP A 167 16.41 -4.56 -1.66
CA ASP A 167 16.89 -4.26 -2.99
C ASP A 167 15.72 -4.13 -3.96
N ALA A 168 14.74 -5.01 -3.80
CA ALA A 168 13.55 -5.00 -4.66
C ALA A 168 12.77 -3.71 -4.50
N VAL A 169 12.45 -3.35 -3.26
CA VAL A 169 11.60 -2.20 -2.97
C VAL A 169 12.18 -0.89 -3.52
N SER A 170 13.50 -0.83 -3.69
CA SER A 170 14.15 0.40 -4.14
C SER A 170 13.73 0.76 -5.57
N SER A 171 13.53 -0.25 -6.41
CA SER A 171 13.30 -0.03 -7.84
C SER A 171 11.90 -0.49 -8.30
N MET A 172 11.09 -1.00 -7.38
CA MET A 172 9.83 -1.64 -7.77
C MET A 172 8.70 -0.65 -8.05
N ASN A 173 8.83 0.59 -7.61
CA ASN A 173 7.83 1.62 -7.90
C ASN A 173 7.74 1.85 -9.40
N LEU A 174 8.87 1.66 -10.06
CA LEU A 174 9.02 1.92 -11.48
C LEU A 174 8.37 0.84 -12.34
N PHE A 175 7.92 -0.24 -11.71
CA PHE A 175 7.25 -1.34 -12.41
C PHE A 175 6.02 -0.81 -13.16
N ASP A 176 6.22 -0.46 -14.42
CA ASP A 176 5.14 0.06 -15.25
C ASP A 176 4.28 -1.10 -15.71
N LEU A 177 3.02 -1.05 -15.36
CA LEU A 177 2.11 -2.11 -15.69
C LEU A 177 0.88 -1.56 -16.40
N GLY A 178 1.00 -1.43 -17.72
CA GLY A 178 -0.10 -0.91 -18.51
C GLY A 178 -0.13 0.60 -18.53
N GLY A 179 1.04 1.23 -18.46
CA GLY A 179 1.10 2.68 -18.51
C GLY A 179 0.96 3.31 -17.14
N GLN A 180 1.19 2.54 -16.10
CA GLN A 180 1.14 3.04 -14.73
C GLN A 180 2.25 2.43 -13.90
N TYR A 181 2.96 3.27 -13.17
CA TYR A 181 4.00 2.82 -12.27
C TYR A 181 3.39 2.22 -11.01
N LEU A 182 3.93 1.09 -10.60
CA LEU A 182 3.46 0.39 -9.41
C LEU A 182 3.83 1.16 -8.15
N ARG A 183 3.57 0.58 -6.99
CA ARG A 183 3.89 1.23 -5.73
C ARG A 183 4.34 0.18 -4.74
N VAL A 184 5.56 0.29 -4.27
CA VAL A 184 6.09 -0.69 -3.35
C VAL A 184 6.44 -0.04 -2.01
N GLY A 185 6.21 -0.77 -0.94
CA GLY A 185 6.53 -0.30 0.37
C GLY A 185 6.88 -1.43 1.31
N LYS A 186 6.78 -1.17 2.60
CA LYS A 186 7.14 -2.16 3.60
C LYS A 186 5.94 -2.51 4.46
N ALA A 187 6.07 -3.60 5.20
CA ALA A 187 5.05 -4.02 6.13
C ALA A 187 5.21 -3.23 7.40
N VAL A 188 4.55 -2.09 7.42
CA VAL A 188 4.59 -1.16 8.53
C VAL A 188 4.27 -1.87 9.83
N THR A 189 3.16 -2.59 9.83
CA THR A 189 2.78 -3.39 10.97
C THR A 189 2.61 -4.84 10.53
N PRO A 190 2.63 -5.79 11.47
CA PRO A 190 2.36 -7.19 11.18
C PRO A 190 0.86 -7.46 11.11
N PRO A 191 0.29 -7.57 9.89
CA PRO A 191 -1.15 -7.79 9.71
C PRO A 191 -1.53 -9.26 9.91
N MET A 192 -0.51 -10.09 10.09
CA MET A 192 -0.70 -11.51 10.34
C MET A 192 0.17 -11.96 11.50
N PRO A 193 -0.13 -11.49 12.72
CA PRO A 193 0.67 -11.78 13.90
C PRO A 193 0.14 -12.98 14.68
N LEU A 194 1.04 -13.65 15.40
CA LEU A 194 0.65 -14.74 16.27
C LEU A 194 0.14 -14.19 17.60
N LEU A 195 -1.18 -14.12 17.74
CA LEU A 195 -1.80 -13.55 18.92
C LEU A 195 -1.54 -14.41 20.15
N THR A 196 -1.01 -13.79 21.20
CA THR A 196 -0.69 -14.49 22.44
C THR A 196 -1.76 -14.26 23.51
N PRO A 197 -2.66 -15.24 23.69
CA PRO A 197 -3.77 -15.14 24.63
C PRO A 197 -3.36 -15.58 26.04
N ALA A 198 -2.17 -15.17 26.47
CA ALA A 198 -1.68 -15.50 27.80
C ALA A 198 -2.32 -14.60 28.84
N THR A 199 -2.72 -13.41 28.42
CA THR A 199 -3.38 -12.44 29.27
C THR A 199 -4.20 -11.48 28.41
N GLY B 1 18.88 11.31 -13.92
CA GLY B 1 17.71 10.57 -13.37
C GLY B 1 18.14 9.27 -12.72
N ALA B 2 17.18 8.58 -12.11
CA ALA B 2 17.50 7.34 -11.41
C ALA B 2 17.09 6.13 -12.25
N MET B 3 15.85 6.16 -12.75
CA MET B 3 15.27 5.07 -13.54
C MET B 3 15.04 3.83 -12.69
N GLY B 4 16.11 3.30 -12.12
CA GLY B 4 16.02 2.12 -11.28
C GLY B 4 17.35 1.80 -10.65
N TYR B 5 17.35 0.89 -9.69
CA TYR B 5 18.59 0.50 -9.03
C TYR B 5 18.88 -0.98 -9.24
N VAL B 6 18.15 -1.58 -10.16
CA VAL B 6 18.35 -2.98 -10.50
C VAL B 6 18.41 -3.11 -12.03
N ASN B 7 19.24 -2.29 -12.65
CA ASN B 7 19.33 -2.24 -14.12
C ASN B 7 20.09 -3.45 -14.68
N ASP B 8 19.63 -4.62 -14.30
CA ASP B 8 20.21 -5.86 -14.77
C ASP B 8 19.14 -6.96 -14.68
N ALA B 9 18.72 -7.24 -13.47
CA ALA B 9 17.68 -8.24 -13.23
C ALA B 9 16.28 -7.66 -13.46
N PHE B 10 16.13 -6.37 -13.19
CA PHE B 10 14.83 -5.70 -13.33
C PHE B 10 14.43 -5.59 -14.81
N LYS B 11 15.41 -5.74 -15.69
CA LYS B 11 15.14 -5.74 -17.11
C LYS B 11 14.41 -7.03 -17.49
N ASP B 12 14.92 -8.15 -16.98
CA ASP B 12 14.24 -9.44 -17.13
C ASP B 12 12.88 -9.39 -16.43
N ALA B 13 12.85 -8.67 -15.30
CA ALA B 13 11.62 -8.48 -14.54
C ALA B 13 10.47 -8.02 -15.43
N LEU B 14 10.71 -7.00 -16.23
CA LEU B 14 9.64 -6.40 -17.04
C LEU B 14 9.34 -7.20 -18.29
N GLN B 15 10.31 -7.97 -18.75
CA GLN B 15 10.05 -8.92 -19.82
C GLN B 15 8.94 -9.86 -19.35
N ARG B 16 9.08 -10.28 -18.10
CA ARG B 16 8.09 -11.12 -17.45
C ARG B 16 6.85 -10.31 -17.10
N ALA B 17 7.04 -9.02 -16.82
CA ALA B 17 5.98 -8.15 -16.34
C ALA B 17 4.88 -7.91 -17.39
N ARG B 18 5.25 -7.69 -18.62
CA ARG B 18 4.23 -7.62 -19.65
C ARG B 18 3.80 -8.99 -20.12
N GLN B 19 4.69 -9.97 -20.00
CA GLN B 19 4.32 -11.36 -20.21
C GLN B 19 3.13 -11.74 -19.30
N ILE B 20 3.21 -11.32 -18.03
CA ILE B 20 2.13 -11.58 -17.07
C ILE B 20 0.90 -10.76 -17.44
N ALA B 21 1.12 -9.55 -17.97
CA ALA B 21 0.02 -8.69 -18.40
C ALA B 21 -0.74 -9.32 -19.57
N ALA B 22 -0.05 -10.15 -20.35
CA ALA B 22 -0.67 -10.80 -21.50
C ALA B 22 -1.50 -12.00 -21.08
N LYS B 23 -0.98 -12.79 -20.14
CA LYS B 23 -1.66 -13.99 -19.69
C LYS B 23 -2.79 -13.65 -18.73
N ILE B 24 -2.62 -12.63 -17.89
CA ILE B 24 -3.65 -12.20 -16.95
C ILE B 24 -3.95 -13.30 -15.92
N GLY B 25 -3.17 -13.31 -14.86
CA GLY B 25 -3.35 -14.29 -13.81
C GLY B 25 -2.62 -15.58 -14.11
N GLY B 26 -3.23 -16.43 -14.92
CA GLY B 26 -2.61 -17.68 -15.29
C GLY B 26 -2.66 -18.68 -14.16
N ASP B 27 -1.71 -18.57 -13.23
CA ASP B 27 -1.60 -19.48 -12.09
C ASP B 27 -1.58 -20.94 -12.57
N ALA B 28 -0.40 -21.40 -12.95
CA ALA B 28 -0.22 -22.74 -13.50
C ALA B 28 -0.84 -23.80 -12.59
N GLY B 29 -1.80 -24.53 -13.13
CA GLY B 29 -2.52 -25.51 -12.35
C GLY B 29 -4.01 -25.27 -12.39
N THR B 30 -4.48 -24.67 -13.49
CA THR B 30 -5.89 -24.37 -13.66
C THR B 30 -6.70 -25.64 -13.87
N SER B 31 -7.75 -25.80 -13.06
CA SER B 31 -8.63 -26.96 -13.19
C SER B 31 -10.08 -26.49 -13.20
N GLY A 1 2.82 2.12 30.07
CA GLY A 1 1.52 1.53 30.43
C GLY A 1 1.42 0.07 30.03
N ALA A 2 0.20 -0.43 29.93
CA ALA A 2 -0.03 -1.82 29.56
C ALA A 2 -0.45 -1.91 28.09
N MET A 3 -1.07 -0.84 27.59
CA MET A 3 -1.47 -0.77 26.18
C MET A 3 -2.39 -1.94 25.81
N ALA A 4 -3.65 -1.85 26.20
CA ALA A 4 -4.57 -2.95 25.97
C ALA A 4 -5.91 -2.45 25.43
N GLN A 5 -6.64 -1.69 26.22
CA GLN A 5 -8.00 -1.31 25.89
C GLN A 5 -8.04 -0.04 25.04
N ARG A 6 -7.20 0.94 25.36
CA ARG A 6 -7.23 2.22 24.67
C ARG A 6 -6.72 2.10 23.24
N GLN A 7 -5.43 1.86 23.07
CA GLN A 7 -4.82 1.77 21.74
C GLN A 7 -5.08 3.05 20.95
N ARG A 8 -4.83 4.19 21.58
CA ARG A 8 -5.15 5.49 21.00
C ARG A 8 -4.31 5.77 19.76
N ALA A 9 -3.06 5.32 19.78
CA ALA A 9 -2.16 5.53 18.66
C ALA A 9 -2.69 4.88 17.40
N LEU A 10 -3.28 3.70 17.55
CA LEU A 10 -3.77 2.93 16.41
C LEU A 10 -4.94 3.64 15.73
N ALA A 11 -5.75 4.34 16.52
CA ALA A 11 -6.92 5.04 15.99
C ALA A 11 -6.51 6.11 14.99
N ILE A 12 -5.41 6.79 15.29
CA ILE A 12 -4.88 7.81 14.40
C ILE A 12 -4.01 7.17 13.31
N MET A 13 -3.26 6.15 13.67
CA MET A 13 -2.36 5.46 12.75
C MET A 13 -3.11 4.87 11.56
N CYS A 14 -4.37 4.52 11.76
CA CYS A 14 -5.16 3.89 10.71
C CYS A 14 -5.91 4.93 9.88
N ARG A 15 -5.67 6.21 10.12
CA ARG A 15 -6.32 7.25 9.34
C ARG A 15 -5.31 8.27 8.84
N VAL A 16 -5.30 8.52 7.54
CA VAL A 16 -4.41 9.52 6.98
C VAL A 16 -5.11 10.88 6.92
N TYR A 17 -4.37 11.89 7.32
CA TYR A 17 -4.87 13.25 7.40
C TYR A 17 -4.61 14.00 6.10
N VAL A 18 -5.67 14.29 5.37
CA VAL A 18 -5.55 15.00 4.11
C VAL A 18 -5.94 16.47 4.29
N GLY A 19 -4.96 17.35 4.20
CA GLY A 19 -5.22 18.78 4.26
C GLY A 19 -5.18 19.40 2.89
N SER A 20 -5.58 20.68 2.81
CA SER A 20 -5.64 21.41 1.54
C SER A 20 -6.80 20.92 0.68
N ILE A 21 -6.73 19.66 0.24
CA ILE A 21 -7.76 19.06 -0.60
C ILE A 21 -7.87 19.81 -1.95
N TYR A 22 -6.89 20.66 -2.22
CA TYR A 22 -6.91 21.54 -3.39
C TYR A 22 -8.12 22.48 -3.33
N TYR A 23 -9.29 21.96 -3.71
CA TYR A 23 -10.56 22.68 -3.69
C TYR A 23 -11.62 21.88 -4.42
N GLU A 24 -11.25 21.36 -5.60
CA GLU A 24 -12.17 20.60 -6.42
C GLU A 24 -11.87 19.11 -6.35
N LEU A 25 -11.55 18.63 -5.15
CA LEU A 25 -11.29 17.22 -4.95
C LEU A 25 -12.36 16.63 -4.03
N GLY A 26 -13.34 15.97 -4.62
CA GLY A 26 -14.43 15.41 -3.84
C GLY A 26 -14.11 14.01 -3.35
N GLU A 27 -15.09 13.38 -2.72
CA GLU A 27 -14.95 12.02 -2.20
C GLU A 27 -14.42 11.08 -3.28
N ASP A 28 -15.06 11.14 -4.44
CA ASP A 28 -14.71 10.28 -5.58
C ASP A 28 -13.27 10.49 -6.00
N THR A 29 -12.80 11.72 -5.86
CA THR A 29 -11.47 12.08 -6.33
C THR A 29 -10.41 11.65 -5.30
N ILE A 30 -10.73 11.82 -4.03
CA ILE A 30 -9.81 11.47 -2.95
C ILE A 30 -9.69 9.95 -2.81
N ARG A 31 -10.82 9.26 -2.79
CA ARG A 31 -10.82 7.81 -2.55
C ARG A 31 -10.08 7.06 -3.65
N GLN A 32 -10.17 7.55 -4.89
CA GLN A 32 -9.50 6.88 -6.01
C GLN A 32 -8.00 7.15 -6.00
N ALA A 33 -7.60 8.28 -5.41
CA ALA A 33 -6.18 8.60 -5.26
C ALA A 33 -5.56 7.73 -4.17
N PHE A 34 -6.34 7.44 -3.15
CA PHE A 34 -5.89 6.61 -2.05
C PHE A 34 -6.35 5.16 -2.23
N ALA A 35 -6.86 4.87 -3.43
CA ALA A 35 -7.39 3.54 -3.74
C ALA A 35 -6.26 2.51 -3.87
N PRO A 36 -5.10 2.89 -4.46
CA PRO A 36 -3.92 2.03 -4.45
C PRO A 36 -3.44 1.72 -3.04
N PHE A 37 -3.88 2.52 -2.06
CA PHE A 37 -3.41 2.36 -0.69
C PHE A 37 -4.46 1.64 0.16
N GLY A 38 -4.69 0.38 -0.14
CA GLY A 38 -5.63 -0.42 0.63
C GLY A 38 -7.08 -0.05 0.35
N PRO A 39 -8.03 -0.70 1.05
CA PRO A 39 -9.45 -0.44 0.89
C PRO A 39 -9.91 0.77 1.71
N ILE A 40 -10.50 1.74 1.02
CA ILE A 40 -11.03 2.92 1.68
C ILE A 40 -12.22 2.53 2.55
N LYS A 41 -12.03 2.57 3.87
CA LYS A 41 -13.10 2.27 4.80
C LYS A 41 -14.07 3.45 4.90
N SER A 42 -13.52 4.62 5.18
CA SER A 42 -14.32 5.82 5.33
C SER A 42 -13.49 7.06 5.04
N ILE A 43 -14.11 8.04 4.43
CA ILE A 43 -13.49 9.35 4.29
C ILE A 43 -14.28 10.34 5.13
N ASP A 44 -13.71 10.75 6.25
CA ASP A 44 -14.38 11.70 7.13
C ASP A 44 -14.18 13.10 6.60
N MET A 45 -15.17 13.60 5.88
CA MET A 45 -15.07 14.89 5.24
C MET A 45 -16.31 15.71 5.57
N SER A 46 -16.09 16.94 6.01
CA SER A 46 -17.19 17.81 6.37
C SER A 46 -17.59 18.68 5.18
N TRP A 47 -18.73 18.34 4.58
CA TRP A 47 -19.25 19.12 3.48
C TRP A 47 -20.21 20.18 3.99
N ASP A 48 -20.06 21.40 3.48
CA ASP A 48 -20.98 22.47 3.80
C ASP A 48 -22.31 22.26 3.09
N SER A 49 -23.30 21.78 3.85
CA SER A 49 -24.64 21.55 3.33
C SER A 49 -24.62 20.50 2.21
N VAL A 50 -25.65 20.48 1.40
CA VAL A 50 -25.74 19.55 0.29
C VAL A 50 -24.80 19.97 -0.84
N THR A 51 -24.44 21.25 -0.85
CA THR A 51 -23.66 21.83 -1.93
C THR A 51 -22.23 21.28 -1.99
N MET A 52 -21.82 20.59 -0.92
CA MET A 52 -20.51 19.93 -0.84
C MET A 52 -19.38 20.94 -1.00
N LYS A 53 -19.46 22.04 -0.27
CA LYS A 53 -18.42 23.06 -0.32
C LYS A 53 -17.20 22.65 0.49
N HIS A 54 -16.04 23.12 0.05
CA HIS A 54 -14.77 22.79 0.70
C HIS A 54 -14.48 23.76 1.85
N LYS A 55 -14.75 23.30 3.07
CA LYS A 55 -14.38 24.03 4.26
C LYS A 55 -14.08 23.06 5.40
N GLY A 56 -13.04 22.26 5.21
CA GLY A 56 -12.68 21.27 6.20
C GLY A 56 -11.58 20.37 5.70
N PHE A 57 -11.18 19.42 6.53
CA PHE A 57 -10.13 18.47 6.17
C PHE A 57 -10.72 17.08 6.02
N ALA A 58 -10.02 16.22 5.29
CA ALA A 58 -10.53 14.89 5.03
C ALA A 58 -9.69 13.85 5.76
N PHE A 59 -10.36 12.95 6.46
CA PHE A 59 -9.68 11.89 7.18
C PHE A 59 -9.99 10.55 6.52
N VAL A 60 -9.02 9.99 5.85
CA VAL A 60 -9.20 8.72 5.16
C VAL A 60 -8.80 7.56 6.08
N GLU A 61 -9.80 6.79 6.52
CA GLU A 61 -9.57 5.69 7.44
C GLU A 61 -9.45 4.37 6.71
N TYR A 62 -8.49 3.58 7.14
CA TYR A 62 -8.32 2.22 6.64
C TYR A 62 -8.48 1.24 7.78
N GLU A 63 -8.74 -0.01 7.43
CA GLU A 63 -8.75 -1.08 8.42
C GLU A 63 -7.42 -1.82 8.35
N VAL A 64 -6.49 -1.22 7.59
CA VAL A 64 -5.19 -1.79 7.35
C VAL A 64 -4.09 -0.74 7.56
N PRO A 65 -3.25 -0.92 8.59
CA PRO A 65 -2.20 0.05 8.95
C PRO A 65 -1.08 0.13 7.91
N GLU A 66 -0.89 -0.92 7.13
CA GLU A 66 0.16 -0.95 6.12
C GLU A 66 -0.13 0.06 5.02
N ALA A 67 -1.33 -0.06 4.43
CA ALA A 67 -1.80 0.89 3.44
C ALA A 67 -1.77 2.31 3.96
N ALA A 68 -2.14 2.48 5.23
CA ALA A 68 -2.13 3.80 5.87
C ALA A 68 -0.72 4.39 5.88
N GLN A 69 0.27 3.57 6.23
CA GLN A 69 1.65 4.02 6.27
C GLN A 69 2.15 4.39 4.88
N LEU A 70 1.80 3.58 3.89
CA LEU A 70 2.14 3.86 2.51
C LEU A 70 1.50 5.16 2.05
N ALA A 71 0.25 5.34 2.41
CA ALA A 71 -0.49 6.53 2.05
C ALA A 71 0.13 7.76 2.70
N LEU A 72 0.63 7.61 3.91
CA LEU A 72 1.27 8.69 4.63
C LEU A 72 2.55 9.15 3.92
N GLU A 73 3.51 8.25 3.79
CA GLU A 73 4.81 8.60 3.23
C GLU A 73 4.72 9.00 1.75
N GLN A 74 4.01 8.21 0.96
CA GLN A 74 4.04 8.37 -0.49
C GLN A 74 3.15 9.52 -0.97
N MET A 75 2.01 9.74 -0.33
CA MET A 75 1.11 10.81 -0.76
C MET A 75 1.63 12.17 -0.29
N ASN A 76 2.39 12.15 0.81
CA ASN A 76 3.01 13.37 1.32
C ASN A 76 4.14 13.82 0.39
N SER A 77 4.63 12.89 -0.42
CA SER A 77 5.74 13.16 -1.31
C SER A 77 5.27 13.65 -2.68
N VAL A 78 3.97 13.70 -2.88
CA VAL A 78 3.42 14.09 -4.18
C VAL A 78 2.48 15.29 -4.05
N MET A 79 2.07 15.83 -5.19
CA MET A 79 1.16 16.97 -5.21
C MET A 79 -0.14 16.58 -5.90
N LEU A 80 -1.14 16.23 -5.12
CA LEU A 80 -2.45 15.87 -5.65
C LEU A 80 -3.22 17.12 -6.04
N GLY A 81 -3.05 17.53 -7.29
CA GLY A 81 -3.73 18.71 -7.79
C GLY A 81 -2.75 19.77 -8.23
N GLY A 82 -3.20 21.01 -8.25
CA GLY A 82 -2.33 22.11 -8.64
C GLY A 82 -1.61 22.71 -7.44
N ARG A 83 -1.59 21.96 -6.36
CA ARG A 83 -0.95 22.40 -5.13
C ARG A 83 -0.58 21.20 -4.26
N ASN A 84 0.40 21.38 -3.40
CA ASN A 84 0.89 20.30 -2.54
C ASN A 84 0.01 20.18 -1.31
N ILE A 85 -0.81 19.14 -1.28
CA ILE A 85 -1.67 18.88 -0.13
C ILE A 85 -0.82 18.42 1.05
N LYS A 86 -1.34 18.62 2.25
CA LYS A 86 -0.61 18.24 3.45
C LYS A 86 -1.13 16.93 4.00
N VAL A 87 -0.33 15.89 3.88
CA VAL A 87 -0.70 14.58 4.40
C VAL A 87 -0.01 14.32 5.72
N GLY A 88 -0.77 14.39 6.80
CA GLY A 88 -0.21 14.15 8.12
C GLY A 88 0.23 15.43 8.80
N ARG A 89 0.36 15.36 10.12
CA ARG A 89 0.80 16.50 10.92
C ARG A 89 1.19 16.00 12.31
N PRO A 90 2.23 16.61 12.92
CA PRO A 90 2.70 16.23 14.25
C PRO A 90 1.60 16.36 15.30
N SER A 91 1.03 15.21 15.69
CA SER A 91 -0.01 15.18 16.68
C SER A 91 0.47 14.44 17.93
N ASN A 92 1.18 13.35 17.72
CA ASN A 92 1.69 12.53 18.82
C ASN A 92 2.97 11.82 18.41
N ILE A 93 3.77 12.48 17.58
CA ILE A 93 5.03 11.90 17.12
C ILE A 93 5.95 11.70 18.31
N GLY A 94 6.25 10.45 18.60
CA GLY A 94 7.01 10.12 19.79
C GLY A 94 6.21 9.23 20.71
N GLN A 95 4.91 9.49 20.80
CA GLN A 95 4.00 8.68 21.61
C GLN A 95 3.58 7.44 20.82
N ALA A 96 3.34 7.64 19.53
CA ALA A 96 2.95 6.54 18.66
C ALA A 96 4.17 5.80 18.11
N GLN A 97 5.34 6.38 18.34
CA GLN A 97 6.58 5.81 17.81
C GLN A 97 6.86 4.41 18.39
N PRO A 98 6.87 4.22 19.73
CA PRO A 98 7.11 2.92 20.35
C PRO A 98 6.17 1.83 19.83
N ILE A 99 4.96 2.25 19.47
CA ILE A 99 3.96 1.32 18.94
C ILE A 99 4.43 0.78 17.60
N ILE A 100 4.67 1.69 16.67
CA ILE A 100 5.12 1.32 15.33
C ILE A 100 6.49 0.66 15.40
N ASP A 101 7.33 1.14 16.32
CA ASP A 101 8.67 0.61 16.53
C ASP A 101 8.59 -0.89 16.86
N GLN A 102 7.73 -1.22 17.82
CA GLN A 102 7.53 -2.60 18.23
C GLN A 102 6.98 -3.45 17.08
N LEU A 103 5.95 -2.94 16.42
CA LEU A 103 5.31 -3.66 15.32
C LEU A 103 6.31 -3.96 14.22
N ALA A 104 7.14 -2.98 13.89
CA ALA A 104 8.13 -3.12 12.84
C ALA A 104 9.18 -4.16 13.20
N GLU A 105 9.45 -4.32 14.49
CA GLU A 105 10.43 -5.32 14.94
C GLU A 105 9.93 -6.72 14.62
N GLU A 106 8.65 -6.96 14.87
CA GLU A 106 8.06 -8.26 14.61
C GLU A 106 7.95 -8.52 13.12
N ALA A 107 7.39 -7.54 12.41
CA ALA A 107 7.16 -7.68 10.98
C ALA A 107 8.47 -7.92 10.23
N ARG A 108 9.55 -7.37 10.77
CA ARG A 108 10.87 -7.51 10.18
C ARG A 108 11.32 -8.97 10.20
N ALA A 109 10.81 -9.74 11.14
CA ALA A 109 11.23 -11.12 11.34
C ALA A 109 10.64 -12.05 10.27
N PHE A 110 9.63 -11.57 9.56
CA PHE A 110 8.99 -12.40 8.53
C PHE A 110 9.47 -12.02 7.15
N ASN A 111 10.11 -10.85 7.07
CA ASN A 111 10.71 -10.34 5.84
C ASN A 111 9.68 -10.27 4.71
N ARG A 112 8.48 -9.84 5.08
CA ARG A 112 7.39 -9.73 4.12
C ARG A 112 7.17 -8.26 3.75
N ILE A 113 6.98 -8.00 2.47
CA ILE A 113 6.79 -6.64 2.00
C ILE A 113 5.34 -6.41 1.56
N TYR A 114 4.97 -5.16 1.38
CA TYR A 114 3.61 -4.80 1.07
C TYR A 114 3.53 -4.14 -0.30
N VAL A 115 2.73 -4.71 -1.18
CA VAL A 115 2.64 -4.24 -2.55
C VAL A 115 1.30 -3.56 -2.80
N ALA A 116 1.35 -2.30 -3.20
CA ALA A 116 0.14 -1.54 -3.47
C ALA A 116 0.15 -1.01 -4.91
N SER A 117 -1.00 -0.46 -5.33
CA SER A 117 -1.14 0.18 -6.64
C SER A 117 -1.04 -0.86 -7.77
N VAL A 118 -1.57 -2.05 -7.53
CA VAL A 118 -1.53 -3.12 -8.51
C VAL A 118 -2.62 -2.93 -9.57
N HIS A 119 -2.27 -3.17 -10.83
CA HIS A 119 -3.21 -3.06 -11.93
C HIS A 119 -4.20 -4.22 -11.86
N GLN A 120 -5.50 -3.91 -11.88
CA GLN A 120 -6.53 -4.91 -11.54
C GLN A 120 -6.38 -6.21 -12.34
N ASP A 121 -6.11 -6.10 -13.63
CA ASP A 121 -5.95 -7.29 -14.49
C ASP A 121 -4.66 -8.03 -14.16
N LEU A 122 -3.57 -7.28 -14.03
CA LEU A 122 -2.26 -7.83 -13.77
C LEU A 122 -2.26 -8.47 -12.37
N SER A 123 -2.31 -9.79 -12.33
CA SER A 123 -2.61 -10.53 -11.11
C SER A 123 -1.35 -10.88 -10.30
N ASP A 124 -1.54 -11.61 -9.20
CA ASP A 124 -0.45 -11.97 -8.29
C ASP A 124 0.66 -12.72 -9.02
N ASP A 125 0.29 -13.68 -9.86
CA ASP A 125 1.27 -14.47 -10.62
C ASP A 125 2.00 -13.56 -11.60
N ASP A 126 1.32 -12.51 -12.05
CA ASP A 126 1.94 -11.50 -12.89
C ASP A 126 2.98 -10.74 -12.09
N ILE A 127 2.54 -10.09 -11.01
CA ILE A 127 3.42 -9.28 -10.15
C ILE A 127 4.65 -10.08 -9.71
N LYS A 128 4.48 -11.39 -9.58
CA LYS A 128 5.54 -12.32 -9.23
C LYS A 128 6.77 -12.16 -10.14
N SER A 129 6.53 -11.80 -11.40
CA SER A 129 7.59 -11.69 -12.40
C SER A 129 8.75 -10.86 -11.92
N VAL A 130 8.44 -9.62 -11.61
CA VAL A 130 9.43 -8.63 -11.30
C VAL A 130 10.07 -8.88 -9.93
N PHE A 131 9.26 -9.28 -8.96
CA PHE A 131 9.77 -9.56 -7.62
C PHE A 131 10.69 -10.78 -7.61
N GLU A 132 10.32 -11.81 -8.37
CA GLU A 132 11.09 -13.04 -8.39
C GLU A 132 12.38 -12.87 -9.20
N ALA A 133 12.36 -11.92 -10.13
CA ALA A 133 13.47 -11.74 -11.05
C ALA A 133 14.69 -11.12 -10.38
N PHE A 134 14.49 -10.39 -9.27
CA PHE A 134 15.60 -9.73 -8.60
C PHE A 134 16.26 -10.69 -7.59
N GLY A 135 16.10 -11.97 -7.84
CA GLY A 135 16.65 -12.98 -6.96
C GLY A 135 15.79 -14.21 -6.98
N LYS A 136 15.17 -14.50 -5.84
CA LYS A 136 14.20 -15.58 -5.75
C LYS A 136 13.02 -15.08 -4.92
N ILE A 137 11.89 -15.75 -5.03
CA ILE A 137 10.69 -15.30 -4.35
C ILE A 137 10.16 -16.40 -3.42
N LYS A 138 9.73 -15.97 -2.24
CA LYS A 138 9.20 -16.89 -1.24
C LYS A 138 7.70 -17.10 -1.44
N SER A 139 6.93 -16.03 -1.31
CA SER A 139 5.48 -16.12 -1.43
C SER A 139 4.94 -14.89 -2.17
N CYS A 140 3.91 -15.10 -2.99
CA CYS A 140 3.28 -14.00 -3.72
C CYS A 140 1.77 -14.11 -3.61
N THR A 141 1.17 -13.23 -2.83
CA THR A 141 -0.27 -13.29 -2.62
C THR A 141 -0.89 -11.89 -2.56
N LEU A 142 -1.55 -11.50 -3.64
CA LEU A 142 -2.31 -10.26 -3.66
C LEU A 142 -3.67 -10.51 -3.04
N ALA A 143 -4.06 -9.65 -2.10
CA ALA A 143 -5.30 -9.82 -1.36
C ALA A 143 -6.50 -9.88 -2.31
N ARG A 144 -6.99 -11.08 -2.54
CA ARG A 144 -8.13 -11.26 -3.42
C ARG A 144 -9.43 -11.21 -2.62
N ASP A 145 -10.46 -10.65 -3.25
CA ASP A 145 -11.74 -10.43 -2.61
C ASP A 145 -12.59 -11.71 -2.68
N PRO A 146 -13.02 -12.21 -1.51
CA PRO A 146 -13.74 -13.49 -1.42
C PRO A 146 -15.15 -13.43 -2.03
N THR A 147 -15.69 -12.24 -2.17
CA THR A 147 -17.04 -12.08 -2.68
C THR A 147 -17.05 -11.97 -4.21
N THR A 148 -16.08 -11.26 -4.77
CA THR A 148 -15.99 -11.10 -6.21
C THR A 148 -15.21 -12.23 -6.86
N GLY A 149 -14.18 -12.71 -6.16
CA GLY A 149 -13.33 -13.75 -6.69
C GLY A 149 -12.12 -13.17 -7.37
N LYS A 150 -12.04 -11.86 -7.41
CA LYS A 150 -10.95 -11.16 -8.08
C LYS A 150 -10.04 -10.51 -7.04
N HIS A 151 -8.80 -10.26 -7.43
CA HIS A 151 -7.83 -9.71 -6.49
C HIS A 151 -7.91 -8.18 -6.45
N LYS A 152 -7.68 -7.64 -5.26
CA LYS A 152 -7.62 -6.20 -5.06
C LYS A 152 -6.24 -5.70 -5.47
N GLY A 153 -6.15 -4.41 -5.78
CA GLY A 153 -4.90 -3.83 -6.26
C GLY A 153 -3.85 -3.64 -5.17
N TYR A 154 -3.68 -4.64 -4.33
CA TYR A 154 -2.64 -4.65 -3.30
C TYR A 154 -2.50 -6.05 -2.73
N GLY A 155 -1.40 -6.32 -2.03
CA GLY A 155 -1.20 -7.61 -1.44
C GLY A 155 0.13 -7.72 -0.72
N PHE A 156 0.49 -8.93 -0.33
CA PHE A 156 1.72 -9.18 0.40
C PHE A 156 2.63 -10.12 -0.37
N ILE A 157 3.92 -9.84 -0.35
CA ILE A 157 4.91 -10.69 -0.98
C ILE A 157 6.06 -10.96 -0.03
N GLU A 158 6.47 -12.21 0.06
CA GLU A 158 7.52 -12.61 0.99
C GLU A 158 8.82 -12.87 0.28
N TYR A 159 9.92 -12.56 0.96
CA TYR A 159 11.24 -12.92 0.50
C TYR A 159 11.90 -13.79 1.55
N GLU A 160 12.56 -14.84 1.09
CA GLU A 160 13.33 -15.70 1.97
C GLU A 160 14.70 -15.08 2.19
N LYS A 161 15.15 -14.36 1.17
CA LYS A 161 16.44 -13.72 1.20
C LYS A 161 16.29 -12.26 1.65
N ALA A 162 16.82 -11.97 2.82
CA ALA A 162 16.68 -10.65 3.43
C ALA A 162 17.30 -9.56 2.57
N GLN A 163 18.32 -9.93 1.81
CA GLN A 163 18.96 -8.99 0.91
C GLN A 163 18.06 -8.62 -0.27
N SER A 164 17.24 -9.57 -0.72
CA SER A 164 16.46 -9.37 -1.94
C SER A 164 15.22 -8.50 -1.69
N SER A 165 14.65 -8.57 -0.50
CA SER A 165 13.45 -7.80 -0.18
C SER A 165 13.73 -6.29 -0.20
N GLN A 166 14.87 -5.91 0.39
CA GLN A 166 15.26 -4.51 0.46
C GLN A 166 15.41 -3.92 -0.94
N ASP A 167 15.93 -4.74 -1.86
CA ASP A 167 16.21 -4.29 -3.22
C ASP A 167 14.91 -4.13 -4.01
N ALA A 168 14.06 -5.13 -3.92
CA ALA A 168 12.78 -5.14 -4.63
C ALA A 168 11.94 -3.90 -4.32
N VAL A 169 11.90 -3.52 -3.05
CA VAL A 169 11.10 -2.38 -2.59
C VAL A 169 11.52 -1.10 -3.33
N SER A 170 12.82 -0.93 -3.52
CA SER A 170 13.35 0.26 -4.16
C SER A 170 13.03 0.27 -5.66
N SER A 171 12.91 -0.91 -6.23
CA SER A 171 12.73 -1.04 -7.67
C SER A 171 11.24 -1.03 -8.05
N MET A 172 10.43 -1.76 -7.29
CA MET A 172 9.06 -2.04 -7.70
C MET A 172 8.14 -0.83 -7.55
N ASN A 173 8.65 0.24 -6.96
CA ASN A 173 7.93 1.51 -6.93
C ASN A 173 7.67 1.96 -8.37
N LEU A 174 8.64 1.69 -9.21
CA LEU A 174 8.61 2.06 -10.62
C LEU A 174 7.77 1.11 -11.47
N PHE A 175 7.31 -0.02 -10.90
CA PHE A 175 6.64 -1.07 -11.68
C PHE A 175 5.41 -0.51 -12.40
N ASP A 176 5.63 -0.03 -13.61
CA ASP A 176 4.60 0.59 -14.41
C ASP A 176 3.92 -0.41 -15.33
N LEU A 177 2.64 -0.62 -15.10
CA LEU A 177 1.84 -1.49 -15.96
C LEU A 177 0.78 -0.66 -16.68
N GLY A 178 1.15 -0.09 -17.81
CA GLY A 178 0.23 0.73 -18.56
C GLY A 178 0.50 2.20 -18.35
N GLY A 179 -0.08 2.77 -17.31
CA GLY A 179 0.14 4.16 -16.99
C GLY A 179 0.13 4.42 -15.50
N GLN A 180 0.47 3.39 -14.73
CA GLN A 180 0.50 3.51 -13.28
C GLN A 180 1.69 2.75 -12.72
N TYR A 181 2.43 3.40 -11.83
CA TYR A 181 3.55 2.80 -11.14
C TYR A 181 3.06 2.20 -9.82
N LEU A 182 3.42 0.95 -9.57
CA LEU A 182 3.08 0.31 -8.30
C LEU A 182 3.75 1.02 -7.14
N ARG A 183 3.34 0.67 -5.94
CA ARG A 183 3.85 1.33 -4.74
C ARG A 183 4.23 0.25 -3.73
N VAL A 184 5.50 0.10 -3.45
CA VAL A 184 5.92 -1.00 -2.59
C VAL A 184 6.55 -0.51 -1.29
N GLY A 185 6.11 -1.10 -0.19
CA GLY A 185 6.67 -0.78 1.10
C GLY A 185 6.89 -2.03 1.92
N LYS A 186 6.92 -1.88 3.24
CA LYS A 186 7.12 -3.01 4.13
C LYS A 186 5.81 -3.43 4.77
N ALA A 187 5.82 -4.54 5.49
CA ALA A 187 4.60 -5.04 6.14
C ALA A 187 4.03 -4.02 7.11
N VAL A 188 4.93 -3.29 7.79
CA VAL A 188 4.55 -2.29 8.79
C VAL A 188 4.00 -2.95 10.05
N THR A 189 2.87 -3.61 9.91
CA THR A 189 2.24 -4.31 11.00
C THR A 189 2.61 -5.80 10.91
N PRO A 190 2.81 -6.46 12.06
CA PRO A 190 3.12 -7.89 12.11
C PRO A 190 1.86 -8.74 11.96
N PRO A 191 1.68 -9.37 10.79
CA PRO A 191 0.52 -10.20 10.49
C PRO A 191 0.60 -11.56 11.16
N MET A 192 0.46 -11.56 12.48
CA MET A 192 0.45 -12.79 13.27
C MET A 192 -0.77 -13.66 12.92
N PRO A 193 -1.99 -13.10 12.88
CA PRO A 193 -3.18 -13.84 12.43
C PRO A 193 -3.00 -14.39 11.01
N LEU A 194 -3.55 -15.57 10.77
CA LEU A 194 -3.36 -16.27 9.49
C LEU A 194 -4.29 -15.71 8.42
N LEU A 195 -4.24 -14.40 8.24
CA LEU A 195 -5.03 -13.73 7.20
C LEU A 195 -4.23 -13.62 5.93
N THR A 196 -2.92 -13.80 6.06
CA THR A 196 -2.01 -13.69 4.93
C THR A 196 -1.28 -15.02 4.65
N PRO A 197 -0.64 -15.64 5.67
CA PRO A 197 0.10 -16.90 5.47
C PRO A 197 -0.83 -18.10 5.29
N ALA A 198 -1.58 -18.11 4.20
CA ALA A 198 -2.47 -19.22 3.89
C ALA A 198 -1.66 -20.47 3.59
N THR A 199 -1.69 -21.42 4.52
CA THR A 199 -0.88 -22.61 4.40
C THR A 199 -1.70 -23.79 3.87
N GLY B 1 30.35 -2.87 -2.37
CA GLY B 1 29.46 -4.01 -2.65
C GLY B 1 28.54 -3.73 -3.82
N ALA B 2 27.49 -4.53 -3.95
CA ALA B 2 26.54 -4.37 -5.06
C ALA B 2 25.63 -3.18 -4.82
N MET B 3 25.21 -3.01 -3.56
CA MET B 3 24.31 -1.92 -3.14
C MET B 3 22.90 -2.14 -3.67
N GLY B 4 22.78 -2.31 -4.98
CA GLY B 4 21.51 -2.58 -5.60
C GLY B 4 21.62 -3.69 -6.61
N TYR B 5 20.73 -4.66 -6.53
CA TYR B 5 20.76 -5.81 -7.43
C TYR B 5 20.02 -5.47 -8.71
N VAL B 6 19.31 -4.35 -8.67
CA VAL B 6 18.61 -3.82 -9.84
C VAL B 6 19.60 -3.48 -10.96
N ASN B 7 19.73 -4.38 -11.93
CA ASN B 7 20.53 -4.11 -13.11
C ASN B 7 20.04 -4.96 -14.28
N ASP B 8 20.52 -6.20 -14.37
CA ASP B 8 20.09 -7.10 -15.42
C ASP B 8 18.85 -7.87 -14.98
N ALA B 9 18.76 -8.11 -13.68
CA ALA B 9 17.63 -8.81 -13.10
C ALA B 9 16.33 -8.03 -13.31
N PHE B 10 16.42 -6.71 -13.23
CA PHE B 10 15.25 -5.87 -13.39
C PHE B 10 14.86 -5.77 -14.87
N LYS B 11 15.83 -6.02 -15.74
CA LYS B 11 15.56 -6.05 -17.16
C LYS B 11 14.84 -7.34 -17.52
N ASP B 12 15.32 -8.46 -16.98
CA ASP B 12 14.62 -9.73 -17.11
C ASP B 12 13.23 -9.61 -16.48
N ALA B 13 13.19 -8.88 -15.36
CA ALA B 13 11.95 -8.59 -14.66
C ALA B 13 10.89 -8.04 -15.59
N LEU B 14 11.28 -7.04 -16.37
CA LEU B 14 10.33 -6.29 -17.17
C LEU B 14 9.97 -6.97 -18.47
N GLN B 15 10.81 -7.87 -18.95
CA GLN B 15 10.43 -8.71 -20.07
C GLN B 15 9.23 -9.55 -19.62
N ARG B 16 9.30 -9.97 -18.37
CA ARG B 16 8.19 -10.66 -17.73
C ARG B 16 7.07 -9.66 -17.38
N ALA B 17 7.47 -8.45 -17.00
CA ALA B 17 6.52 -7.41 -16.56
C ALA B 17 5.54 -7.00 -17.66
N ARG B 18 6.01 -6.81 -18.85
CA ARG B 18 5.08 -6.56 -19.94
C ARG B 18 4.48 -7.84 -20.50
N GLN B 19 5.19 -8.96 -20.39
CA GLN B 19 4.59 -10.25 -20.68
C GLN B 19 3.30 -10.42 -19.89
N ILE B 20 3.37 -10.15 -18.60
CA ILE B 20 2.22 -10.22 -17.72
C ILE B 20 1.22 -9.12 -18.05
N ALA B 21 1.72 -7.99 -18.55
CA ALA B 21 0.86 -6.89 -18.97
C ALA B 21 0.04 -7.26 -20.21
N ALA B 22 0.58 -8.16 -21.02
CA ALA B 22 -0.11 -8.62 -22.22
C ALA B 22 -1.02 -9.81 -21.90
N LYS B 23 -0.62 -10.61 -20.93
CA LYS B 23 -1.36 -11.80 -20.55
C LYS B 23 -2.52 -11.47 -19.63
N ILE B 24 -2.25 -10.52 -18.71
CA ILE B 24 -3.21 -10.05 -17.67
C ILE B 24 -3.87 -11.17 -16.87
N GLY B 25 -4.85 -11.85 -17.45
CA GLY B 25 -5.55 -12.90 -16.73
C GLY B 25 -5.98 -14.03 -17.64
N GLY B 26 -5.57 -15.25 -17.30
CA GLY B 26 -5.94 -16.40 -18.09
C GLY B 26 -6.39 -17.56 -17.22
N ASP B 27 -6.75 -18.66 -17.85
CA ASP B 27 -7.21 -19.84 -17.13
C ASP B 27 -6.38 -21.07 -17.51
N ALA B 28 -5.30 -20.84 -18.24
CA ALA B 28 -4.47 -21.93 -18.73
C ALA B 28 -3.02 -21.77 -18.29
N GLY B 29 -2.59 -22.66 -17.39
CA GLY B 29 -1.21 -22.66 -16.95
C GLY B 29 -0.72 -24.06 -16.68
N THR B 30 -0.78 -24.48 -15.43
CA THR B 30 -0.40 -25.83 -15.05
C THR B 30 -1.20 -26.26 -13.82
N SER B 31 -2.36 -25.64 -13.65
CA SER B 31 -3.22 -25.91 -12.53
C SER B 31 -4.56 -26.44 -13.02
N GLY A 1 -13.06 5.58 30.90
CA GLY A 1 -13.57 4.18 30.91
C GLY A 1 -12.44 3.18 30.89
N ALA A 2 -12.55 2.16 31.73
CA ALA A 2 -11.50 1.16 31.86
C ALA A 2 -11.51 0.21 30.67
N MET A 3 -10.41 0.23 29.90
CA MET A 3 -10.23 -0.65 28.75
C MET A 3 -11.27 -0.41 27.67
N ALA A 4 -11.59 0.86 27.43
CA ALA A 4 -12.48 1.23 26.34
C ALA A 4 -11.76 1.09 25.02
N GLN A 5 -12.04 -0.01 24.30
CA GLN A 5 -11.36 -0.35 23.04
C GLN A 5 -9.89 -0.70 23.31
N ARG A 6 -9.25 -1.37 22.37
CA ARG A 6 -7.87 -1.80 22.53
C ARG A 6 -7.05 -1.51 21.28
N GLN A 7 -5.77 -1.24 21.49
CA GLN A 7 -4.83 -0.97 20.40
C GLN A 7 -5.29 0.20 19.53
N ARG A 8 -5.32 1.38 20.17
CA ARG A 8 -5.73 2.60 19.50
C ARG A 8 -4.80 2.94 18.33
N ALA A 9 -3.54 2.53 18.45
CA ALA A 9 -2.53 2.84 17.44
C ALA A 9 -2.97 2.38 16.06
N LEU A 10 -3.52 1.17 15.98
CA LEU A 10 -3.93 0.60 14.70
C LEU A 10 -5.06 1.41 14.07
N ALA A 11 -5.98 1.87 14.90
CA ALA A 11 -7.16 2.59 14.41
C ALA A 11 -6.82 4.01 14.00
N ILE A 12 -5.85 4.61 14.66
CA ILE A 12 -5.45 5.98 14.34
C ILE A 12 -4.50 6.02 13.14
N MET A 13 -3.61 5.03 13.05
CA MET A 13 -2.63 4.99 11.97
C MET A 13 -3.29 4.72 10.62
N CYS A 14 -4.34 3.93 10.60
CA CYS A 14 -5.00 3.57 9.36
C CYS A 14 -5.80 4.76 8.81
N ARG A 15 -5.97 5.78 9.63
CA ARG A 15 -6.67 6.99 9.22
C ARG A 15 -5.67 8.11 8.99
N VAL A 16 -5.38 8.39 7.72
CA VAL A 16 -4.38 9.38 7.36
C VAL A 16 -4.99 10.76 7.19
N TYR A 17 -4.21 11.76 7.55
CA TYR A 17 -4.62 13.14 7.46
C TYR A 17 -4.33 13.68 6.07
N VAL A 18 -5.38 14.09 5.36
CA VAL A 18 -5.22 14.65 4.03
C VAL A 18 -5.69 16.10 4.01
N GLY A 19 -4.76 17.01 3.80
CA GLY A 19 -5.10 18.42 3.75
C GLY A 19 -4.82 19.03 2.38
N SER A 20 -5.22 20.30 2.22
CA SER A 20 -5.03 21.05 0.98
C SER A 20 -6.03 20.59 -0.08
N ILE A 21 -7.26 20.38 0.35
CA ILE A 21 -8.35 19.99 -0.56
C ILE A 21 -8.89 21.21 -1.29
N TYR A 22 -9.11 21.07 -2.59
CA TYR A 22 -9.60 22.18 -3.40
C TYR A 22 -11.05 21.98 -3.83
N TYR A 23 -11.96 22.62 -3.09
CA TYR A 23 -13.38 22.82 -3.48
C TYR A 23 -14.02 21.64 -4.22
N GLU A 24 -13.81 21.58 -5.53
CA GLU A 24 -14.49 20.62 -6.39
C GLU A 24 -13.98 19.20 -6.17
N LEU A 25 -12.83 19.07 -5.55
CA LEU A 25 -12.29 17.77 -5.20
C LEU A 25 -13.01 17.23 -3.98
N GLY A 26 -13.99 16.36 -4.20
CA GLY A 26 -14.76 15.81 -3.11
C GLY A 26 -14.11 14.57 -2.53
N GLU A 27 -14.84 13.84 -1.70
CA GLU A 27 -14.33 12.63 -1.10
C GLU A 27 -14.07 11.60 -2.19
N ASP A 28 -14.87 11.70 -3.25
CA ASP A 28 -14.79 10.77 -4.38
C ASP A 28 -13.41 10.75 -5.00
N THR A 29 -12.87 11.93 -5.29
CA THR A 29 -11.58 12.05 -5.94
C THR A 29 -10.47 11.49 -5.04
N ILE A 30 -10.54 11.81 -3.77
CA ILE A 30 -9.57 11.29 -2.80
C ILE A 30 -9.73 9.78 -2.64
N ARG A 31 -10.98 9.35 -2.59
CA ARG A 31 -11.33 7.94 -2.46
C ARG A 31 -10.71 7.12 -3.59
N GLN A 32 -10.85 7.60 -4.81
CA GLN A 32 -10.35 6.89 -5.98
C GLN A 32 -8.84 7.04 -6.15
N ALA A 33 -8.31 8.21 -5.76
CA ALA A 33 -6.87 8.45 -5.86
C ALA A 33 -6.08 7.57 -4.91
N PHE A 34 -6.67 7.32 -3.74
CA PHE A 34 -6.03 6.50 -2.72
C PHE A 34 -6.60 5.07 -2.76
N ALA A 35 -7.35 4.78 -3.80
CA ALA A 35 -8.03 3.49 -3.96
C ALA A 35 -7.03 2.37 -4.26
N PRO A 36 -6.06 2.59 -5.19
CA PRO A 36 -5.03 1.60 -5.48
C PRO A 36 -4.13 1.30 -4.28
N PHE A 37 -4.26 2.10 -3.22
CA PHE A 37 -3.45 1.89 -2.04
C PHE A 37 -4.01 0.75 -1.21
N GLY A 38 -5.18 0.98 -0.65
CA GLY A 38 -5.90 -0.05 0.05
C GLY A 38 -7.37 0.27 0.09
N PRO A 39 -8.23 -0.70 0.45
CA PRO A 39 -9.67 -0.48 0.54
C PRO A 39 -10.01 0.55 1.60
N ILE A 40 -10.51 1.71 1.16
CA ILE A 40 -10.90 2.75 2.09
C ILE A 40 -12.14 2.32 2.87
N LYS A 41 -12.07 2.43 4.18
CA LYS A 41 -13.11 1.95 5.05
C LYS A 41 -14.07 3.08 5.43
N SER A 42 -13.51 4.19 5.91
CA SER A 42 -14.31 5.34 6.32
C SER A 42 -13.53 6.63 6.08
N ILE A 43 -14.23 7.76 6.04
CA ILE A 43 -13.58 9.06 5.82
C ILE A 43 -14.16 10.11 6.76
N ASP A 44 -13.36 10.54 7.72
CA ASP A 44 -13.77 11.60 8.65
C ASP A 44 -13.51 12.96 8.03
N MET A 45 -14.56 13.68 7.70
CA MET A 45 -14.42 15.03 7.20
C MET A 45 -15.69 15.83 7.43
N SER A 46 -15.67 16.66 8.47
CA SER A 46 -16.77 17.55 8.75
C SER A 46 -16.69 18.77 7.82
N TRP A 47 -16.95 18.53 6.53
CA TRP A 47 -16.82 19.57 5.53
C TRP A 47 -18.15 20.23 5.25
N ASP A 48 -18.12 21.52 4.95
CA ASP A 48 -19.33 22.28 4.65
C ASP A 48 -19.92 21.83 3.33
N SER A 49 -21.07 21.18 3.40
CA SER A 49 -21.72 20.66 2.22
C SER A 49 -22.69 21.68 1.62
N VAL A 50 -22.97 22.73 2.39
CA VAL A 50 -23.85 23.80 1.93
C VAL A 50 -23.25 24.51 0.73
N THR A 51 -22.02 24.97 0.89
CA THR A 51 -21.29 25.59 -0.20
C THR A 51 -20.46 24.55 -0.94
N MET A 52 -20.23 23.43 -0.26
CA MET A 52 -19.56 22.27 -0.83
C MET A 52 -18.10 22.57 -1.15
N LYS A 53 -17.52 23.53 -0.43
CA LYS A 53 -16.11 23.86 -0.61
C LYS A 53 -15.28 23.33 0.55
N HIS A 54 -15.84 22.35 1.26
CA HIS A 54 -15.14 21.63 2.33
C HIS A 54 -14.69 22.57 3.45
N LYS A 55 -13.74 22.11 4.24
CA LYS A 55 -13.10 22.96 5.22
C LYS A 55 -11.62 23.07 4.91
N GLY A 56 -11.00 21.95 4.59
CA GLY A 56 -9.60 21.95 4.21
C GLY A 56 -8.91 20.62 4.39
N PHE A 57 -9.46 19.76 5.24
CA PHE A 57 -8.81 18.49 5.57
C PHE A 57 -9.81 17.34 5.68
N ALA A 58 -9.28 16.12 5.60
CA ALA A 58 -10.07 14.91 5.75
C ALA A 58 -9.22 13.79 6.35
N PHE A 59 -9.88 12.83 6.98
CA PHE A 59 -9.19 11.66 7.53
C PHE A 59 -9.62 10.40 6.78
N VAL A 60 -8.70 9.81 6.04
CA VAL A 60 -9.01 8.64 5.23
C VAL A 60 -8.58 7.36 5.94
N GLU A 61 -9.56 6.51 6.26
CA GLU A 61 -9.29 5.24 6.94
C GLU A 61 -9.15 4.11 5.93
N TYR A 62 -8.08 3.34 6.07
CA TYR A 62 -7.87 2.16 5.24
C TYR A 62 -8.26 0.90 6.00
N GLU A 63 -8.59 -0.14 5.24
CA GLU A 63 -8.83 -1.45 5.81
C GLU A 63 -7.54 -1.99 6.44
N VAL A 64 -6.42 -1.62 5.84
CA VAL A 64 -5.10 -2.05 6.32
C VAL A 64 -4.16 -0.84 6.49
N PRO A 65 -3.45 -0.77 7.64
CA PRO A 65 -2.49 0.29 7.92
C PRO A 65 -1.34 0.35 6.92
N GLU A 66 -1.08 -0.78 6.27
CA GLU A 66 -0.04 -0.86 5.24
C GLU A 66 -0.24 0.20 4.16
N ALA A 67 -1.46 0.28 3.63
CA ALA A 67 -1.80 1.27 2.62
C ALA A 67 -1.71 2.68 3.18
N ALA A 68 -1.94 2.81 4.47
CA ALA A 68 -1.89 4.10 5.14
C ALA A 68 -0.47 4.65 5.15
N GLN A 69 0.50 3.76 5.34
CA GLN A 69 1.90 4.15 5.28
C GLN A 69 2.27 4.64 3.88
N LEU A 70 1.81 3.91 2.88
CA LEU A 70 2.06 4.30 1.49
C LEU A 70 1.38 5.63 1.19
N ALA A 71 0.22 5.85 1.78
CA ALA A 71 -0.50 7.10 1.61
C ALA A 71 0.27 8.25 2.23
N LEU A 72 1.02 7.96 3.29
CA LEU A 72 1.80 8.97 3.99
C LEU A 72 3.06 9.33 3.20
N GLU A 73 3.91 8.35 2.94
CA GLU A 73 5.22 8.62 2.35
C GLU A 73 5.19 8.63 0.82
N GLN A 74 4.44 7.70 0.21
CA GLN A 74 4.48 7.54 -1.25
C GLN A 74 3.58 8.53 -1.96
N MET A 75 2.45 8.86 -1.36
CA MET A 75 1.53 9.84 -1.97
C MET A 75 2.13 11.24 -1.88
N ASN A 76 2.88 11.49 -0.81
CA ASN A 76 3.47 12.82 -0.58
C ASN A 76 4.51 13.14 -1.66
N SER A 77 4.99 12.12 -2.35
CA SER A 77 5.98 12.31 -3.42
C SER A 77 5.30 12.79 -4.69
N VAL A 78 3.97 12.81 -4.70
CA VAL A 78 3.21 13.19 -5.87
C VAL A 78 2.36 14.43 -5.59
N MET A 79 2.51 15.45 -6.42
CA MET A 79 1.70 16.65 -6.30
C MET A 79 0.36 16.46 -7.00
N LEU A 80 -0.55 15.78 -6.33
CA LEU A 80 -1.87 15.49 -6.87
C LEU A 80 -2.61 16.77 -7.24
N GLY A 81 -2.93 16.91 -8.51
CA GLY A 81 -3.66 18.08 -8.97
C GLY A 81 -2.77 19.29 -9.15
N GLY A 82 -1.48 19.07 -9.12
CA GLY A 82 -0.52 20.16 -9.26
C GLY A 82 -0.32 20.91 -7.97
N ARG A 83 -0.92 20.41 -6.90
CA ARG A 83 -0.81 21.02 -5.58
C ARG A 83 -0.03 20.12 -4.65
N ASN A 84 0.58 20.70 -3.63
CA ASN A 84 1.25 19.90 -2.62
C ASN A 84 0.28 19.59 -1.49
N ILE A 85 -0.21 18.37 -1.49
CA ILE A 85 -1.15 17.94 -0.47
C ILE A 85 -0.41 17.55 0.80
N LYS A 86 -1.03 17.81 1.94
CA LYS A 86 -0.39 17.51 3.21
C LYS A 86 -0.97 16.24 3.78
N VAL A 87 -0.16 15.19 3.81
CA VAL A 87 -0.58 13.91 4.31
C VAL A 87 0.26 13.49 5.51
N GLY A 88 -0.41 13.03 6.55
CA GLY A 88 0.28 12.60 7.75
C GLY A 88 -0.07 13.46 8.94
N ARG A 89 -0.13 12.86 10.12
CA ARG A 89 -0.49 13.59 11.32
C ARG A 89 0.16 12.97 12.56
N PRO A 90 0.91 13.78 13.31
CA PRO A 90 1.49 13.38 14.59
C PRO A 90 0.49 13.56 15.73
N SER A 91 -0.50 12.68 15.76
CA SER A 91 -1.59 12.77 16.74
C SER A 91 -1.08 12.56 18.16
N ASN A 92 0.07 11.90 18.28
CA ASN A 92 0.70 11.70 19.58
C ASN A 92 2.19 11.49 19.39
N ILE A 93 2.96 11.88 20.39
CA ILE A 93 4.39 11.70 20.36
C ILE A 93 4.84 10.95 21.62
N GLY A 94 5.54 9.85 21.42
CA GLY A 94 6.00 9.05 22.54
C GLY A 94 4.92 8.14 23.10
N GLN A 95 3.66 8.44 22.80
CA GLN A 95 2.54 7.68 23.33
C GLN A 95 2.44 6.30 22.68
N ALA A 96 2.33 6.28 21.36
CA ALA A 96 2.19 5.03 20.63
C ALA A 96 3.52 4.64 19.98
N GLN A 97 4.57 5.40 20.27
CA GLN A 97 5.87 5.16 19.68
C GLN A 97 6.42 3.77 20.05
N PRO A 98 6.45 3.39 21.35
CA PRO A 98 6.92 2.07 21.77
C PRO A 98 6.12 0.94 21.12
N ILE A 99 4.88 1.25 20.74
CA ILE A 99 4.01 0.28 20.10
C ILE A 99 4.40 0.09 18.64
N ILE A 100 4.44 1.17 17.88
CA ILE A 100 4.77 1.11 16.46
C ILE A 100 6.21 0.67 16.25
N ASP A 101 7.08 1.04 17.19
CA ASP A 101 8.47 0.61 17.17
C ASP A 101 8.54 -0.91 17.30
N GLN A 102 7.77 -1.44 18.25
CA GLN A 102 7.69 -2.88 18.47
C GLN A 102 7.23 -3.60 17.20
N LEU A 103 6.16 -3.10 16.60
CA LEU A 103 5.60 -3.69 15.40
C LEU A 103 6.59 -3.67 14.25
N ALA A 104 7.17 -2.50 13.99
CA ALA A 104 8.13 -2.33 12.91
C ALA A 104 9.34 -3.22 13.11
N GLU A 105 9.81 -3.28 14.35
CA GLU A 105 10.95 -4.11 14.70
C GLU A 105 10.65 -5.59 14.46
N GLU A 106 9.45 -6.00 14.87
CA GLU A 106 9.04 -7.39 14.76
C GLU A 106 8.93 -7.81 13.30
N ALA A 107 8.35 -6.93 12.48
CA ALA A 107 8.14 -7.20 11.06
C ALA A 107 9.46 -7.42 10.32
N ARG A 108 10.54 -6.86 10.86
CA ARG A 108 11.87 -6.99 10.26
C ARG A 108 12.35 -8.44 10.29
N ALA A 109 11.73 -9.25 11.16
CA ALA A 109 12.09 -10.66 11.26
C ALA A 109 11.38 -11.49 10.21
N PHE A 110 10.39 -10.90 9.56
CA PHE A 110 9.59 -11.62 8.57
C PHE A 110 9.98 -11.22 7.15
N ASN A 111 10.63 -10.06 7.04
CA ASN A 111 11.13 -9.55 5.77
C ASN A 111 10.01 -9.36 4.74
N ARG A 112 8.82 -9.06 5.24
CA ARG A 112 7.64 -8.95 4.38
C ARG A 112 7.48 -7.54 3.83
N ILE A 113 7.09 -7.47 2.57
CA ILE A 113 6.88 -6.19 1.89
C ILE A 113 5.42 -6.07 1.43
N TYR A 114 4.93 -4.85 1.35
CA TYR A 114 3.57 -4.59 0.93
C TYR A 114 3.55 -3.96 -0.46
N VAL A 115 2.79 -4.57 -1.35
CA VAL A 115 2.68 -4.07 -2.72
C VAL A 115 1.24 -3.67 -3.05
N ALA A 116 1.06 -2.42 -3.42
CA ALA A 116 -0.24 -1.90 -3.77
C ALA A 116 -0.24 -1.36 -5.20
N SER A 117 -1.39 -0.82 -5.60
CA SER A 117 -1.59 -0.22 -6.92
C SER A 117 -1.53 -1.27 -8.03
N VAL A 118 -1.67 -2.54 -7.63
CA VAL A 118 -1.63 -3.65 -8.56
C VAL A 118 -2.78 -3.55 -9.57
N HIS A 119 -2.47 -3.78 -10.83
CA HIS A 119 -3.47 -3.72 -11.88
C HIS A 119 -4.39 -4.93 -11.78
N GLN A 120 -5.68 -4.72 -11.99
CA GLN A 120 -6.70 -5.72 -11.67
C GLN A 120 -6.64 -6.94 -12.60
N ASP A 121 -6.22 -6.74 -13.84
CA ASP A 121 -6.06 -7.87 -14.76
C ASP A 121 -4.74 -8.61 -14.50
N LEU A 122 -3.78 -7.92 -13.92
CA LEU A 122 -2.47 -8.48 -13.61
C LEU A 122 -2.56 -9.21 -12.26
N SER A 123 -2.59 -10.53 -12.30
CA SER A 123 -2.88 -11.34 -11.12
C SER A 123 -1.63 -11.66 -10.28
N ASP A 124 -1.85 -12.45 -9.23
CA ASP A 124 -0.81 -12.80 -8.25
C ASP A 124 0.49 -13.28 -8.90
N ASP A 125 0.38 -14.28 -9.75
CA ASP A 125 1.56 -14.89 -10.38
C ASP A 125 2.30 -13.88 -11.24
N ASP A 126 1.56 -12.91 -11.76
CA ASP A 126 2.13 -11.83 -12.54
C ASP A 126 3.08 -11.00 -11.69
N ILE A 127 2.58 -10.49 -10.56
CA ILE A 127 3.37 -9.63 -9.68
C ILE A 127 4.60 -10.37 -9.14
N LYS A 128 4.52 -11.70 -9.11
CA LYS A 128 5.66 -12.52 -8.70
C LYS A 128 6.87 -12.28 -9.59
N SER A 129 6.63 -11.97 -10.86
CA SER A 129 7.70 -11.75 -11.85
C SER A 129 8.76 -10.82 -11.32
N VAL A 130 8.33 -9.63 -11.02
CA VAL A 130 9.21 -8.55 -10.68
C VAL A 130 9.86 -8.75 -9.31
N PHE A 131 9.09 -9.13 -8.32
CA PHE A 131 9.62 -9.36 -6.97
C PHE A 131 10.68 -10.47 -6.96
N GLU A 132 10.42 -11.52 -7.72
CA GLU A 132 11.30 -12.69 -7.71
C GLU A 132 12.57 -12.41 -8.53
N ALA A 133 12.43 -11.62 -9.60
CA ALA A 133 13.55 -11.35 -10.49
C ALA A 133 14.64 -10.53 -9.80
N PHE A 134 14.27 -9.78 -8.78
CA PHE A 134 15.25 -8.97 -8.06
C PHE A 134 16.14 -9.85 -7.18
N GLY A 135 15.53 -10.82 -6.51
CA GLY A 135 16.28 -11.69 -5.63
C GLY A 135 15.68 -13.07 -5.52
N LYS A 136 14.97 -13.30 -4.41
CA LYS A 136 14.30 -14.56 -4.18
C LYS A 136 13.01 -14.30 -3.42
N ILE A 137 12.06 -15.21 -3.51
CA ILE A 137 10.74 -14.98 -2.97
C ILE A 137 10.26 -16.18 -2.15
N LYS A 138 9.65 -15.89 -1.01
CA LYS A 138 9.10 -16.94 -0.14
C LYS A 138 7.67 -17.26 -0.55
N SER A 139 6.78 -16.29 -0.38
CA SER A 139 5.38 -16.47 -0.69
C SER A 139 4.81 -15.17 -1.23
N CYS A 140 3.87 -15.29 -2.16
CA CYS A 140 3.20 -14.13 -2.72
C CYS A 140 1.69 -14.35 -2.68
N THR A 141 0.96 -13.37 -2.14
CA THR A 141 -0.49 -13.44 -2.11
C THR A 141 -1.12 -12.07 -2.29
N LEU A 142 -1.78 -11.88 -3.41
CA LEU A 142 -2.60 -10.70 -3.62
C LEU A 142 -3.98 -10.93 -3.04
N ALA A 143 -4.45 -9.99 -2.22
CA ALA A 143 -5.75 -10.12 -1.59
C ALA A 143 -6.85 -10.05 -2.63
N ARG A 144 -7.91 -10.83 -2.45
CA ARG A 144 -9.02 -10.84 -3.39
C ARG A 144 -10.31 -10.47 -2.66
N ASP A 145 -11.28 -9.99 -3.41
CA ASP A 145 -12.58 -9.62 -2.84
C ASP A 145 -13.47 -10.85 -2.76
N PRO A 146 -13.94 -11.19 -1.56
CA PRO A 146 -14.71 -12.42 -1.31
C PRO A 146 -16.06 -12.45 -2.01
N THR A 147 -16.56 -11.29 -2.43
CA THR A 147 -17.89 -11.24 -3.02
C THR A 147 -17.88 -11.63 -4.50
N THR A 148 -16.79 -11.29 -5.19
CA THR A 148 -16.70 -11.55 -6.62
C THR A 148 -15.64 -12.60 -6.93
N GLY A 149 -14.57 -12.62 -6.15
CA GLY A 149 -13.47 -13.52 -6.42
C GLY A 149 -12.34 -12.83 -7.15
N LYS A 150 -12.58 -11.59 -7.55
CA LYS A 150 -11.57 -10.79 -8.24
C LYS A 150 -10.54 -10.28 -7.24
N HIS A 151 -9.28 -10.24 -7.64
CA HIS A 151 -8.22 -9.84 -6.75
C HIS A 151 -8.18 -8.32 -6.62
N LYS A 152 -7.88 -7.86 -5.42
CA LYS A 152 -7.71 -6.44 -5.16
C LYS A 152 -6.32 -6.01 -5.58
N GLY A 153 -6.17 -4.73 -5.86
CA GLY A 153 -4.90 -4.22 -6.35
C GLY A 153 -3.86 -4.04 -5.25
N TYR A 154 -3.69 -5.04 -4.39
CA TYR A 154 -2.64 -5.03 -3.38
C TYR A 154 -2.44 -6.43 -2.82
N GLY A 155 -1.26 -6.67 -2.26
CA GLY A 155 -0.95 -7.97 -1.70
C GLY A 155 0.32 -7.94 -0.86
N PHE A 156 0.73 -9.11 -0.40
CA PHE A 156 1.90 -9.21 0.47
C PHE A 156 2.93 -10.16 -0.12
N ILE A 157 4.20 -9.80 0.01
CA ILE A 157 5.30 -10.62 -0.49
C ILE A 157 6.27 -10.95 0.65
N GLU A 158 6.71 -12.20 0.73
CA GLU A 158 7.66 -12.60 1.75
C GLU A 158 9.06 -12.79 1.16
N TYR A 159 10.06 -12.38 1.91
CA TYR A 159 11.46 -12.57 1.52
C TYR A 159 12.21 -13.32 2.62
N GLU A 160 13.21 -14.09 2.21
CA GLU A 160 14.01 -14.87 3.13
C GLU A 160 15.18 -14.04 3.67
N LYS A 161 15.48 -12.96 2.98
CA LYS A 161 16.65 -12.14 3.29
C LYS A 161 16.28 -10.66 3.21
N ALA A 162 16.67 -9.91 4.24
CA ALA A 162 16.30 -8.51 4.37
C ALA A 162 16.87 -7.66 3.23
N GLN A 163 18.10 -7.93 2.83
CA GLN A 163 18.72 -7.21 1.72
C GLN A 163 17.97 -7.46 0.42
N SER A 164 17.41 -8.66 0.29
CA SER A 164 16.62 -9.00 -0.89
C SER A 164 15.34 -8.14 -0.92
N SER A 165 14.75 -7.94 0.25
CA SER A 165 13.56 -7.10 0.37
C SER A 165 13.87 -5.64 0.04
N GLN A 166 15.08 -5.20 0.42
CA GLN A 166 15.49 -3.82 0.26
C GLN A 166 15.53 -3.41 -1.21
N ASP A 167 15.87 -4.32 -2.09
CA ASP A 167 15.88 -4.01 -3.53
C ASP A 167 14.45 -3.81 -4.02
N ALA A 168 13.59 -4.76 -3.66
CA ALA A 168 12.19 -4.74 -4.09
C ALA A 168 11.50 -3.43 -3.71
N VAL A 169 11.75 -2.93 -2.50
CA VAL A 169 11.08 -1.72 -2.01
C VAL A 169 11.47 -0.49 -2.83
N SER A 170 12.66 -0.50 -3.42
CA SER A 170 13.13 0.64 -4.18
C SER A 170 12.81 0.49 -5.67
N SER A 171 12.76 -0.74 -6.14
CA SER A 171 12.59 -0.99 -7.57
C SER A 171 11.11 -1.16 -7.94
N MET A 172 10.35 -1.82 -7.08
CA MET A 172 8.97 -2.21 -7.38
C MET A 172 8.03 -1.02 -7.56
N ASN A 173 8.37 0.11 -6.98
CA ASN A 173 7.52 1.30 -7.05
C ASN A 173 7.30 1.71 -8.51
N LEU A 174 8.33 1.52 -9.31
CA LEU A 174 8.35 1.95 -10.70
C LEU A 174 7.56 1.03 -11.64
N PHE A 175 7.15 -0.14 -11.15
CA PHE A 175 6.47 -1.12 -12.01
C PHE A 175 5.20 -0.51 -12.63
N ASP A 176 5.24 -0.33 -13.94
CA ASP A 176 4.13 0.28 -14.67
C ASP A 176 3.20 -0.78 -15.23
N LEU A 177 1.95 -0.72 -14.82
CA LEU A 177 0.92 -1.58 -15.41
C LEU A 177 -0.17 -0.72 -16.04
N GLY A 178 0.03 -0.37 -17.29
CA GLY A 178 -1.00 0.36 -18.02
C GLY A 178 -0.97 1.85 -17.73
N GLY A 179 0.22 2.40 -17.55
CA GLY A 179 0.36 3.83 -17.39
C GLY A 179 0.40 4.26 -15.94
N GLN A 180 0.33 3.29 -15.03
CA GLN A 180 0.37 3.59 -13.61
C GLN A 180 1.50 2.83 -12.93
N TYR A 181 2.29 3.54 -12.14
CA TYR A 181 3.33 2.93 -11.33
C TYR A 181 2.70 2.23 -10.14
N LEU A 182 3.32 1.17 -9.68
CA LEU A 182 2.87 0.50 -8.47
C LEU A 182 3.34 1.25 -7.24
N ARG A 183 3.12 0.67 -6.09
CA ARG A 183 3.47 1.30 -4.82
C ARG A 183 3.89 0.25 -3.81
N VAL A 184 5.14 0.25 -3.43
CA VAL A 184 5.62 -0.70 -2.45
C VAL A 184 6.23 -0.01 -1.25
N GLY A 185 6.27 -0.72 -0.14
CA GLY A 185 6.85 -0.17 1.07
C GLY A 185 6.85 -1.18 2.19
N LYS A 186 7.20 -0.72 3.38
CA LYS A 186 7.22 -1.58 4.54
C LYS A 186 5.82 -1.70 5.11
N ALA A 187 5.49 -2.92 5.54
CA ALA A 187 4.16 -3.21 6.07
C ALA A 187 3.89 -2.49 7.39
N VAL A 188 4.97 -2.09 8.08
CA VAL A 188 4.88 -1.39 9.36
C VAL A 188 4.41 -2.34 10.46
N THR A 189 3.18 -2.81 10.35
CA THR A 189 2.62 -3.74 11.31
C THR A 189 2.43 -5.10 10.66
N PRO A 190 2.71 -6.19 11.40
CA PRO A 190 2.50 -7.55 10.91
C PRO A 190 1.01 -7.92 10.84
N PRO A 191 0.45 -8.02 9.62
CA PRO A 191 -0.97 -8.34 9.42
C PRO A 191 -1.31 -9.74 9.90
N MET A 192 -0.35 -10.64 9.79
CA MET A 192 -0.51 -12.01 10.24
C MET A 192 0.85 -12.57 10.63
N PRO A 193 1.31 -12.28 11.85
CA PRO A 193 2.62 -12.72 12.32
C PRO A 193 2.61 -14.14 12.87
N LEU A 194 1.50 -14.83 12.63
CA LEU A 194 1.28 -16.18 13.13
C LEU A 194 1.30 -16.17 14.66
N LEU A 195 0.35 -15.43 15.24
CA LEU A 195 0.22 -15.34 16.69
C LEU A 195 0.06 -16.73 17.28
N THR A 196 1.08 -17.18 17.99
CA THR A 196 1.11 -18.52 18.51
C THR A 196 0.87 -18.53 20.02
N PRO A 197 -0.30 -19.03 20.45
CA PRO A 197 -0.64 -19.15 21.86
C PRO A 197 0.05 -20.36 22.50
N ALA A 198 -0.01 -20.42 23.84
CA ALA A 198 0.59 -21.52 24.59
C ALA A 198 2.09 -21.60 24.32
N THR A 199 2.70 -20.44 24.10
CA THR A 199 4.12 -20.37 23.82
C THR A 199 4.73 -19.18 24.55
N GLY B 1 28.19 2.88 -1.43
CA GLY B 1 27.89 3.25 -2.84
C GLY B 1 26.50 2.82 -3.25
N ALA B 2 25.62 3.79 -3.50
CA ALA B 2 24.25 3.50 -3.88
C ALA B 2 23.85 4.31 -5.10
N MET B 3 24.72 4.34 -6.10
CA MET B 3 24.44 5.05 -7.34
C MET B 3 23.74 4.14 -8.33
N GLY B 4 22.41 4.07 -8.21
CA GLY B 4 21.64 3.19 -9.05
C GLY B 4 21.37 1.87 -8.38
N TYR B 5 20.10 1.59 -8.09
CA TYR B 5 19.74 0.35 -7.41
C TYR B 5 19.78 -0.83 -8.36
N VAL B 6 19.15 -0.65 -9.52
CA VAL B 6 18.91 -1.76 -10.43
C VAL B 6 19.45 -1.48 -11.84
N ASN B 7 18.54 -1.49 -12.82
CA ASN B 7 18.89 -1.43 -14.24
C ASN B 7 19.61 -2.71 -14.66
N ASP B 8 19.44 -3.75 -13.85
CA ASP B 8 20.03 -5.06 -14.13
C ASP B 8 19.02 -6.15 -13.82
N ALA B 9 18.76 -6.39 -12.53
CA ALA B 9 17.77 -7.37 -12.11
C ALA B 9 16.36 -6.91 -12.46
N PHE B 10 16.12 -5.61 -12.29
CA PHE B 10 14.82 -5.01 -12.57
C PHE B 10 14.50 -5.08 -14.07
N LYS B 11 15.52 -5.33 -14.88
CA LYS B 11 15.32 -5.51 -16.31
C LYS B 11 14.60 -6.82 -16.57
N ASP B 12 15.10 -7.91 -15.97
CA ASP B 12 14.43 -9.21 -16.07
C ASP B 12 13.02 -9.06 -15.55
N ALA B 13 12.91 -8.32 -14.45
CA ALA B 13 11.63 -8.02 -13.83
C ALA B 13 10.60 -7.58 -14.85
N LEU B 14 10.95 -6.57 -15.64
CA LEU B 14 9.97 -5.94 -16.53
C LEU B 14 9.78 -6.70 -17.83
N GLN B 15 10.74 -7.52 -18.20
CA GLN B 15 10.56 -8.41 -19.32
C GLN B 15 9.46 -9.39 -18.98
N ARG B 16 9.47 -9.84 -17.74
CA ARG B 16 8.39 -10.67 -17.20
C ARG B 16 7.16 -9.80 -16.95
N ALA B 17 7.40 -8.55 -16.58
CA ALA B 17 6.35 -7.62 -16.16
C ALA B 17 5.38 -7.25 -17.27
N ARG B 18 5.87 -6.96 -18.44
CA ARG B 18 4.96 -6.77 -19.54
C ARG B 18 4.52 -8.08 -20.18
N GLN B 19 5.35 -9.12 -20.07
CA GLN B 19 4.93 -10.47 -20.42
C GLN B 19 3.63 -10.82 -19.67
N ILE B 20 3.61 -10.54 -18.36
CA ILE B 20 2.42 -10.78 -17.53
C ILE B 20 1.30 -9.83 -17.95
N ALA B 21 1.65 -8.62 -18.35
CA ALA B 21 0.67 -7.65 -18.85
C ALA B 21 0.04 -8.12 -20.16
N ALA B 22 0.78 -8.94 -20.90
CA ALA B 22 0.25 -9.54 -22.13
C ALA B 22 -0.46 -10.85 -21.84
N LYS B 23 -0.20 -11.39 -20.65
CA LYS B 23 -0.78 -12.67 -20.24
C LYS B 23 -2.13 -12.43 -19.55
N ILE B 24 -2.22 -11.31 -18.83
CA ILE B 24 -3.48 -10.80 -18.22
C ILE B 24 -4.41 -11.89 -17.69
N GLY B 25 -4.16 -12.33 -16.46
CA GLY B 25 -5.05 -13.27 -15.82
C GLY B 25 -4.33 -14.51 -15.35
N GLY B 26 -4.87 -15.15 -14.32
CA GLY B 26 -4.26 -16.36 -13.81
C GLY B 26 -4.67 -17.58 -14.60
N ASP B 27 -3.73 -18.14 -15.33
CA ASP B 27 -4.01 -19.32 -16.14
C ASP B 27 -3.93 -20.59 -15.29
N ALA B 28 -4.92 -20.74 -14.43
CA ALA B 28 -5.03 -21.91 -13.58
C ALA B 28 -6.45 -22.42 -13.62
N GLY B 29 -6.62 -23.73 -13.71
CA GLY B 29 -7.93 -24.31 -13.78
C GLY B 29 -8.49 -24.63 -12.42
N THR B 30 -9.75 -25.03 -12.37
CA THR B 30 -10.40 -25.40 -11.11
C THR B 30 -9.66 -26.56 -10.44
N SER B 31 -9.27 -27.54 -11.24
CA SER B 31 -8.49 -28.67 -10.76
C SER B 31 -7.70 -29.28 -11.92
#